data_8THM
#
_entry.id   8THM
#
_cell.length_a   104.314
_cell.length_b   181.848
_cell.length_c   190.057
_cell.angle_alpha   90.00
_cell.angle_beta   90.00
_cell.angle_gamma   90.00
#
_symmetry.space_group_name_H-M   'P 21 21 21'
#
loop_
_entity.id
_entity.type
_entity.pdbx_description
1 polymer 'Carboxysome shell carbonic anhydrase'
2 non-polymer 'ZINC ION'
3 non-polymer GLYCEROL
4 non-polymer 'SULFATE ION'
5 non-polymer 1,2-ETHANEDIOL
6 non-polymer RIBULOSE-1,5-DIPHOSPHATE
7 non-polymer 'CARBON DIOXIDE'
8 non-polymer 'BICARBONATE ION'
9 water water
#
_entity_poly.entity_id   1
_entity_poly.type   'polypeptide(L)'
_entity_poly.pdbx_seq_one_letter_code
;SMHPLTDASANDALHAYDTAVKLAFDRIVPVLKRLSALQHEDDFVGRAQAIALEELGFPLPEPILDTAWVSQLDMRTLYA
WCVFETYEQTSEAFFRDDPLQGQPGSPSAEAFDRFLLDCGFHLLDITPCADGRLAHAIGFGLRLPFSSVRRRPHAGALFD
VENTVNRWVKTEHRRYREAQPNPAHADTRYLKVALYHFSSLDPQHEGCAAHGSDDALAASCGLSRLKDFQQAVENSFCCG
ASVDLLLMGIDTDTDAIRVHVPGMDGSTRLDRWLDARDVYDATLGLPPDQARQRVSALVQEAAASVPDPGMVTLVARLFE
HNISQIDYVRQFHGGAYDDAGHAERFIGVGIGFKEIHLRNLTYFAYMDTVEEGAADLDVGVKIFKGLNVSRGLPVPVVVR
FDYHGQVPGARDRAVRHCQRVQTAIESRYPELFQQGLLHALLTVRDQDRHTPAEAVGSTIVF
;
_entity_poly.pdbx_strand_id   A,B,C,D,E,F
#
# COMPACT_ATOMS: atom_id res chain seq x y z
N MET A 2 -37.77 44.33 -24.87
CA MET A 2 -38.84 45.17 -24.32
C MET A 2 -38.32 46.46 -23.66
N HIS A 3 -37.02 46.53 -23.35
CA HIS A 3 -36.40 47.82 -23.02
C HIS A 3 -36.03 48.54 -24.33
N PRO A 4 -36.28 49.84 -24.41
CA PRO A 4 -36.11 50.53 -25.69
C PRO A 4 -34.72 50.38 -26.30
N LEU A 5 -33.75 49.85 -25.56
CA LEU A 5 -32.43 49.64 -26.11
C LEU A 5 -32.11 48.19 -26.44
N THR A 6 -32.95 47.22 -26.07
CA THR A 6 -32.52 45.84 -26.25
C THR A 6 -32.78 45.41 -27.68
N ASP A 7 -31.88 44.57 -28.19
CA ASP A 7 -31.89 44.04 -29.55
C ASP A 7 -32.68 42.73 -29.54
N ALA A 8 -34.00 42.83 -29.71
CA ALA A 8 -34.82 41.63 -29.66
C ALA A 8 -34.35 40.59 -30.68
N SER A 9 -33.86 41.03 -31.83
CA SER A 9 -33.45 40.08 -32.86
C SER A 9 -32.22 39.31 -32.43
N ALA A 10 -31.22 40.00 -31.88
CA ALA A 10 -30.05 39.33 -31.34
C ALA A 10 -30.41 38.44 -30.16
N ASN A 11 -31.39 38.86 -29.35
CA ASN A 11 -31.79 38.02 -28.22
C ASN A 11 -32.32 36.68 -28.73
N ASP A 12 -33.14 36.70 -29.79
CA ASP A 12 -33.73 35.48 -30.32
C ASP A 12 -32.67 34.53 -30.87
N ALA A 13 -31.75 35.05 -31.70
CA ALA A 13 -30.66 34.25 -32.23
C ALA A 13 -29.89 33.55 -31.12
N LEU A 14 -29.46 34.31 -30.10
CA LEU A 14 -28.66 33.71 -29.04
C LEU A 14 -29.48 32.72 -28.23
N HIS A 15 -30.75 33.01 -28.01
CA HIS A 15 -31.57 32.02 -27.33
C HIS A 15 -31.58 30.72 -28.12
N ALA A 16 -31.71 30.80 -29.45
CA ALA A 16 -31.84 29.56 -30.22
C ALA A 16 -30.57 28.73 -30.14
N TYR A 17 -29.41 29.38 -30.26
CA TYR A 17 -28.12 28.70 -30.11
C TYR A 17 -28.03 27.98 -28.76
N ASP A 18 -28.20 28.71 -27.65
CA ASP A 18 -28.16 28.06 -26.33
C ASP A 18 -29.12 26.87 -26.28
N THR A 19 -30.36 27.09 -26.76
CA THR A 19 -31.37 26.05 -26.69
C THR A 19 -30.93 24.80 -27.48
N ALA A 20 -30.35 25.00 -28.66
CA ALA A 20 -29.98 23.85 -29.50
C ALA A 20 -28.78 23.10 -28.93
N VAL A 21 -27.75 23.81 -28.50
CA VAL A 21 -26.59 23.14 -27.92
C VAL A 21 -26.99 22.31 -26.72
N LYS A 22 -27.84 22.87 -25.86
CA LYS A 22 -28.19 22.15 -24.64
C LYS A 22 -29.12 20.99 -24.93
N LEU A 23 -30.06 21.17 -25.88
CA LEU A 23 -30.88 20.04 -26.30
C LEU A 23 -30.02 18.85 -26.73
N ALA A 24 -28.95 19.09 -27.50
CA ALA A 24 -28.12 17.96 -27.93
C ALA A 24 -27.51 17.22 -26.73
N PHE A 25 -27.01 17.96 -25.73
CA PHE A 25 -26.45 17.26 -24.57
C PHE A 25 -27.55 16.57 -23.76
N ASP A 26 -28.70 17.18 -23.64
CA ASP A 26 -29.74 16.61 -22.83
C ASP A 26 -30.51 15.47 -23.44
N ARG A 27 -30.30 15.18 -24.70
CA ARG A 27 -30.96 14.09 -25.35
C ARG A 27 -30.31 12.76 -25.12
N ILE A 28 -29.13 12.76 -24.57
CA ILE A 28 -28.41 11.57 -24.35
C ILE A 28 -29.03 10.61 -23.37
N VAL A 29 -29.28 11.03 -22.15
CA VAL A 29 -29.88 10.13 -21.17
C VAL A 29 -31.17 9.51 -21.69
N PRO A 30 -32.09 10.26 -22.31
CA PRO A 30 -33.33 9.62 -22.80
C PRO A 30 -33.06 8.55 -23.83
N VAL A 31 -32.10 8.81 -24.72
CA VAL A 31 -31.71 7.82 -25.73
C VAL A 31 -31.10 6.58 -25.06
N LEU A 32 -30.18 6.79 -24.11
CA LEU A 32 -29.62 5.68 -23.36
C LEU A 32 -30.69 4.89 -22.58
N LYS A 33 -31.72 5.57 -22.05
CA LYS A 33 -32.80 4.85 -21.38
C LYS A 33 -33.52 3.91 -22.35
N ARG A 34 -33.81 4.39 -23.56
CA ARG A 34 -34.48 3.53 -24.52
C ARG A 34 -33.64 2.32 -24.86
N LEU A 35 -32.35 2.54 -25.17
CA LEU A 35 -31.48 1.41 -25.54
C LEU A 35 -31.39 0.41 -24.41
N SER A 36 -31.43 0.86 -23.16
CA SER A 36 -31.37 -0.09 -22.06
C SER A 36 -32.53 -1.08 -22.13
N ALA A 37 -33.73 -0.60 -22.44
CA ALA A 37 -34.89 -1.47 -22.46
C ALA A 37 -34.81 -2.52 -23.57
N LEU A 38 -34.01 -2.28 -24.60
CA LEU A 38 -33.95 -3.11 -25.80
C LEU A 38 -32.81 -4.13 -25.79
N GLN A 39 -31.92 -4.10 -24.79
CA GLN A 39 -30.65 -4.80 -24.93
C GLN A 39 -30.78 -6.30 -25.04
N HIS A 40 -31.91 -6.88 -24.68
CA HIS A 40 -32.10 -8.30 -24.88
C HIS A 40 -32.80 -8.65 -26.18
N GLU A 41 -33.30 -7.67 -26.94
CA GLU A 41 -33.93 -8.10 -28.18
C GLU A 41 -32.96 -8.54 -29.25
N ASP A 42 -33.55 -9.27 -30.19
CA ASP A 42 -32.78 -9.90 -31.24
C ASP A 42 -32.11 -8.87 -32.13
N ASP A 43 -32.85 -7.90 -32.64
CA ASP A 43 -32.12 -6.98 -33.51
C ASP A 43 -31.50 -5.83 -32.74
N PHE A 44 -30.92 -6.10 -31.57
CA PHE A 44 -30.55 -4.99 -30.69
C PHE A 44 -29.58 -4.04 -31.37
N VAL A 45 -28.47 -4.57 -31.90
CA VAL A 45 -27.39 -3.68 -32.32
C VAL A 45 -27.87 -2.78 -33.47
N GLY A 46 -28.62 -3.36 -34.41
CA GLY A 46 -29.17 -2.55 -35.48
C GLY A 46 -30.18 -1.53 -34.97
N ARG A 47 -31.13 -1.98 -34.16
CA ARG A 47 -32.16 -1.06 -33.67
C ARG A 47 -31.53 0.10 -32.92
N ALA A 48 -30.50 -0.16 -32.12
CA ALA A 48 -29.87 0.90 -31.35
C ALA A 48 -29.17 1.89 -32.26
N GLN A 49 -28.45 1.39 -33.28
CA GLN A 49 -27.75 2.27 -34.20
C GLN A 49 -28.72 3.17 -34.96
N ALA A 50 -29.91 2.65 -35.27
CA ALA A 50 -30.91 3.51 -35.91
C ALA A 50 -31.37 4.62 -34.96
N ILE A 51 -31.65 4.27 -33.70
CA ILE A 51 -32.12 5.25 -32.73
C ILE A 51 -31.07 6.34 -32.53
N ALA A 52 -29.80 5.93 -32.37
CA ALA A 52 -28.75 6.91 -32.15
C ALA A 52 -28.62 7.87 -33.33
N LEU A 53 -28.70 7.36 -34.57
CA LEU A 53 -28.61 8.26 -35.71
C LEU A 53 -29.82 9.19 -35.79
N GLU A 54 -31.00 8.65 -35.53
CA GLU A 54 -32.21 9.46 -35.49
C GLU A 54 -32.09 10.62 -34.50
N GLU A 55 -31.69 10.33 -33.26
CA GLU A 55 -31.84 11.30 -32.17
C GLU A 55 -30.56 12.08 -31.86
N LEU A 56 -29.39 11.47 -31.94
CA LEU A 56 -28.13 12.14 -31.66
C LEU A 56 -27.38 12.56 -32.93
N GLY A 57 -27.81 12.09 -34.10
CA GLY A 57 -27.13 12.37 -35.36
C GLY A 57 -25.75 11.74 -35.52
N PHE A 58 -25.40 10.77 -34.68
CA PHE A 58 -24.15 10.06 -34.83
C PHE A 58 -24.34 8.65 -34.28
N PRO A 59 -23.42 7.73 -34.58
CA PRO A 59 -23.63 6.34 -34.17
C PRO A 59 -22.83 5.98 -32.92
N LEU A 60 -23.00 4.76 -32.44
CA LEU A 60 -22.38 4.31 -31.20
C LEU A 60 -21.29 3.25 -31.44
N PRO A 61 -20.27 3.20 -30.59
CA PRO A 61 -19.22 2.18 -30.75
C PRO A 61 -19.77 0.76 -30.71
N GLU A 62 -19.72 0.08 -31.85
CA GLU A 62 -20.39 -1.20 -32.03
C GLU A 62 -19.79 -2.27 -31.11
N PRO A 63 -18.50 -2.20 -30.77
CA PRO A 63 -18.00 -3.16 -29.77
C PRO A 63 -18.75 -3.08 -28.45
N ILE A 64 -19.12 -1.89 -27.99
CA ILE A 64 -19.86 -1.80 -26.73
C ILE A 64 -21.22 -2.48 -26.86
N LEU A 65 -21.93 -2.19 -27.96
CA LEU A 65 -23.21 -2.86 -28.20
C LEU A 65 -23.03 -4.36 -28.35
N ASP A 66 -21.93 -4.80 -28.97
CA ASP A 66 -21.73 -6.23 -29.24
C ASP A 66 -21.50 -7.04 -27.97
N THR A 67 -21.06 -6.40 -26.88
CA THR A 67 -20.72 -7.16 -25.68
C THR A 67 -21.72 -6.95 -24.55
N ALA A 68 -22.82 -6.22 -24.79
CA ALA A 68 -23.79 -5.98 -23.71
C ALA A 68 -24.29 -7.27 -23.08
N TRP A 69 -24.29 -8.36 -23.84
CA TRP A 69 -24.80 -9.61 -23.29
C TRP A 69 -23.91 -10.16 -22.18
N VAL A 70 -22.64 -9.76 -22.11
CA VAL A 70 -21.75 -10.36 -21.13
C VAL A 70 -22.13 -9.94 -19.71
N SER A 71 -22.52 -8.68 -19.53
CA SER A 71 -23.06 -8.31 -18.22
C SER A 71 -24.31 -7.48 -18.41
N GLN A 72 -24.13 -6.21 -18.75
CA GLN A 72 -25.22 -5.38 -19.23
C GLN A 72 -24.62 -4.31 -20.11
N LEU A 73 -25.45 -3.70 -20.95
CA LEU A 73 -25.01 -2.58 -21.76
C LEU A 73 -24.21 -1.60 -20.90
N ASP A 74 -22.98 -1.26 -21.34
CA ASP A 74 -22.07 -0.41 -20.57
C ASP A 74 -22.45 1.07 -20.70
N MET A 75 -23.38 1.51 -19.84
CA MET A 75 -23.85 2.90 -19.92
C MET A 75 -22.77 3.90 -19.53
N ARG A 76 -21.87 3.52 -18.63
CA ARG A 76 -20.84 4.46 -18.22
C ARG A 76 -20.06 4.93 -19.44
N THR A 77 -19.48 3.95 -20.17
CA THR A 77 -18.70 4.25 -21.36
C THR A 77 -19.56 4.91 -22.43
N LEU A 78 -20.78 4.40 -22.63
CA LEU A 78 -21.67 4.99 -23.63
C LEU A 78 -21.94 6.46 -23.32
N TYR A 79 -22.22 6.78 -22.04
CA TYR A 79 -22.50 8.17 -21.68
C TYR A 79 -21.29 9.05 -21.94
N ALA A 80 -20.12 8.69 -21.43
CA ALA A 80 -18.90 9.44 -21.74
C ALA A 80 -18.74 9.59 -23.25
N TRP A 81 -18.89 8.49 -24.00
CA TRP A 81 -18.70 8.57 -25.44
C TRP A 81 -19.65 9.57 -26.06
N CYS A 82 -20.93 9.56 -25.63
CA CYS A 82 -21.89 10.49 -26.24
C CYS A 82 -21.58 11.94 -25.89
N VAL A 83 -21.19 12.20 -24.64
CA VAL A 83 -20.83 13.58 -24.27
C VAL A 83 -19.63 14.06 -25.09
N PHE A 84 -18.56 13.24 -25.15
CA PHE A 84 -17.39 13.55 -26.00
C PHE A 84 -17.81 13.82 -27.44
N GLU A 85 -18.71 13.00 -27.97
CA GLU A 85 -19.06 13.14 -29.39
C GLU A 85 -19.89 14.41 -29.60
N THR A 86 -20.75 14.74 -28.63
CA THR A 86 -21.59 15.93 -28.72
C THR A 86 -20.77 17.20 -28.56
N TYR A 87 -19.79 17.19 -27.63
CA TYR A 87 -18.80 18.27 -27.62
C TYR A 87 -18.13 18.37 -29.00
N GLU A 88 -17.63 17.25 -29.51
N GLU A 88 -17.64 17.25 -29.51
CA GLU A 88 -16.97 17.28 -30.82
CA GLU A 88 -16.97 17.26 -30.82
C GLU A 88 -17.84 17.98 -31.84
C GLU A 88 -17.84 17.96 -31.84
N GLN A 89 -19.13 17.65 -31.88
CA GLN A 89 -19.99 18.18 -32.93
C GLN A 89 -20.34 19.65 -32.71
N THR A 90 -20.60 20.04 -31.48
CA THR A 90 -20.86 21.46 -31.19
C THR A 90 -19.62 22.31 -31.42
N SER A 91 -18.45 21.83 -30.99
CA SER A 91 -17.20 22.57 -31.25
C SER A 91 -16.97 22.78 -32.74
N GLU A 92 -17.14 21.74 -33.53
CA GLU A 92 -16.91 21.82 -34.95
C GLU A 92 -17.86 22.74 -35.62
N ALA A 93 -19.10 22.73 -35.21
CA ALA A 93 -20.10 23.61 -35.80
C ALA A 93 -19.86 25.07 -35.43
N PHE A 94 -19.37 25.30 -34.22
CA PHE A 94 -19.01 26.67 -33.82
C PHE A 94 -18.03 27.28 -34.80
N PHE A 95 -16.93 26.57 -35.10
CA PHE A 95 -15.94 27.10 -36.04
C PHE A 95 -16.49 27.14 -37.45
N ARG A 96 -17.42 26.25 -37.78
CA ARG A 96 -17.90 26.16 -39.15
C ARG A 96 -18.98 27.21 -39.44
N ASP A 97 -19.92 27.41 -38.51
CA ASP A 97 -21.12 28.21 -38.76
C ASP A 97 -21.12 29.58 -38.10
N ASP A 98 -20.16 29.90 -37.23
CA ASP A 98 -20.10 31.15 -36.47
C ASP A 98 -21.48 31.48 -35.90
N PRO A 99 -22.04 30.65 -35.01
CA PRO A 99 -23.35 30.97 -34.43
C PRO A 99 -23.38 32.33 -33.73
N LEU A 100 -22.32 32.69 -33.00
CA LEU A 100 -22.32 33.99 -32.35
C LEU A 100 -22.14 35.15 -33.33
N GLN A 101 -21.79 34.88 -34.58
CA GLN A 101 -21.60 35.91 -35.61
C GLN A 101 -20.49 36.88 -35.21
N GLY A 102 -19.46 36.36 -34.56
CA GLY A 102 -18.38 37.23 -34.15
C GLY A 102 -16.97 36.76 -34.46
N GLN A 103 -16.80 35.98 -35.51
CA GLN A 103 -15.49 35.43 -35.83
C GLN A 103 -14.63 36.46 -36.54
N PRO A 104 -13.33 36.19 -36.65
CA PRO A 104 -12.42 37.13 -37.32
C PRO A 104 -12.89 37.45 -38.72
N GLY A 105 -12.84 38.73 -39.07
CA GLY A 105 -13.33 39.18 -40.36
C GLY A 105 -14.83 39.32 -40.47
N SER A 106 -15.59 38.93 -39.44
CA SER A 106 -17.03 39.13 -39.44
C SER A 106 -17.37 40.61 -39.34
N PRO A 107 -18.54 41.01 -39.83
CA PRO A 107 -18.90 42.44 -39.75
C PRO A 107 -18.84 42.99 -38.34
N SER A 108 -19.52 42.33 -37.39
CA SER A 108 -19.58 42.89 -36.04
C SER A 108 -18.19 42.93 -35.40
N ALA A 109 -17.33 41.96 -35.72
CA ALA A 109 -15.96 41.99 -35.18
C ALA A 109 -15.18 43.17 -35.74
N GLU A 110 -15.34 43.46 -37.03
CA GLU A 110 -14.66 44.63 -37.60
C GLU A 110 -15.15 45.92 -36.96
N ALA A 111 -16.47 46.06 -36.81
CA ALA A 111 -17.02 47.32 -36.30
C ALA A 111 -16.59 47.56 -34.85
N PHE A 112 -16.66 46.51 -34.01
CA PHE A 112 -16.29 46.68 -32.62
C PHE A 112 -14.80 46.96 -32.48
N ASP A 113 -13.99 46.39 -33.38
CA ASP A 113 -12.56 46.65 -33.29
C ASP A 113 -12.26 48.13 -33.57
N ARG A 114 -12.91 48.73 -34.56
CA ARG A 114 -12.62 50.14 -34.75
C ARG A 114 -13.31 51.02 -33.71
N PHE A 115 -14.48 50.61 -33.19
CA PHE A 115 -15.06 51.31 -32.03
C PHE A 115 -14.10 51.33 -30.86
N LEU A 116 -13.56 50.16 -30.51
CA LEU A 116 -12.57 50.07 -29.44
C LEU A 116 -11.44 51.06 -29.66
N LEU A 117 -10.88 51.10 -30.87
CA LEU A 117 -9.86 52.09 -31.17
C LEU A 117 -10.39 53.50 -30.98
N ASP A 118 -11.65 53.75 -31.38
CA ASP A 118 -12.24 55.09 -31.20
C ASP A 118 -12.24 55.50 -29.73
N CYS A 119 -12.42 54.55 -28.81
CA CYS A 119 -12.40 54.86 -27.38
C CYS A 119 -10.98 54.92 -26.82
N GLY A 120 -9.97 54.66 -27.65
CA GLY A 120 -8.59 54.72 -27.22
C GLY A 120 -8.01 53.42 -26.67
N PHE A 121 -8.47 52.27 -27.15
CA PHE A 121 -7.96 50.99 -26.70
C PHE A 121 -7.61 50.15 -27.92
N HIS A 122 -6.40 49.57 -27.91
CA HIS A 122 -5.96 48.71 -29.00
C HIS A 122 -6.01 47.23 -28.65
N LEU A 123 -6.39 46.87 -27.43
CA LEU A 123 -6.62 45.47 -27.10
C LEU A 123 -7.51 45.39 -25.87
N LEU A 124 -8.52 44.53 -25.94
CA LEU A 124 -9.42 44.28 -24.81
C LEU A 124 -9.15 42.87 -24.33
N ASP A 125 -8.65 42.76 -23.11
CA ASP A 125 -8.25 41.51 -22.47
C ASP A 125 -9.09 41.33 -21.21
N ILE A 126 -9.98 40.34 -21.22
CA ILE A 126 -10.92 40.12 -20.12
C ILE A 126 -10.61 38.79 -19.42
N THR A 127 -10.42 38.84 -18.10
CA THR A 127 -10.41 37.66 -17.24
C THR A 127 -11.72 37.59 -16.45
N PRO A 128 -12.67 36.73 -16.86
CA PRO A 128 -13.80 36.39 -16.00
C PRO A 128 -13.41 35.24 -15.07
N CYS A 129 -14.09 35.13 -13.94
CA CYS A 129 -13.94 33.90 -13.18
C CYS A 129 -14.19 32.72 -14.12
N ALA A 130 -13.43 31.63 -13.93
CA ALA A 130 -13.59 30.44 -14.76
C ALA A 130 -14.88 29.68 -14.46
N ASP A 131 -15.64 30.15 -13.49
CA ASP A 131 -16.97 29.62 -13.17
C ASP A 131 -17.78 29.37 -14.44
N GLY A 132 -18.30 28.15 -14.56
CA GLY A 132 -19.08 27.77 -15.72
C GLY A 132 -20.31 28.62 -15.95
N ARG A 133 -20.76 29.34 -14.94
CA ARG A 133 -21.91 30.24 -15.10
C ARG A 133 -21.51 31.57 -15.72
N LEU A 134 -20.22 31.79 -16.00
CA LEU A 134 -19.79 33.01 -16.67
C LEU A 134 -19.32 32.75 -18.09
N ALA A 135 -19.27 31.49 -18.54
CA ALA A 135 -18.72 31.18 -19.85
C ALA A 135 -19.39 31.99 -20.96
N HIS A 136 -20.62 32.46 -20.75
CA HIS A 136 -21.38 33.21 -21.74
C HIS A 136 -21.23 34.72 -21.58
N ALA A 137 -20.39 35.18 -20.64
CA ALA A 137 -20.33 36.60 -20.28
C ALA A 137 -19.89 37.49 -21.45
N ILE A 138 -19.00 37.01 -22.33
CA ILE A 138 -18.53 37.84 -23.44
C ILE A 138 -19.60 37.94 -24.53
N GLY A 139 -20.13 36.81 -24.97
CA GLY A 139 -21.00 36.78 -26.11
C GLY A 139 -22.43 37.14 -25.81
N PHE A 140 -22.91 36.75 -24.61
CA PHE A 140 -24.28 37.04 -24.17
C PHE A 140 -24.35 38.30 -23.29
N GLY A 141 -23.54 38.35 -22.22
CA GLY A 141 -23.66 39.38 -21.19
C GLY A 141 -23.16 40.73 -21.61
N LEU A 142 -22.06 40.80 -22.36
CA LEU A 142 -21.54 42.05 -22.91
C LEU A 142 -21.71 42.16 -24.42
N ARG A 143 -22.19 41.12 -25.09
CA ARG A 143 -22.42 41.14 -26.54
C ARG A 143 -21.21 41.69 -27.28
N LEU A 144 -20.03 41.20 -26.92
CA LEU A 144 -18.83 41.54 -27.65
C LEU A 144 -18.50 40.43 -28.66
N PRO A 145 -18.21 40.76 -29.93
CA PRO A 145 -17.77 39.70 -30.85
C PRO A 145 -16.58 38.98 -30.27
N PHE A 146 -16.68 37.66 -30.11
CA PHE A 146 -15.68 36.94 -29.32
C PHE A 146 -14.27 37.12 -29.88
N SER A 147 -14.10 37.31 -31.19
CA SER A 147 -12.75 37.42 -31.75
C SER A 147 -12.15 38.80 -31.54
N SER A 148 -12.94 39.77 -31.09
CA SER A 148 -12.47 41.11 -30.75
C SER A 148 -11.79 41.16 -29.39
N VAL A 149 -11.80 40.08 -28.65
CA VAL A 149 -11.47 40.08 -27.25
C VAL A 149 -10.54 38.92 -26.99
N ARG A 150 -9.62 39.10 -26.05
CA ARG A 150 -8.88 37.99 -25.48
CA ARG A 150 -8.88 37.99 -25.48
C ARG A 150 -9.57 37.59 -24.17
N ARG A 151 -9.99 36.34 -24.09
CA ARG A 151 -10.68 35.84 -22.91
C ARG A 151 -9.72 34.92 -22.17
N ARG A 152 -9.49 35.21 -20.89
CA ARG A 152 -8.47 34.50 -20.11
C ARG A 152 -9.06 34.10 -18.76
N PRO A 153 -9.90 33.06 -18.74
CA PRO A 153 -10.54 32.67 -17.47
C PRO A 153 -9.58 32.06 -16.48
N HIS A 154 -9.89 32.28 -15.20
CA HIS A 154 -9.14 31.76 -14.06
C HIS A 154 -10.09 31.71 -12.89
N ALA A 155 -9.92 30.72 -12.02
CA ALA A 155 -10.76 30.62 -10.84
C ALA A 155 -10.56 31.87 -9.97
N GLY A 156 -11.67 32.46 -9.54
CA GLY A 156 -11.61 33.71 -8.80
C GLY A 156 -11.08 34.89 -9.60
N ALA A 157 -11.01 34.76 -10.93
CA ALA A 157 -10.49 35.82 -11.80
C ALA A 157 -9.04 36.17 -11.50
N LEU A 158 -8.29 35.24 -10.87
CA LEU A 158 -6.88 35.46 -10.53
C LEU A 158 -5.99 35.15 -11.75
N PHE A 159 -5.79 36.16 -12.59
CA PHE A 159 -5.03 35.91 -13.81
C PHE A 159 -3.54 36.03 -13.53
N ASP A 160 -2.72 35.56 -14.48
CA ASP A 160 -1.27 35.49 -14.33
C ASP A 160 -0.65 36.84 -14.72
N VAL A 161 -0.13 37.57 -13.73
CA VAL A 161 0.31 38.94 -13.99
C VAL A 161 1.48 38.95 -14.98
N GLU A 162 2.47 38.09 -14.76
CA GLU A 162 3.63 38.09 -15.64
C GLU A 162 3.24 37.76 -17.07
N ASN A 163 2.27 36.87 -17.25
CA ASN A 163 1.92 36.46 -18.61
C ASN A 163 1.13 37.55 -19.32
N THR A 164 0.36 38.34 -18.57
CA THR A 164 -0.27 39.51 -19.14
C THR A 164 0.77 40.52 -19.57
N VAL A 165 1.79 40.76 -18.74
CA VAL A 165 2.88 41.63 -19.19
C VAL A 165 3.44 41.11 -20.50
N ASN A 166 3.57 39.80 -20.61
CA ASN A 166 4.07 39.23 -21.85
C ASN A 166 3.08 39.46 -22.99
N ARG A 167 1.77 39.27 -22.74
CA ARG A 167 0.83 39.56 -23.82
C ARG A 167 0.92 41.04 -24.22
N TRP A 168 1.14 41.91 -23.24
CA TRP A 168 1.31 43.33 -23.54
C TRP A 168 2.53 43.54 -24.41
N VAL A 169 3.66 42.94 -24.04
CA VAL A 169 4.85 43.06 -24.86
C VAL A 169 4.58 42.57 -26.28
N LYS A 170 3.97 41.39 -26.42
CA LYS A 170 3.70 40.84 -27.76
C LYS A 170 2.81 41.77 -28.56
N THR A 171 1.75 42.30 -27.92
CA THR A 171 0.88 43.28 -28.55
C THR A 171 1.65 44.49 -29.05
N GLU A 172 2.48 45.09 -28.20
CA GLU A 172 3.29 46.23 -28.63
C GLU A 172 4.21 45.87 -29.78
N HIS A 173 4.80 44.67 -29.73
CA HIS A 173 5.70 44.27 -30.80
C HIS A 173 4.98 44.25 -32.14
N ARG A 174 3.76 43.71 -32.16
CA ARG A 174 2.98 43.68 -33.39
C ARG A 174 2.63 45.08 -33.87
N ARG A 175 2.38 46.00 -32.95
CA ARG A 175 2.15 47.39 -33.34
C ARG A 175 3.39 47.99 -33.99
N TYR A 176 4.57 47.69 -33.44
CA TYR A 176 5.79 48.30 -33.99
C TYR A 176 6.10 47.77 -35.36
N ARG A 177 6.05 46.44 -35.54
CA ARG A 177 6.56 45.78 -36.73
C ARG A 177 5.54 45.78 -37.86
N GLU A 178 4.26 45.72 -37.52
CA GLU A 178 3.20 45.43 -38.45
C GLU A 178 2.09 46.47 -38.43
N ALA A 179 2.11 47.41 -37.48
CA ALA A 179 1.12 48.49 -37.31
C ALA A 179 -0.30 47.96 -37.14
N GLN A 180 -0.44 46.77 -36.57
CA GLN A 180 -1.73 46.17 -36.23
C GLN A 180 -1.83 46.03 -34.71
N PRO A 181 -2.96 46.43 -34.09
CA PRO A 181 -4.17 46.95 -34.76
C PRO A 181 -4.04 48.38 -35.22
N ASN A 182 -2.98 49.05 -34.77
CA ASN A 182 -2.75 50.43 -35.12
C ASN A 182 -1.27 50.72 -34.95
N PRO A 183 -0.79 51.87 -35.42
CA PRO A 183 0.63 52.19 -35.27
C PRO A 183 0.98 52.40 -33.81
N ALA A 184 2.22 52.05 -33.47
CA ALA A 184 2.65 52.08 -32.07
C ALA A 184 2.64 53.48 -31.49
N HIS A 185 2.91 54.52 -32.30
CA HIS A 185 2.94 55.89 -31.76
C HIS A 185 1.56 56.37 -31.27
N ALA A 186 0.47 55.74 -31.71
CA ALA A 186 -0.87 56.23 -31.42
C ALA A 186 -1.13 56.17 -29.91
N ASP A 187 -1.96 57.09 -29.45
CA ASP A 187 -2.20 57.27 -28.01
C ASP A 187 -3.32 56.35 -27.49
N THR A 188 -3.22 55.06 -27.76
CA THR A 188 -4.16 54.09 -27.21
C THR A 188 -3.48 53.29 -26.12
N ARG A 189 -4.28 52.55 -25.36
CA ARG A 189 -3.80 51.74 -24.25
CA ARG A 189 -3.77 51.74 -24.27
C ARG A 189 -4.35 50.33 -24.35
N TYR A 190 -3.60 49.41 -23.78
CA TYR A 190 -4.06 48.05 -23.53
C TYR A 190 -5.05 48.11 -22.36
N LEU A 191 -6.21 47.44 -22.50
CA LEU A 191 -7.25 47.46 -21.47
C LEU A 191 -7.38 46.05 -20.88
N LYS A 192 -6.98 45.88 -19.62
CA LYS A 192 -7.22 44.65 -18.90
C LYS A 192 -8.47 44.81 -18.04
N VAL A 193 -9.40 43.89 -18.19
CA VAL A 193 -10.64 43.86 -17.43
C VAL A 193 -10.64 42.60 -16.57
N ALA A 194 -11.03 42.75 -15.31
CA ALA A 194 -11.34 41.63 -14.44
C ALA A 194 -12.84 41.61 -14.15
N LEU A 195 -13.47 40.44 -14.36
CA LEU A 195 -14.90 40.24 -14.21
C LEU A 195 -15.15 39.27 -13.06
N TYR A 196 -15.61 39.78 -11.92
CA TYR A 196 -15.92 38.87 -10.83
C TYR A 196 -17.39 38.53 -10.93
N HIS A 197 -17.91 37.78 -9.97
CA HIS A 197 -19.34 37.48 -10.00
C HIS A 197 -19.86 37.29 -8.58
N PHE A 198 -21.18 37.29 -8.47
CA PHE A 198 -21.92 37.24 -7.22
C PHE A 198 -23.34 36.80 -7.54
N SER A 199 -24.07 36.35 -6.53
CA SER A 199 -25.46 35.92 -6.67
C SER A 199 -26.35 36.91 -5.95
N SER A 200 -27.34 37.47 -6.65
CA SER A 200 -28.20 38.43 -5.98
C SER A 200 -29.22 37.76 -5.07
N LEU A 201 -29.65 36.55 -5.41
CA LEU A 201 -30.68 35.82 -4.67
C LEU A 201 -30.13 34.91 -3.59
N ASP A 202 -28.83 34.64 -3.55
CA ASP A 202 -28.24 33.82 -2.50
C ASP A 202 -26.79 34.23 -2.30
N PRO A 203 -26.56 35.45 -1.79
CA PRO A 203 -25.18 35.97 -1.73
C PRO A 203 -24.20 35.10 -0.98
N GLN A 204 -24.60 34.52 0.15
N GLN A 204 -24.62 34.51 0.15
CA GLN A 204 -23.65 33.82 1.02
CA GLN A 204 -23.69 33.80 1.04
C GLN A 204 -23.38 32.38 0.60
C GLN A 204 -23.29 32.43 0.50
N HIS A 205 -24.03 31.88 -0.45
CA HIS A 205 -23.82 30.49 -0.85
C HIS A 205 -23.56 30.29 -2.35
N GLU A 206 -24.11 31.15 -3.22
CA GLU A 206 -24.03 30.94 -4.67
C GLU A 206 -23.05 31.87 -5.37
N GLY A 207 -22.26 32.64 -4.64
CA GLY A 207 -21.24 33.48 -5.25
C GLY A 207 -20.00 32.69 -5.63
N CYS A 208 -18.87 33.39 -5.64
CA CYS A 208 -17.63 32.85 -6.17
C CYS A 208 -17.00 31.94 -5.12
N ALA A 209 -16.87 30.65 -5.47
CA ALA A 209 -16.36 29.69 -4.50
C ALA A 209 -14.88 29.92 -4.20
N ALA A 210 -14.11 30.47 -5.14
CA ALA A 210 -12.70 30.72 -4.88
C ALA A 210 -12.52 31.75 -3.77
N HIS A 211 -13.45 32.68 -3.63
CA HIS A 211 -13.40 33.68 -2.57
C HIS A 211 -14.51 33.48 -1.54
N GLY A 212 -14.93 32.24 -1.33
CA GLY A 212 -15.90 31.98 -0.27
C GLY A 212 -17.21 32.69 -0.44
N SER A 213 -17.64 32.92 -1.67
CA SER A 213 -18.95 33.53 -1.89
C SER A 213 -19.05 34.86 -1.16
N ASP A 214 -17.94 35.59 -1.11
CA ASP A 214 -17.83 36.91 -0.48
C ASP A 214 -17.58 37.93 -1.59
N ASP A 215 -18.66 38.62 -2.01
CA ASP A 215 -18.61 39.49 -3.17
C ASP A 215 -17.50 40.54 -3.07
N ALA A 216 -17.29 41.10 -1.87
CA ALA A 216 -16.26 42.12 -1.69
C ALA A 216 -14.87 41.52 -1.80
N LEU A 217 -14.69 40.31 -1.27
CA LEU A 217 -13.42 39.63 -1.46
C LEU A 217 -13.15 39.37 -2.93
N ALA A 218 -14.19 39.02 -3.70
CA ALA A 218 -13.96 38.73 -5.11
C ALA A 218 -13.58 39.98 -5.87
N ALA A 219 -14.35 41.07 -5.72
CA ALA A 219 -13.97 42.32 -6.35
C ALA A 219 -12.58 42.76 -5.87
N SER A 220 -12.30 42.56 -4.58
CA SER A 220 -11.04 43.04 -4.03
C SER A 220 -9.88 42.28 -4.66
N CYS A 221 -10.03 40.97 -4.82
CA CYS A 221 -8.91 40.21 -5.36
C CYS A 221 -8.73 40.51 -6.84
N GLY A 222 -9.82 40.60 -7.59
CA GLY A 222 -9.71 40.99 -8.99
C GLY A 222 -9.03 42.34 -9.15
N LEU A 223 -9.37 43.30 -8.28
CA LEU A 223 -8.83 44.65 -8.45
C LEU A 223 -7.33 44.66 -8.23
N SER A 224 -6.83 43.89 -7.26
CA SER A 224 -5.41 44.00 -7.00
C SER A 224 -4.56 43.19 -7.99
N ARG A 225 -5.16 42.23 -8.72
CA ARG A 225 -4.48 41.67 -9.89
C ARG A 225 -4.33 42.74 -10.96
N LEU A 226 -5.43 43.48 -11.23
CA LEU A 226 -5.37 44.60 -12.17
C LEU A 226 -4.26 45.59 -11.79
N LYS A 227 -4.22 46.04 -10.54
CA LYS A 227 -3.21 46.98 -10.13
C LYS A 227 -1.84 46.43 -10.26
N ASP A 228 -1.63 45.22 -9.80
CA ASP A 228 -0.33 44.58 -9.97
C ASP A 228 0.08 44.55 -11.44
N PHE A 229 -0.85 44.22 -12.34
CA PHE A 229 -0.51 44.23 -13.76
C PHE A 229 -0.07 45.62 -14.22
N GLN A 230 -0.80 46.65 -13.81
CA GLN A 230 -0.43 48.00 -14.20
C GLN A 230 0.93 48.37 -13.64
N GLN A 231 1.17 48.05 -12.38
CA GLN A 231 2.44 48.42 -11.79
C GLN A 231 3.57 47.67 -12.48
N ALA A 232 3.33 46.40 -12.86
CA ALA A 232 4.33 45.62 -13.58
C ALA A 232 4.76 46.31 -14.86
N VAL A 233 3.79 46.72 -15.68
CA VAL A 233 4.12 47.41 -16.91
C VAL A 233 4.86 48.71 -16.63
N GLU A 234 4.30 49.54 -15.74
CA GLU A 234 4.92 50.85 -15.45
C GLU A 234 6.35 50.69 -14.94
N ASN A 235 6.62 49.64 -14.16
CA ASN A 235 7.95 49.44 -13.59
C ASN A 235 8.95 48.82 -14.57
N SER A 236 8.48 48.06 -15.55
CA SER A 236 9.38 47.25 -16.35
C SER A 236 9.83 47.91 -17.66
N PHE A 237 9.16 48.98 -18.09
CA PHE A 237 9.45 49.59 -19.38
C PHE A 237 9.61 51.09 -19.20
N CYS A 238 10.48 51.67 -20.03
CA CYS A 238 10.82 53.07 -19.94
C CYS A 238 9.70 53.95 -20.49
N CYS A 239 9.87 55.26 -20.31
CA CYS A 239 9.10 56.25 -21.07
C CYS A 239 7.60 56.17 -20.79
N GLY A 240 7.24 56.00 -19.53
CA GLY A 240 5.85 56.14 -19.13
C GLY A 240 4.94 55.08 -19.69
N ALA A 241 5.35 53.82 -19.67
CA ALA A 241 4.50 52.75 -20.16
C ALA A 241 3.34 52.55 -19.20
N SER A 242 2.14 52.35 -19.75
CA SER A 242 1.03 52.04 -18.86
C SER A 242 -0.09 51.34 -19.61
N VAL A 243 -1.03 50.82 -18.82
CA VAL A 243 -2.25 50.19 -19.31
C VAL A 243 -3.42 50.81 -18.57
N ASP A 244 -4.62 50.52 -19.06
CA ASP A 244 -5.86 50.90 -18.41
C ASP A 244 -6.55 49.65 -17.87
N LEU A 245 -7.39 49.86 -16.85
CA LEU A 245 -8.04 48.80 -16.07
C LEU A 245 -9.54 49.05 -15.97
N LEU A 246 -10.28 47.98 -15.69
CA LEU A 246 -11.72 48.10 -15.45
C LEU A 246 -12.15 46.91 -14.63
N LEU A 247 -12.89 47.19 -13.54
CA LEU A 247 -13.38 46.20 -12.61
C LEU A 247 -14.89 46.08 -12.78
N MET A 248 -15.37 44.86 -13.00
CA MET A 248 -16.74 44.56 -13.39
C MET A 248 -17.21 43.33 -12.63
N GLY A 249 -18.47 43.33 -12.24
CA GLY A 249 -19.09 42.12 -11.75
C GLY A 249 -20.32 41.78 -12.56
N ILE A 250 -20.75 40.54 -12.51
CA ILE A 250 -22.00 40.12 -13.14
C ILE A 250 -22.79 39.27 -12.15
N ASP A 251 -24.09 39.54 -12.07
CA ASP A 251 -24.98 38.74 -11.23
C ASP A 251 -25.31 37.42 -11.93
N THR A 252 -24.89 36.30 -11.33
CA THR A 252 -25.15 35.02 -11.98
C THR A 252 -26.61 34.63 -11.96
N ASP A 253 -27.45 35.26 -11.13
CA ASP A 253 -28.88 34.94 -11.20
C ASP A 253 -29.57 35.66 -12.36
N THR A 254 -29.13 36.87 -12.70
CA THR A 254 -29.85 37.70 -13.66
C THR A 254 -29.02 38.19 -14.84
N ASP A 255 -27.69 38.00 -14.81
CA ASP A 255 -26.75 38.46 -15.85
C ASP A 255 -26.58 39.97 -15.91
N ALA A 256 -27.17 40.71 -14.99
CA ALA A 256 -26.93 42.15 -14.91
C ALA A 256 -25.51 42.43 -14.43
N ILE A 257 -24.77 43.30 -15.16
CA ILE A 257 -23.43 43.70 -14.72
C ILE A 257 -23.52 44.88 -13.74
N ARG A 258 -22.42 45.08 -13.02
CA ARG A 258 -22.16 46.36 -12.36
C ARG A 258 -20.70 46.70 -12.64
N VAL A 259 -20.41 47.99 -12.86
CA VAL A 259 -19.10 48.44 -13.27
C VAL A 259 -18.57 49.41 -12.22
N HIS A 260 -17.32 49.19 -11.79
CA HIS A 260 -16.61 50.16 -10.96
C HIS A 260 -15.95 51.16 -11.90
N VAL A 261 -16.62 52.27 -12.18
CA VAL A 261 -16.14 53.16 -13.23
C VAL A 261 -14.88 53.88 -12.77
N PRO A 262 -13.75 53.66 -13.42
CA PRO A 262 -12.48 54.18 -12.91
C PRO A 262 -12.24 55.63 -13.29
N GLY A 263 -11.45 56.32 -12.45
CA GLY A 263 -10.87 57.58 -12.84
C GLY A 263 -9.81 57.37 -13.90
N MET A 264 -9.36 58.47 -14.48
CA MET A 264 -8.34 58.40 -15.53
C MET A 264 -7.18 57.48 -15.15
N ASP A 265 -6.59 57.74 -13.98
CA ASP A 265 -5.46 56.99 -13.42
C ASP A 265 -5.73 55.53 -13.09
N GLY A 266 -6.93 55.03 -13.36
CA GLY A 266 -7.34 53.74 -12.87
C GLY A 266 -7.84 53.72 -11.44
N SER A 267 -7.98 54.89 -10.79
CA SER A 267 -8.67 55.00 -9.51
C SER A 267 -9.97 54.23 -9.50
N THR A 268 -10.03 53.19 -8.71
CA THR A 268 -11.22 52.39 -8.64
C THR A 268 -11.69 52.27 -7.21
N ARG A 269 -12.96 52.47 -6.99
CA ARG A 269 -13.54 52.33 -5.67
C ARG A 269 -14.28 50.99 -5.56
N LEU A 270 -13.90 50.17 -4.62
CA LEU A 270 -14.47 48.85 -4.46
C LEU A 270 -15.85 48.75 -3.89
N ASP A 271 -16.28 49.78 -3.19
CA ASP A 271 -17.59 49.83 -2.54
C ASP A 271 -18.61 50.67 -3.31
N ARG A 272 -18.28 51.14 -4.50
CA ARG A 272 -19.21 51.93 -5.29
C ARG A 272 -19.12 51.55 -6.76
N TRP A 273 -20.26 51.14 -7.29
CA TRP A 273 -20.39 50.66 -8.65
C TRP A 273 -21.69 51.18 -9.22
N LEU A 274 -21.76 51.18 -10.54
CA LEU A 274 -23.00 51.43 -11.27
C LEU A 274 -23.63 50.08 -11.60
N ASP A 275 -24.87 49.85 -11.16
CA ASP A 275 -25.52 48.58 -11.43
C ASP A 275 -26.41 48.67 -12.67
N ALA A 276 -26.23 47.70 -13.59
CA ALA A 276 -26.96 47.72 -14.86
C ALA A 276 -28.47 47.70 -14.66
N ARG A 277 -28.95 47.03 -13.61
N ARG A 277 -28.94 47.00 -13.62
CA ARG A 277 -30.39 47.03 -13.36
CA ARG A 277 -30.37 47.02 -13.30
C ARG A 277 -30.90 48.43 -13.02
C ARG A 277 -30.87 48.44 -13.08
N ASP A 278 -30.08 49.26 -12.37
CA ASP A 278 -30.48 50.64 -12.09
C ASP A 278 -30.31 51.50 -13.34
N VAL A 279 -29.39 51.14 -14.25
CA VAL A 279 -29.27 51.84 -15.52
C VAL A 279 -30.46 51.49 -16.40
N TYR A 280 -30.79 50.20 -16.45
CA TYR A 280 -32.02 49.75 -17.07
C TYR A 280 -33.21 50.59 -16.64
N ASP A 281 -33.50 50.61 -15.34
CA ASP A 281 -34.70 51.29 -14.86
C ASP A 281 -34.64 52.79 -15.15
N ALA A 282 -33.46 53.37 -15.03
CA ALA A 282 -33.33 54.81 -15.23
C ALA A 282 -33.58 55.21 -16.69
N THR A 283 -33.41 54.30 -17.65
CA THR A 283 -33.60 54.63 -19.06
C THR A 283 -34.86 54.02 -19.65
N LEU A 284 -35.67 53.33 -18.85
CA LEU A 284 -36.75 52.52 -19.39
C LEU A 284 -37.72 53.34 -20.25
N GLY A 285 -38.01 54.57 -19.87
CA GLY A 285 -39.04 55.32 -20.59
C GLY A 285 -38.56 56.39 -21.55
N LEU A 286 -37.51 56.12 -22.32
CA LEU A 286 -36.88 57.14 -23.15
C LEU A 286 -36.76 56.67 -24.59
N PRO A 287 -36.78 57.60 -25.54
CA PRO A 287 -36.36 57.26 -26.89
C PRO A 287 -34.98 56.67 -26.87
N PRO A 288 -34.67 55.72 -27.77
CA PRO A 288 -33.35 55.10 -27.76
C PRO A 288 -32.20 56.09 -27.74
N ASP A 289 -32.32 57.22 -28.45
CA ASP A 289 -31.21 58.17 -28.52
C ASP A 289 -30.99 58.89 -27.19
N GLN A 290 -32.07 59.25 -26.50
CA GLN A 290 -31.94 59.86 -25.17
C GLN A 290 -31.55 58.85 -24.11
N ALA A 291 -31.97 57.60 -24.26
CA ALA A 291 -31.54 56.59 -23.30
C ALA A 291 -30.02 56.38 -23.37
N ARG A 292 -29.45 56.47 -24.58
CA ARG A 292 -28.00 56.34 -24.70
C ARG A 292 -27.28 57.44 -23.94
N GLN A 293 -27.73 58.69 -24.07
CA GLN A 293 -27.13 59.80 -23.35
C GLN A 293 -27.34 59.67 -21.85
N ARG A 294 -28.52 59.19 -21.46
CA ARG A 294 -28.77 58.92 -20.05
C ARG A 294 -27.78 57.90 -19.51
N VAL A 295 -27.47 56.88 -20.30
CA VAL A 295 -26.44 55.91 -19.95
C VAL A 295 -25.10 56.59 -19.79
N SER A 296 -24.67 57.33 -20.83
CA SER A 296 -23.42 58.07 -20.74
C SER A 296 -23.35 58.87 -19.46
N ALA A 297 -24.39 59.67 -19.18
CA ALA A 297 -24.35 60.58 -18.04
C ALA A 297 -24.27 59.81 -16.72
N LEU A 298 -25.01 58.71 -16.61
CA LEU A 298 -24.89 57.89 -15.40
C LEU A 298 -23.47 57.36 -15.26
N VAL A 299 -22.90 56.85 -16.35
CA VAL A 299 -21.54 56.33 -16.27
C VAL A 299 -20.61 57.43 -15.81
N GLN A 300 -20.71 58.59 -16.44
CA GLN A 300 -19.87 59.72 -16.07
C GLN A 300 -20.01 60.00 -14.57
N GLU A 301 -21.25 60.06 -14.09
CA GLU A 301 -21.50 60.40 -12.68
C GLU A 301 -20.86 59.39 -11.74
N ALA A 302 -20.87 58.11 -12.10
CA ALA A 302 -20.46 57.05 -11.20
C ALA A 302 -18.94 56.95 -11.07
N ALA A 303 -18.18 57.71 -11.85
CA ALA A 303 -16.73 57.52 -11.84
C ALA A 303 -16.16 57.94 -10.49
N ALA A 304 -15.24 57.14 -9.97
CA ALA A 304 -14.55 57.41 -8.71
C ALA A 304 -13.98 58.82 -8.72
N SER A 305 -13.04 59.08 -9.61
CA SER A 305 -12.59 60.43 -9.94
C SER A 305 -12.81 60.66 -11.43
N VAL A 306 -12.54 61.89 -11.88
CA VAL A 306 -12.78 62.34 -13.25
C VAL A 306 -12.39 61.24 -14.24
N PRO A 307 -13.34 60.70 -15.01
CA PRO A 307 -13.04 59.58 -15.90
C PRO A 307 -12.49 60.00 -17.26
N ASP A 308 -11.84 59.05 -17.89
CA ASP A 308 -11.39 59.21 -19.27
C ASP A 308 -12.58 59.13 -20.23
N PRO A 309 -12.71 60.06 -21.19
CA PRO A 309 -13.89 60.03 -22.07
C PRO A 309 -14.05 58.73 -22.83
N GLY A 310 -12.95 58.18 -23.38
CA GLY A 310 -13.05 56.91 -24.08
C GLY A 310 -13.56 55.81 -23.17
N MET A 311 -13.10 55.81 -21.91
CA MET A 311 -13.57 54.82 -20.96
C MET A 311 -15.07 54.95 -20.73
N VAL A 312 -15.57 56.19 -20.61
CA VAL A 312 -17.01 56.42 -20.46
C VAL A 312 -17.77 55.91 -21.67
N THR A 313 -17.30 56.26 -22.88
CA THR A 313 -17.96 55.79 -24.10
C THR A 313 -18.03 54.27 -24.13
N LEU A 314 -16.91 53.61 -23.82
CA LEU A 314 -16.88 52.16 -23.87
C LEU A 314 -17.74 51.54 -22.78
N VAL A 315 -17.65 52.04 -21.54
CA VAL A 315 -18.47 51.43 -20.49
C VAL A 315 -19.95 51.64 -20.79
N ALA A 316 -20.32 52.83 -21.27
CA ALA A 316 -21.72 53.07 -21.61
C ALA A 316 -22.21 52.05 -22.64
N ARG A 317 -21.39 51.75 -23.65
CA ARG A 317 -21.79 50.77 -24.68
C ARG A 317 -21.94 49.36 -24.11
N LEU A 318 -21.11 48.98 -23.14
CA LEU A 318 -21.30 47.72 -22.41
C LEU A 318 -22.65 47.66 -21.69
N PHE A 319 -23.03 48.74 -20.99
CA PHE A 319 -24.33 48.79 -20.31
C PHE A 319 -25.46 48.63 -21.30
N GLU A 320 -25.39 49.37 -22.41
CA GLU A 320 -26.35 49.23 -23.49
C GLU A 320 -26.51 47.78 -23.92
N HIS A 321 -25.39 47.09 -24.19
CA HIS A 321 -25.45 45.67 -24.53
C HIS A 321 -26.08 44.87 -23.40
N ASN A 322 -25.60 45.06 -22.17
CA ASN A 322 -26.07 44.23 -21.07
C ASN A 322 -27.57 44.39 -20.85
N ILE A 323 -28.14 45.54 -21.20
CA ILE A 323 -29.59 45.68 -21.11
C ILE A 323 -30.27 44.59 -21.92
N SER A 324 -29.74 44.29 -23.11
CA SER A 324 -30.35 43.23 -23.92
C SER A 324 -30.28 41.90 -23.19
N GLN A 325 -29.18 41.65 -22.49
CA GLN A 325 -29.09 40.39 -21.74
C GLN A 325 -30.02 40.38 -20.54
N ILE A 326 -30.22 41.54 -19.90
CA ILE A 326 -31.17 41.58 -18.80
C ILE A 326 -32.55 41.16 -19.28
N ASP A 327 -32.97 41.67 -20.44
CA ASP A 327 -34.28 41.30 -20.99
C ASP A 327 -34.30 39.86 -21.48
N TYR A 328 -33.16 39.37 -21.96
CA TYR A 328 -33.05 37.97 -22.33
C TYR A 328 -33.42 37.06 -21.17
N VAL A 329 -32.85 37.31 -19.98
CA VAL A 329 -33.11 36.45 -18.83
C VAL A 329 -34.55 36.63 -18.38
N ARG A 330 -35.06 37.87 -18.42
CA ARG A 330 -36.44 38.09 -18.03
C ARG A 330 -37.39 37.37 -18.97
N GLN A 331 -37.20 37.55 -20.29
N GLN A 331 -37.21 37.54 -20.28
CA GLN A 331 -38.14 37.05 -21.27
CA GLN A 331 -38.23 36.99 -21.18
C GLN A 331 -38.03 35.53 -21.45
C GLN A 331 -38.04 35.51 -21.47
N PHE A 332 -36.82 34.99 -21.44
CA PHE A 332 -36.65 33.55 -21.67
C PHE A 332 -36.58 32.71 -20.41
N HIS A 333 -36.26 33.30 -19.25
CA HIS A 333 -36.13 32.53 -18.03
C HIS A 333 -37.05 32.98 -16.90
N GLY A 334 -37.78 34.09 -17.07
CA GLY A 334 -38.71 34.55 -16.06
C GLY A 334 -38.15 35.58 -15.09
N GLY A 335 -36.88 35.95 -15.22
CA GLY A 335 -36.27 36.88 -14.31
C GLY A 335 -34.98 36.39 -13.66
N ALA A 336 -34.88 35.09 -13.42
CA ALA A 336 -33.68 34.49 -12.84
C ALA A 336 -33.43 33.12 -13.45
N TYR A 337 -32.16 32.78 -13.61
CA TYR A 337 -31.86 31.46 -14.13
C TYR A 337 -32.32 30.38 -13.16
N ASP A 338 -32.91 29.30 -13.67
CA ASP A 338 -33.36 28.24 -12.77
C ASP A 338 -32.23 27.47 -12.15
N ASP A 339 -31.22 27.14 -12.93
CA ASP A 339 -30.03 26.50 -12.38
C ASP A 339 -29.17 27.59 -11.76
N ALA A 340 -29.36 27.84 -10.46
CA ALA A 340 -28.63 28.93 -9.83
C ALA A 340 -27.16 28.58 -9.62
N GLY A 341 -26.87 27.31 -9.36
CA GLY A 341 -25.52 26.85 -9.14
C GLY A 341 -24.99 26.03 -10.32
N HIS A 342 -24.13 25.07 -10.01
CA HIS A 342 -23.39 24.37 -11.06
C HIS A 342 -24.23 23.24 -11.63
N ALA A 343 -24.35 23.21 -12.97
CA ALA A 343 -25.03 22.11 -13.66
C ALA A 343 -24.36 21.83 -15.00
N GLU A 344 -23.03 21.88 -15.05
CA GLU A 344 -22.29 21.72 -16.28
C GLU A 344 -22.40 20.30 -16.84
N ARG A 345 -22.16 20.17 -18.14
CA ARG A 345 -22.23 18.86 -18.80
C ARG A 345 -20.91 18.12 -18.81
N PHE A 346 -19.77 18.82 -18.85
CA PHE A 346 -18.46 18.19 -18.75
C PHE A 346 -17.47 19.17 -18.12
N ILE A 347 -16.33 18.62 -17.70
CA ILE A 347 -15.21 19.43 -17.22
C ILE A 347 -14.28 19.72 -18.39
N GLY A 348 -13.85 20.97 -18.51
CA GLY A 348 -12.75 21.34 -19.38
C GLY A 348 -11.53 21.66 -18.54
N VAL A 349 -10.36 21.24 -19.03
CA VAL A 349 -9.10 21.37 -18.30
C VAL A 349 -8.00 21.79 -19.25
N GLY A 350 -7.14 22.71 -18.80
CA GLY A 350 -6.06 23.23 -19.60
C GLY A 350 -6.20 24.71 -19.87
N ILE A 351 -6.23 25.10 -21.14
CA ILE A 351 -6.41 26.50 -21.51
C ILE A 351 -7.87 26.74 -21.88
N GLY A 352 -8.29 28.00 -21.76
CA GLY A 352 -9.67 28.34 -22.04
C GLY A 352 -10.09 27.78 -23.38
N PHE A 353 -11.34 27.33 -23.48
CA PHE A 353 -11.91 26.79 -24.71
C PHE A 353 -12.36 27.95 -25.59
N LYS A 354 -11.65 28.16 -26.69
CA LYS A 354 -12.05 29.23 -27.62
C LYS A 354 -13.53 29.17 -27.99
N GLU A 355 -14.15 27.99 -27.99
CA GLU A 355 -15.48 27.82 -28.60
C GLU A 355 -16.61 27.66 -27.58
N ILE A 356 -16.36 27.79 -26.29
CA ILE A 356 -17.40 27.60 -25.27
C ILE A 356 -17.89 28.96 -24.80
N HIS A 357 -19.11 29.27 -25.17
CA HIS A 357 -19.73 30.50 -24.82
C HIS A 357 -21.12 30.38 -24.25
N LEU A 358 -21.43 29.26 -23.66
CA LEU A 358 -22.73 29.07 -23.10
C LEU A 358 -22.73 28.89 -21.62
N ARG A 359 -23.73 29.41 -20.97
CA ARG A 359 -23.84 29.29 -19.56
C ARG A 359 -24.12 27.91 -19.06
N ASN A 360 -23.38 27.50 -18.06
CA ASN A 360 -23.49 26.21 -17.41
C ASN A 360 -23.31 24.97 -18.26
N LEU A 361 -22.36 25.03 -19.14
CA LEU A 361 -22.06 23.93 -19.99
C LEU A 361 -20.75 23.27 -19.63
N THR A 362 -19.76 24.06 -19.34
CA THR A 362 -18.42 23.53 -19.08
C THR A 362 -17.94 24.02 -17.72
N TYR A 363 -17.59 23.10 -16.84
CA TYR A 363 -16.84 23.50 -15.66
C TYR A 363 -15.37 23.54 -16.06
N PHE A 364 -14.77 24.72 -15.97
CA PHE A 364 -13.43 24.95 -16.48
C PHE A 364 -12.40 25.09 -15.37
N ALA A 365 -11.30 24.36 -15.48
CA ALA A 365 -10.16 24.51 -14.57
C ALA A 365 -8.97 24.91 -15.41
N TYR A 366 -8.47 26.13 -15.21
CA TYR A 366 -7.21 26.50 -15.83
C TYR A 366 -6.13 25.56 -15.35
N MET A 367 -5.28 25.13 -16.26
CA MET A 367 -4.21 24.24 -15.84
C MET A 367 -3.13 24.23 -16.90
N ASP A 368 -1.97 24.77 -16.53
CA ASP A 368 -0.79 24.63 -17.34
C ASP A 368 0.11 23.51 -16.87
N THR A 369 0.04 23.18 -15.58
CA THR A 369 0.65 21.98 -15.03
C THR A 369 -0.35 21.33 -14.08
N VAL A 370 -0.35 20.00 -14.06
CA VAL A 370 -1.29 19.30 -13.19
C VAL A 370 -0.98 19.61 -11.72
N GLU A 371 0.30 19.78 -11.40
CA GLU A 371 0.68 20.06 -10.02
C GLU A 371 0.04 21.35 -9.53
N GLU A 372 -0.13 22.33 -10.42
CA GLU A 372 -0.53 23.66 -10.01
C GLU A 372 -2.02 23.94 -10.21
N GLY A 373 -2.76 23.04 -10.83
CA GLY A 373 -4.20 23.24 -10.98
C GLY A 373 -4.99 22.11 -10.35
N ALA A 374 -4.31 21.26 -9.58
CA ALA A 374 -4.97 20.12 -8.98
C ALA A 374 -6.17 20.53 -8.13
N ALA A 375 -6.02 21.59 -7.34
CA ALA A 375 -7.07 21.99 -6.41
C ALA A 375 -8.33 22.40 -7.15
N ASP A 376 -8.18 23.32 -8.08
CA ASP A 376 -9.10 23.63 -9.17
C ASP A 376 -9.91 22.42 -9.62
N LEU A 377 -9.21 21.38 -10.11
CA LEU A 377 -9.88 20.24 -10.71
C LEU A 377 -10.62 19.42 -9.66
N ASP A 378 -10.04 19.30 -8.47
CA ASP A 378 -10.73 18.61 -7.37
C ASP A 378 -12.13 19.16 -7.15
N VAL A 379 -12.29 20.49 -7.27
CA VAL A 379 -13.61 21.12 -7.11
C VAL A 379 -14.55 20.67 -8.23
N GLY A 380 -14.10 20.75 -9.47
CA GLY A 380 -14.92 20.24 -10.56
C GLY A 380 -15.31 18.79 -10.36
N VAL A 381 -14.34 17.94 -10.02
CA VAL A 381 -14.63 16.52 -9.90
C VAL A 381 -15.58 16.28 -8.73
N LYS A 382 -15.41 17.02 -7.63
CA LYS A 382 -16.34 16.89 -6.51
C LYS A 382 -17.75 17.30 -6.92
N ILE A 383 -17.90 18.45 -7.58
CA ILE A 383 -19.21 18.80 -8.13
C ILE A 383 -19.74 17.67 -9.01
N PHE A 384 -18.88 17.08 -9.85
CA PHE A 384 -19.43 16.12 -10.81
C PHE A 384 -19.77 14.78 -10.18
N LYS A 385 -19.24 14.46 -8.99
CA LYS A 385 -19.78 13.36 -8.22
C LYS A 385 -21.22 13.64 -7.79
N GLY A 386 -21.57 14.90 -7.57
CA GLY A 386 -22.96 15.24 -7.33
C GLY A 386 -23.79 15.20 -8.59
N LEU A 387 -23.37 15.92 -9.62
CA LEU A 387 -24.12 15.97 -10.87
C LEU A 387 -24.31 14.57 -11.48
N ASN A 388 -23.23 13.77 -11.55
CA ASN A 388 -23.19 12.58 -12.40
C ASN A 388 -22.97 11.28 -11.62
N VAL A 389 -21.91 11.20 -10.80
CA VAL A 389 -21.56 9.91 -10.21
C VAL A 389 -22.65 9.46 -9.24
N SER A 390 -23.36 10.41 -8.62
CA SER A 390 -24.49 10.04 -7.78
C SER A 390 -25.56 9.28 -8.56
N ARG A 391 -25.78 9.62 -9.83
CA ARG A 391 -26.78 8.88 -10.61
C ARG A 391 -26.15 7.78 -11.45
N GLY A 392 -24.89 7.41 -11.19
CA GLY A 392 -24.25 6.32 -11.90
C GLY A 392 -23.59 6.68 -13.22
N LEU A 393 -23.34 7.98 -13.47
CA LEU A 393 -22.77 8.38 -14.73
C LEU A 393 -21.34 8.87 -14.53
N PRO A 394 -20.48 8.69 -15.53
CA PRO A 394 -19.07 9.07 -15.37
C PRO A 394 -18.88 10.58 -15.41
N VAL A 395 -17.77 11.00 -14.82
CA VAL A 395 -17.27 12.38 -14.92
C VAL A 395 -16.58 12.48 -16.27
N PRO A 396 -17.07 13.30 -17.22
CA PRO A 396 -16.34 13.49 -18.48
C PRO A 396 -15.45 14.71 -18.43
N VAL A 397 -14.17 14.52 -18.75
CA VAL A 397 -13.16 15.56 -18.78
C VAL A 397 -12.69 15.73 -20.22
N VAL A 398 -12.60 16.99 -20.69
CA VAL A 398 -12.04 17.33 -21.99
C VAL A 398 -10.82 18.21 -21.76
N VAL A 399 -9.63 17.72 -22.14
CA VAL A 399 -8.39 18.47 -21.99
C VAL A 399 -8.15 19.31 -23.24
N ARG A 400 -7.75 20.56 -23.04
CA ARG A 400 -7.53 21.47 -24.16
C ARG A 400 -6.21 22.21 -23.96
N PHE A 401 -5.38 22.18 -25.00
CA PHE A 401 -4.18 22.99 -25.05
C PHE A 401 -4.07 23.60 -26.44
N ASP A 402 -3.68 24.86 -26.49
CA ASP A 402 -3.46 25.56 -27.73
C ASP A 402 -1.98 25.53 -28.09
N TYR A 403 -1.70 25.68 -29.37
CA TYR A 403 -0.32 25.74 -29.82
C TYR A 403 -0.22 26.68 -31.01
N HIS A 404 0.98 27.20 -31.22
CA HIS A 404 1.30 28.01 -32.38
C HIS A 404 1.73 27.04 -33.48
N GLY A 405 0.78 26.65 -34.32
CA GLY A 405 1.10 25.72 -35.39
C GLY A 405 2.31 26.16 -36.21
N GLN A 406 2.47 27.46 -36.38
CA GLN A 406 3.57 27.97 -37.19
C GLN A 406 4.94 27.62 -36.64
N VAL A 407 5.03 27.04 -35.46
CA VAL A 407 6.32 26.75 -34.83
C VAL A 407 6.60 25.26 -34.98
N PRO A 408 7.69 24.87 -35.66
CA PRO A 408 8.05 23.44 -35.78
C PRO A 408 7.93 22.66 -34.50
N GLY A 409 7.05 21.66 -34.48
CA GLY A 409 6.93 20.74 -33.37
C GLY A 409 5.98 21.17 -32.28
N ALA A 410 5.38 22.36 -32.38
CA ALA A 410 4.51 22.83 -31.33
C ALA A 410 3.23 22.00 -31.21
N ARG A 411 2.65 21.60 -32.35
CA ARG A 411 1.50 20.70 -32.27
C ARG A 411 1.82 19.46 -31.47
N ASP A 412 3.05 18.94 -31.59
CA ASP A 412 3.25 17.64 -30.98
C ASP A 412 3.56 17.81 -29.51
N ARG A 413 4.18 18.94 -29.17
CA ARG A 413 4.38 19.31 -27.77
C ARG A 413 3.04 19.44 -27.08
N ALA A 414 2.06 20.06 -27.74
CA ALA A 414 0.74 20.18 -27.14
C ALA A 414 0.09 18.82 -26.94
N VAL A 415 0.28 17.91 -27.91
CA VAL A 415 -0.25 16.56 -27.76
C VAL A 415 0.40 15.88 -26.57
N ARG A 416 1.74 15.89 -26.52
N ARG A 416 1.73 15.93 -26.48
CA ARG A 416 2.51 15.43 -25.37
CA ARG A 416 2.39 15.31 -25.34
C ARG A 416 1.91 15.97 -24.09
C ARG A 416 2.01 15.98 -24.03
N HIS A 417 1.61 17.27 -24.09
CA HIS A 417 1.09 17.92 -22.88
C HIS A 417 -0.28 17.34 -22.49
N CYS A 418 -1.20 17.18 -23.45
CA CYS A 418 -2.45 16.51 -23.12
C CYS A 418 -2.19 15.17 -22.47
N GLN A 419 -1.25 14.40 -23.04
CA GLN A 419 -0.99 13.06 -22.54
C GLN A 419 -0.50 13.09 -21.11
N ARG A 420 0.34 14.07 -20.77
CA ARG A 420 0.78 14.19 -19.39
C ARG A 420 -0.39 14.52 -18.46
N VAL A 421 -1.33 15.35 -18.91
CA VAL A 421 -2.49 15.65 -18.07
C VAL A 421 -3.35 14.40 -17.87
N GLN A 422 -3.59 13.63 -18.93
CA GLN A 422 -4.35 12.39 -18.79
C GLN A 422 -3.70 11.46 -17.78
N THR A 423 -2.37 11.32 -17.83
CA THR A 423 -1.68 10.45 -16.88
C THR A 423 -1.87 10.91 -15.46
N ALA A 424 -1.91 12.23 -15.24
CA ALA A 424 -2.04 12.77 -13.89
C ALA A 424 -3.44 12.53 -13.34
N ILE A 425 -4.47 12.85 -14.15
CA ILE A 425 -5.83 12.62 -13.71
C ILE A 425 -6.01 11.17 -13.28
N GLU A 426 -5.53 10.25 -14.12
CA GLU A 426 -5.69 8.82 -13.86
C GLU A 426 -5.05 8.43 -12.53
N SER A 427 -3.98 9.11 -12.15
CA SER A 427 -3.33 8.85 -10.87
C SER A 427 -3.97 9.63 -9.72
N ARG A 428 -4.66 10.74 -10.00
CA ARG A 428 -5.29 11.49 -8.94
C ARG A 428 -6.63 10.88 -8.50
N TYR A 429 -7.42 10.37 -9.45
CA TYR A 429 -8.72 9.77 -9.16
C TYR A 429 -8.71 8.31 -9.60
N PRO A 430 -7.95 7.47 -8.91
CA PRO A 430 -7.81 6.07 -9.35
C PRO A 430 -9.04 5.22 -9.11
N GLU A 431 -9.88 5.55 -8.13
CA GLU A 431 -11.03 4.70 -7.91
C GLU A 431 -12.13 5.01 -8.91
N LEU A 432 -12.35 6.28 -9.19
CA LEU A 432 -13.32 6.66 -10.21
C LEU A 432 -12.90 6.12 -11.57
N PHE A 433 -11.61 6.18 -11.87
CA PHE A 433 -11.17 5.82 -13.21
C PHE A 433 -11.19 4.32 -13.42
N GLN A 434 -10.72 3.54 -12.44
CA GLN A 434 -10.81 2.10 -12.55
C GLN A 434 -12.25 1.62 -12.66
N GLN A 435 -13.17 2.31 -11.99
CA GLN A 435 -14.60 1.98 -12.05
C GLN A 435 -15.28 2.48 -13.33
N GLY A 436 -14.55 3.14 -14.22
CA GLY A 436 -15.19 3.69 -15.40
C GLY A 436 -16.10 4.87 -15.11
N LEU A 437 -15.88 5.58 -14.02
CA LEU A 437 -16.66 6.76 -13.68
C LEU A 437 -15.89 8.03 -13.94
N LEU A 438 -14.82 7.96 -14.73
CA LEU A 438 -14.08 9.14 -15.12
C LEU A 438 -13.37 8.85 -16.45
N HIS A 439 -13.55 9.74 -17.42
CA HIS A 439 -12.95 9.56 -18.74
C HIS A 439 -12.42 10.91 -19.20
N ALA A 440 -11.39 10.87 -20.03
CA ALA A 440 -10.82 12.07 -20.63
C ALA A 440 -10.77 11.95 -22.14
N LEU A 441 -11.02 13.07 -22.82
CA LEU A 441 -10.77 13.24 -24.23
C LEU A 441 -9.70 14.32 -24.36
N LEU A 442 -8.75 14.11 -25.27
CA LEU A 442 -7.62 15.02 -25.42
C LEU A 442 -7.77 15.82 -26.72
N THR A 443 -7.63 17.13 -26.62
CA THR A 443 -7.86 18.00 -27.77
C THR A 443 -6.81 19.10 -27.78
N VAL A 444 -6.34 19.45 -28.98
CA VAL A 444 -5.41 20.55 -29.18
C VAL A 444 -6.02 21.46 -30.24
N ARG A 445 -5.60 22.72 -30.21
CA ARG A 445 -6.12 23.66 -31.19
C ARG A 445 -5.00 24.56 -31.65
N ASP A 446 -4.84 24.67 -32.96
CA ASP A 446 -3.87 25.60 -33.51
C ASP A 446 -4.43 27.01 -33.34
N GLN A 447 -3.77 27.82 -32.54
CA GLN A 447 -4.29 29.16 -32.32
C GLN A 447 -3.82 30.13 -33.39
N ASP A 448 -2.77 29.80 -34.13
CA ASP A 448 -2.27 30.58 -35.25
C ASP A 448 -3.24 30.66 -36.41
N ARG A 449 -4.44 30.11 -36.26
CA ARG A 449 -5.40 30.04 -37.35
C ARG A 449 -6.76 29.73 -36.75
N HIS A 450 -7.83 30.00 -37.50
CA HIS A 450 -9.18 29.80 -36.98
C HIS A 450 -9.72 28.48 -37.53
N THR A 451 -9.32 27.40 -36.85
CA THR A 451 -9.56 26.02 -37.24
C THR A 451 -10.24 25.30 -36.08
N PRO A 452 -11.09 24.33 -36.36
CA PRO A 452 -11.63 23.50 -35.26
C PRO A 452 -10.50 22.86 -34.47
N ALA A 453 -10.82 22.38 -33.26
CA ALA A 453 -9.86 21.64 -32.44
C ALA A 453 -9.83 20.16 -32.81
N GLU A 454 -8.70 19.51 -32.55
CA GLU A 454 -8.47 18.13 -32.95
C GLU A 454 -8.44 17.23 -31.73
N ALA A 455 -9.26 16.19 -31.74
CA ALA A 455 -9.18 15.16 -30.72
C ALA A 455 -7.98 14.27 -30.99
N VAL A 456 -7.14 14.05 -29.97
CA VAL A 456 -5.87 13.38 -30.17
C VAL A 456 -5.62 12.33 -29.11
N GLY A 457 -6.68 11.88 -28.45
CA GLY A 457 -6.54 10.86 -27.42
C GLY A 457 -7.81 10.71 -26.61
N SER A 458 -8.07 9.48 -26.14
CA SER A 458 -9.23 9.22 -25.30
C SER A 458 -8.93 8.03 -24.42
N THR A 459 -9.51 8.06 -23.22
CA THR A 459 -9.49 6.91 -22.32
C THR A 459 -10.48 5.82 -22.72
N ILE A 460 -11.45 6.12 -23.58
CA ILE A 460 -12.30 5.09 -24.18
C ILE A 460 -11.55 4.50 -25.36
N VAL A 461 -11.20 3.21 -25.28
CA VAL A 461 -10.41 2.58 -26.34
C VAL A 461 -11.01 1.21 -26.66
N PHE A 462 -10.76 0.77 -27.90
CA PHE A 462 -11.25 -0.53 -28.39
C PHE A 462 -10.15 -1.32 -29.07
N SER B 1 52.45 32.25 -21.11
CA SER B 1 51.83 31.22 -21.92
C SER B 1 52.55 31.08 -23.26
N MET B 2 52.40 29.93 -23.90
CA MET B 2 53.19 29.64 -25.08
C MET B 2 52.71 30.42 -26.30
N HIS B 3 51.39 30.54 -26.48
CA HIS B 3 50.88 31.11 -27.72
C HIS B 3 50.93 32.64 -27.68
N PRO B 4 51.42 33.29 -28.74
CA PRO B 4 51.47 34.76 -28.76
C PRO B 4 50.12 35.45 -28.69
N LEU B 5 49.01 34.76 -28.83
CA LEU B 5 47.71 35.39 -28.69
C LEU B 5 47.08 35.21 -27.31
N THR B 6 47.75 34.49 -26.42
CA THR B 6 47.19 34.12 -25.13
C THR B 6 47.37 35.21 -24.09
N ASP B 7 46.32 35.42 -23.30
CA ASP B 7 46.26 36.43 -22.24
C ASP B 7 46.78 35.80 -20.96
N ALA B 8 48.10 35.91 -20.74
CA ALA B 8 48.72 35.18 -19.64
C ALA B 8 48.21 35.66 -18.29
N SER B 9 48.04 36.98 -18.13
CA SER B 9 47.47 37.54 -16.90
C SER B 9 46.06 37.01 -16.66
N ALA B 10 45.24 36.96 -17.71
CA ALA B 10 43.90 36.44 -17.53
C ALA B 10 43.94 34.97 -17.13
N ASN B 11 44.85 34.18 -17.73
CA ASN B 11 44.96 32.78 -17.33
C ASN B 11 45.28 32.67 -15.84
N ASP B 12 46.21 33.50 -15.37
CA ASP B 12 46.48 33.58 -13.94
C ASP B 12 45.25 33.96 -13.09
N ALA B 13 44.56 35.06 -13.42
CA ALA B 13 43.42 35.42 -12.58
C ALA B 13 42.35 34.33 -12.61
N LEU B 14 42.04 33.82 -13.80
CA LEU B 14 41.06 32.75 -13.92
C LEU B 14 41.47 31.51 -13.12
N HIS B 15 42.77 31.20 -13.12
CA HIS B 15 43.19 29.97 -12.47
C HIS B 15 43.08 30.10 -10.96
N ALA B 16 43.52 31.23 -10.42
CA ALA B 16 43.32 31.51 -8.99
C ALA B 16 41.85 31.43 -8.61
N TYR B 17 40.96 31.98 -9.43
CA TYR B 17 39.54 31.91 -9.09
C TYR B 17 39.06 30.46 -8.99
N ASP B 18 39.32 29.66 -10.04
CA ASP B 18 38.89 28.27 -10.02
C ASP B 18 39.46 27.54 -8.80
N THR B 19 40.76 27.73 -8.54
CA THR B 19 41.41 27.02 -7.45
C THR B 19 40.79 27.38 -6.10
N ALA B 20 40.43 28.65 -5.91
CA ALA B 20 39.87 29.07 -4.62
C ALA B 20 38.46 28.50 -4.42
N VAL B 21 37.61 28.58 -5.43
CA VAL B 21 36.27 28.05 -5.23
C VAL B 21 36.33 26.53 -4.98
N LYS B 22 37.16 25.81 -5.74
CA LYS B 22 37.22 24.36 -5.53
C LYS B 22 37.76 24.03 -4.15
N LEU B 23 38.79 24.74 -3.71
CA LEU B 23 39.34 24.47 -2.38
C LEU B 23 38.26 24.65 -1.31
N ALA B 24 37.41 25.66 -1.44
CA ALA B 24 36.39 25.87 -0.43
C ALA B 24 35.49 24.65 -0.32
N PHE B 25 35.12 24.05 -1.45
CA PHE B 25 34.29 22.85 -1.41
C PHE B 25 35.08 21.64 -0.97
N ASP B 26 36.35 21.54 -1.34
CA ASP B 26 37.07 20.31 -1.03
C ASP B 26 37.52 20.22 0.42
N ARG B 27 37.60 21.34 1.16
CA ARG B 27 38.01 21.27 2.56
C ARG B 27 36.87 20.92 3.50
N ILE B 28 35.65 20.76 2.98
CA ILE B 28 34.52 20.35 3.82
C ILE B 28 34.80 19.01 4.49
N VAL B 29 35.10 17.99 3.68
CA VAL B 29 35.20 16.63 4.21
C VAL B 29 36.34 16.49 5.22
N PRO B 30 37.54 17.03 5.00
CA PRO B 30 38.56 16.94 6.04
C PRO B 30 38.13 17.61 7.33
N VAL B 31 37.47 18.77 7.25
CA VAL B 31 37.01 19.42 8.47
C VAL B 31 35.95 18.56 9.18
N LEU B 32 35.00 18.00 8.42
CA LEU B 32 33.95 17.21 9.03
C LEU B 32 34.49 15.87 9.58
N LYS B 33 35.50 15.28 8.94
CA LYS B 33 36.16 14.11 9.52
C LYS B 33 36.74 14.44 10.89
N ARG B 34 37.49 15.54 10.98
CA ARG B 34 38.07 15.96 12.25
C ARG B 34 36.99 16.14 13.32
N LEU B 35 35.87 16.78 12.95
CA LEU B 35 34.75 16.95 13.87
C LEU B 35 34.16 15.62 14.30
N SER B 36 33.98 14.70 13.35
CA SER B 36 33.39 13.41 13.69
C SER B 36 34.13 12.74 14.83
N ALA B 37 35.45 12.92 14.86
CA ALA B 37 36.28 12.23 15.84
C ALA B 37 36.15 12.83 17.23
N LEU B 38 35.64 14.06 17.34
CA LEU B 38 35.53 14.79 18.60
C LEU B 38 34.19 14.61 19.27
N GLN B 39 33.23 13.94 18.64
CA GLN B 39 31.84 14.06 19.06
C GLN B 39 31.59 13.52 20.46
N HIS B 40 32.51 12.73 21.03
CA HIS B 40 32.39 12.26 22.41
C HIS B 40 33.15 13.10 23.42
N GLU B 41 33.94 14.07 22.97
CA GLU B 41 34.76 14.83 23.89
C GLU B 41 33.91 15.90 24.58
N ASP B 42 34.52 16.58 25.54
CA ASP B 42 33.81 17.35 26.55
C ASP B 42 33.01 18.53 26.00
N ASP B 43 33.68 19.55 25.48
CA ASP B 43 32.92 20.73 25.07
C ASP B 43 32.70 20.71 23.58
N PHE B 44 32.16 19.60 23.11
CA PHE B 44 32.17 19.32 21.68
C PHE B 44 31.34 20.35 20.92
N VAL B 45 30.16 20.69 21.43
CA VAL B 45 29.31 21.65 20.72
C VAL B 45 30.05 22.97 20.56
N GLY B 46 30.63 23.47 21.65
CA GLY B 46 31.42 24.69 21.56
C GLY B 46 32.65 24.53 20.68
N ARG B 47 33.39 23.45 20.89
CA ARG B 47 34.60 23.23 20.08
C ARG B 47 34.25 23.19 18.61
N ALA B 48 33.18 22.50 18.26
CA ALA B 48 32.85 22.32 16.85
C ALA B 48 32.53 23.66 16.19
N GLN B 49 31.75 24.49 16.88
CA GLN B 49 31.39 25.79 16.33
C GLN B 49 32.65 26.59 15.99
N ALA B 50 33.58 26.67 16.94
CA ALA B 50 34.78 27.46 16.71
C ALA B 50 35.63 26.84 15.61
N ILE B 51 35.70 25.51 15.55
CA ILE B 51 36.43 24.89 14.46
C ILE B 51 35.79 25.26 13.12
N ALA B 52 34.47 25.05 13.00
CA ALA B 52 33.81 25.33 11.74
C ALA B 52 34.02 26.79 11.33
N LEU B 53 33.72 27.73 12.22
CA LEU B 53 33.93 29.14 11.92
C LEU B 53 35.34 29.42 11.43
N GLU B 54 36.34 28.84 12.09
CA GLU B 54 37.71 29.16 11.70
C GLU B 54 38.15 28.49 10.39
N GLU B 55 37.70 27.27 10.08
CA GLU B 55 38.20 26.63 8.86
C GLU B 55 37.22 26.64 7.68
N LEU B 56 35.92 26.72 7.92
CA LEU B 56 34.97 26.88 6.84
C LEU B 56 34.47 28.32 6.69
N GLY B 57 34.53 29.12 7.75
CA GLY B 57 34.07 30.49 7.70
C GLY B 57 32.59 30.67 7.98
N PHE B 58 31.91 29.66 8.49
CA PHE B 58 30.51 29.79 8.84
C PHE B 58 30.20 28.76 9.92
N PRO B 59 29.13 28.95 10.68
CA PRO B 59 28.81 28.02 11.76
C PRO B 59 27.95 26.84 11.27
N LEU B 60 27.82 25.84 12.15
CA LEU B 60 27.01 24.65 11.93
C LEU B 60 25.70 24.75 12.69
N PRO B 61 24.67 24.04 12.23
CA PRO B 61 23.37 24.08 12.94
C PRO B 61 23.47 23.57 14.36
N GLU B 62 23.30 24.48 15.32
CA GLU B 62 23.31 24.15 16.76
C GLU B 62 22.56 22.87 17.11
N PRO B 63 21.34 22.63 16.62
CA PRO B 63 20.59 21.45 17.07
C PRO B 63 21.13 20.13 16.55
N ILE B 64 21.89 20.11 15.45
CA ILE B 64 22.55 18.89 15.03
C ILE B 64 23.64 18.50 16.04
N LEU B 65 24.54 19.44 16.35
CA LEU B 65 25.59 19.14 17.32
C LEU B 65 24.98 18.77 18.67
N ASP B 66 23.97 19.52 19.11
CA ASP B 66 23.30 19.27 20.40
C ASP B 66 22.78 17.84 20.48
N THR B 67 22.25 17.32 19.38
CA THR B 67 21.59 16.03 19.42
C THR B 67 22.48 14.87 19.03
N ALA B 68 23.78 15.11 18.85
CA ALA B 68 24.64 14.03 18.36
C ALA B 68 24.64 12.84 19.30
N TRP B 69 24.62 13.11 20.61
CA TRP B 69 24.77 12.06 21.62
C TRP B 69 23.65 11.04 21.59
N VAL B 70 22.49 11.38 21.01
CA VAL B 70 21.36 10.44 21.05
C VAL B 70 21.65 9.22 20.21
N SER B 71 22.10 9.43 18.98
CA SER B 71 22.60 8.32 18.19
C SER B 71 24.06 8.60 17.93
N GLN B 72 24.35 9.37 16.88
CA GLN B 72 25.69 9.85 16.64
C GLN B 72 25.58 11.14 15.86
N LEU B 73 26.69 11.88 15.79
CA LEU B 73 26.70 13.10 15.00
C LEU B 73 26.22 12.79 13.59
N ASP B 74 25.25 13.59 13.13
CA ASP B 74 24.63 13.37 11.83
C ASP B 74 25.48 14.04 10.74
N MET B 75 26.52 13.32 10.30
CA MET B 75 27.44 13.91 9.33
C MET B 75 26.77 14.08 7.97
N ARG B 76 25.89 13.18 7.58
CA ARG B 76 25.19 13.36 6.31
C ARG B 76 24.54 14.74 6.25
N THR B 77 23.76 15.10 7.28
CA THR B 77 23.12 16.42 7.24
C THR B 77 24.16 17.52 7.33
N LEU B 78 25.20 17.33 8.14
CA LEU B 78 26.25 18.35 8.21
C LEU B 78 26.94 18.53 6.87
N TYR B 79 27.15 17.44 6.14
CA TYR B 79 27.77 17.57 4.83
C TYR B 79 26.91 18.44 3.90
N ALA B 80 25.63 18.08 3.75
CA ALA B 80 24.72 18.89 2.94
C ALA B 80 24.76 20.36 3.38
N TRP B 81 24.54 20.61 4.68
CA TRP B 81 24.63 21.96 5.22
C TRP B 81 25.89 22.69 4.76
N CYS B 82 27.06 22.05 4.91
CA CYS B 82 28.30 22.72 4.51
C CYS B 82 28.38 22.95 2.99
N VAL B 83 27.94 21.99 2.19
CA VAL B 83 27.92 22.25 0.75
C VAL B 83 27.02 23.45 0.46
N PHE B 84 25.84 23.48 1.09
CA PHE B 84 24.91 24.57 0.88
C PHE B 84 25.51 25.91 1.29
N GLU B 85 26.20 25.94 2.45
CA GLU B 85 26.73 27.21 2.93
C GLU B 85 27.91 27.66 2.07
N THR B 86 28.66 26.70 1.54
CA THR B 86 29.76 27.02 0.65
C THR B 86 29.22 27.51 -0.69
N TYR B 87 28.20 26.84 -1.24
CA TYR B 87 27.53 27.39 -2.41
C TYR B 87 27.11 28.83 -2.15
N GLU B 88 26.60 29.09 -0.94
CA GLU B 88 26.02 30.39 -0.68
C GLU B 88 27.08 31.47 -0.55
N GLN B 89 28.25 31.14 0.01
CA GLN B 89 29.32 32.13 0.12
C GLN B 89 29.97 32.36 -1.23
N THR B 90 30.27 31.28 -1.95
CA THR B 90 30.67 31.36 -3.36
C THR B 90 29.77 32.29 -4.15
N SER B 91 28.48 32.01 -4.12
CA SER B 91 27.53 32.80 -4.88
C SER B 91 27.62 34.28 -4.49
N GLU B 92 27.58 34.55 -3.18
CA GLU B 92 27.68 35.94 -2.66
C GLU B 92 28.87 36.67 -3.26
N ALA B 93 30.05 36.05 -3.16
CA ALA B 93 31.28 36.71 -3.60
C ALA B 93 31.28 36.93 -5.10
N PHE B 94 30.73 35.98 -5.85
CA PHE B 94 30.55 36.21 -7.28
C PHE B 94 29.86 37.54 -7.52
N PHE B 95 28.66 37.72 -6.97
CA PHE B 95 27.96 38.96 -7.25
C PHE B 95 28.66 40.17 -6.66
N ARG B 96 29.35 40.01 -5.52
CA ARG B 96 29.94 41.18 -4.85
C ARG B 96 31.32 41.53 -5.37
N ASP B 97 32.11 40.56 -5.82
CA ASP B 97 33.49 40.83 -6.22
C ASP B 97 33.73 40.71 -7.72
N ASP B 98 32.79 40.13 -8.47
CA ASP B 98 32.92 39.95 -9.91
C ASP B 98 34.29 39.38 -10.26
N PRO B 99 34.60 38.16 -9.78
CA PRO B 99 35.88 37.52 -10.15
C PRO B 99 36.14 37.47 -11.65
N LEU B 100 35.11 37.24 -12.48
CA LEU B 100 35.28 37.16 -13.94
C LEU B 100 35.37 38.53 -14.60
N GLN B 101 35.08 39.59 -13.86
CA GLN B 101 35.11 40.95 -14.41
C GLN B 101 34.21 41.05 -15.63
N GLY B 102 32.98 40.54 -15.49
CA GLY B 102 32.03 40.59 -16.58
C GLY B 102 30.62 40.99 -16.20
N GLN B 103 30.46 41.67 -15.08
CA GLN B 103 29.13 42.03 -14.66
C GLN B 103 28.56 43.14 -15.56
N PRO B 104 27.26 43.40 -15.45
CA PRO B 104 26.66 44.49 -16.22
C PRO B 104 27.36 45.81 -15.91
N GLY B 105 27.61 46.58 -16.95
CA GLY B 105 28.33 47.83 -16.80
C GLY B 105 29.85 47.70 -16.69
N SER B 106 30.39 46.48 -16.57
CA SER B 106 31.84 46.33 -16.53
C SER B 106 32.43 46.70 -17.88
N PRO B 107 33.66 47.22 -17.91
CA PRO B 107 34.33 47.47 -19.21
C PRO B 107 34.26 46.32 -20.19
N SER B 108 34.58 45.08 -19.79
CA SER B 108 34.59 44.05 -20.82
C SER B 108 33.16 43.67 -21.26
N ALA B 109 32.18 43.83 -20.38
CA ALA B 109 30.81 43.54 -20.77
C ALA B 109 30.32 44.52 -21.83
N GLU B 110 30.50 45.82 -21.56
CA GLU B 110 30.11 46.83 -22.54
C GLU B 110 30.89 46.67 -23.84
N ALA B 111 32.19 46.43 -23.73
CA ALA B 111 33.02 46.25 -24.92
C ALA B 111 32.50 45.11 -25.78
N PHE B 112 32.18 43.97 -25.17
CA PHE B 112 31.76 42.86 -26.01
C PHE B 112 30.44 43.18 -26.72
N ASP B 113 29.50 43.80 -26.01
CA ASP B 113 28.26 44.22 -26.65
C ASP B 113 28.54 45.15 -27.82
N ARG B 114 29.54 46.03 -27.70
CA ARG B 114 29.87 46.91 -28.81
C ARG B 114 30.45 46.13 -29.99
N PHE B 115 31.36 45.21 -29.70
CA PHE B 115 31.97 44.40 -30.77
C PHE B 115 30.92 43.54 -31.45
N LEU B 116 29.98 43.02 -30.66
CA LEU B 116 28.91 42.20 -31.19
C LEU B 116 28.08 43.00 -32.18
N LEU B 117 27.70 44.23 -31.82
CA LEU B 117 26.95 45.06 -32.74
C LEU B 117 27.77 45.39 -33.97
N ASP B 118 29.07 45.49 -33.80
CA ASP B 118 29.93 45.77 -34.95
C ASP B 118 29.93 44.62 -35.95
N CYS B 119 29.72 43.39 -35.49
CA CYS B 119 29.59 42.25 -36.38
C CYS B 119 28.18 42.06 -36.93
N GLY B 120 27.25 42.94 -36.55
CA GLY B 120 25.88 42.83 -36.99
C GLY B 120 24.98 41.95 -36.15
N PHE B 121 25.34 41.68 -34.91
CA PHE B 121 24.49 40.91 -33.99
C PHE B 121 24.13 41.78 -32.78
N HIS B 122 22.84 41.82 -32.43
CA HIS B 122 22.42 42.60 -31.28
C HIS B 122 22.10 41.75 -30.06
N LEU B 123 22.25 40.43 -30.13
CA LEU B 123 22.08 39.60 -28.94
C LEU B 123 22.69 38.23 -29.21
N LEU B 124 23.48 37.74 -28.26
CA LEU B 124 24.14 36.45 -28.38
C LEU B 124 23.50 35.53 -27.35
N ASP B 125 22.68 34.60 -27.83
CA ASP B 125 21.94 33.66 -26.99
C ASP B 125 22.53 32.27 -27.26
N ILE B 126 23.30 31.75 -26.30
CA ILE B 126 24.03 30.50 -26.45
C ILE B 126 23.45 29.43 -25.54
N THR B 127 23.12 28.28 -26.12
CA THR B 127 22.76 27.08 -25.35
C THR B 127 23.91 26.08 -25.35
N PRO B 128 24.68 25.95 -24.28
CA PRO B 128 25.58 24.81 -24.15
C PRO B 128 24.79 23.61 -23.67
N CYS B 129 25.42 22.45 -23.68
CA CYS B 129 24.83 21.33 -23.00
C CYS B 129 24.92 21.58 -21.49
N ALA B 130 23.89 21.20 -20.75
CA ALA B 130 23.90 21.39 -19.30
C ALA B 130 24.98 20.57 -18.57
N ASP B 131 25.85 19.86 -19.29
CA ASP B 131 26.90 19.06 -18.66
C ASP B 131 27.78 19.93 -17.76
N GLY B 132 27.97 19.50 -16.52
CA GLY B 132 28.77 20.28 -15.58
C GLY B 132 30.14 20.66 -16.11
N ARG B 133 30.71 19.82 -16.99
CA ARG B 133 31.99 20.04 -17.64
C ARG B 133 31.98 21.16 -18.66
N LEU B 134 30.81 21.70 -18.99
CA LEU B 134 30.74 22.86 -19.86
C LEU B 134 30.42 24.16 -19.13
N ALA B 135 30.30 24.14 -17.79
CA ALA B 135 29.83 25.31 -17.07
C ALA B 135 30.76 26.51 -17.26
N HIS B 136 32.04 26.27 -17.52
CA HIS B 136 33.00 27.34 -17.75
C HIS B 136 33.09 27.74 -19.22
N ALA B 137 32.21 27.22 -20.09
CA ALA B 137 32.39 27.40 -21.53
C ALA B 137 32.36 28.86 -21.93
N ILE B 138 31.50 29.66 -21.29
CA ILE B 138 31.33 31.07 -21.63
C ILE B 138 32.46 31.91 -21.06
N GLY B 139 32.71 31.76 -19.77
CA GLY B 139 33.71 32.57 -19.10
C GLY B 139 35.15 32.18 -19.34
N PHE B 140 35.44 30.87 -19.41
CA PHE B 140 36.78 30.35 -19.67
C PHE B 140 36.99 30.01 -21.15
N GLY B 141 36.08 29.20 -21.71
CA GLY B 141 36.28 28.66 -23.06
C GLY B 141 36.23 29.71 -24.14
N LEU B 142 35.25 30.61 -24.07
CA LEU B 142 35.12 31.69 -25.04
C LEU B 142 35.57 33.05 -24.49
N ARG B 143 36.00 33.14 -23.23
CA ARG B 143 36.37 34.40 -22.61
C ARG B 143 35.36 35.50 -22.92
N LEU B 144 34.07 35.17 -22.76
CA LEU B 144 33.11 36.25 -22.98
C LEU B 144 32.62 36.80 -21.63
N PRO B 145 32.35 38.11 -21.49
CA PRO B 145 31.75 38.60 -20.24
C PRO B 145 30.37 37.99 -20.06
N PHE B 146 30.13 37.40 -18.88
CA PHE B 146 28.92 36.60 -18.72
C PHE B 146 27.67 37.43 -18.87
N SER B 147 27.73 38.72 -18.59
CA SER B 147 26.52 39.52 -18.65
C SER B 147 26.23 40.03 -20.07
N SER B 148 27.14 39.83 -21.02
CA SER B 148 26.90 40.20 -22.40
C SER B 148 26.27 39.08 -23.21
N VAL B 149 25.92 37.97 -22.58
CA VAL B 149 25.48 36.76 -23.27
C VAL B 149 24.21 36.27 -22.58
N ARG B 150 23.26 35.72 -23.35
CA ARG B 150 22.19 34.92 -22.75
C ARG B 150 22.65 33.46 -22.74
N ARG B 151 22.91 32.93 -21.56
CA ARG B 151 23.29 31.53 -21.40
C ARG B 151 22.05 30.72 -21.03
N ARG B 152 21.67 29.75 -21.88
CA ARG B 152 20.48 28.92 -21.69
C ARG B 152 20.84 27.45 -21.82
N PRO B 153 21.34 26.85 -20.75
CA PRO B 153 21.80 25.45 -20.82
C PRO B 153 20.67 24.44 -20.77
N HIS B 154 20.84 23.36 -21.55
CA HIS B 154 19.94 22.20 -21.63
C HIS B 154 20.75 20.94 -21.89
N ALA B 155 20.25 19.81 -21.37
CA ALA B 155 20.90 18.53 -21.68
C ALA B 155 20.91 18.31 -23.18
N GLY B 156 22.09 17.96 -23.71
CA GLY B 156 22.28 17.79 -25.13
C GLY B 156 22.00 19.00 -25.99
N ALA B 157 21.95 20.19 -25.39
CA ALA B 157 21.74 21.46 -26.08
C ALA B 157 20.36 21.59 -26.71
N LEU B 158 19.40 20.80 -26.26
CA LEU B 158 18.03 20.81 -26.76
C LEU B 158 17.25 21.95 -26.10
N PHE B 159 17.47 23.17 -26.60
CA PHE B 159 16.74 24.28 -26.01
C PHE B 159 15.29 24.30 -26.49
N ASP B 160 14.50 25.15 -25.82
CA ASP B 160 13.06 25.26 -26.06
C ASP B 160 12.81 26.26 -27.20
N VAL B 161 12.36 25.76 -28.36
CA VAL B 161 12.25 26.62 -29.54
C VAL B 161 11.23 27.72 -29.30
N GLU B 162 10.03 27.35 -28.83
CA GLU B 162 8.99 28.34 -28.56
C GLU B 162 9.45 29.43 -27.59
N ASN B 163 10.13 29.05 -26.50
CA ASN B 163 10.59 30.09 -25.58
C ASN B 163 11.65 30.97 -26.20
N THR B 164 12.47 30.40 -27.09
CA THR B 164 13.45 31.21 -27.81
C THR B 164 12.75 32.22 -28.69
N VAL B 165 11.69 31.84 -29.34
CA VAL B 165 11.00 32.78 -30.17
C VAL B 165 10.47 33.91 -29.35
N ASN B 166 10.12 33.63 -28.13
CA ASN B 166 9.59 34.66 -27.33
C ASN B 166 10.62 35.60 -26.81
N ARG B 167 11.80 35.09 -26.58
CA ARG B 167 12.90 35.92 -26.18
C ARG B 167 13.22 36.83 -27.35
N TRP B 168 12.95 36.39 -28.56
CA TRP B 168 13.22 37.22 -29.72
C TRP B 168 12.24 38.41 -29.80
N VAL B 169 10.97 38.19 -29.42
CA VAL B 169 9.97 39.26 -29.42
C VAL B 169 10.29 40.31 -28.35
N LYS B 170 10.44 39.88 -27.09
CA LYS B 170 11.11 40.69 -26.06
C LYS B 170 12.26 41.50 -26.60
N THR B 171 13.25 40.86 -27.24
CA THR B 171 14.39 41.61 -27.71
C THR B 171 13.96 42.67 -28.73
N GLU B 172 13.17 42.26 -29.73
CA GLU B 172 12.66 43.21 -30.71
C GLU B 172 11.94 44.37 -30.03
N HIS B 173 11.15 44.07 -28.99
CA HIS B 173 10.37 45.11 -28.33
C HIS B 173 11.26 46.15 -27.64
N ARG B 174 12.28 45.70 -26.90
N ARG B 174 12.23 45.68 -26.84
CA ARG B 174 13.18 46.67 -26.28
CA ARG B 174 13.23 46.60 -26.29
C ARG B 174 13.96 47.48 -27.32
C ARG B 174 13.80 47.50 -27.39
N ARG B 175 14.23 46.90 -28.49
CA ARG B 175 14.84 47.68 -29.57
C ARG B 175 13.90 48.78 -30.04
N TYR B 176 12.66 48.42 -30.30
CA TYR B 176 11.69 49.40 -30.78
C TYR B 176 11.45 50.50 -29.75
N ARG B 177 11.34 50.14 -28.47
CA ARG B 177 10.84 51.10 -27.49
C ARG B 177 11.95 51.84 -26.75
N GLU B 178 13.11 51.21 -26.56
CA GLU B 178 14.21 51.78 -25.82
C GLU B 178 15.50 51.88 -26.60
N ALA B 179 15.52 51.46 -27.87
CA ALA B 179 16.77 51.43 -28.63
C ALA B 179 17.85 50.66 -27.87
N GLN B 180 17.46 49.65 -27.11
CA GLN B 180 18.37 48.79 -26.39
C GLN B 180 18.11 47.37 -26.86
N PRO B 181 19.14 46.59 -27.26
CA PRO B 181 20.56 46.93 -27.33
C PRO B 181 20.93 47.93 -28.41
N ASN B 182 19.99 48.28 -29.31
CA ASN B 182 20.26 49.20 -30.41
C ASN B 182 18.96 49.58 -31.10
N PRO B 183 18.97 50.57 -32.01
CA PRO B 183 17.74 50.95 -32.73
C PRO B 183 17.07 49.78 -33.42
N ALA B 184 15.76 49.90 -33.69
CA ALA B 184 15.03 48.80 -34.26
C ALA B 184 15.32 48.61 -35.75
N HIS B 185 15.53 49.69 -36.48
CA HIS B 185 15.82 49.61 -37.91
C HIS B 185 17.31 49.70 -38.21
N ALA B 186 18.13 49.08 -37.37
CA ALA B 186 19.50 48.77 -37.68
C ALA B 186 19.56 47.34 -38.22
N ASP B 187 20.51 47.10 -39.12
CA ASP B 187 20.59 45.83 -39.83
C ASP B 187 21.38 44.82 -39.00
N THR B 188 20.85 44.51 -37.81
CA THR B 188 21.47 43.50 -36.97
C THR B 188 20.52 42.33 -36.77
N ARG B 189 21.10 41.19 -36.39
CA ARG B 189 20.35 39.97 -36.17
C ARG B 189 20.55 39.45 -34.76
N TYR B 190 19.50 38.82 -34.24
CA TYR B 190 19.59 37.88 -33.14
C TYR B 190 20.45 36.68 -33.57
N LEU B 191 21.47 36.36 -32.78
CA LEU B 191 22.36 35.24 -33.06
C LEU B 191 22.19 34.18 -31.98
N LYS B 192 21.70 33.00 -32.38
CA LYS B 192 21.46 31.87 -31.50
C LYS B 192 22.54 30.81 -31.71
N VAL B 193 23.26 30.47 -30.65
CA VAL B 193 24.37 29.53 -30.72
C VAL B 193 24.01 28.27 -29.97
N ALA B 194 24.39 27.12 -30.51
CA ALA B 194 24.26 25.85 -29.82
C ALA B 194 25.66 25.26 -29.68
N LEU B 195 26.00 24.78 -28.49
CA LEU B 195 27.36 24.34 -28.18
C LEU B 195 27.34 22.92 -27.64
N TYR B 196 27.74 21.97 -28.47
CA TYR B 196 27.84 20.58 -28.09
C TYR B 196 29.26 20.28 -27.62
N HIS B 197 29.51 19.06 -27.18
CA HIS B 197 30.82 18.72 -26.65
C HIS B 197 31.11 17.25 -26.93
N PHE B 198 32.36 16.87 -26.65
CA PHE B 198 32.92 15.58 -27.05
C PHE B 198 34.23 15.43 -26.29
N SER B 199 34.70 14.21 -26.19
CA SER B 199 35.96 13.87 -25.55
C SER B 199 36.93 13.35 -26.61
N SER B 200 38.01 14.11 -26.84
CA SER B 200 39.05 13.63 -27.74
C SER B 200 39.70 12.36 -27.20
N LEU B 201 39.99 12.31 -25.90
CA LEU B 201 40.74 11.19 -25.32
C LEU B 201 39.89 9.91 -25.22
N ASP B 202 38.61 10.02 -24.87
CA ASP B 202 37.71 8.86 -24.84
C ASP B 202 36.46 9.15 -25.65
N PRO B 203 36.58 9.23 -26.97
CA PRO B 203 35.48 9.78 -27.80
C PRO B 203 34.14 9.06 -27.60
N GLN B 204 34.23 7.86 -27.07
CA GLN B 204 33.12 6.93 -27.02
C GLN B 204 32.36 6.72 -25.77
N HIS B 205 33.01 6.96 -24.68
CA HIS B 205 32.37 6.86 -23.38
C HIS B 205 32.27 8.19 -22.65
N GLU B 206 33.16 9.13 -22.90
CA GLU B 206 33.18 10.35 -22.11
C GLU B 206 32.57 11.53 -22.84
N GLY B 207 31.77 11.28 -23.88
CA GLY B 207 31.14 12.35 -24.62
C GLY B 207 29.84 12.82 -24.00
N CYS B 208 28.89 13.21 -24.85
CA CYS B 208 27.62 13.75 -24.39
C CYS B 208 26.67 12.58 -24.11
N ALA B 209 26.41 12.32 -22.83
CA ALA B 209 25.62 11.16 -22.47
C ALA B 209 24.20 11.28 -22.99
N ALA B 210 23.69 12.51 -23.15
CA ALA B 210 22.33 12.72 -23.66
C ALA B 210 22.20 12.29 -25.12
N HIS B 211 23.31 12.23 -25.85
CA HIS B 211 23.32 11.68 -27.21
C HIS B 211 24.18 10.42 -27.30
N GLY B 212 24.23 9.66 -26.20
CA GLY B 212 24.94 8.40 -26.17
C GLY B 212 26.41 8.50 -26.46
N SER B 213 27.02 9.68 -26.23
CA SER B 213 28.45 9.88 -26.51
C SER B 213 28.75 9.72 -28.00
N ASP B 214 27.78 10.05 -28.84
CA ASP B 214 27.94 10.09 -30.29
C ASP B 214 28.09 11.56 -30.70
N ASP B 215 29.33 11.99 -30.96
CA ASP B 215 29.61 13.37 -31.33
C ASP B 215 28.78 13.82 -32.52
N ALA B 216 28.71 12.99 -33.57
CA ALA B 216 27.93 13.35 -34.75
C ALA B 216 26.47 13.57 -34.39
N LEU B 217 25.96 12.79 -33.44
CA LEU B 217 24.56 12.93 -33.04
C LEU B 217 24.32 14.23 -32.30
N ALA B 218 25.18 14.55 -31.30
CA ALA B 218 24.99 15.79 -30.55
C ALA B 218 25.08 17.00 -31.47
N ALA B 219 25.98 16.96 -32.46
CA ALA B 219 26.08 18.07 -33.39
C ALA B 219 24.83 18.18 -34.25
N SER B 220 24.23 17.03 -34.60
CA SER B 220 23.07 17.03 -35.48
C SER B 220 21.83 17.55 -34.76
N CYS B 221 21.57 17.03 -33.56
CA CYS B 221 20.44 17.55 -32.80
C CYS B 221 20.64 19.03 -32.48
N GLY B 222 21.86 19.43 -32.12
CA GLY B 222 22.12 20.83 -31.88
C GLY B 222 21.74 21.69 -33.07
N LEU B 223 22.23 21.32 -34.25
CA LEU B 223 21.90 22.07 -35.47
C LEU B 223 20.42 22.00 -35.78
N SER B 224 19.81 20.85 -35.54
CA SER B 224 18.40 20.71 -35.84
C SER B 224 17.55 21.67 -35.02
N ARG B 225 17.92 21.91 -33.75
CA ARG B 225 17.19 22.89 -32.94
C ARG B 225 17.41 24.31 -33.45
N LEU B 226 18.65 24.66 -33.79
CA LEU B 226 18.94 25.94 -34.41
C LEU B 226 18.04 26.17 -35.63
N LYS B 227 18.00 25.20 -36.55
CA LYS B 227 17.22 25.38 -37.76
C LYS B 227 15.73 25.57 -37.45
N ASP B 228 15.22 24.84 -36.47
CA ASP B 228 13.80 24.98 -36.11
C ASP B 228 13.50 26.37 -35.56
N PHE B 229 14.35 26.88 -34.66
CA PHE B 229 14.17 28.25 -34.17
C PHE B 229 14.13 29.24 -35.32
N GLN B 230 15.07 29.14 -36.24
CA GLN B 230 15.11 30.02 -37.39
C GLN B 230 13.88 29.93 -38.24
N GLN B 231 13.39 28.73 -38.50
CA GLN B 231 12.17 28.56 -39.24
C GLN B 231 10.98 29.10 -38.49
N ALA B 232 10.94 28.88 -37.20
CA ALA B 232 9.84 29.41 -36.38
C ALA B 232 9.73 30.93 -36.48
N VAL B 233 10.86 31.63 -36.47
CA VAL B 233 10.83 33.09 -36.55
C VAL B 233 10.33 33.54 -37.92
N GLU B 234 10.90 32.98 -39.00
CA GLU B 234 10.51 33.37 -40.36
C GLU B 234 9.03 33.16 -40.61
N ASN B 235 8.49 32.05 -40.12
CA ASN B 235 7.09 31.75 -40.36
C ASN B 235 6.13 32.47 -39.44
N SER B 236 6.62 33.09 -38.36
CA SER B 236 5.71 33.65 -37.38
C SER B 236 5.58 35.16 -37.46
N PHE B 237 6.37 35.84 -38.28
CA PHE B 237 6.34 37.30 -38.31
C PHE B 237 6.45 37.78 -39.74
N CYS B 238 5.87 38.96 -40.00
CA CYS B 238 5.84 39.53 -41.33
C CYS B 238 7.23 40.05 -41.76
N CYS B 239 7.29 40.47 -43.02
CA CYS B 239 8.39 41.30 -43.54
C CYS B 239 9.75 40.67 -43.30
N GLY B 240 9.90 39.42 -43.72
CA GLY B 240 11.20 38.77 -43.80
C GLY B 240 12.01 38.78 -42.51
N ALA B 241 11.36 38.49 -41.39
CA ALA B 241 12.10 38.35 -40.14
C ALA B 241 12.98 37.11 -40.16
N SER B 242 14.11 37.17 -39.45
CA SER B 242 14.98 36.00 -39.39
C SER B 242 15.99 36.18 -38.26
N VAL B 243 16.73 35.09 -38.00
CA VAL B 243 17.83 35.03 -37.04
C VAL B 243 19.04 34.40 -37.72
N ASP B 244 20.21 34.59 -37.12
CA ASP B 244 21.44 33.91 -37.51
C ASP B 244 21.73 32.76 -36.54
N LEU B 245 22.48 31.77 -37.01
CA LEU B 245 22.76 30.55 -36.26
C LEU B 245 24.25 30.27 -36.20
N LEU B 246 24.68 29.56 -35.15
CA LEU B 246 26.07 29.14 -35.05
C LEU B 246 26.15 27.81 -34.29
N LEU B 247 26.71 26.78 -34.92
CA LEU B 247 26.92 25.49 -34.27
C LEU B 247 28.39 25.34 -33.88
N MET B 248 28.63 24.91 -32.64
CA MET B 248 29.97 24.78 -32.10
C MET B 248 30.02 23.57 -31.17
N GLY B 249 31.24 23.06 -31.01
CA GLY B 249 31.52 22.06 -30.01
C GLY B 249 32.77 22.43 -29.24
N ILE B 250 32.94 21.76 -28.09
CA ILE B 250 34.11 21.95 -27.26
C ILE B 250 34.53 20.58 -26.77
N ASP B 251 35.85 20.37 -26.67
CA ASP B 251 36.43 19.12 -26.22
C ASP B 251 36.58 19.16 -24.70
N THR B 252 35.91 18.25 -23.99
CA THR B 252 35.96 18.35 -22.54
C THR B 252 37.31 17.92 -21.97
N ASP B 253 38.22 17.42 -22.79
CA ASP B 253 39.53 17.04 -22.28
C ASP B 253 40.52 18.19 -22.32
N THR B 254 40.45 19.02 -23.37
CA THR B 254 41.41 20.07 -23.66
C THR B 254 40.82 21.48 -23.70
N ASP B 255 39.49 21.62 -23.65
CA ASP B 255 38.73 22.86 -23.78
C ASP B 255 38.86 23.52 -25.15
N ALA B 256 39.49 22.87 -26.13
CA ALA B 256 39.50 23.40 -27.48
C ALA B 256 38.12 23.30 -28.12
N ILE B 257 37.69 24.38 -28.78
CA ILE B 257 36.42 24.42 -29.50
C ILE B 257 36.64 23.98 -30.95
N ARG B 258 35.58 23.50 -31.59
CA ARG B 258 35.55 23.48 -33.04
C ARG B 258 34.25 24.10 -33.50
N VAL B 259 34.30 24.79 -34.64
CA VAL B 259 33.20 25.58 -35.17
C VAL B 259 32.87 25.12 -36.58
N HIS B 260 31.57 24.99 -36.86
CA HIS B 260 31.06 24.75 -38.20
C HIS B 260 30.72 26.12 -38.76
N VAL B 261 31.67 26.74 -39.45
CA VAL B 261 31.44 28.10 -39.95
C VAL B 261 30.30 28.05 -40.96
N PRO B 262 29.20 28.76 -40.70
CA PRO B 262 28.06 28.75 -41.60
C PRO B 262 28.18 29.80 -42.70
N GLY B 263 27.37 29.59 -43.76
CA GLY B 263 27.19 30.59 -44.78
C GLY B 263 26.01 31.48 -44.47
N MET B 264 25.97 32.66 -45.10
CA MET B 264 25.09 33.77 -44.74
C MET B 264 23.75 33.38 -44.13
N ASP B 265 23.05 32.43 -44.74
CA ASP B 265 21.68 32.09 -44.41
C ASP B 265 21.56 31.00 -43.34
N GLY B 266 22.67 30.60 -42.71
CA GLY B 266 22.65 29.61 -41.66
C GLY B 266 23.14 28.23 -42.09
N SER B 267 23.22 27.95 -43.41
CA SER B 267 23.76 26.72 -43.96
C SER B 267 25.03 26.27 -43.27
N THR B 268 24.97 25.15 -42.59
CA THR B 268 26.16 24.64 -41.94
C THR B 268 26.27 23.16 -42.26
N ARG B 269 27.47 22.62 -42.21
CA ARG B 269 27.65 21.20 -42.44
C ARG B 269 28.13 20.51 -41.20
N LEU B 270 27.65 19.32 -40.95
CA LEU B 270 27.94 18.57 -39.75
C LEU B 270 29.29 17.86 -39.80
N ASP B 271 29.78 17.51 -41.01
CA ASP B 271 31.02 16.76 -41.17
C ASP B 271 32.25 17.64 -41.38
N ARG B 272 32.09 18.95 -41.57
CA ARG B 272 33.21 19.86 -41.74
C ARG B 272 33.20 20.92 -40.64
N TRP B 273 34.38 21.18 -40.08
CA TRP B 273 34.50 22.17 -39.02
C TRP B 273 35.94 22.65 -38.94
N LEU B 274 36.13 23.78 -38.26
CA LEU B 274 37.45 24.32 -37.96
C LEU B 274 37.77 24.03 -36.51
N ASP B 275 38.87 23.32 -36.26
CA ASP B 275 39.27 22.94 -34.91
C ASP B 275 40.29 23.93 -34.35
N ALA B 276 40.07 24.36 -33.10
CA ALA B 276 40.96 25.34 -32.49
C ALA B 276 42.38 24.81 -32.35
N ARG B 277 42.55 23.52 -32.06
CA ARG B 277 43.88 22.93 -32.11
C ARG B 277 44.59 23.25 -33.43
N ASP B 278 43.90 23.06 -34.56
CA ASP B 278 44.50 23.34 -35.86
C ASP B 278 44.76 24.83 -36.03
N VAL B 279 43.84 25.67 -35.58
CA VAL B 279 44.05 27.12 -35.66
C VAL B 279 45.27 27.52 -34.84
N TYR B 280 45.33 27.01 -33.60
CA TYR B 280 46.43 27.29 -32.67
C TYR B 280 47.80 27.02 -33.33
N ASP B 281 47.93 25.88 -34.00
CA ASP B 281 49.22 25.54 -34.62
C ASP B 281 49.53 26.41 -35.82
N ALA B 282 48.52 26.76 -36.61
CA ALA B 282 48.79 27.55 -37.80
C ALA B 282 49.29 28.94 -37.47
N THR B 283 49.08 29.40 -36.25
CA THR B 283 49.39 30.75 -35.84
C THR B 283 50.49 30.83 -34.81
N LEU B 284 50.84 29.69 -34.19
CA LEU B 284 51.76 29.65 -33.05
C LEU B 284 53.06 30.39 -33.31
N GLY B 285 53.45 30.57 -34.56
CA GLY B 285 54.73 31.18 -34.81
C GLY B 285 54.73 32.61 -35.31
N LEU B 286 53.61 33.33 -35.18
CA LEU B 286 53.45 34.62 -35.85
C LEU B 286 53.36 35.79 -34.87
N PRO B 287 53.55 37.03 -35.34
CA PRO B 287 53.23 38.18 -34.51
C PRO B 287 51.73 38.25 -34.27
N PRO B 288 51.30 38.81 -33.13
CA PRO B 288 49.87 38.83 -32.83
C PRO B 288 49.00 39.31 -33.99
N ASP B 289 49.32 40.45 -34.59
CA ASP B 289 48.43 40.98 -35.62
C ASP B 289 48.41 40.07 -36.84
N GLN B 290 49.53 39.41 -37.13
CA GLN B 290 49.56 38.47 -38.24
C GLN B 290 48.85 37.17 -37.87
N ALA B 291 49.07 36.69 -36.64
CA ALA B 291 48.28 35.56 -36.16
C ALA B 291 46.79 35.85 -36.26
N ARG B 292 46.36 37.02 -35.76
CA ARG B 292 44.95 37.41 -35.86
C ARG B 292 44.48 37.40 -37.32
N GLN B 293 45.27 37.99 -38.22
CA GLN B 293 44.90 37.99 -39.63
C GLN B 293 44.81 36.58 -40.21
N ARG B 294 45.62 35.65 -39.71
CA ARG B 294 45.50 34.28 -40.20
C ARG B 294 44.22 33.61 -39.68
N VAL B 295 43.85 33.85 -38.42
CA VAL B 295 42.62 33.25 -37.90
C VAL B 295 41.44 33.61 -38.79
N SER B 296 41.29 34.90 -39.11
CA SER B 296 40.25 35.33 -40.05
C SER B 296 40.32 34.56 -41.37
N ALA B 297 41.51 34.48 -41.97
CA ALA B 297 41.64 33.73 -43.22
C ALA B 297 41.18 32.29 -43.04
N LEU B 298 41.64 31.63 -41.97
CA LEU B 298 41.21 30.25 -41.71
C LEU B 298 39.69 30.15 -41.52
N VAL B 299 39.11 31.00 -40.66
CA VAL B 299 37.65 30.97 -40.50
C VAL B 299 36.96 31.15 -41.84
N GLN B 300 37.43 32.15 -42.61
CA GLN B 300 36.84 32.46 -43.92
C GLN B 300 36.90 31.26 -44.87
N GLU B 301 38.07 30.66 -45.04
CA GLU B 301 38.19 29.48 -45.90
C GLU B 301 37.34 28.33 -45.40
N ALA B 302 37.16 28.20 -44.09
CA ALA B 302 36.43 27.08 -43.54
C ALA B 302 34.92 27.19 -43.73
N ALA B 303 34.40 28.30 -44.26
CA ALA B 303 32.94 28.44 -44.33
C ALA B 303 32.32 27.41 -45.26
N ALA B 304 31.25 26.78 -44.78
CA ALA B 304 30.47 25.82 -45.54
C ALA B 304 30.27 26.29 -46.97
N SER B 305 29.94 27.58 -47.09
CA SER B 305 29.79 28.35 -48.32
C SER B 305 29.79 29.82 -47.92
N VAL B 306 29.87 30.70 -48.91
CA VAL B 306 30.20 32.11 -48.68
C VAL B 306 29.58 32.61 -47.38
N PRO B 307 30.39 33.01 -46.40
CA PRO B 307 29.86 33.40 -45.09
C PRO B 307 29.62 34.90 -44.97
N ASP B 308 28.81 35.24 -43.98
CA ASP B 308 28.58 36.64 -43.65
C ASP B 308 29.83 37.24 -42.99
N PRO B 309 30.29 38.39 -43.46
CA PRO B 309 31.56 38.93 -42.92
C PRO B 309 31.57 39.18 -41.43
N GLY B 310 30.47 39.67 -40.85
CA GLY B 310 30.44 39.82 -39.41
C GLY B 310 30.61 38.50 -38.70
N MET B 311 29.98 37.44 -39.25
CA MET B 311 30.16 36.10 -38.69
C MET B 311 31.62 35.71 -38.67
N VAL B 312 32.35 35.99 -39.74
CA VAL B 312 33.79 35.71 -39.72
C VAL B 312 34.46 36.49 -38.59
N THR B 313 34.18 37.79 -38.46
CA THR B 313 34.88 38.55 -37.43
C THR B 313 34.60 37.98 -36.05
N LEU B 314 33.32 37.73 -35.74
CA LEU B 314 33.01 37.22 -34.43
C LEU B 314 33.67 35.86 -34.21
N VAL B 315 33.48 34.94 -35.18
CA VAL B 315 34.01 33.60 -35.02
C VAL B 315 35.53 33.65 -34.88
N ALA B 316 36.18 34.53 -35.64
CA ALA B 316 37.62 34.69 -35.48
C ALA B 316 37.95 35.12 -34.05
N ARG B 317 37.15 36.03 -33.49
CA ARG B 317 37.40 36.49 -32.13
C ARG B 317 37.24 35.36 -31.12
N LEU B 318 36.25 34.49 -31.33
CA LEU B 318 36.09 33.35 -30.43
C LEU B 318 37.31 32.41 -30.47
N PHE B 319 37.88 32.15 -31.66
CA PHE B 319 39.09 31.32 -31.76
C PHE B 319 40.24 31.98 -31.03
N GLU B 320 40.44 33.29 -31.27
CA GLU B 320 41.48 34.02 -30.56
C GLU B 320 41.34 33.84 -29.05
N HIS B 321 40.12 33.89 -28.52
CA HIS B 321 39.93 33.76 -27.08
C HIS B 321 40.19 32.32 -26.63
N ASN B 322 39.65 31.34 -27.37
CA ASN B 322 39.83 29.95 -27.00
C ASN B 322 41.31 29.57 -26.96
N ILE B 323 42.13 30.20 -27.80
CA ILE B 323 43.57 29.93 -27.76
C ILE B 323 44.11 30.11 -26.34
N SER B 324 43.69 31.19 -25.65
CA SER B 324 44.10 31.35 -24.25
C SER B 324 43.64 30.19 -23.38
N GLN B 325 42.39 29.76 -23.53
CA GLN B 325 41.92 28.62 -22.75
C GLN B 325 42.69 27.36 -23.09
N ILE B 326 43.15 27.23 -24.35
CA ILE B 326 43.93 26.06 -24.73
C ILE B 326 45.26 26.06 -24.00
N ASP B 327 45.98 27.20 -24.03
CA ASP B 327 47.20 27.34 -23.22
C ASP B 327 46.90 27.14 -21.75
N TYR B 328 45.72 27.60 -21.30
CA TYR B 328 45.32 27.45 -19.90
C TYR B 328 45.39 25.99 -19.48
N VAL B 329 44.76 25.11 -20.25
CA VAL B 329 44.75 23.71 -19.86
C VAL B 329 46.14 23.12 -19.99
N ARG B 330 46.87 23.53 -21.02
CA ARG B 330 48.24 23.04 -21.18
C ARG B 330 49.14 23.50 -20.04
N GLN B 331 48.95 24.74 -19.58
CA GLN B 331 49.88 25.26 -18.58
CA GLN B 331 49.86 25.29 -18.58
C GLN B 331 49.48 24.90 -17.16
N PHE B 332 48.20 24.64 -16.89
CA PHE B 332 47.76 24.29 -15.53
C PHE B 332 47.30 22.85 -15.35
N HIS B 333 47.00 22.11 -16.42
CA HIS B 333 46.39 20.79 -16.28
C HIS B 333 47.11 19.76 -17.16
N GLY B 334 48.40 19.96 -17.40
CA GLY B 334 49.16 19.01 -18.22
C GLY B 334 48.61 18.78 -19.60
N GLY B 335 47.80 19.68 -20.14
CA GLY B 335 47.20 19.49 -21.45
C GLY B 335 45.97 18.62 -21.49
N ALA B 336 45.46 18.16 -20.35
CA ALA B 336 44.32 17.25 -20.30
C ALA B 336 43.79 17.07 -18.88
N TYR B 337 42.51 17.36 -18.67
CA TYR B 337 41.95 17.39 -17.32
C TYR B 337 41.93 15.99 -16.70
N ASP B 338 42.50 15.85 -15.50
CA ASP B 338 42.47 14.56 -14.83
C ASP B 338 41.04 14.11 -14.54
N ASP B 339 40.12 15.05 -14.31
CA ASP B 339 38.73 14.72 -14.07
C ASP B 339 38.03 14.84 -15.42
N ALA B 340 38.12 13.75 -16.19
CA ALA B 340 37.52 13.70 -17.51
C ALA B 340 36.02 13.47 -17.43
N GLY B 341 35.56 12.75 -16.42
CA GLY B 341 34.15 12.52 -16.22
C GLY B 341 33.54 13.55 -15.28
N HIS B 342 32.40 13.17 -14.71
CA HIS B 342 31.67 14.04 -13.82
C HIS B 342 32.28 14.04 -12.43
N ALA B 343 32.54 15.24 -11.89
CA ALA B 343 33.10 15.31 -10.54
C ALA B 343 32.45 16.43 -9.74
N GLU B 344 31.20 16.73 -10.02
CA GLU B 344 30.53 17.94 -9.55
C GLU B 344 30.29 17.87 -8.04
N ARG B 345 30.18 19.05 -7.43
CA ARG B 345 30.04 19.13 -5.98
C ARG B 345 28.58 19.10 -5.53
N PHE B 346 27.66 19.60 -6.36
CA PHE B 346 26.25 19.54 -6.02
C PHE B 346 25.44 19.56 -7.32
N ILE B 347 24.19 19.16 -7.22
CA ILE B 347 23.27 19.21 -8.34
C ILE B 347 22.50 20.52 -8.26
N GLY B 348 22.41 21.23 -9.38
CA GLY B 348 21.58 22.41 -9.50
C GLY B 348 20.44 22.06 -10.44
N VAL B 349 19.22 22.45 -10.08
CA VAL B 349 18.04 22.11 -10.85
C VAL B 349 17.10 23.31 -10.89
N GLY B 350 16.53 23.56 -12.07
CA GLY B 350 15.59 24.65 -12.30
C GLY B 350 16.04 25.50 -13.46
N ILE B 351 16.31 26.78 -13.20
CA ILE B 351 16.82 27.71 -14.20
C ILE B 351 18.35 27.76 -14.07
N GLY B 352 19.03 27.90 -15.21
CA GLY B 352 20.49 28.05 -15.21
C GLY B 352 20.97 29.03 -14.14
N PHE B 353 22.04 28.66 -13.44
CA PHE B 353 22.62 29.49 -12.39
C PHE B 353 23.42 30.61 -13.00
N LYS B 354 22.96 31.84 -12.80
CA LYS B 354 23.68 33.00 -13.29
C LYS B 354 25.16 32.98 -12.91
N GLU B 355 25.50 32.37 -11.77
CA GLU B 355 26.80 32.62 -11.16
C GLU B 355 27.77 31.43 -11.20
N ILE B 356 27.42 30.32 -11.84
CA ILE B 356 28.29 29.16 -11.89
C ILE B 356 29.02 29.16 -13.22
N HIS B 357 30.34 29.29 -13.17
CA HIS B 357 31.12 29.42 -14.40
C HIS B 357 32.37 28.58 -14.30
N LEU B 358 32.31 27.51 -13.52
CA LEU B 358 33.48 26.70 -13.21
C LEU B 358 33.26 25.25 -13.64
N ARG B 359 34.26 24.67 -14.30
CA ARG B 359 34.15 23.30 -14.78
C ARG B 359 33.94 22.35 -13.60
N ASN B 360 33.00 21.42 -13.78
CA ASN B 360 32.76 20.33 -12.81
C ASN B 360 32.43 20.82 -11.41
N LEU B 361 31.73 21.95 -11.30
CA LEU B 361 31.21 22.36 -10.00
C LEU B 361 29.76 21.93 -9.79
N THR B 362 28.91 22.03 -10.81
CA THR B 362 27.47 21.80 -10.68
C THR B 362 26.98 20.93 -11.83
N TYR B 363 26.50 19.74 -11.49
CA TYR B 363 25.63 19.01 -12.40
C TYR B 363 24.29 19.73 -12.50
N PHE B 364 24.06 20.43 -13.61
CA PHE B 364 22.82 21.16 -13.82
C PHE B 364 21.80 20.32 -14.57
N ALA B 365 20.55 20.37 -14.11
CA ALA B 365 19.43 19.83 -14.87
C ALA B 365 18.36 20.90 -14.99
N TYR B 366 18.03 21.29 -16.20
CA TYR B 366 16.97 22.27 -16.40
C TYR B 366 15.65 21.64 -16.04
N MET B 367 14.78 22.39 -15.37
CA MET B 367 13.38 21.98 -15.28
C MET B 367 12.53 23.16 -14.87
N ASP B 368 11.57 23.49 -15.73
CA ASP B 368 10.51 24.44 -15.45
C ASP B 368 9.28 23.73 -14.91
N THR B 369 9.12 22.46 -15.22
CA THR B 369 8.13 21.59 -14.61
C THR B 369 8.84 20.34 -14.12
N VAL B 370 8.44 19.83 -12.96
CA VAL B 370 8.96 18.55 -12.49
C VAL B 370 8.52 17.45 -13.42
N GLU B 371 7.23 17.37 -13.70
CA GLU B 371 6.68 16.36 -14.60
C GLU B 371 6.99 16.79 -16.04
N GLU B 372 8.28 16.74 -16.37
CA GLU B 372 8.77 17.31 -17.63
C GLU B 372 10.30 17.32 -17.62
N GLY B 373 10.90 17.22 -16.43
CA GLY B 373 12.34 17.29 -16.31
C GLY B 373 12.91 16.24 -15.37
N ALA B 374 12.09 15.26 -14.98
CA ALA B 374 12.55 14.22 -14.07
C ALA B 374 13.74 13.48 -14.64
N ALA B 375 13.64 13.03 -15.90
CA ALA B 375 14.71 12.28 -16.57
C ALA B 375 16.10 12.86 -16.31
N ASP B 376 16.32 14.14 -16.63
CA ASP B 376 17.64 14.74 -16.41
C ASP B 376 18.02 14.73 -14.95
N LEU B 377 17.06 14.95 -14.05
CA LEU B 377 17.39 14.90 -12.63
C LEU B 377 17.82 13.50 -12.24
N ASP B 378 17.15 12.49 -12.79
CA ASP B 378 17.52 11.11 -12.54
C ASP B 378 18.95 10.83 -13.00
N VAL B 379 19.32 11.23 -14.21
CA VAL B 379 20.72 11.05 -14.62
C VAL B 379 21.65 11.68 -13.58
N GLY B 380 21.28 12.87 -13.08
CA GLY B 380 22.13 13.56 -12.12
C GLY B 380 22.19 12.87 -10.77
N VAL B 381 21.08 12.35 -10.29
CA VAL B 381 21.12 11.61 -9.03
C VAL B 381 22.01 10.38 -9.18
N LYS B 382 21.85 9.61 -10.27
CA LYS B 382 22.65 8.39 -10.39
C LYS B 382 24.13 8.72 -10.50
N ILE B 383 24.49 9.78 -11.22
CA ILE B 383 25.86 10.26 -11.17
C ILE B 383 26.33 10.43 -9.73
N PHE B 384 25.56 11.16 -8.92
CA PHE B 384 25.96 11.41 -7.53
C PHE B 384 25.82 10.19 -6.61
N LYS B 385 24.99 9.20 -6.96
CA LYS B 385 24.99 7.96 -6.18
C LYS B 385 26.40 7.35 -6.22
N GLY B 386 27.15 7.59 -7.29
CA GLY B 386 28.54 7.16 -7.38
C GLY B 386 29.51 8.14 -6.72
N LEU B 387 29.45 9.43 -7.13
CA LEU B 387 30.35 10.43 -6.55
C LEU B 387 30.22 10.51 -5.02
N ASN B 388 28.99 10.54 -4.50
CA ASN B 388 28.77 10.85 -3.09
C ASN B 388 28.25 9.66 -2.28
N VAL B 389 27.13 9.05 -2.68
CA VAL B 389 26.54 8.05 -1.80
C VAL B 389 27.49 6.89 -1.57
N SER B 390 28.37 6.60 -2.53
CA SER B 390 29.32 5.49 -2.39
C SER B 390 30.36 5.76 -1.31
N ARG B 391 30.61 7.04 -1.02
CA ARG B 391 31.47 7.50 0.06
C ARG B 391 30.71 7.75 1.35
N GLY B 392 29.40 7.49 1.37
CA GLY B 392 28.57 7.77 2.53
C GLY B 392 27.97 9.15 2.63
N LEU B 393 28.08 9.98 1.58
CA LEU B 393 27.68 11.38 1.57
C LEU B 393 26.38 11.59 0.79
N PRO B 394 25.57 12.57 1.21
CA PRO B 394 24.27 12.79 0.58
C PRO B 394 24.40 13.56 -0.74
N VAL B 395 23.26 13.70 -1.41
CA VAL B 395 23.23 14.29 -2.74
C VAL B 395 22.73 15.71 -2.58
N PRO B 396 23.58 16.70 -2.66
CA PRO B 396 23.15 18.07 -2.34
C PRO B 396 22.50 18.71 -3.54
N VAL B 397 21.19 18.97 -3.44
CA VAL B 397 20.43 19.55 -4.54
C VAL B 397 20.16 21.02 -4.26
N VAL B 398 20.42 21.88 -5.23
CA VAL B 398 20.20 23.32 -5.12
C VAL B 398 19.21 23.73 -6.20
N VAL B 399 17.98 24.09 -5.78
CA VAL B 399 16.93 24.54 -6.69
C VAL B 399 17.08 26.03 -6.97
N ARG B 400 16.98 26.43 -8.25
CA ARG B 400 17.05 27.85 -8.63
C ARG B 400 15.90 28.25 -9.54
N PHE B 401 15.33 29.43 -9.27
CA PHE B 401 14.42 30.05 -10.24
C PHE B 401 14.65 31.56 -10.25
N ASP B 402 14.86 32.11 -11.44
CA ASP B 402 14.89 33.55 -11.63
C ASP B 402 13.49 34.12 -11.57
N TYR B 403 13.41 35.42 -11.26
CA TYR B 403 12.13 36.12 -11.29
C TYR B 403 12.40 37.58 -11.57
N HIS B 404 11.38 38.28 -12.06
CA HIS B 404 11.50 39.70 -12.37
C HIS B 404 11.08 40.50 -11.13
N GLY B 405 12.09 41.01 -10.41
CA GLY B 405 11.81 41.73 -9.18
C GLY B 405 10.85 42.87 -9.41
N GLN B 406 10.92 43.50 -10.57
CA GLN B 406 10.07 44.65 -10.81
C GLN B 406 8.61 44.30 -11.03
N VAL B 407 8.22 43.02 -10.97
CA VAL B 407 6.83 42.62 -11.15
C VAL B 407 6.25 42.27 -9.79
N PRO B 408 5.16 42.91 -9.36
CA PRO B 408 4.58 42.56 -8.06
C PRO B 408 4.17 41.09 -8.03
N GLY B 409 4.44 40.45 -6.89
CA GLY B 409 4.16 39.05 -6.73
C GLY B 409 5.22 38.09 -7.26
N ALA B 410 6.08 38.53 -8.19
CA ALA B 410 6.94 37.58 -8.88
C ALA B 410 7.82 36.79 -7.91
N ARG B 411 8.41 37.46 -6.90
CA ARG B 411 9.28 36.74 -5.97
C ARG B 411 8.52 35.63 -5.26
N ASP B 412 7.34 35.92 -4.75
CA ASP B 412 6.57 34.90 -4.04
C ASP B 412 6.17 33.76 -4.92
N ARG B 413 5.87 34.02 -6.17
CA ARG B 413 5.53 32.92 -7.07
C ARG B 413 6.73 32.01 -7.29
N ALA B 414 7.91 32.58 -7.55
CA ALA B 414 9.13 31.77 -7.70
C ALA B 414 9.44 30.99 -6.43
N VAL B 415 9.26 31.61 -5.26
CA VAL B 415 9.47 30.89 -4.00
C VAL B 415 8.50 29.73 -3.89
N ARG B 416 7.25 29.95 -4.32
CA ARG B 416 6.25 28.88 -4.30
C ARG B 416 6.51 27.85 -5.38
N HIS B 417 7.24 28.21 -6.43
CA HIS B 417 7.62 27.26 -7.45
C HIS B 417 8.80 26.43 -6.97
N CYS B 418 9.71 27.05 -6.22
CA CYS B 418 10.76 26.29 -5.55
C CYS B 418 10.18 25.18 -4.69
N GLN B 419 9.07 25.45 -3.98
CA GLN B 419 8.55 24.47 -3.04
C GLN B 419 7.86 23.30 -3.71
N ARG B 420 7.21 23.51 -4.85
CA ARG B 420 6.64 22.37 -5.56
C ARG B 420 7.73 21.48 -6.15
N VAL B 421 8.89 22.03 -6.48
CA VAL B 421 10.00 21.20 -6.94
C VAL B 421 10.55 20.38 -5.79
N GLN B 422 10.74 21.01 -4.63
CA GLN B 422 11.17 20.28 -3.44
C GLN B 422 10.19 19.19 -3.10
N THR B 423 8.89 19.53 -3.09
CA THR B 423 7.88 18.51 -2.81
C THR B 423 7.99 17.37 -3.81
N ALA B 424 8.24 17.72 -5.08
CA ALA B 424 8.34 16.71 -6.12
C ALA B 424 9.62 15.89 -5.97
N ILE B 425 10.73 16.53 -5.61
CA ILE B 425 11.95 15.78 -5.36
C ILE B 425 11.73 14.77 -4.24
N GLU B 426 11.09 15.20 -3.14
CA GLU B 426 10.91 14.31 -1.99
C GLU B 426 10.08 13.10 -2.36
N SER B 427 9.03 13.28 -3.17
CA SER B 427 8.25 12.14 -3.64
C SER B 427 9.09 11.19 -4.48
N ARG B 428 9.96 11.75 -5.34
CA ARG B 428 10.55 10.95 -6.41
C ARG B 428 11.68 10.04 -5.93
N TYR B 429 12.48 10.50 -4.96
CA TYR B 429 13.54 9.67 -4.40
C TYR B 429 13.24 9.36 -2.95
N PRO B 430 12.09 8.73 -2.67
CA PRO B 430 11.66 8.58 -1.27
C PRO B 430 12.65 7.79 -0.42
N GLU B 431 13.30 6.78 -0.99
CA GLU B 431 14.29 6.04 -0.20
C GLU B 431 15.50 6.92 0.11
N LEU B 432 16.13 7.48 -0.92
CA LEU B 432 17.29 8.33 -0.68
C LEU B 432 16.98 9.39 0.37
N PHE B 433 15.77 9.92 0.33
CA PHE B 433 15.37 10.88 1.34
C PHE B 433 15.45 10.27 2.73
N GLN B 434 14.48 9.41 3.05
CA GLN B 434 14.43 8.65 4.31
C GLN B 434 15.80 8.42 4.95
N GLN B 435 16.79 8.03 4.14
CA GLN B 435 18.08 7.60 4.66
C GLN B 435 19.04 8.75 4.96
N GLY B 436 18.67 9.98 4.62
CA GLY B 436 19.55 11.10 4.85
C GLY B 436 20.54 11.34 3.75
N LEU B 437 20.28 10.83 2.54
CA LEU B 437 21.23 10.89 1.43
C LEU B 437 20.78 11.85 0.33
N LEU B 438 19.73 12.64 0.56
CA LEU B 438 19.29 13.63 -0.41
C LEU B 438 18.74 14.86 0.31
N HIS B 439 19.28 16.04 -0.01
CA HIS B 439 18.82 17.27 0.61
C HIS B 439 18.70 18.34 -0.45
N ALA B 440 17.85 19.33 -0.19
CA ALA B 440 17.60 20.38 -1.15
C ALA B 440 17.66 21.75 -0.46
N LEU B 441 18.32 22.70 -1.15
CA LEU B 441 18.27 24.11 -0.81
C LEU B 441 17.48 24.84 -1.91
N LEU B 442 16.57 25.73 -1.51
CA LEU B 442 15.75 26.51 -2.43
C LEU B 442 16.31 27.91 -2.60
N THR B 443 16.48 28.37 -3.84
CA THR B 443 17.04 29.70 -4.05
C THR B 443 16.25 30.43 -5.14
N VAL B 444 16.24 31.75 -5.07
CA VAL B 444 15.61 32.57 -6.09
C VAL B 444 16.50 33.78 -6.40
N ARG B 445 16.43 34.25 -7.64
CA ARG B 445 17.26 35.37 -8.05
C ARG B 445 16.39 36.40 -8.76
N ASP B 446 16.44 37.64 -8.29
CA ASP B 446 15.88 38.77 -9.02
C ASP B 446 16.70 39.01 -10.29
N GLN B 447 16.20 38.52 -11.42
CA GLN B 447 16.91 38.75 -12.67
C GLN B 447 16.79 40.20 -13.17
N ASP B 448 16.01 41.03 -12.49
CA ASP B 448 15.84 42.42 -12.93
C ASP B 448 16.99 43.32 -12.48
N ARG B 449 17.92 42.80 -11.69
CA ARG B 449 19.07 43.59 -11.29
C ARG B 449 20.18 42.65 -10.82
N HIS B 450 21.41 43.18 -10.78
CA HIS B 450 22.59 42.35 -10.49
C HIS B 450 22.79 42.22 -8.98
N THR B 451 22.07 41.26 -8.40
CA THR B 451 22.05 41.08 -6.96
C THR B 451 22.08 39.59 -6.63
N PRO B 452 22.63 39.22 -5.47
CA PRO B 452 22.77 37.79 -5.15
C PRO B 452 21.44 37.05 -5.13
N ALA B 453 21.50 35.76 -5.46
CA ALA B 453 20.40 34.86 -5.18
C ALA B 453 20.07 34.91 -3.71
N GLU B 454 18.90 34.42 -3.34
CA GLU B 454 18.53 34.37 -1.93
C GLU B 454 17.86 33.04 -1.58
N ALA B 455 18.26 32.48 -0.45
CA ALA B 455 17.78 31.19 0.00
C ALA B 455 16.43 31.33 0.70
N VAL B 456 15.49 30.43 0.36
CA VAL B 456 14.11 30.60 0.82
C VAL B 456 13.53 29.28 1.26
N GLY B 457 14.37 28.38 1.74
CA GLY B 457 13.88 27.11 2.26
C GLY B 457 14.88 26.00 2.01
N SER B 458 14.61 24.87 2.61
CA SER B 458 15.60 23.80 2.67
C SER B 458 14.93 22.59 3.27
N THR B 459 15.42 21.39 2.90
CA THR B 459 14.96 20.17 3.55
C THR B 459 15.64 19.93 4.89
N ILE B 460 16.54 20.81 5.32
CA ILE B 460 17.14 20.74 6.64
C ILE B 460 16.33 21.65 7.56
N VAL B 461 15.73 21.08 8.61
CA VAL B 461 14.75 21.77 9.44
C VAL B 461 15.02 21.49 10.90
N PHE B 462 14.80 22.50 11.75
CA PHE B 462 15.00 22.38 13.20
C PHE B 462 13.75 22.66 14.02
N SER C 1 6.00 41.43 53.23
N SER C 1 7.05 41.14 52.75
CA SER C 1 6.50 40.81 52.00
CA SER C 1 5.71 41.29 52.22
C SER C 1 5.68 39.58 51.59
C SER C 1 5.13 39.95 51.69
N MET C 2 5.02 38.97 52.57
CA MET C 2 4.25 37.76 52.33
C MET C 2 2.84 37.96 52.89
N HIS C 3 1.86 37.35 52.26
CA HIS C 3 0.47 37.66 52.58
C HIS C 3 0.10 37.16 53.97
N PRO C 4 -0.70 37.92 54.72
CA PRO C 4 -1.11 37.48 56.07
C PRO C 4 -1.73 36.09 56.12
N LEU C 5 -2.44 35.69 55.08
CA LEU C 5 -3.08 34.38 55.08
C LEU C 5 -2.17 33.28 54.54
N THR C 6 -1.08 33.62 53.86
CA THR C 6 -0.23 32.57 53.32
C THR C 6 0.31 31.70 54.45
N ASP C 7 0.58 30.45 54.13
CA ASP C 7 1.19 29.48 55.03
C ASP C 7 2.56 29.16 54.46
N ALA C 8 3.59 29.84 54.98
CA ALA C 8 4.93 29.73 54.44
C ALA C 8 5.45 28.31 54.53
N SER C 9 5.15 27.62 55.64
CA SER C 9 5.68 26.27 55.81
C SER C 9 5.08 25.30 54.80
N ALA C 10 3.84 25.55 54.37
CA ALA C 10 3.19 24.69 53.39
C ALA C 10 3.71 24.99 52.00
N ASN C 11 3.82 26.28 51.66
CA ASN C 11 4.51 26.66 50.43
C ASN C 11 5.88 26.01 50.37
N ASP C 12 6.60 25.95 51.50
CA ASP C 12 7.93 25.33 51.52
C ASP C 12 7.88 23.85 51.16
N ALA C 13 7.02 23.08 51.85
CA ALA C 13 7.00 21.63 51.65
C ALA C 13 6.46 21.27 50.28
N LEU C 14 5.42 21.97 49.81
CA LEU C 14 4.97 21.76 48.44
C LEU C 14 6.11 22.01 47.46
N HIS C 15 6.92 23.04 47.71
CA HIS C 15 7.99 23.35 46.76
C HIS C 15 9.05 22.28 46.78
N ALA C 16 9.44 21.81 47.97
CA ALA C 16 10.42 20.73 48.06
C ALA C 16 9.98 19.51 47.27
N TYR C 17 8.71 19.13 47.39
CA TYR C 17 8.18 17.99 46.66
C TYR C 17 8.23 18.24 45.16
N ASP C 18 7.75 19.40 44.70
CA ASP C 18 7.82 19.66 43.26
C ASP C 18 9.27 19.58 42.79
N THR C 19 10.18 20.23 43.53
CA THR C 19 11.55 20.29 43.09
C THR C 19 12.16 18.90 42.93
N ALA C 20 11.83 17.98 43.85
CA ALA C 20 12.50 16.68 43.87
C ALA C 20 12.03 15.81 42.71
N VAL C 21 10.71 15.68 42.53
CA VAL C 21 10.20 14.91 41.41
C VAL C 21 10.75 15.45 40.10
N LYS C 22 10.52 16.74 39.83
CA LYS C 22 11.03 17.33 38.61
C LYS C 22 12.54 17.13 38.46
N LEU C 23 13.29 17.20 39.56
CA LEU C 23 14.72 16.94 39.44
C LEU C 23 14.97 15.52 38.98
N ALA C 24 14.20 14.57 39.49
CA ALA C 24 14.48 13.18 39.15
C ALA C 24 14.27 12.92 37.67
N PHE C 25 13.28 13.59 37.05
CA PHE C 25 13.10 13.47 35.61
C PHE C 25 14.11 14.31 34.85
N ASP C 26 14.49 15.46 35.40
CA ASP C 26 15.45 16.29 34.69
C ASP C 26 16.86 15.67 34.70
N ARG C 27 17.15 14.75 35.64
CA ARG C 27 18.47 14.10 35.70
C ARG C 27 18.70 13.13 34.55
N ILE C 28 17.64 12.59 33.95
CA ILE C 28 17.78 11.52 32.96
C ILE C 28 18.74 11.95 31.85
N VAL C 29 18.44 13.05 31.16
CA VAL C 29 19.26 13.42 29.99
C VAL C 29 20.73 13.64 30.35
N PRO C 30 21.09 14.37 31.41
CA PRO C 30 22.52 14.54 31.70
C PRO C 30 23.24 13.24 31.99
N VAL C 31 22.57 12.30 32.66
CA VAL C 31 23.14 10.96 32.84
C VAL C 31 23.34 10.27 31.49
N LEU C 32 22.29 10.23 30.67
CA LEU C 32 22.41 9.55 29.39
C LEU C 32 23.50 10.20 28.52
N LYS C 33 23.66 11.52 28.60
CA LYS C 33 24.73 12.16 27.84
C LYS C 33 26.08 11.65 28.31
N ARG C 34 26.24 11.49 29.64
CA ARG C 34 27.49 10.96 30.15
C ARG C 34 27.70 9.52 29.71
N LEU C 35 26.65 8.69 29.80
CA LEU C 35 26.75 7.33 29.29
C LEU C 35 27.12 7.33 27.81
N SER C 36 26.49 8.23 27.03
CA SER C 36 26.76 8.26 25.60
C SER C 36 28.23 8.52 25.32
N ALA C 37 28.85 9.39 26.12
CA ALA C 37 30.22 9.77 25.84
C ALA C 37 31.22 8.69 26.24
N LEU C 38 30.79 7.75 27.09
CA LEU C 38 31.61 6.66 27.60
C LEU C 38 31.46 5.37 26.82
N GLN C 39 30.58 5.30 25.82
CA GLN C 39 30.23 4.01 25.22
C GLN C 39 31.38 3.34 24.47
N HIS C 40 32.51 4.02 24.25
CA HIS C 40 33.67 3.33 23.69
C HIS C 40 34.70 2.96 24.72
N GLU C 41 34.56 3.39 25.97
CA GLU C 41 35.58 3.11 26.97
C GLU C 41 35.55 1.64 27.38
N ASP C 42 36.73 1.10 27.59
CA ASP C 42 37.08 -0.03 28.45
C ASP C 42 35.92 -0.68 29.22
N ASP C 43 35.63 -0.19 30.41
CA ASP C 43 34.73 -0.90 31.33
C ASP C 43 33.28 -0.41 31.20
N PHE C 44 32.79 -0.30 29.97
CA PHE C 44 31.62 0.54 29.73
C PHE C 44 30.41 0.04 30.51
N VAL C 45 29.99 -1.20 30.26
CA VAL C 45 28.76 -1.70 30.86
C VAL C 45 28.83 -1.53 32.37
N GLY C 46 29.92 -1.99 32.97
CA GLY C 46 30.17 -1.75 34.38
C GLY C 46 29.84 -0.33 34.78
N ARG C 47 30.56 0.63 34.18
CA ARG C 47 30.49 2.03 34.62
C ARG C 47 29.12 2.65 34.38
N ALA C 48 28.44 2.28 33.30
CA ALA C 48 27.11 2.82 33.06
C ALA C 48 26.14 2.38 34.15
N GLN C 49 26.10 1.07 34.44
CA GLN C 49 25.34 0.60 35.59
C GLN C 49 25.71 1.34 36.85
N ALA C 50 27.00 1.62 37.05
CA ALA C 50 27.45 2.29 38.25
C ALA C 50 26.90 3.71 38.31
N ILE C 51 27.03 4.46 37.22
CA ILE C 51 26.47 5.80 37.19
C ILE C 51 24.97 5.73 37.37
N ALA C 52 24.29 4.94 36.55
CA ALA C 52 22.84 4.91 36.57
C ALA C 52 22.29 4.64 37.97
N LEU C 53 22.91 3.70 38.70
CA LEU C 53 22.42 3.38 40.03
C LEU C 53 22.69 4.52 41.01
N GLU C 54 23.86 5.14 40.89
CA GLU C 54 24.24 6.19 41.83
C GLU C 54 23.39 7.44 41.61
N GLU C 55 23.20 7.85 40.35
CA GLU C 55 22.60 9.13 40.02
C GLU C 55 21.09 9.08 39.83
N LEU C 56 20.55 7.94 39.41
CA LEU C 56 19.12 7.80 39.17
C LEU C 56 18.42 6.83 40.13
N GLY C 57 19.15 5.91 40.73
CA GLY C 57 18.58 4.97 41.69
C GLY C 57 18.08 3.66 41.12
N PHE C 58 18.41 3.34 39.87
CA PHE C 58 18.01 2.06 39.30
C PHE C 58 18.99 1.70 38.21
N PRO C 59 19.05 0.42 37.82
CA PRO C 59 19.95 0.03 36.74
C PRO C 59 19.31 0.18 35.37
N LEU C 60 20.13 0.14 34.37
CA LEU C 60 19.60 0.10 33.03
C LEU C 60 19.55 -1.33 32.55
N PRO C 61 18.75 -1.60 31.52
CA PRO C 61 18.67 -2.98 30.99
C PRO C 61 19.98 -3.43 30.36
N GLU C 62 20.47 -4.59 30.81
N GLU C 62 20.50 -4.57 30.85
CA GLU C 62 21.75 -5.11 30.32
CA GLU C 62 21.75 -5.13 30.33
C GLU C 62 21.79 -5.28 28.82
C GLU C 62 21.78 -5.24 28.81
N PRO C 63 20.81 -5.90 28.16
CA PRO C 63 20.88 -6.08 26.70
C PRO C 63 21.22 -4.83 25.91
N ILE C 64 20.78 -3.65 26.36
CA ILE C 64 21.02 -2.43 25.59
C ILE C 64 22.48 -1.99 25.70
N LEU C 65 23.00 -1.92 26.92
CA LEU C 65 24.43 -1.64 27.05
C LEU C 65 25.25 -2.71 26.33
N ASP C 66 24.79 -3.96 26.38
CA ASP C 66 25.56 -5.11 25.91
C ASP C 66 25.77 -5.08 24.40
N THR C 67 24.81 -4.56 23.65
CA THR C 67 24.90 -4.59 22.20
C THR C 67 25.21 -3.24 21.58
N ALA C 68 25.42 -2.19 22.39
CA ALA C 68 25.76 -0.88 21.85
C ALA C 68 26.90 -0.94 20.84
N TRP C 69 27.87 -1.82 21.07
CA TRP C 69 29.03 -1.91 20.18
C TRP C 69 28.65 -2.20 18.73
N VAL C 70 27.47 -2.78 18.50
CA VAL C 70 27.12 -3.15 17.13
C VAL C 70 26.65 -1.91 16.34
N SER C 71 25.93 -0.99 16.99
CA SER C 71 25.49 0.23 16.34
C SER C 71 25.98 1.40 17.16
N GLN C 72 25.13 1.97 18.02
CA GLN C 72 25.50 2.81 19.13
C GLN C 72 24.58 2.42 20.29
N LEU C 73 24.72 3.11 21.41
CA LEU C 73 23.73 2.97 22.48
C LEU C 73 22.37 3.30 21.93
N ASP C 74 21.37 2.48 22.28
CA ASP C 74 19.99 2.76 21.90
C ASP C 74 19.42 3.78 22.90
N MET C 75 19.75 5.05 22.67
CA MET C 75 19.40 6.06 23.66
C MET C 75 17.89 6.25 23.71
N ARG C 76 17.22 6.09 22.57
CA ARG C 76 15.77 6.18 22.52
C ARG C 76 15.16 5.22 23.52
N THR C 77 15.50 3.93 23.43
CA THR C 77 14.94 2.96 24.36
C THR C 77 15.37 3.25 25.79
N LEU C 78 16.64 3.64 25.98
CA LEU C 78 17.12 3.95 27.32
C LEU C 78 16.28 5.09 27.93
N TYR C 79 16.12 6.19 27.18
CA TYR C 79 15.36 7.32 27.69
C TYR C 79 13.93 6.92 28.03
N ALA C 80 13.27 6.15 27.17
CA ALA C 80 11.92 5.71 27.49
C ALA C 80 11.90 4.86 28.77
N TRP C 81 12.85 3.93 28.88
CA TRP C 81 12.93 3.09 30.07
C TRP C 81 13.14 3.94 31.31
N CYS C 82 13.90 5.04 31.17
CA CYS C 82 14.24 5.87 32.32
C CYS C 82 13.04 6.68 32.76
N VAL C 83 12.32 7.28 31.81
CA VAL C 83 11.08 7.95 32.15
C VAL C 83 10.17 6.97 32.89
N PHE C 84 10.05 5.74 32.36
CA PHE C 84 9.15 4.77 32.98
C PHE C 84 9.60 4.42 34.39
N GLU C 85 10.89 4.18 34.58
CA GLU C 85 11.35 3.76 35.90
C GLU C 85 11.23 4.90 36.89
N THR C 86 11.32 6.13 36.40
CA THR C 86 11.22 7.30 37.24
C THR C 86 9.77 7.59 37.62
N TYR C 87 8.85 7.52 36.65
CA TYR C 87 7.44 7.39 36.94
C TYR C 87 7.17 6.36 38.04
N GLU C 88 7.64 5.12 37.87
CA GLU C 88 7.28 4.08 38.84
C GLU C 88 7.76 4.44 40.23
N GLN C 89 8.93 5.07 40.33
CA GLN C 89 9.51 5.31 41.65
C GLN C 89 8.80 6.46 42.35
N THR C 90 8.55 7.55 41.62
CA THR C 90 7.78 8.64 42.18
C THR C 90 6.37 8.19 42.50
N SER C 91 5.79 7.34 41.64
CA SER C 91 4.47 6.78 41.95
C SER C 91 4.51 5.95 43.23
N GLU C 92 5.44 5.00 43.34
CA GLU C 92 5.55 4.19 44.55
C GLU C 92 5.65 5.07 45.79
N ALA C 93 6.42 6.15 45.71
CA ALA C 93 6.66 7.01 46.85
C ALA C 93 5.48 7.89 47.20
N PHE C 94 4.68 8.29 46.20
CA PHE C 94 3.44 9.00 46.48
C PHE C 94 2.58 8.21 47.46
N PHE C 95 2.31 6.95 47.17
CA PHE C 95 1.50 6.15 48.08
C PHE C 95 2.26 5.83 49.37
N ARG C 96 3.57 5.60 49.27
CA ARG C 96 4.30 5.15 50.46
C ARG C 96 4.65 6.30 51.41
N ASP C 97 4.80 7.51 50.90
CA ASP C 97 5.23 8.63 51.72
C ASP C 97 4.20 9.74 51.89
N ASP C 98 3.12 9.72 51.13
CA ASP C 98 2.07 10.73 51.18
C ASP C 98 2.66 12.15 51.26
N PRO C 99 3.41 12.56 50.23
CA PRO C 99 4.03 13.90 50.29
C PRO C 99 3.02 15.06 50.38
N LEU C 100 1.78 14.90 49.91
CA LEU C 100 0.77 15.95 50.01
C LEU C 100 0.00 15.95 51.33
N GLN C 101 0.27 15.00 52.24
CA GLN C 101 -0.40 14.95 53.55
C GLN C 101 -1.92 14.84 53.36
N GLY C 102 -2.35 14.04 52.41
CA GLY C 102 -3.76 14.05 52.10
C GLY C 102 -4.39 12.69 51.88
N GLN C 103 -3.66 11.62 52.20
CA GLN C 103 -4.16 10.28 51.92
C GLN C 103 -5.37 9.99 52.81
N PRO C 104 -6.08 8.89 52.57
CA PRO C 104 -7.27 8.60 53.37
C PRO C 104 -6.91 8.40 54.84
N GLY C 105 -7.75 8.95 55.72
CA GLY C 105 -7.52 8.90 57.14
C GLY C 105 -6.52 9.92 57.68
N SER C 106 -5.80 10.63 56.81
CA SER C 106 -4.89 11.66 57.29
C SER C 106 -5.68 12.75 58.01
N PRO C 107 -5.07 13.40 59.02
CA PRO C 107 -5.85 14.38 59.81
C PRO C 107 -6.42 15.51 58.98
N SER C 108 -5.67 16.01 58.00
CA SER C 108 -6.21 17.09 57.19
C SER C 108 -7.29 16.60 56.23
N ALA C 109 -7.23 15.31 55.82
CA ALA C 109 -8.35 14.72 55.08
C ALA C 109 -9.59 14.67 55.96
N GLU C 110 -9.45 14.13 57.16
CA GLU C 110 -10.55 14.10 58.11
C GLU C 110 -11.13 15.49 58.32
N ALA C 111 -10.27 16.47 58.60
CA ALA C 111 -10.78 17.82 58.83
C ALA C 111 -11.56 18.34 57.64
N PHE C 112 -11.01 18.19 56.44
CA PHE C 112 -11.71 18.74 55.29
C PHE C 112 -13.04 18.04 55.08
N ASP C 113 -13.08 16.73 55.32
CA ASP C 113 -14.34 16.00 55.25
C ASP C 113 -15.39 16.68 56.11
N ARG C 114 -15.02 16.99 57.36
CA ARG C 114 -15.97 17.58 58.30
C ARG C 114 -16.34 19.01 57.86
N PHE C 115 -15.34 19.79 57.44
CA PHE C 115 -15.59 21.15 56.97
C PHE C 115 -16.58 21.16 55.81
N LEU C 116 -16.43 20.20 54.89
CA LEU C 116 -17.30 20.14 53.73
C LEU C 116 -18.73 19.80 54.15
N LEU C 117 -18.89 18.88 55.11
CA LEU C 117 -20.23 18.61 55.62
C LEU C 117 -20.79 19.86 56.31
N ASP C 118 -19.98 20.54 57.11
CA ASP C 118 -20.45 21.75 57.77
C ASP C 118 -21.00 22.75 56.75
N CYS C 119 -20.38 22.84 55.56
CA CYS C 119 -20.88 23.76 54.55
C CYS C 119 -22.12 23.22 53.82
N GLY C 120 -22.53 21.99 54.12
CA GLY C 120 -23.70 21.41 53.47
C GLY C 120 -23.41 20.55 52.26
N PHE C 121 -22.16 20.09 52.06
CA PHE C 121 -21.81 19.27 50.90
C PHE C 121 -21.24 17.93 51.35
N HIS C 122 -21.87 16.84 50.91
CA HIS C 122 -21.45 15.49 51.28
C HIS C 122 -20.55 14.86 50.23
N LEU C 123 -20.26 15.54 49.12
CA LEU C 123 -19.27 15.05 48.20
C LEU C 123 -18.82 16.20 47.31
N LEU C 124 -17.51 16.29 47.11
CA LEU C 124 -16.92 17.34 46.29
C LEU C 124 -16.28 16.67 45.07
N ASP C 125 -16.86 16.92 43.88
CA ASP C 125 -16.47 16.27 42.62
C ASP C 125 -15.99 17.36 41.66
N ILE C 126 -14.68 17.38 41.37
CA ILE C 126 -14.05 18.43 40.57
C ILE C 126 -13.54 17.84 39.24
N THR C 127 -14.00 18.43 38.12
CA THR C 127 -13.42 18.24 36.79
C THR C 127 -12.58 19.43 36.33
N PRO C 128 -11.25 19.33 36.38
CA PRO C 128 -10.39 20.31 35.69
C PRO C 128 -10.19 19.91 34.24
N CYS C 129 -9.79 20.87 33.42
CA CYS C 129 -9.27 20.48 32.12
C CYS C 129 -8.10 19.52 32.33
N ALA C 130 -8.01 18.52 31.46
CA ALA C 130 -6.94 17.52 31.53
C ALA C 130 -5.56 18.13 31.39
N ASP C 131 -5.50 19.39 31.02
CA ASP C 131 -4.30 20.09 30.67
C ASP C 131 -3.23 19.96 31.73
N GLY C 132 -2.02 19.54 31.30
CA GLY C 132 -0.99 19.15 32.24
C GLY C 132 -0.61 20.24 33.20
N ARG C 133 -0.89 21.49 32.85
CA ARG C 133 -0.62 22.63 33.70
C ARG C 133 -1.64 22.76 34.82
N LEU C 134 -2.60 21.85 34.92
CA LEU C 134 -3.59 21.87 35.99
C LEU C 134 -3.45 20.68 36.93
N ALA C 135 -2.53 19.75 36.65
CA ALA C 135 -2.43 18.56 37.48
C ALA C 135 -2.31 18.91 38.97
N HIS C 136 -1.81 20.11 39.28
CA HIS C 136 -1.57 20.55 40.64
C HIS C 136 -2.69 21.47 41.16
N ALA C 137 -3.85 21.43 40.52
CA ALA C 137 -4.95 22.30 40.92
C ALA C 137 -5.45 21.94 42.32
N ILE C 138 -5.72 20.66 42.57
CA ILE C 138 -6.24 20.25 43.88
C ILE C 138 -5.18 20.45 44.97
N GLY C 139 -4.00 19.84 44.80
CA GLY C 139 -3.01 19.83 45.86
C GLY C 139 -2.34 21.18 46.11
N PHE C 140 -2.03 21.92 45.05
CA PHE C 140 -1.34 23.19 45.20
C PHE C 140 -2.28 24.39 45.10
N GLY C 141 -3.10 24.43 44.05
CA GLY C 141 -3.88 25.61 43.80
C GLY C 141 -4.99 25.80 44.82
N LEU C 142 -5.59 24.70 45.26
CA LEU C 142 -6.70 24.76 46.21
C LEU C 142 -6.33 24.24 47.59
N ARG C 143 -5.13 23.68 47.76
CA ARG C 143 -4.68 23.11 49.03
C ARG C 143 -5.75 22.22 49.64
N LEU C 144 -6.33 21.36 48.81
CA LEU C 144 -7.33 20.41 49.27
C LEU C 144 -6.72 19.03 49.44
N PRO C 145 -6.98 18.33 50.54
CA PRO C 145 -6.52 16.94 50.68
C PRO C 145 -7.08 16.10 49.55
N PHE C 146 -6.18 15.54 48.73
CA PHE C 146 -6.61 14.87 47.52
C PHE C 146 -7.62 13.76 47.82
N SER C 147 -7.40 12.99 48.89
CA SER C 147 -8.34 11.90 49.18
C SER C 147 -9.74 12.36 49.56
N SER C 148 -9.97 13.66 49.81
CA SER C 148 -11.31 14.16 50.14
C SER C 148 -12.11 14.64 48.93
N VAL C 149 -11.60 14.49 47.70
CA VAL C 149 -12.29 15.03 46.54
C VAL C 149 -12.19 14.03 45.40
N ARG C 150 -13.27 13.87 44.65
N ARG C 150 -13.27 13.86 44.66
CA ARG C 150 -13.21 13.12 43.42
CA ARG C 150 -13.22 13.12 43.41
C ARG C 150 -12.69 14.04 42.32
C ARG C 150 -12.68 14.04 42.34
N ARG C 151 -11.56 13.67 41.74
CA ARG C 151 -10.96 14.41 40.65
C ARG C 151 -11.22 13.66 39.35
N ARG C 152 -11.78 14.36 38.37
CA ARG C 152 -12.34 13.73 37.17
C ARG C 152 -11.97 14.57 35.96
N PRO C 153 -10.70 14.50 35.54
CA PRO C 153 -10.22 15.41 34.50
C PRO C 153 -10.65 14.98 33.10
N HIS C 154 -10.90 15.99 32.26
CA HIS C 154 -11.26 15.78 30.86
C HIS C 154 -10.83 17.00 30.06
N ALA C 155 -10.40 16.78 28.81
CA ALA C 155 -10.09 17.88 27.92
C ALA C 155 -11.26 18.83 27.79
N GLY C 156 -11.00 20.13 27.94
CA GLY C 156 -12.04 21.14 27.89
C GLY C 156 -12.98 21.15 29.09
N ALA C 157 -12.60 20.48 30.18
CA ALA C 157 -13.50 20.22 31.31
C ALA C 157 -14.82 19.57 30.88
N LEU C 158 -14.85 18.92 29.71
CA LEU C 158 -16.08 18.32 29.18
C LEU C 158 -16.28 16.94 29.80
N PHE C 159 -16.86 16.91 31.01
CA PHE C 159 -17.01 15.65 31.73
C PHE C 159 -18.28 14.91 31.27
N ASP C 160 -18.43 13.67 31.73
CA ASP C 160 -19.48 12.78 31.22
C ASP C 160 -20.71 12.91 32.11
N VAL C 161 -21.75 13.59 31.60
CA VAL C 161 -22.91 13.89 32.43
C VAL C 161 -23.54 12.62 32.97
N GLU C 162 -23.87 11.67 32.09
CA GLU C 162 -24.61 10.50 32.54
C GLU C 162 -23.80 9.71 33.57
N ASN C 163 -22.50 9.62 33.38
CA ASN C 163 -21.68 8.94 34.38
C ASN C 163 -21.66 9.72 35.71
N THR C 164 -21.69 11.05 35.65
CA THR C 164 -21.76 11.82 36.88
C THR C 164 -23.09 11.57 37.59
N VAL C 165 -24.19 11.55 36.83
CA VAL C 165 -25.46 11.09 37.40
C VAL C 165 -25.28 9.73 38.07
N ASN C 166 -24.51 8.83 37.43
CA ASN C 166 -24.34 7.52 38.02
C ASN C 166 -23.50 7.57 39.29
N ARG C 167 -22.46 8.40 39.32
CA ARG C 167 -21.71 8.53 40.55
C ARG C 167 -22.61 9.06 41.66
N TRP C 168 -23.50 9.99 41.32
CA TRP C 168 -24.49 10.48 42.25
C TRP C 168 -25.33 9.34 42.84
N VAL C 169 -25.79 8.44 42.00
CA VAL C 169 -26.57 7.37 42.49
C VAL C 169 -25.78 6.53 43.44
N LYS C 170 -24.52 6.34 43.13
CA LYS C 170 -23.65 5.54 43.97
C LYS C 170 -23.45 6.18 45.32
N THR C 171 -23.33 7.48 45.35
CA THR C 171 -23.16 8.23 46.57
C THR C 171 -24.42 8.19 47.38
N GLU C 172 -25.54 8.49 46.78
CA GLU C 172 -26.82 8.36 47.48
C GLU C 172 -26.98 6.97 48.08
N HIS C 173 -26.70 5.94 47.29
CA HIS C 173 -26.93 4.57 47.76
C HIS C 173 -26.13 4.29 49.01
N ARG C 174 -24.85 4.67 49.01
CA ARG C 174 -24.01 4.46 50.18
C ARG C 174 -24.53 5.25 51.39
N ARG C 175 -24.97 6.48 51.18
CA ARG C 175 -25.57 7.25 52.27
C ARG C 175 -26.75 6.48 52.87
N TYR C 176 -27.59 5.84 52.02
CA TYR C 176 -28.71 5.05 52.54
C TYR C 176 -28.22 3.81 53.27
N ARG C 177 -27.30 3.06 52.67
CA ARG C 177 -27.00 1.73 53.22
C ARG C 177 -26.09 1.82 54.43
N GLU C 178 -25.23 2.84 54.46
CA GLU C 178 -24.03 2.89 55.28
C GLU C 178 -23.87 4.21 56.07
N ALA C 179 -24.77 5.18 55.88
CA ALA C 179 -24.61 6.52 56.45
C ALA C 179 -23.21 7.06 56.21
N GLN C 180 -22.69 6.83 55.02
CA GLN C 180 -21.40 7.36 54.61
C GLN C 180 -21.54 8.13 53.30
N PRO C 181 -21.03 9.37 53.21
CA PRO C 181 -20.34 10.19 54.23
C PRO C 181 -21.19 10.65 55.38
N ASN C 182 -22.50 10.51 55.27
CA ASN C 182 -23.42 10.94 56.31
C ASN C 182 -24.75 10.25 56.06
N PRO C 183 -25.71 10.39 56.98
CA PRO C 183 -27.01 9.77 56.76
C PRO C 183 -27.70 10.40 55.57
N ALA C 184 -28.49 9.59 54.85
CA ALA C 184 -29.09 10.03 53.59
C ALA C 184 -30.09 11.17 53.82
N HIS C 185 -30.72 11.19 54.99
CA HIS C 185 -31.74 12.17 55.29
C HIS C 185 -31.12 13.52 55.65
N ALA C 186 -29.84 13.58 55.89
CA ALA C 186 -29.22 14.85 56.15
C ALA C 186 -29.43 15.79 55.01
N ASP C 187 -29.48 17.04 55.31
CA ASP C 187 -29.75 18.02 54.32
C ASP C 187 -28.53 18.54 53.65
N THR C 188 -27.84 17.70 52.92
CA THR C 188 -26.63 18.06 52.20
C THR C 188 -26.81 17.82 50.72
N ARG C 189 -25.91 18.33 49.90
CA ARG C 189 -25.98 18.23 48.46
C ARG C 189 -24.64 17.79 47.88
N TYR C 190 -24.72 17.04 46.77
CA TYR C 190 -23.56 16.71 45.94
C TYR C 190 -23.09 17.98 45.26
N LEU C 191 -21.79 18.25 45.29
CA LEU C 191 -21.23 19.45 44.67
C LEU C 191 -20.36 19.02 43.49
N LYS C 192 -20.77 19.37 42.27
CA LYS C 192 -19.94 19.17 41.08
C LYS C 192 -19.29 20.49 40.67
N VAL C 193 -17.98 20.46 40.45
CA VAL C 193 -17.22 21.66 40.09
C VAL C 193 -16.56 21.46 38.73
N ALA C 194 -16.60 22.51 37.91
CA ALA C 194 -15.86 22.57 36.66
C ALA C 194 -14.82 23.67 36.78
N LEU C 195 -13.58 23.35 36.43
CA LEU C 195 -12.44 24.26 36.56
C LEU C 195 -11.80 24.42 35.19
N TYR C 196 -12.09 25.53 34.52
CA TYR C 196 -11.46 25.83 33.25
C TYR C 196 -10.14 26.56 33.51
N HIS C 197 -9.45 26.93 32.44
CA HIS C 197 -8.15 27.59 32.58
C HIS C 197 -7.96 28.61 31.47
N PHE C 198 -7.11 29.59 31.75
CA PHE C 198 -6.80 30.66 30.83
C PHE C 198 -5.36 31.10 31.08
N SER C 199 -4.87 31.97 30.21
CA SER C 199 -3.50 32.46 30.32
C SER C 199 -3.55 33.96 30.55
N SER C 200 -3.11 34.38 31.74
CA SER C 200 -3.00 35.81 32.04
C SER C 200 -2.01 36.51 31.11
N LEU C 201 -0.89 35.88 30.81
CA LEU C 201 0.15 36.56 30.04
C LEU C 201 -0.07 36.52 28.54
N ASP C 202 -0.80 35.53 28.02
CA ASP C 202 -1.04 35.41 26.59
C ASP C 202 -2.39 34.73 26.37
N PRO C 203 -3.48 35.49 26.49
CA PRO C 203 -4.81 34.88 26.36
C PRO C 203 -5.03 34.22 25.00
N GLN C 204 -4.57 34.88 23.93
CA GLN C 204 -4.84 34.42 22.58
C GLN C 204 -4.33 33.00 22.34
N HIS C 205 -3.12 32.69 22.78
CA HIS C 205 -2.46 31.46 22.35
C HIS C 205 -2.35 30.38 23.42
N GLU C 206 -2.13 30.73 24.68
CA GLU C 206 -1.79 29.73 25.68
C GLU C 206 -2.97 29.36 26.59
N GLY C 207 -4.20 29.52 26.12
CA GLY C 207 -5.36 29.13 26.90
C GLY C 207 -5.71 27.66 26.77
N CYS C 208 -7.00 27.33 26.68
CA CYS C 208 -7.47 25.96 26.63
C CYS C 208 -7.65 25.53 25.18
N ALA C 209 -6.77 24.64 24.70
CA ALA C 209 -6.81 24.24 23.31
C ALA C 209 -8.13 23.54 22.97
N ALA C 210 -8.67 22.76 23.90
CA ALA C 210 -9.97 22.15 23.72
C ALA C 210 -11.05 23.16 23.30
N HIS C 211 -10.88 24.44 23.60
CA HIS C 211 -11.83 25.46 23.20
C HIS C 211 -11.17 26.55 22.38
N GLY C 212 -9.99 26.27 21.82
CA GLY C 212 -9.33 27.21 20.94
C GLY C 212 -8.76 28.42 21.65
N SER C 213 -8.34 28.26 22.91
CA SER C 213 -7.75 29.36 23.68
C SER C 213 -8.73 30.49 23.91
N ASP C 214 -10.03 30.18 23.82
CA ASP C 214 -11.10 31.16 23.93
C ASP C 214 -11.67 31.10 25.35
N ASP C 215 -11.28 32.06 26.18
CA ASP C 215 -11.60 32.00 27.62
C ASP C 215 -13.10 31.99 27.85
N ALA C 216 -13.84 32.89 27.20
CA ALA C 216 -15.30 32.87 27.31
C ALA C 216 -15.85 31.50 26.98
N LEU C 217 -15.30 30.87 25.94
CA LEU C 217 -15.84 29.61 25.46
C LEU C 217 -15.53 28.47 26.42
N ALA C 218 -14.30 28.41 26.91
CA ALA C 218 -13.97 27.42 27.93
C ALA C 218 -14.93 27.54 29.11
N ALA C 219 -15.31 28.77 29.46
CA ALA C 219 -16.19 28.98 30.62
C ALA C 219 -17.62 28.58 30.32
N SER C 220 -18.16 29.00 29.16
CA SER C 220 -19.53 28.64 28.85
C SER C 220 -19.68 27.12 28.76
N CYS C 221 -18.75 26.43 28.07
CA CYS C 221 -18.91 25.00 27.92
C CYS C 221 -18.81 24.28 29.27
N GLY C 222 -17.94 24.77 30.15
CA GLY C 222 -17.91 24.22 31.50
C GLY C 222 -19.26 24.35 32.17
N LEU C 223 -19.89 25.53 32.05
CA LEU C 223 -21.16 25.78 32.73
C LEU C 223 -22.27 24.88 32.20
N SER C 224 -22.36 24.73 30.87
CA SER C 224 -23.43 23.91 30.32
C SER C 224 -23.30 22.44 30.70
N ARG C 225 -22.09 21.95 31.00
CA ARG C 225 -22.00 20.61 31.57
C ARG C 225 -22.64 20.57 32.94
N LEU C 226 -22.16 21.43 33.85
CA LEU C 226 -22.75 21.50 35.18
C LEU C 226 -24.27 21.57 35.10
N LYS C 227 -24.78 22.50 34.32
CA LYS C 227 -26.18 22.63 34.19
C LYS C 227 -26.84 21.38 33.67
N ASP C 228 -26.24 20.74 32.69
CA ASP C 228 -26.79 19.48 32.17
C ASP C 228 -26.80 18.40 33.24
N PHE C 229 -25.70 18.27 33.98
CA PHE C 229 -25.67 17.30 35.08
C PHE C 229 -26.81 17.56 36.06
N GLN C 230 -27.02 18.82 36.43
CA GLN C 230 -28.05 19.17 37.39
C GLN C 230 -29.44 18.91 36.82
N GLN C 231 -29.69 19.36 35.59
CA GLN C 231 -30.96 19.07 34.95
C GLN C 231 -31.22 17.57 34.93
N ALA C 232 -30.19 16.78 34.62
CA ALA C 232 -30.32 15.33 34.55
C ALA C 232 -30.74 14.74 35.89
N VAL C 233 -30.12 15.20 36.97
CA VAL C 233 -30.47 14.64 38.27
C VAL C 233 -31.91 14.98 38.65
N GLU C 234 -32.34 16.22 38.39
CA GLU C 234 -33.69 16.61 38.76
C GLU C 234 -34.74 15.87 37.95
N ASN C 235 -34.43 15.53 36.68
CA ASN C 235 -35.41 14.93 35.79
C ASN C 235 -35.58 13.42 36.00
N SER C 236 -34.58 12.75 36.59
CA SER C 236 -34.50 11.29 36.62
C SER C 236 -34.97 10.67 37.93
N PHE C 237 -35.25 11.46 38.96
CA PHE C 237 -35.60 10.93 40.27
C PHE C 237 -36.72 11.76 40.88
N CYS C 238 -37.44 11.14 41.81
CA CYS C 238 -38.61 11.75 42.43
C CYS C 238 -38.20 12.78 43.48
N CYS C 239 -39.21 13.41 44.08
CA CYS C 239 -39.08 14.15 45.34
C CYS C 239 -37.97 15.19 45.27
N GLY C 240 -38.01 16.02 44.23
CA GLY C 240 -37.13 17.17 44.12
C GLY C 240 -35.67 16.93 44.42
N ALA C 241 -35.09 15.90 43.82
CA ALA C 241 -33.66 15.66 43.98
C ALA C 241 -32.87 16.73 43.25
N SER C 242 -31.76 17.17 43.83
CA SER C 242 -30.94 18.11 43.09
C SER C 242 -29.50 18.09 43.62
N VAL C 243 -28.69 18.97 43.04
CA VAL C 243 -27.25 19.03 43.28
C VAL C 243 -26.80 20.48 43.19
N ASP C 244 -25.70 20.80 43.82
CA ASP C 244 -25.16 22.14 43.67
C ASP C 244 -24.02 22.10 42.67
N LEU C 245 -23.63 23.27 42.17
CA LEU C 245 -22.66 23.31 41.10
C LEU C 245 -21.82 24.57 41.18
N LEU C 246 -20.57 24.47 40.69
CA LEU C 246 -19.62 25.56 40.87
C LEU C 246 -18.70 25.67 39.67
N LEU C 247 -18.65 26.86 39.07
CA LEU C 247 -17.78 27.16 37.93
C LEU C 247 -16.66 28.08 38.41
N MET C 248 -15.42 27.64 38.23
CA MET C 248 -14.26 28.43 38.57
C MET C 248 -13.18 28.20 37.53
N GLY C 249 -12.16 29.05 37.55
CA GLY C 249 -11.07 28.95 36.62
C GLY C 249 -9.75 29.33 37.29
N ILE C 250 -8.66 28.92 36.67
CA ILE C 250 -7.33 29.16 37.23
C ILE C 250 -6.41 29.66 36.12
N ASP C 251 -5.52 30.59 36.46
CA ASP C 251 -4.58 31.18 35.51
C ASP C 251 -3.31 30.34 35.46
N THR C 252 -3.01 29.74 34.31
CA THR C 252 -1.83 28.88 34.24
C THR C 252 -0.52 29.64 34.46
N ASP C 253 -0.52 30.98 34.39
CA ASP C 253 0.73 31.71 34.51
C ASP C 253 1.11 32.04 35.96
N THR C 254 0.11 32.33 36.82
CA THR C 254 0.30 32.73 38.21
C THR C 254 -0.37 31.82 39.23
N ASP C 255 -1.19 30.86 38.81
CA ASP C 255 -1.92 29.94 39.67
C ASP C 255 -3.04 30.63 40.45
N ALA C 256 -3.45 31.84 40.03
CA ALA C 256 -4.53 32.54 40.70
C ALA C 256 -5.87 32.04 40.18
N ILE C 257 -6.75 31.61 41.08
CA ILE C 257 -8.06 31.15 40.64
C ILE C 257 -8.98 32.35 40.44
N ARG C 258 -10.15 32.10 39.90
CA ARG C 258 -11.22 33.09 39.87
C ARG C 258 -12.52 32.32 39.82
N VAL C 259 -13.52 32.83 40.53
CA VAL C 259 -14.71 32.07 40.84
C VAL C 259 -15.93 32.84 40.37
N HIS C 260 -16.83 32.15 39.67
CA HIS C 260 -18.13 32.69 39.32
C HIS C 260 -19.05 32.27 40.46
N VAL C 261 -19.16 33.13 41.46
CA VAL C 261 -19.92 32.77 42.67
C VAL C 261 -21.39 32.60 42.30
N PRO C 262 -22.00 31.47 42.61
CA PRO C 262 -23.40 31.24 42.24
C PRO C 262 -24.39 31.66 43.32
N GLY C 263 -25.60 32.00 42.87
CA GLY C 263 -26.74 32.06 43.77
C GLY C 263 -27.09 30.69 44.29
N MET C 264 -28.05 30.66 45.22
CA MET C 264 -28.46 29.40 45.84
C MET C 264 -28.82 28.35 44.80
N ASP C 265 -29.67 28.71 43.83
CA ASP C 265 -30.21 27.74 42.87
C ASP C 265 -29.20 27.32 41.80
N GLY C 266 -28.01 27.91 41.82
CA GLY C 266 -26.99 27.57 40.88
C GLY C 266 -26.79 28.54 39.73
N SER C 267 -27.62 29.55 39.64
CA SER C 267 -27.50 30.51 38.55
C SER C 267 -26.16 31.24 38.63
N THR C 268 -25.43 31.24 37.52
CA THR C 268 -24.08 31.76 37.44
C THR C 268 -24.03 32.79 36.32
N ARG C 269 -23.32 33.91 36.51
CA ARG C 269 -22.98 34.75 35.37
C ARG C 269 -21.61 34.36 34.82
N LEU C 270 -21.48 34.40 33.50
CA LEU C 270 -20.20 34.12 32.86
C LEU C 270 -19.34 35.36 32.66
N ASP C 271 -19.94 36.55 32.50
CA ASP C 271 -19.17 37.75 32.20
C ASP C 271 -18.53 38.39 33.43
N ARG C 272 -18.91 37.96 34.63
CA ARG C 272 -18.36 38.48 35.88
C ARG C 272 -17.75 37.33 36.66
N TRP C 273 -16.61 37.59 37.29
CA TRP C 273 -16.01 36.65 38.23
C TRP C 273 -15.29 37.44 39.33
N LEU C 274 -15.05 36.75 40.44
CA LEU C 274 -14.25 37.28 41.53
C LEU C 274 -12.87 36.63 41.44
N ASP C 275 -11.85 37.45 41.30
CA ASP C 275 -10.51 36.97 40.99
C ASP C 275 -9.66 36.95 42.24
N ALA C 276 -8.95 35.84 42.47
CA ALA C 276 -8.14 35.72 43.67
C ALA C 276 -7.11 36.84 43.79
N ARG C 277 -6.60 37.35 42.66
CA ARG C 277 -5.63 38.44 42.70
C ARG C 277 -6.26 39.71 43.29
N ASP C 278 -7.51 39.99 42.93
CA ASP C 278 -8.20 41.11 43.54
C ASP C 278 -8.63 40.78 44.97
N VAL C 279 -8.92 39.51 45.26
CA VAL C 279 -9.17 39.15 46.65
C VAL C 279 -7.90 39.30 47.46
N TYR C 280 -6.76 38.96 46.86
CA TYR C 280 -5.46 39.03 47.52
C TYR C 280 -5.15 40.46 47.94
N ASP C 281 -5.16 41.40 46.99
CA ASP C 281 -4.78 42.76 47.32
C ASP C 281 -5.68 43.33 48.40
N ALA C 282 -6.99 43.17 48.24
CA ALA C 282 -7.99 43.72 49.13
C ALA C 282 -7.81 43.30 50.57
N THR C 283 -6.86 42.40 50.85
CA THR C 283 -6.74 41.79 52.16
C THR C 283 -5.30 41.79 52.68
N LEU C 284 -4.39 42.55 52.05
CA LEU C 284 -2.96 42.32 52.24
C LEU C 284 -2.43 42.91 53.55
N GLY C 285 -3.00 44.00 54.04
CA GLY C 285 -2.48 44.58 55.26
C GLY C 285 -3.23 44.15 56.51
N LEU C 286 -4.43 43.62 56.32
CA LEU C 286 -5.25 43.21 57.43
C LEU C 286 -4.59 42.07 58.19
N PRO C 287 -4.91 41.90 59.44
CA PRO C 287 -4.31 40.73 60.04
C PRO C 287 -5.11 39.53 59.66
N PRO C 288 -4.66 38.37 60.06
CA PRO C 288 -5.36 37.13 59.79
C PRO C 288 -6.59 36.96 60.64
N ASP C 289 -7.66 37.68 60.33
CA ASP C 289 -8.89 37.61 61.10
C ASP C 289 -9.78 38.47 60.31
N GLN C 290 -9.36 39.69 60.09
CA GLN C 290 -10.16 40.58 59.32
C GLN C 290 -9.90 40.22 57.90
N ALA C 291 -8.82 39.50 57.67
CA ALA C 291 -8.49 39.05 56.32
C ALA C 291 -9.59 38.13 55.90
N ARG C 292 -9.80 37.13 56.71
CA ARG C 292 -10.83 36.18 56.45
C ARG C 292 -12.19 36.79 56.31
N GLN C 293 -12.55 37.73 57.15
CA GLN C 293 -13.87 38.33 57.03
C GLN C 293 -13.99 39.02 55.73
N ARG C 294 -12.96 39.76 55.37
CA ARG C 294 -13.06 40.51 54.12
C ARG C 294 -13.24 39.59 52.93
N VAL C 295 -12.60 38.41 52.96
CA VAL C 295 -12.74 37.46 51.85
C VAL C 295 -14.19 36.98 51.76
N SER C 296 -14.76 36.57 52.90
CA SER C 296 -16.15 36.15 52.94
C SER C 296 -17.07 37.23 52.38
N ALA C 297 -16.90 38.47 52.84
CA ALA C 297 -17.77 39.53 52.36
C ALA C 297 -17.62 39.70 50.87
N LEU C 298 -16.38 39.56 50.36
CA LEU C 298 -16.11 39.70 48.93
C LEU C 298 -16.80 38.60 48.14
N VAL C 299 -16.69 37.35 48.60
CA VAL C 299 -17.41 36.26 47.94
C VAL C 299 -18.91 36.55 47.99
N GLN C 300 -19.40 36.91 49.17
CA GLN C 300 -20.82 37.24 49.36
C GLN C 300 -21.31 38.25 48.32
N GLU C 301 -20.64 39.40 48.21
CA GLU C 301 -21.04 40.38 47.20
C GLU C 301 -20.88 39.84 45.78
N ALA C 302 -19.87 39.00 45.53
CA ALA C 302 -19.58 38.60 44.16
C ALA C 302 -20.65 37.69 43.57
N ALA C 303 -21.59 37.20 44.37
CA ALA C 303 -22.58 36.22 43.89
C ALA C 303 -23.44 36.79 42.76
N ALA C 304 -23.96 35.88 41.92
CA ALA C 304 -24.84 36.24 40.81
C ALA C 304 -26.25 36.56 41.30
N SER C 305 -26.81 35.70 42.14
CA SER C 305 -27.97 35.94 42.98
C SER C 305 -27.52 35.87 44.43
N VAL C 306 -28.45 36.09 45.34
CA VAL C 306 -28.17 35.92 46.76
C VAL C 306 -27.73 34.49 47.02
N PRO C 307 -26.53 34.29 47.56
CA PRO C 307 -25.90 32.96 47.55
C PRO C 307 -26.36 32.08 48.71
N ASP C 308 -26.01 30.82 48.61
CA ASP C 308 -26.22 29.91 49.72
C ASP C 308 -25.11 30.11 50.74
N PRO C 309 -25.43 30.27 52.03
CA PRO C 309 -24.38 30.59 53.02
C PRO C 309 -23.24 29.59 53.05
N GLY C 310 -23.53 28.29 53.00
CA GLY C 310 -22.44 27.31 53.00
C GLY C 310 -21.57 27.37 51.76
N MET C 311 -22.13 27.77 50.62
CA MET C 311 -21.28 27.98 49.45
C MET C 311 -20.34 29.16 49.67
N VAL C 312 -20.82 30.25 50.31
CA VAL C 312 -19.93 31.37 50.63
C VAL C 312 -18.77 30.89 51.50
N THR C 313 -19.07 30.10 52.54
CA THR C 313 -18.02 29.59 53.40
C THR C 313 -16.97 28.79 52.60
N LEU C 314 -17.41 27.79 51.83
CA LEU C 314 -16.45 26.99 51.07
C LEU C 314 -15.66 27.86 50.10
N VAL C 315 -16.36 28.59 49.23
CA VAL C 315 -15.67 29.45 48.25
C VAL C 315 -14.68 30.37 48.96
N ALA C 316 -15.06 30.90 50.13
CA ALA C 316 -14.16 31.79 50.87
C ALA C 316 -12.90 31.03 51.31
N ARG C 317 -13.05 29.79 51.77
CA ARG C 317 -11.90 28.99 52.20
C ARG C 317 -10.94 28.70 51.04
N LEU C 318 -11.47 28.36 49.85
CA LEU C 318 -10.59 28.08 48.72
C LEU C 318 -9.77 29.29 48.32
N PHE C 319 -10.37 30.49 48.41
CA PHE C 319 -9.64 31.73 48.14
C PHE C 319 -8.50 31.91 49.14
N GLU C 320 -8.81 31.79 50.43
CA GLU C 320 -7.78 31.76 51.45
C GLU C 320 -6.66 30.79 51.09
N HIS C 321 -7.03 29.60 50.63
CA HIS C 321 -6.03 28.63 50.19
C HIS C 321 -5.24 29.14 49.00
N ASN C 322 -5.94 29.54 47.92
CA ASN C 322 -5.30 29.96 46.68
C ASN C 322 -4.39 31.17 46.85
N ILE C 323 -4.54 31.91 47.95
CA ILE C 323 -3.68 33.05 48.20
C ILE C 323 -2.28 32.58 48.54
N SER C 324 -2.16 31.48 49.29
CA SER C 324 -0.87 30.85 49.51
C SER C 324 -0.21 30.48 48.18
N GLN C 325 -0.97 29.81 47.31
CA GLN C 325 -0.42 29.41 46.01
C GLN C 325 0.00 30.64 45.20
N ILE C 326 -0.76 31.73 45.33
CA ILE C 326 -0.34 32.96 44.67
C ILE C 326 1.04 33.38 45.15
N ASP C 327 1.25 33.41 46.48
CA ASP C 327 2.58 33.75 46.98
C ASP C 327 3.61 32.72 46.55
N TYR C 328 3.19 31.46 46.42
CA TYR C 328 4.07 30.38 45.98
C TYR C 328 4.71 30.70 44.63
N VAL C 329 3.89 31.10 43.67
CA VAL C 329 4.39 31.43 42.34
C VAL C 329 5.26 32.68 42.40
N ARG C 330 4.86 33.67 43.22
CA ARG C 330 5.64 34.90 43.32
C ARG C 330 6.99 34.65 43.99
N GLN C 331 7.10 33.60 44.80
CA GLN C 331 8.33 33.38 45.56
C GLN C 331 9.31 32.45 44.84
N PHE C 332 8.84 31.34 44.27
CA PHE C 332 9.72 30.34 43.64
C PHE C 332 9.74 30.39 42.12
N HIS C 333 9.07 31.35 41.51
CA HIS C 333 9.01 31.38 40.06
C HIS C 333 8.90 32.81 39.53
N GLY C 334 9.42 33.79 40.27
CA GLY C 334 9.36 35.16 39.81
C GLY C 334 7.96 35.67 39.56
N GLY C 335 6.93 34.99 40.06
CA GLY C 335 5.57 35.41 39.83
C GLY C 335 4.95 34.95 38.52
N ALA C 336 5.71 34.29 37.66
CA ALA C 336 5.17 33.78 36.39
C ALA C 336 5.97 32.56 35.94
N TYR C 337 5.31 31.42 35.86
CA TYR C 337 5.95 30.18 35.42
C TYR C 337 6.72 30.38 34.11
N ASP C 338 8.00 30.01 34.12
CA ASP C 338 8.78 30.01 32.88
C ASP C 338 8.13 29.13 31.82
N ASP C 339 7.96 27.86 32.16
CA ASP C 339 7.16 26.93 31.36
C ASP C 339 5.68 27.35 31.32
N ALA C 340 5.36 28.31 30.44
CA ALA C 340 3.99 28.76 30.31
C ALA C 340 3.16 27.80 29.47
N GLY C 341 3.79 27.15 28.50
CA GLY C 341 3.15 26.18 27.65
C GLY C 341 3.39 24.76 28.11
N HIS C 342 3.22 23.82 27.19
CA HIS C 342 3.31 22.42 27.54
C HIS C 342 4.77 22.03 27.67
N ALA C 343 5.11 21.37 28.77
CA ALA C 343 6.47 20.95 29.02
C ALA C 343 6.48 19.63 29.80
N GLU C 344 5.52 18.76 29.50
CA GLU C 344 5.31 17.59 30.31
C GLU C 344 6.33 16.51 29.96
N ARG C 345 6.47 15.54 30.87
CA ARG C 345 7.48 14.49 30.80
C ARG C 345 6.97 13.23 30.10
N PHE C 346 5.69 12.94 30.21
CA PHE C 346 5.12 11.80 29.49
C PHE C 346 3.63 12.00 29.34
N ILE C 347 3.04 11.15 28.51
CA ILE C 347 1.61 11.15 28.26
C ILE C 347 1.00 10.08 29.15
N GLY C 348 -0.04 10.44 29.89
CA GLY C 348 -0.91 9.47 30.54
C GLY C 348 -2.19 9.29 29.75
N VAL C 349 -2.59 8.03 29.57
CA VAL C 349 -3.75 7.66 28.79
C VAL C 349 -4.63 6.77 29.63
N GLY C 350 -5.94 6.96 29.52
CA GLY C 350 -6.91 6.09 30.18
C GLY C 350 -7.79 6.83 31.16
N ILE C 351 -7.67 6.50 32.45
CA ILE C 351 -8.37 7.18 33.53
CA ILE C 351 -8.37 7.22 33.50
C ILE C 351 -7.37 8.04 34.29
N GLY C 352 -7.86 9.13 34.88
CA GLY C 352 -7.01 10.04 35.64
C GLY C 352 -6.03 9.38 36.60
N PHE C 353 -4.81 9.91 36.68
CA PHE C 353 -3.81 9.34 37.58
C PHE C 353 -4.04 9.87 39.00
N LYS C 354 -4.42 8.98 39.91
CA LYS C 354 -4.62 9.35 41.30
C LYS C 354 -3.40 10.06 41.89
N GLU C 355 -2.20 9.67 41.48
CA GLU C 355 -0.99 10.09 42.16
C GLU C 355 -0.26 11.25 41.49
N ILE C 356 -0.80 11.84 40.43
CA ILE C 356 -0.10 12.91 39.70
C ILE C 356 -0.69 14.25 40.10
N HIS C 357 0.13 15.07 40.80
CA HIS C 357 -0.29 16.34 41.38
C HIS C 357 0.74 17.43 41.20
N LEU C 358 1.57 17.36 40.16
CA LEU C 358 2.57 18.38 39.86
C LEU C 358 2.26 19.01 38.52
N ARG C 359 2.56 20.30 38.41
CA ARG C 359 2.30 21.02 37.17
C ARG C 359 3.29 20.60 36.09
N ASN C 360 2.79 20.48 34.85
CA ASN C 360 3.63 20.14 33.70
C ASN C 360 4.43 18.85 33.93
N LEU C 361 3.80 17.87 34.56
CA LEU C 361 4.39 16.54 34.58
C LEU C 361 3.80 15.62 33.53
N THR C 362 2.50 15.64 33.33
CA THR C 362 1.81 14.60 32.57
C THR C 362 0.82 15.25 31.63
N TYR C 363 1.00 15.01 30.33
CA TYR C 363 -0.04 15.34 29.37
C TYR C 363 -1.05 14.18 29.40
N PHE C 364 -2.27 14.47 29.87
CA PHE C 364 -3.23 13.42 30.14
C PHE C 364 -4.35 13.41 29.12
N ALA C 365 -4.73 12.20 28.68
CA ALA C 365 -5.83 12.01 27.75
C ALA C 365 -6.76 10.94 28.32
N TYR C 366 -8.00 11.34 28.56
CA TYR C 366 -9.03 10.42 29.04
C TYR C 366 -9.55 9.59 27.88
N MET C 367 -9.47 8.28 28.03
CA MET C 367 -10.15 7.40 27.09
C MET C 367 -10.48 6.09 27.81
N ASP C 368 -11.75 5.74 27.78
CA ASP C 368 -12.22 4.50 28.37
C ASP C 368 -12.47 3.50 27.25
N THR C 369 -12.10 3.90 26.03
CA THR C 369 -11.89 3.10 24.84
C THR C 369 -11.07 3.94 23.85
N VAL C 370 -10.25 3.28 23.03
CA VAL C 370 -9.23 4.01 22.26
C VAL C 370 -9.89 4.82 21.15
N GLU C 371 -10.56 4.18 20.18
CA GLU C 371 -11.50 4.95 19.35
C GLU C 371 -12.29 6.09 20.00
N GLU C 372 -12.63 6.00 21.28
CA GLU C 372 -13.33 7.14 21.86
C GLU C 372 -12.54 8.42 21.60
N GLY C 373 -11.43 8.57 22.32
CA GLY C 373 -10.65 9.79 22.28
C GLY C 373 -9.30 9.62 21.63
N ALA C 374 -9.29 9.26 20.35
CA ALA C 374 -8.07 9.34 19.57
C ALA C 374 -7.69 10.80 19.31
N ALA C 375 -8.69 11.66 19.10
CA ALA C 375 -8.40 13.07 18.91
C ALA C 375 -7.58 13.63 20.07
N ASP C 376 -7.94 13.28 21.31
CA ASP C 376 -7.22 13.82 22.48
C ASP C 376 -5.75 13.39 22.42
N LEU C 377 -5.51 12.11 22.20
CA LEU C 377 -4.14 11.63 22.20
C LEU C 377 -3.35 12.19 21.02
N ASP C 378 -3.98 12.31 19.84
CA ASP C 378 -3.29 12.96 18.72
C ASP C 378 -2.72 14.31 19.10
N VAL C 379 -3.48 15.10 19.89
CA VAL C 379 -3.03 16.43 20.31
C VAL C 379 -1.74 16.35 21.10
N GLY C 380 -1.66 15.42 22.06
CA GLY C 380 -0.50 15.30 22.92
C GLY C 380 0.72 14.69 22.25
N VAL C 381 0.47 13.64 21.46
CA VAL C 381 1.49 13.12 20.55
C VAL C 381 2.05 14.26 19.71
N LYS C 382 1.20 15.18 19.32
CA LYS C 382 1.67 16.26 18.45
C LYS C 382 2.57 17.18 19.28
N ILE C 383 2.17 17.42 20.55
CA ILE C 383 2.99 18.17 21.49
C ILE C 383 4.34 17.50 21.68
N PHE C 384 4.33 16.19 21.96
CA PHE C 384 5.59 15.49 22.23
C PHE C 384 6.43 15.31 20.98
N LYS C 385 5.80 15.24 19.80
CA LYS C 385 6.59 15.31 18.59
C LYS C 385 7.51 16.53 18.65
N GLY C 386 7.02 17.63 19.22
CA GLY C 386 7.82 18.84 19.40
C GLY C 386 8.75 18.81 20.60
N LEU C 387 8.28 18.28 21.73
CA LEU C 387 9.07 18.30 22.95
C LEU C 387 10.22 17.32 22.88
N ASN C 388 9.95 16.10 22.43
CA ASN C 388 10.90 14.99 22.51
C ASN C 388 11.47 14.57 21.16
N VAL C 389 10.60 14.30 20.17
CA VAL C 389 11.06 13.76 18.91
C VAL C 389 11.97 14.74 18.18
N SER C 390 11.69 16.05 18.29
CA SER C 390 12.57 17.06 17.71
C SER C 390 13.99 16.96 18.26
N ARG C 391 14.16 16.53 19.51
CA ARG C 391 15.48 16.29 20.08
C ARG C 391 15.99 14.89 19.79
N GLY C 392 15.19 14.03 19.15
CA GLY C 392 15.58 12.66 18.93
C GLY C 392 15.09 11.67 19.96
N LEU C 393 14.26 12.12 20.90
CA LEU C 393 13.81 11.25 21.97
C LEU C 393 12.38 10.78 21.72
N PRO C 394 12.02 9.62 22.24
CA PRO C 394 10.70 9.06 21.95
C PRO C 394 9.60 9.68 22.80
N VAL C 395 8.38 9.48 22.34
CA VAL C 395 7.17 9.82 23.09
C VAL C 395 6.90 8.71 24.09
N PRO C 396 6.97 8.98 25.39
CA PRO C 396 6.63 7.94 26.38
C PRO C 396 5.20 8.07 26.83
N VAL C 397 4.45 6.98 26.75
CA VAL C 397 3.03 6.95 27.09
C VAL C 397 2.84 5.96 28.23
N VAL C 398 2.05 6.35 29.24
CA VAL C 398 1.73 5.48 30.36
C VAL C 398 0.21 5.29 30.40
N VAL C 399 -0.21 4.04 30.26
CA VAL C 399 -1.64 3.71 30.24
C VAL C 399 -2.06 3.35 31.65
N ARG C 400 -3.19 3.90 32.09
CA ARG C 400 -3.70 3.65 33.44
C ARG C 400 -5.18 3.29 33.39
N PHE C 401 -5.54 2.19 34.04
CA PHE C 401 -6.94 1.91 34.32
C PHE C 401 -7.10 1.52 35.78
N ASP C 402 -8.02 2.21 36.47
CA ASP C 402 -8.46 1.85 37.80
C ASP C 402 -9.42 0.67 37.70
N TYR C 403 -9.40 -0.20 38.70
CA TYR C 403 -10.36 -1.30 38.80
C TYR C 403 -10.75 -1.50 40.25
N HIS C 404 -11.79 -2.29 40.44
CA HIS C 404 -12.37 -2.50 41.78
C HIS C 404 -11.82 -3.81 42.34
N GLY C 405 -10.76 -3.69 43.14
CA GLY C 405 -10.09 -4.85 43.71
C GLY C 405 -11.00 -5.88 44.31
N GLN C 406 -12.21 -5.46 44.71
CA GLN C 406 -13.18 -6.30 45.38
C GLN C 406 -13.98 -7.17 44.42
N VAL C 407 -13.91 -6.91 43.12
CA VAL C 407 -14.76 -7.58 42.13
C VAL C 407 -13.93 -8.66 41.46
N PRO C 408 -14.25 -9.95 41.63
CA PRO C 408 -13.47 -11.00 40.99
C PRO C 408 -13.23 -10.71 39.51
N GLY C 409 -11.97 -10.88 39.09
CA GLY C 409 -11.58 -10.66 37.72
C GLY C 409 -11.38 -9.21 37.35
N ALA C 410 -11.67 -8.29 38.25
CA ALA C 410 -11.62 -6.88 37.90
C ALA C 410 -10.22 -6.49 37.49
N ARG C 411 -9.20 -7.09 38.10
CA ARG C 411 -7.83 -6.65 37.83
C ARG C 411 -7.45 -6.80 36.36
N ASP C 412 -8.12 -7.65 35.61
CA ASP C 412 -7.64 -7.98 34.26
C ASP C 412 -8.74 -8.14 33.23
N ALA C 414 -8.39 -3.67 34.65
CA ALA C 414 -8.21 -4.71 33.66
C ALA C 414 -6.87 -4.55 32.96
N VAL C 415 -5.97 -5.49 33.25
CA VAL C 415 -4.78 -5.67 32.43
C VAL C 415 -5.18 -5.85 30.98
N ARG C 416 -6.26 -6.57 30.74
CA ARG C 416 -6.67 -6.80 29.39
C ARG C 416 -7.03 -5.53 28.67
N HIS C 417 -7.60 -4.60 29.40
CA HIS C 417 -8.01 -3.31 28.84
C HIS C 417 -6.79 -2.42 28.55
N CYS C 418 -5.79 -2.44 29.43
CA CYS C 418 -4.49 -1.87 29.10
C CYS C 418 -3.97 -2.38 27.77
N GLN C 419 -4.08 -3.68 27.53
CA GLN C 419 -3.46 -4.25 26.35
C GLN C 419 -4.21 -3.87 25.08
N ARG C 420 -5.55 -3.86 25.13
CA ARG C 420 -6.27 -3.36 23.97
C ARG C 420 -5.83 -1.94 23.63
N VAL C 421 -5.52 -1.13 24.64
CA VAL C 421 -5.10 0.24 24.37
C VAL C 421 -3.70 0.25 23.78
N GLN C 422 -2.82 -0.63 24.24
CA GLN C 422 -1.48 -0.72 23.65
C GLN C 422 -1.54 -1.17 22.19
N THR C 423 -2.31 -2.24 21.92
CA THR C 423 -2.53 -2.68 20.53
C THR C 423 -2.95 -1.50 19.65
N ALA C 424 -3.94 -0.73 20.12
CA ALA C 424 -4.52 0.36 19.33
C ALA C 424 -3.54 1.50 19.13
N ILE C 425 -2.69 1.77 20.11
CA ILE C 425 -1.71 2.84 19.98
C ILE C 425 -0.64 2.45 18.95
N GLU C 426 0.05 1.33 19.18
CA GLU C 426 1.02 0.81 18.22
C GLU C 426 0.47 0.91 16.81
N SER C 427 -0.78 0.50 16.65
CA SER C 427 -1.41 0.52 15.33
C SER C 427 -1.67 1.93 14.85
N ARG C 428 -1.90 2.87 15.76
CA ARG C 428 -2.35 4.20 15.34
C ARG C 428 -1.21 5.10 14.90
N TYR C 429 -0.04 4.98 15.53
CA TYR C 429 1.16 5.75 15.16
C TYR C 429 2.23 4.79 14.67
N PRO C 430 1.97 4.10 13.56
CA PRO C 430 2.81 2.96 13.19
C PRO C 430 4.24 3.34 12.89
N GLU C 431 4.47 4.48 12.25
CA GLU C 431 5.84 4.91 11.96
C GLU C 431 6.60 5.21 13.23
N LEU C 432 6.13 6.20 14.01
CA LEU C 432 6.78 6.53 15.27
C LEU C 432 7.15 5.26 16.01
N PHE C 433 6.22 4.31 16.10
CA PHE C 433 6.49 3.07 16.82
C PHE C 433 7.65 2.29 16.21
N GLN C 434 7.57 1.98 14.91
CA GLN C 434 8.61 1.15 14.30
C GLN C 434 9.99 1.80 14.44
N GLN C 435 10.05 3.14 14.37
CA GLN C 435 11.31 3.85 14.57
C GLN C 435 11.76 3.88 16.02
N GLY C 436 11.01 3.28 16.95
CA GLY C 436 11.36 3.35 18.35
C GLY C 436 11.21 4.73 18.95
N LEU C 437 10.27 5.52 18.42
CA LEU C 437 10.01 6.87 18.90
C LEU C 437 8.70 6.94 19.68
N LEU C 438 8.14 5.79 20.05
CA LEU C 438 6.93 5.71 20.87
C LEU C 438 7.04 4.47 21.74
N HIS C 439 6.76 4.59 23.04
CA HIS C 439 6.71 3.42 23.90
C HIS C 439 5.54 3.56 24.86
N ALA C 440 5.07 2.42 25.37
CA ALA C 440 3.96 2.44 26.31
C ALA C 440 4.29 1.57 27.51
N LEU C 441 3.87 2.04 28.68
CA LEU C 441 3.91 1.29 29.93
C LEU C 441 2.47 1.08 30.40
N LEU C 442 2.12 -0.14 30.78
CA LEU C 442 0.77 -0.44 31.22
C LEU C 442 0.74 -0.59 32.73
N THR C 443 -0.24 0.05 33.37
CA THR C 443 -0.34 0.11 34.82
C THR C 443 -1.80 0.04 35.24
N VAL C 444 -2.06 -0.73 36.29
CA VAL C 444 -3.41 -0.82 36.85
C VAL C 444 -3.32 -0.45 38.33
N ARG C 445 -4.41 0.09 38.85
CA ARG C 445 -4.45 0.51 40.23
C ARG C 445 -5.73 -0.01 40.84
N ASP C 446 -5.61 -0.70 41.97
CA ASP C 446 -6.81 -1.11 42.72
C ASP C 446 -7.33 0.12 43.46
N GLN C 447 -8.49 0.62 43.05
CA GLN C 447 -9.05 1.80 43.68
C GLN C 447 -9.82 1.49 44.94
N ASP C 448 -9.91 0.22 45.35
CA ASP C 448 -10.61 -0.20 46.56
C ASP C 448 -9.69 -0.29 47.77
N ARG C 449 -8.59 0.45 47.76
CA ARG C 449 -7.63 0.55 48.85
C ARG C 449 -6.53 1.49 48.37
N HIS C 450 -5.79 2.05 49.32
CA HIS C 450 -4.79 3.07 49.00
C HIS C 450 -3.44 2.40 48.82
N THR C 451 -3.19 1.91 47.62
CA THR C 451 -2.01 1.12 47.32
C THR C 451 -1.46 1.51 45.95
N PRO C 452 -0.16 1.37 45.73
CA PRO C 452 0.44 1.86 44.48
C PRO C 452 -0.12 1.16 43.25
N ALA C 453 -0.15 1.89 42.13
CA ALA C 453 -0.39 1.25 40.84
C ALA C 453 0.68 0.21 40.57
N GLU C 454 0.33 -0.79 39.76
CA GLU C 454 1.28 -1.84 39.44
C GLU C 454 1.41 -1.98 37.93
N ALA C 455 2.65 -2.03 37.45
CA ALA C 455 2.92 -2.13 36.04
C ALA C 455 2.66 -3.56 35.57
N VAL C 456 2.04 -3.69 34.39
CA VAL C 456 1.59 -4.97 33.89
C VAL C 456 2.02 -5.25 32.45
N GLY C 457 2.97 -4.50 31.94
CA GLY C 457 3.41 -4.72 30.58
C GLY C 457 4.04 -3.47 29.96
N SER C 458 4.88 -3.70 28.96
CA SER C 458 5.59 -2.61 28.32
C SER C 458 5.81 -2.95 26.85
N THR C 459 6.20 -1.93 26.10
CA THR C 459 6.69 -2.12 24.75
C THR C 459 8.21 -2.31 24.71
N ILE C 460 8.92 -1.92 25.75
CA ILE C 460 10.35 -2.21 25.83
C ILE C 460 10.48 -3.67 26.23
N VAL C 461 10.87 -4.52 25.28
CA VAL C 461 10.98 -5.94 25.50
C VAL C 461 12.24 -6.49 24.84
N PHE C 462 12.82 -7.51 25.47
CA PHE C 462 14.14 -8.01 25.09
C PHE C 462 14.11 -9.44 24.54
N SER D 1 -51.85 -35.42 21.79
CA SER D 1 -52.63 -34.62 22.73
C SER D 1 -51.77 -33.64 23.54
N MET D 2 -52.44 -32.93 24.45
CA MET D 2 -51.88 -31.79 25.15
C MET D 2 -51.54 -32.17 26.60
N HIS D 3 -50.56 -31.47 27.16
CA HIS D 3 -50.31 -31.63 28.58
C HIS D 3 -51.40 -30.90 29.38
N PRO D 4 -51.81 -31.46 30.52
CA PRO D 4 -52.85 -30.80 31.33
C PRO D 4 -52.50 -29.39 31.78
N LEU D 5 -51.23 -29.08 31.97
CA LEU D 5 -50.83 -27.74 32.39
C LEU D 5 -50.57 -26.81 31.22
N THR D 6 -50.86 -27.23 30.00
CA THR D 6 -50.56 -26.42 28.83
C THR D 6 -51.69 -25.45 28.54
N ASP D 7 -51.31 -24.19 28.31
CA ASP D 7 -52.23 -23.13 27.91
C ASP D 7 -52.29 -23.15 26.38
N ALA D 8 -53.20 -23.97 25.83
CA ALA D 8 -53.23 -24.11 24.37
C ALA D 8 -53.65 -22.81 23.69
N SER D 9 -54.52 -22.02 24.32
CA SER D 9 -54.88 -20.74 23.70
C SER D 9 -53.67 -19.84 23.58
N ALA D 10 -52.82 -19.82 24.60
CA ALA D 10 -51.59 -19.06 24.52
C ALA D 10 -50.72 -19.57 23.36
N ASN D 11 -50.50 -20.89 23.33
CA ASN D 11 -49.70 -21.49 22.28
C ASN D 11 -50.20 -21.10 20.90
N ASP D 12 -51.52 -21.12 20.72
CA ASP D 12 -52.14 -20.67 19.47
C ASP D 12 -51.72 -19.24 19.15
N ALA D 13 -51.94 -18.32 20.10
CA ALA D 13 -51.65 -16.91 19.85
C ALA D 13 -50.18 -16.69 19.56
N LEU D 14 -49.30 -17.39 20.27
CA LEU D 14 -47.88 -17.15 20.03
C LEU D 14 -47.49 -17.69 18.66
N HIS D 15 -48.02 -18.86 18.28
CA HIS D 15 -47.70 -19.37 16.95
C HIS D 15 -48.15 -18.40 15.87
N ALA D 16 -49.34 -17.83 16.02
CA ALA D 16 -49.82 -16.88 15.03
C ALA D 16 -48.84 -15.70 14.88
N TYR D 17 -48.40 -15.13 16.00
CA TYR D 17 -47.46 -14.01 15.94
C TYR D 17 -46.18 -14.38 15.21
N ASP D 18 -45.53 -15.45 15.66
CA ASP D 18 -44.29 -15.92 15.03
C ASP D 18 -44.46 -16.15 13.54
N THR D 19 -45.52 -16.87 13.15
CA THR D 19 -45.76 -17.16 11.74
C THR D 19 -45.88 -15.88 10.92
N ALA D 20 -46.64 -14.91 11.43
CA ALA D 20 -46.88 -13.68 10.69
C ALA D 20 -45.59 -12.91 10.48
N VAL D 21 -44.89 -12.57 11.56
CA VAL D 21 -43.64 -11.81 11.42
C VAL D 21 -42.70 -12.50 10.43
N LYS D 22 -42.54 -13.82 10.59
CA LYS D 22 -41.62 -14.56 9.73
C LYS D 22 -42.08 -14.54 8.27
N LEU D 23 -43.39 -14.63 8.03
CA LEU D 23 -43.91 -14.50 6.67
C LEU D 23 -43.46 -13.18 6.06
N ALA D 24 -43.65 -12.08 6.78
CA ALA D 24 -43.36 -10.75 6.25
C ALA D 24 -41.92 -10.65 5.78
N PHE D 25 -41.00 -11.25 6.52
CA PHE D 25 -39.60 -11.19 6.09
C PHE D 25 -39.34 -12.13 4.92
N ASP D 26 -40.07 -13.24 4.82
CA ASP D 26 -39.73 -14.23 3.80
C ASP D 26 -40.46 -14.00 2.48
N ARG D 27 -41.59 -13.30 2.53
CA ARG D 27 -42.22 -12.71 1.34
C ARG D 27 -41.25 -11.93 0.47
N ILE D 28 -40.23 -11.31 1.07
CA ILE D 28 -39.45 -10.30 0.35
C ILE D 28 -38.83 -10.87 -0.93
N VAL D 29 -38.19 -12.04 -0.82
CA VAL D 29 -37.51 -12.62 -1.99
C VAL D 29 -38.48 -12.93 -3.13
N PRO D 30 -39.56 -13.68 -2.92
CA PRO D 30 -40.52 -13.93 -4.02
C PRO D 30 -41.13 -12.67 -4.60
N VAL D 31 -41.11 -11.57 -3.85
CA VAL D 31 -41.63 -10.33 -4.40
C VAL D 31 -40.58 -9.64 -5.25
N LEU D 32 -39.33 -9.58 -4.78
CA LEU D 32 -38.28 -8.99 -5.60
C LEU D 32 -37.98 -9.85 -6.83
N LYS D 33 -38.15 -11.16 -6.74
CA LYS D 33 -38.02 -11.98 -7.93
C LYS D 33 -39.01 -11.54 -9.01
N ARG D 34 -40.26 -11.29 -8.62
CA ARG D 34 -41.22 -10.79 -9.60
C ARG D 34 -40.74 -9.47 -10.20
N LEU D 35 -40.22 -8.59 -9.36
CA LEU D 35 -39.83 -7.27 -9.87
C LEU D 35 -38.67 -7.39 -10.84
N SER D 36 -37.68 -8.22 -10.50
CA SER D 36 -36.50 -8.38 -11.35
C SER D 36 -36.91 -8.79 -12.76
N ALA D 37 -37.88 -9.71 -12.88
CA ALA D 37 -38.27 -10.21 -14.19
C ALA D 37 -38.89 -9.12 -15.05
N LEU D 38 -39.46 -8.08 -14.44
CA LEU D 38 -40.22 -7.06 -15.15
C LEU D 38 -39.44 -5.77 -15.42
N GLN D 39 -38.14 -5.73 -15.06
CA GLN D 39 -37.46 -4.45 -15.01
C GLN D 39 -37.27 -3.80 -16.36
N HIS D 40 -37.43 -4.53 -17.46
CA HIS D 40 -37.32 -3.96 -18.79
C HIS D 40 -38.65 -3.49 -19.38
N GLU D 41 -39.77 -3.77 -18.72
CA GLU D 41 -41.08 -3.43 -19.26
C GLU D 41 -41.35 -1.92 -19.28
N ASP D 42 -42.20 -1.51 -20.21
CA ASP D 42 -42.67 -0.13 -20.29
C ASP D 42 -43.25 0.36 -18.97
N ASP D 43 -44.06 -0.47 -18.31
CA ASP D 43 -44.87 -0.06 -17.16
C ASP D 43 -44.21 -0.43 -15.83
N PHE D 44 -42.90 -0.60 -15.82
CA PHE D 44 -42.25 -1.30 -14.72
C PHE D 44 -42.46 -0.61 -13.37
N VAL D 45 -42.22 0.70 -13.30
CA VAL D 45 -42.29 1.38 -12.02
C VAL D 45 -43.70 1.29 -11.45
N GLY D 46 -44.70 1.69 -12.24
CA GLY D 46 -46.09 1.54 -11.81
C GLY D 46 -46.44 0.14 -11.35
N ARG D 47 -45.96 -0.90 -12.07
CA ARG D 47 -46.29 -2.27 -11.68
C ARG D 47 -45.52 -2.71 -10.45
N ALA D 48 -44.29 -2.20 -10.29
CA ALA D 48 -43.47 -2.59 -9.15
C ALA D 48 -44.04 -2.02 -7.87
N GLN D 49 -44.44 -0.75 -7.91
CA GLN D 49 -45.09 -0.15 -6.75
C GLN D 49 -46.38 -0.89 -6.40
N ALA D 50 -47.18 -1.25 -7.41
CA ALA D 50 -48.44 -1.94 -7.09
C ALA D 50 -48.16 -3.31 -6.48
N ILE D 51 -47.15 -4.01 -6.99
CA ILE D 51 -46.77 -5.28 -6.42
C ILE D 51 -46.25 -5.11 -4.99
N ALA D 52 -45.38 -4.12 -4.77
CA ALA D 52 -44.81 -3.93 -3.43
C ALA D 52 -45.91 -3.63 -2.41
N LEU D 53 -46.69 -2.56 -2.64
CA LEU D 53 -48.00 -2.35 -2.00
C LEU D 53 -48.83 -3.57 -1.66
N GLU D 54 -49.19 -4.41 -2.63
CA GLU D 54 -50.11 -5.47 -2.24
C GLU D 54 -49.44 -6.63 -1.51
N GLU D 55 -48.14 -6.83 -1.70
CA GLU D 55 -47.44 -7.95 -1.06
C GLU D 55 -46.72 -7.55 0.22
N LEU D 56 -46.01 -6.43 0.22
CA LEU D 56 -45.26 -6.01 1.40
C LEU D 56 -45.99 -4.99 2.25
N GLY D 57 -46.98 -4.30 1.71
CA GLY D 57 -47.67 -3.26 2.43
C GLY D 57 -46.93 -1.94 2.51
N PHE D 58 -45.82 -1.76 1.80
CA PHE D 58 -45.16 -0.47 1.72
C PHE D 58 -44.61 -0.25 0.32
N PRO D 59 -44.41 0.99 -0.08
CA PRO D 59 -43.80 1.29 -1.38
C PRO D 59 -42.30 1.07 -1.36
N LEU D 60 -41.69 1.09 -2.55
CA LEU D 60 -40.22 1.00 -2.66
C LEU D 60 -39.63 2.35 -3.05
N PRO D 61 -38.35 2.61 -2.73
CA PRO D 61 -37.78 3.93 -3.01
C PRO D 61 -37.75 4.21 -4.49
N GLU D 62 -38.32 5.35 -4.88
CA GLU D 62 -38.45 5.59 -6.31
C GLU D 62 -37.10 5.78 -7.01
N PRO D 63 -36.13 6.46 -6.39
CA PRO D 63 -34.83 6.61 -7.04
C PRO D 63 -34.16 5.29 -7.39
N ILE D 64 -34.42 4.19 -6.67
CA ILE D 64 -33.84 2.91 -7.07
C ILE D 64 -34.54 2.38 -8.31
N LEU D 65 -35.87 2.41 -8.32
CA LEU D 65 -36.61 1.98 -9.51
C LEU D 65 -36.27 2.86 -10.70
N ASP D 66 -36.11 4.16 -10.48
CA ASP D 66 -35.95 5.13 -11.54
C ASP D 66 -34.58 5.05 -12.22
N THR D 67 -33.60 4.38 -11.61
CA THR D 67 -32.26 4.32 -12.17
C THR D 67 -31.82 2.91 -12.53
N ALA D 68 -32.73 1.93 -12.56
CA ALA D 68 -32.30 0.58 -12.91
C ALA D 68 -31.66 0.52 -14.28
N TRP D 69 -32.02 1.45 -15.17
CA TRP D 69 -31.53 1.42 -16.54
C TRP D 69 -30.03 1.68 -16.65
N VAL D 70 -29.42 2.35 -15.67
CA VAL D 70 -27.98 2.56 -15.76
C VAL D 70 -27.25 1.22 -15.80
N SER D 71 -27.63 0.31 -14.91
CA SER D 71 -27.00 -1.00 -14.98
C SER D 71 -27.78 -2.02 -14.17
N GLN D 72 -29.02 -2.27 -14.56
CA GLN D 72 -29.84 -3.29 -13.92
C GLN D 72 -30.40 -2.79 -12.60
N LEU D 73 -31.65 -3.13 -12.33
CA LEU D 73 -32.26 -2.92 -11.03
C LEU D 73 -31.29 -3.33 -9.94
N ASP D 74 -31.11 -2.48 -8.94
CA ASP D 74 -30.12 -2.73 -7.89
C ASP D 74 -30.76 -3.61 -6.82
N MET D 75 -30.72 -4.92 -7.05
CA MET D 75 -31.49 -5.87 -6.24
C MET D 75 -31.00 -5.96 -4.82
N ARG D 76 -29.70 -5.80 -4.60
CA ARG D 76 -29.15 -6.01 -3.27
C ARG D 76 -29.57 -4.88 -2.35
N THR D 77 -29.48 -3.67 -2.82
CA THR D 77 -29.84 -2.56 -2.03
C THR D 77 -31.29 -2.68 -1.72
N LEU D 78 -32.05 -3.06 -2.71
CA LEU D 78 -33.43 -3.22 -2.54
C LEU D 78 -33.75 -4.28 -1.51
N TYR D 79 -33.06 -5.39 -1.50
CA TYR D 79 -33.34 -6.40 -0.51
C TYR D 79 -33.08 -5.87 0.86
N ALA D 80 -31.96 -5.22 1.04
CA ALA D 80 -31.62 -4.66 2.30
C ALA D 80 -32.66 -3.68 2.74
N TRP D 81 -33.06 -2.80 1.87
CA TRP D 81 -34.03 -1.78 2.22
C TRP D 81 -35.36 -2.42 2.62
N CYS D 82 -35.77 -3.50 1.93
CA CYS D 82 -36.99 -4.19 2.33
C CYS D 82 -36.86 -4.83 3.71
N VAL D 83 -35.70 -5.41 4.01
CA VAL D 83 -35.51 -6.01 5.32
C VAL D 83 -35.62 -4.93 6.40
N PHE D 84 -34.98 -3.78 6.16
CA PHE D 84 -35.04 -2.66 7.11
C PHE D 84 -36.47 -2.17 7.32
N GLU D 85 -37.24 -1.98 6.24
CA GLU D 85 -38.62 -1.51 6.40
C GLU D 85 -39.46 -2.53 7.14
N THR D 86 -39.19 -3.82 6.91
CA THR D 86 -39.90 -4.88 7.62
C THR D 86 -39.50 -4.95 9.09
N TYR D 87 -38.23 -4.64 9.42
CA TYR D 87 -37.86 -4.48 10.82
C TYR D 87 -38.67 -3.34 11.45
N GLU D 88 -38.71 -2.19 10.77
CA GLU D 88 -39.41 -1.01 11.29
C GLU D 88 -40.91 -1.28 11.48
N GLN D 89 -41.56 -1.95 10.53
CA GLN D 89 -42.99 -2.21 10.68
C GLN D 89 -43.25 -3.17 11.83
N THR D 90 -42.50 -4.27 11.91
CA THR D 90 -42.72 -5.22 13.00
C THR D 90 -42.39 -4.58 14.36
N SER D 91 -41.26 -3.86 14.43
CA SER D 91 -40.92 -3.12 15.63
C SER D 91 -42.06 -2.18 16.07
N GLU D 92 -42.49 -1.28 15.18
CA GLU D 92 -43.55 -0.34 15.55
C GLU D 92 -44.80 -1.07 16.00
N ALA D 93 -45.12 -2.18 15.33
CA ALA D 93 -46.24 -3.01 15.72
C ALA D 93 -46.02 -3.63 17.10
N PHE D 94 -44.78 -3.96 17.45
CA PHE D 94 -44.55 -4.54 18.76
C PHE D 94 -45.01 -3.59 19.86
N PHE D 95 -44.62 -2.33 19.76
CA PHE D 95 -44.95 -1.37 20.81
C PHE D 95 -46.40 -0.95 20.73
N ARG D 96 -46.95 -0.84 19.53
CA ARG D 96 -48.30 -0.31 19.36
C ARG D 96 -49.36 -1.33 19.77
N ASP D 97 -49.10 -2.62 19.53
CA ASP D 97 -50.10 -3.68 19.64
C ASP D 97 -49.83 -4.68 20.76
N ASP D 98 -48.62 -4.72 21.31
CA ASP D 98 -48.25 -5.62 22.40
C ASP D 98 -48.69 -7.06 22.10
N PRO D 99 -48.15 -7.67 21.04
CA PRO D 99 -48.54 -9.04 20.70
C PRO D 99 -48.29 -10.06 21.81
N LEU D 100 -47.28 -9.86 22.66
CA LEU D 100 -47.02 -10.78 23.76
C LEU D 100 -47.84 -10.46 25.00
N GLN D 101 -48.66 -9.42 24.96
CA GLN D 101 -49.48 -8.96 26.09
CA GLN D 101 -49.48 -8.98 26.09
C GLN D 101 -48.66 -8.94 27.39
N GLY D 102 -47.46 -8.37 27.29
CA GLY D 102 -46.58 -8.25 28.43
C GLY D 102 -46.04 -6.85 28.68
N GLN D 103 -46.61 -5.84 28.02
CA GLN D 103 -46.04 -4.51 28.07
C GLN D 103 -46.23 -3.89 29.48
N PRO D 104 -45.52 -2.80 29.79
CA PRO D 104 -45.65 -2.19 31.12
C PRO D 104 -47.08 -1.76 31.40
N GLY D 105 -47.55 -2.07 32.62
CA GLY D 105 -48.94 -1.84 32.98
C GLY D 105 -49.93 -2.88 32.50
N SER D 106 -49.51 -3.84 31.67
CA SER D 106 -50.40 -4.91 31.27
C SER D 106 -50.79 -5.74 32.49
N PRO D 107 -51.96 -6.39 32.46
CA PRO D 107 -52.35 -7.23 33.59
C PRO D 107 -51.39 -8.40 33.80
N SER D 108 -50.92 -9.02 32.72
CA SER D 108 -49.92 -10.05 32.84
C SER D 108 -48.67 -9.55 33.57
N ALA D 109 -48.20 -8.36 33.22
CA ALA D 109 -46.97 -7.85 33.81
C ALA D 109 -47.17 -7.48 35.27
N GLU D 110 -48.32 -6.88 35.59
CA GLU D 110 -48.53 -6.46 36.97
C GLU D 110 -48.75 -7.66 37.87
N ALA D 111 -49.35 -8.74 37.35
CA ALA D 111 -49.51 -9.93 38.17
C ALA D 111 -48.18 -10.61 38.42
N PHE D 112 -47.33 -10.71 37.40
CA PHE D 112 -46.04 -11.35 37.61
C PHE D 112 -45.15 -10.50 38.51
N ASP D 113 -45.13 -9.18 38.30
CA ASP D 113 -44.40 -8.28 39.19
C ASP D 113 -44.66 -8.60 40.66
N ARG D 114 -45.93 -8.86 41.01
CA ARG D 114 -46.24 -9.14 42.41
C ARG D 114 -46.14 -10.63 42.77
N PHE D 115 -46.35 -11.56 41.82
CA PHE D 115 -45.93 -12.94 42.07
C PHE D 115 -44.44 -13.01 42.43
N LEU D 116 -43.61 -12.29 41.68
CA LEU D 116 -42.19 -12.30 41.93
C LEU D 116 -41.85 -11.82 43.35
N LEU D 117 -42.50 -10.75 43.81
CA LEU D 117 -42.24 -10.27 45.15
C LEU D 117 -42.74 -11.28 46.19
N ASP D 118 -43.86 -11.95 45.91
CA ASP D 118 -44.30 -13.02 46.80
C ASP D 118 -43.23 -14.09 46.99
N CYS D 119 -42.42 -14.33 45.96
CA CYS D 119 -41.38 -15.36 46.01
C CYS D 119 -40.09 -14.87 46.66
N GLY D 120 -39.96 -13.58 46.91
CA GLY D 120 -38.80 -13.04 47.60
C GLY D 120 -37.82 -12.34 46.72
N PHE D 121 -38.22 -11.94 45.52
CA PHE D 121 -37.32 -11.31 44.54
C PHE D 121 -37.91 -9.97 44.13
N HIS D 122 -37.08 -8.94 44.09
CA HIS D 122 -37.56 -7.63 43.70
C HIS D 122 -37.11 -7.24 42.30
N LEU D 123 -36.30 -8.08 41.64
CA LEU D 123 -35.96 -7.83 40.25
C LEU D 123 -35.43 -9.12 39.62
N LEU D 124 -35.84 -9.38 38.39
CA LEU D 124 -35.39 -10.57 37.67
C LEU D 124 -34.54 -10.10 36.48
N ASP D 125 -33.23 -10.40 36.54
CA ASP D 125 -32.26 -10.04 35.50
C ASP D 125 -31.77 -11.34 34.84
N ILE D 126 -32.15 -11.57 33.58
CA ILE D 126 -31.83 -12.82 32.88
C ILE D 126 -30.82 -12.51 31.78
N THR D 127 -29.68 -13.24 31.79
CA THR D 127 -28.75 -13.25 30.67
C THR D 127 -28.88 -14.55 29.88
N PRO D 128 -29.58 -14.58 28.76
N PRO D 128 -29.58 -14.58 28.76
CA PRO D 128 -29.42 -15.69 27.82
CA PRO D 128 -29.42 -15.69 27.82
C PRO D 128 -28.22 -15.44 26.92
C PRO D 128 -28.22 -15.44 26.92
N CYS D 129 -27.69 -16.52 26.36
CA CYS D 129 -26.71 -16.36 25.30
C CYS D 129 -27.35 -15.56 24.18
N ALA D 130 -26.58 -14.64 23.59
CA ALA D 130 -27.10 -13.85 22.49
C ALA D 130 -27.59 -14.68 21.31
N ASP D 131 -27.36 -16.00 21.32
CA ASP D 131 -27.76 -16.88 20.22
C ASP D 131 -29.18 -16.58 19.74
N GLY D 132 -29.31 -16.38 18.43
CA GLY D 132 -30.59 -16.06 17.82
C GLY D 132 -31.67 -17.08 18.08
N ARG D 133 -31.29 -18.30 18.47
CA ARG D 133 -32.27 -19.34 18.76
C ARG D 133 -32.79 -19.25 20.18
N LEU D 134 -32.35 -18.24 20.92
CA LEU D 134 -32.81 -18.01 22.29
C LEU D 134 -33.61 -16.74 22.43
N ALA D 135 -33.77 -15.98 21.34
CA ALA D 135 -34.46 -14.69 21.42
C ALA D 135 -35.87 -14.82 21.96
N HIS D 136 -36.49 -15.99 21.82
CA HIS D 136 -37.85 -16.20 22.27
C HIS D 136 -37.92 -16.83 23.65
N ALA D 137 -36.79 -16.90 24.36
CA ALA D 137 -36.74 -17.58 25.64
C ALA D 137 -37.69 -16.97 26.65
N ILE D 138 -37.88 -15.65 26.61
CA ILE D 138 -38.63 -15.03 27.70
C ILE D 138 -40.12 -15.16 27.45
N GLY D 139 -40.57 -14.75 26.26
CA GLY D 139 -41.98 -14.77 25.95
C GLY D 139 -42.49 -16.17 25.64
N PHE D 140 -41.66 -16.98 24.99
CA PHE D 140 -42.07 -18.32 24.60
C PHE D 140 -41.61 -19.36 25.61
N GLY D 141 -40.30 -19.43 25.88
CA GLY D 141 -39.77 -20.52 26.69
C GLY D 141 -40.30 -20.53 28.10
N LEU D 142 -40.29 -19.36 28.75
CA LEU D 142 -40.68 -19.20 30.15
C LEU D 142 -41.99 -18.43 30.34
N ARG D 143 -42.65 -18.03 29.25
CA ARG D 143 -43.93 -17.30 29.31
C ARG D 143 -43.90 -16.21 30.36
N LEU D 144 -42.78 -15.45 30.41
CA LEU D 144 -42.68 -14.29 31.29
C LEU D 144 -43.03 -13.01 30.55
N PRO D 145 -43.86 -12.15 31.15
CA PRO D 145 -44.11 -10.83 30.56
C PRO D 145 -42.81 -10.08 30.40
N PHE D 146 -42.49 -9.73 29.16
CA PHE D 146 -41.17 -9.16 28.87
C PHE D 146 -40.89 -7.90 29.66
N SER D 147 -41.91 -7.10 29.93
CA SER D 147 -41.68 -5.83 30.61
C SER D 147 -41.35 -6.00 32.11
N SER D 148 -41.59 -7.18 32.67
N SER D 148 -41.60 -7.17 32.67
CA SER D 148 -41.33 -7.41 34.09
CA SER D 148 -41.35 -7.44 34.08
C SER D 148 -39.98 -8.09 34.33
C SER D 148 -39.97 -8.07 34.33
N VAL D 149 -39.15 -8.20 33.30
CA VAL D 149 -37.85 -8.83 33.40
C VAL D 149 -36.81 -7.89 32.81
N ARG D 150 -35.59 -7.95 33.34
CA ARG D 150 -34.44 -7.34 32.70
C ARG D 150 -33.69 -8.42 31.93
N ARG D 151 -33.53 -8.24 30.64
CA ARG D 151 -32.88 -9.21 29.78
C ARG D 151 -31.62 -8.63 29.20
N ARG D 152 -30.50 -9.29 29.39
CA ARG D 152 -29.20 -8.76 28.97
C ARG D 152 -28.47 -9.89 28.26
N PRO D 153 -28.67 -10.03 26.94
CA PRO D 153 -28.04 -11.13 26.21
C PRO D 153 -26.55 -10.88 25.96
N HIS D 154 -25.77 -11.96 26.09
CA HIS D 154 -24.36 -11.95 25.74
C HIS D 154 -23.99 -13.27 25.11
N ALA D 155 -23.06 -13.21 24.15
CA ALA D 155 -22.48 -14.42 23.60
C ALA D 155 -21.99 -15.30 24.73
N GLY D 156 -22.44 -16.55 24.74
CA GLY D 156 -22.00 -17.48 25.78
C GLY D 156 -22.58 -17.22 27.16
N ALA D 157 -23.59 -16.35 27.27
CA ALA D 157 -24.14 -15.94 28.55
C ALA D 157 -23.13 -15.19 29.42
N LEU D 158 -22.06 -14.63 28.83
CA LEU D 158 -20.99 -14.02 29.63
C LEU D 158 -21.27 -12.52 29.84
N PHE D 159 -22.18 -12.25 30.78
CA PHE D 159 -22.53 -10.86 31.08
C PHE D 159 -21.40 -10.13 31.81
N ASP D 160 -21.53 -8.81 31.88
CA ASP D 160 -20.55 -7.95 32.54
C ASP D 160 -20.83 -7.89 34.04
N VAL D 161 -19.89 -8.39 34.85
CA VAL D 161 -20.08 -8.47 36.30
C VAL D 161 -20.19 -7.08 36.92
N GLU D 162 -19.26 -6.21 36.61
CA GLU D 162 -19.29 -4.91 37.17
C GLU D 162 -20.54 -4.18 36.86
N ASN D 163 -20.95 -4.22 35.61
CA ASN D 163 -22.17 -3.52 35.28
C ASN D 163 -23.39 -4.12 35.96
N THR D 164 -23.35 -5.41 36.29
CA THR D 164 -24.45 -6.02 37.03
C THR D 164 -24.41 -5.61 38.50
N VAL D 165 -23.24 -5.36 39.06
CA VAL D 165 -23.19 -4.75 40.39
C VAL D 165 -23.80 -3.36 40.33
N ASN D 166 -23.51 -2.62 39.26
CA ASN D 166 -24.03 -1.27 39.17
C ASN D 166 -25.55 -1.27 39.05
N ARG D 167 -26.11 -2.22 38.29
CA ARG D 167 -27.56 -2.35 38.22
C ARG D 167 -28.14 -2.66 39.60
N TRP D 168 -27.44 -3.49 40.38
CA TRP D 168 -27.90 -3.81 41.72
C TRP D 168 -27.95 -2.55 42.58
N VAL D 169 -26.91 -1.72 42.49
CA VAL D 169 -26.90 -0.47 43.27
C VAL D 169 -28.06 0.43 42.84
N LYS D 170 -28.27 0.60 41.52
CA LYS D 170 -29.38 1.45 41.06
C LYS D 170 -30.72 0.90 41.49
N THR D 171 -30.90 -0.43 41.44
CA THR D 171 -32.11 -1.02 41.96
C THR D 171 -32.28 -0.70 43.44
N GLU D 172 -31.25 -0.99 44.24
CA GLU D 172 -31.26 -0.64 45.67
C GLU D 172 -31.63 0.83 45.87
N HIS D 173 -30.90 1.72 45.20
CA HIS D 173 -31.15 3.14 45.37
C HIS D 173 -32.61 3.50 45.09
N ARG D 174 -33.23 2.84 44.11
CA ARG D 174 -34.62 3.14 43.81
C ARG D 174 -35.57 2.62 44.90
N ARG D 175 -35.22 1.52 45.57
CA ARG D 175 -36.02 1.09 46.72
C ARG D 175 -35.92 2.08 47.88
N TYR D 176 -34.72 2.58 48.20
CA TYR D 176 -34.60 3.58 49.26
C TYR D 176 -35.41 4.82 48.93
N ARG D 177 -35.19 5.38 47.73
CA ARG D 177 -35.68 6.71 47.45
C ARG D 177 -37.17 6.68 47.11
N GLU D 178 -37.63 5.65 46.45
CA GLU D 178 -38.98 5.62 45.92
C GLU D 178 -39.80 4.45 46.43
N ALA D 179 -39.19 3.47 47.09
CA ALA D 179 -39.87 2.22 47.41
C ALA D 179 -40.45 1.59 46.16
N GLN D 180 -39.68 1.66 45.06
CA GLN D 180 -39.98 0.98 43.81
C GLN D 180 -38.87 0.00 43.51
N PRO D 181 -39.13 -1.30 43.33
CA PRO D 181 -40.48 -1.92 43.33
C PRO D 181 -41.07 -2.20 44.70
N ASN D 182 -40.32 -1.94 45.77
CA ASN D 182 -40.78 -2.23 47.11
C ASN D 182 -39.89 -1.48 48.09
N PRO D 183 -40.26 -1.42 49.37
CA PRO D 183 -39.41 -0.71 50.36
C PRO D 183 -38.05 -1.37 50.47
N ALA D 184 -37.03 -0.56 50.75
CA ALA D 184 -35.69 -1.10 50.75
C ALA D 184 -35.49 -2.11 51.88
N HIS D 185 -36.20 -1.94 52.99
CA HIS D 185 -36.04 -2.78 54.16
C HIS D 185 -36.68 -4.16 54.02
N ALA D 186 -37.41 -4.42 52.94
CA ALA D 186 -38.11 -5.69 52.81
C ALA D 186 -37.11 -6.83 52.55
N ASP D 187 -37.50 -8.04 53.00
CA ASP D 187 -36.68 -9.25 52.89
C ASP D 187 -36.72 -9.86 51.48
N THR D 188 -36.36 -9.07 50.48
CA THR D 188 -36.33 -9.58 49.11
C THR D 188 -34.92 -9.45 48.58
N ARG D 189 -34.64 -10.20 47.52
CA ARG D 189 -33.32 -10.29 46.94
C ARG D 189 -33.39 -9.97 45.46
N TYR D 190 -32.28 -9.43 44.95
CA TYR D 190 -32.03 -9.34 43.51
C TYR D 190 -31.71 -10.74 42.98
N LEU D 191 -32.37 -11.14 41.87
CA LEU D 191 -32.17 -12.47 41.27
C LEU D 191 -31.50 -12.32 39.90
N LYS D 192 -30.30 -12.90 39.76
CA LYS D 192 -29.62 -13.00 38.46
C LYS D 192 -29.75 -14.42 37.92
N VAL D 193 -30.13 -14.54 36.65
CA VAL D 193 -30.26 -15.82 35.96
C VAL D 193 -29.26 -15.84 34.80
N ALA D 194 -28.45 -16.91 34.70
CA ALA D 194 -27.72 -17.23 33.47
C ALA D 194 -28.44 -18.38 32.77
N LEU D 195 -28.84 -18.17 31.50
CA LEU D 195 -29.57 -19.13 30.69
C LEU D 195 -28.65 -19.60 29.55
N TYR D 196 -28.05 -20.78 29.72
CA TYR D 196 -27.22 -21.36 28.69
C TYR D 196 -28.08 -22.22 27.78
N HIS D 197 -27.46 -22.85 26.78
CA HIS D 197 -28.23 -23.66 25.84
C HIS D 197 -27.40 -24.75 25.19
N PHE D 198 -28.10 -25.81 24.81
CA PHE D 198 -27.51 -27.00 24.25
C PHE D 198 -28.44 -27.46 23.14
N SER D 199 -27.98 -28.47 22.40
CA SER D 199 -28.79 -29.14 21.38
C SER D 199 -28.87 -30.61 21.71
N SER D 200 -30.09 -31.11 21.93
CA SER D 200 -30.28 -32.54 22.21
C SER D 200 -30.13 -33.40 20.97
N LEU D 201 -30.20 -32.82 19.77
CA LEU D 201 -30.22 -33.62 18.55
C LEU D 201 -28.92 -33.56 17.75
N ASP D 202 -27.96 -32.75 18.16
CA ASP D 202 -26.66 -32.60 17.52
C ASP D 202 -25.78 -31.91 18.56
N PRO D 203 -25.45 -32.60 19.66
CA PRO D 203 -24.82 -31.91 20.78
C PRO D 203 -23.46 -31.29 20.49
N GLN D 204 -22.66 -31.90 19.59
CA GLN D 204 -21.27 -31.51 19.36
C GLN D 204 -21.10 -30.39 18.34
N HIS D 205 -22.14 -30.11 17.53
CA HIS D 205 -22.05 -29.08 16.50
C HIS D 205 -23.08 -27.97 16.62
N GLU D 206 -24.28 -28.26 17.11
CA GLU D 206 -25.37 -27.29 17.17
C GLU D 206 -25.51 -26.64 18.54
N GLY D 207 -24.61 -26.94 19.47
CA GLY D 207 -24.68 -26.34 20.79
C GLY D 207 -24.34 -24.85 20.81
N CYS D 208 -23.79 -24.36 21.94
CA CYS D 208 -23.38 -22.98 22.06
C CYS D 208 -22.01 -22.81 21.43
N ALA D 209 -21.95 -22.08 20.32
CA ALA D 209 -20.70 -21.89 19.60
C ALA D 209 -19.68 -21.14 20.41
N ALA D 210 -20.13 -20.20 21.25
CA ALA D 210 -19.20 -19.39 22.01
C ALA D 210 -18.38 -20.25 22.96
N HIS D 211 -18.89 -21.42 23.33
CA HIS D 211 -18.16 -22.37 24.17
C HIS D 211 -17.85 -23.67 23.42
N GLY D 212 -17.68 -23.59 22.11
CA GLY D 212 -17.32 -24.78 21.35
C GLY D 212 -18.38 -25.87 21.36
N SER D 213 -19.64 -25.51 21.59
CA SER D 213 -20.74 -26.47 21.59
C SER D 213 -20.50 -27.57 22.64
N ASP D 214 -19.68 -27.25 23.63
CA ASP D 214 -19.42 -28.09 24.80
C ASP D 214 -20.39 -27.68 25.90
N ASP D 215 -21.38 -28.54 26.19
CA ASP D 215 -22.45 -28.16 27.11
C ASP D 215 -21.93 -27.94 28.51
N ALA D 216 -20.96 -28.75 28.95
CA ALA D 216 -20.43 -28.63 30.30
C ALA D 216 -19.76 -27.30 30.51
N LEU D 217 -19.01 -26.83 29.50
CA LEU D 217 -18.37 -25.52 29.58
C LEU D 217 -19.41 -24.41 29.56
N ALA D 218 -20.44 -24.55 28.73
CA ALA D 218 -21.50 -23.53 28.69
C ALA D 218 -22.11 -23.33 30.06
N ALA D 219 -22.44 -24.42 30.76
CA ALA D 219 -23.06 -24.29 32.06
C ALA D 219 -22.06 -23.80 33.08
N SER D 220 -20.85 -24.36 33.05
CA SER D 220 -19.81 -23.96 34.00
C SER D 220 -19.48 -22.48 33.91
N CYS D 221 -19.34 -21.95 32.68
CA CYS D 221 -19.00 -20.55 32.52
C CYS D 221 -20.16 -19.68 32.96
N GLY D 222 -21.39 -20.10 32.65
CA GLY D 222 -22.56 -19.46 33.23
C GLY D 222 -22.46 -19.36 34.73
N LEU D 223 -22.44 -20.50 35.42
CA LEU D 223 -22.34 -20.47 36.87
C LEU D 223 -21.23 -19.55 37.34
N SER D 224 -20.12 -19.49 36.60
CA SER D 224 -18.97 -18.76 37.12
C SER D 224 -19.24 -17.26 37.15
N ARG D 225 -19.89 -16.72 36.12
CA ARG D 225 -20.27 -15.31 36.14
C ARG D 225 -21.29 -15.04 37.25
N LEU D 226 -22.19 -16.00 37.49
CA LEU D 226 -23.15 -15.88 38.60
C LEU D 226 -22.45 -15.87 39.96
N LYS D 227 -21.42 -16.72 40.14
CA LYS D 227 -20.66 -16.71 41.40
C LYS D 227 -19.93 -15.39 41.60
N ASP D 228 -19.34 -14.86 40.52
CA ASP D 228 -18.56 -13.64 40.63
C ASP D 228 -19.45 -12.45 40.92
N PHE D 229 -20.62 -12.39 40.29
CA PHE D 229 -21.58 -11.33 40.59
C PHE D 229 -21.90 -11.31 42.09
N GLN D 230 -22.47 -12.42 42.60
CA GLN D 230 -22.92 -12.46 44.00
C GLN D 230 -21.78 -12.17 44.98
N GLN D 231 -20.60 -12.60 44.61
CA GLN D 231 -19.43 -12.45 45.41
C GLN D 231 -18.94 -11.05 45.31
N ALA D 232 -19.17 -10.43 44.19
CA ALA D 232 -18.76 -9.06 44.03
C ALA D 232 -19.64 -8.19 44.88
N VAL D 233 -20.89 -8.52 44.98
CA VAL D 233 -21.82 -7.73 45.78
C VAL D 233 -21.47 -7.85 47.25
N GLU D 234 -21.29 -9.08 47.73
CA GLU D 234 -20.97 -9.31 49.14
C GLU D 234 -19.69 -8.59 49.57
N ASN D 235 -18.68 -8.54 48.70
CA ASN D 235 -17.41 -7.94 49.11
C ASN D 235 -17.41 -6.42 48.98
N SER D 236 -18.34 -5.85 48.23
CA SER D 236 -18.32 -4.44 47.88
C SER D 236 -19.13 -3.57 48.84
N PHE D 237 -20.04 -4.18 49.61
CA PHE D 237 -21.00 -3.43 50.40
C PHE D 237 -21.11 -4.03 51.79
N CYS D 238 -21.42 -3.15 52.75
CA CYS D 238 -21.53 -3.51 54.15
C CYS D 238 -22.76 -4.37 54.42
N CYS D 239 -22.82 -4.91 55.64
CA CYS D 239 -24.07 -5.34 56.26
C CYS D 239 -24.71 -6.51 55.56
N GLY D 240 -23.89 -7.50 55.18
CA GLY D 240 -24.43 -8.73 54.64
C GLY D 240 -25.16 -8.55 53.33
N ALA D 241 -24.74 -7.59 52.51
CA ALA D 241 -25.34 -7.46 51.19
C ALA D 241 -25.14 -8.75 50.39
N SER D 242 -26.19 -9.17 49.67
CA SER D 242 -26.13 -10.41 48.90
C SER D 242 -27.22 -10.41 47.82
N VAL D 243 -27.16 -11.43 46.95
CA VAL D 243 -28.08 -11.61 45.82
C VAL D 243 -28.38 -13.09 45.63
N ASP D 244 -29.43 -13.39 44.87
CA ASP D 244 -29.80 -14.76 44.58
C ASP D 244 -29.43 -15.11 43.14
N LEU D 245 -29.08 -16.38 42.91
CA LEU D 245 -28.58 -16.88 41.62
C LEU D 245 -29.52 -17.95 41.10
N LEU D 246 -29.51 -18.15 39.78
CA LEU D 246 -30.19 -19.29 39.17
C LEU D 246 -29.55 -19.62 37.83
N LEU D 247 -29.20 -20.89 37.64
CA LEU D 247 -28.57 -21.37 36.42
C LEU D 247 -29.56 -22.28 35.69
N MET D 248 -29.84 -21.93 34.43
CA MET D 248 -30.75 -22.64 33.56
C MET D 248 -30.10 -22.85 32.20
N GLY D 249 -30.51 -23.93 31.52
CA GLY D 249 -30.20 -24.11 30.12
C GLY D 249 -31.47 -24.43 29.36
N ILE D 250 -31.46 -24.18 28.06
CA ILE D 250 -32.60 -24.51 27.21
C ILE D 250 -32.13 -25.26 25.96
N ASP D 251 -32.90 -26.24 25.52
CA ASP D 251 -32.62 -27.08 24.35
C ASP D 251 -33.20 -26.45 23.12
N THR D 252 -32.34 -26.07 22.19
CA THR D 252 -32.80 -25.36 20.99
C THR D 252 -33.50 -26.27 19.97
N ASP D 253 -33.56 -27.57 20.19
CA ASP D 253 -34.39 -28.39 19.31
C ASP D 253 -35.80 -28.56 19.86
N THR D 254 -35.96 -28.66 21.18
CA THR D 254 -37.27 -28.90 21.75
C THR D 254 -37.85 -27.70 22.51
N ASP D 255 -37.02 -26.74 22.90
CA ASP D 255 -37.35 -25.65 23.81
C ASP D 255 -37.57 -26.12 25.23
N ALA D 256 -37.29 -27.38 25.53
CA ALA D 256 -37.32 -27.83 26.92
C ALA D 256 -36.18 -27.20 27.72
N ILE D 257 -36.51 -26.62 28.87
CA ILE D 257 -35.50 -26.08 29.78
C ILE D 257 -34.97 -27.20 30.67
N ARG D 258 -33.82 -26.95 31.29
CA ARG D 258 -33.40 -27.69 32.47
C ARG D 258 -32.84 -26.69 33.49
N VAL D 259 -33.09 -26.96 34.78
CA VAL D 259 -32.76 -26.04 35.84
C VAL D 259 -31.86 -26.74 36.85
N HIS D 260 -30.74 -26.10 37.19
CA HIS D 260 -29.89 -26.52 38.30
C HIS D 260 -30.47 -25.90 39.55
N VAL D 261 -31.31 -26.64 40.27
CA VAL D 261 -32.07 -26.05 41.36
C VAL D 261 -31.15 -25.73 42.55
N PRO D 262 -30.97 -24.46 42.90
CA PRO D 262 -29.94 -24.09 43.87
C PRO D 262 -30.40 -24.23 45.32
N GLY D 263 -29.41 -24.29 46.21
CA GLY D 263 -29.65 -24.06 47.62
C GLY D 263 -29.97 -22.60 47.89
N MET D 264 -30.45 -22.34 49.11
CA MET D 264 -30.75 -20.97 49.51
C MET D 264 -29.55 -20.03 49.38
N ASP D 265 -28.34 -20.47 49.73
CA ASP D 265 -27.17 -19.61 49.53
C ASP D 265 -26.71 -19.49 48.06
N GLY D 266 -27.34 -20.20 47.13
CA GLY D 266 -26.89 -20.22 45.76
C GLY D 266 -26.08 -21.44 45.36
N SER D 267 -25.86 -22.38 46.28
CA SER D 267 -25.18 -23.63 45.95
C SER D 267 -25.82 -24.29 44.75
N THR D 268 -25.03 -24.51 43.69
CA THR D 268 -25.53 -25.08 42.45
C THR D 268 -24.67 -26.29 42.06
N ARG D 269 -25.34 -27.36 41.62
CA ARG D 269 -24.67 -28.58 41.18
C ARG D 269 -24.64 -28.56 39.66
N LEU D 270 -23.44 -28.61 39.08
CA LEU D 270 -23.32 -28.46 37.63
C LEU D 270 -23.72 -29.73 36.89
N ASP D 271 -23.43 -30.88 37.46
CA ASP D 271 -23.58 -32.16 36.79
C ASP D 271 -24.92 -32.83 37.04
N ARG D 272 -25.82 -32.20 37.81
CA ARG D 272 -27.17 -32.70 37.94
C ARG D 272 -28.11 -31.56 37.57
N TRP D 273 -29.30 -31.90 37.10
CA TRP D 273 -30.27 -30.86 36.80
C TRP D 273 -31.66 -31.48 36.73
N LEU D 274 -32.67 -30.61 36.78
CA LEU D 274 -34.05 -31.01 36.58
C LEU D 274 -34.45 -30.61 35.16
N ASP D 275 -34.69 -31.61 34.31
CA ASP D 275 -35.01 -31.40 32.90
C ASP D 275 -36.52 -31.36 32.71
N ALA D 276 -37.00 -30.31 32.05
CA ALA D 276 -38.44 -30.09 31.91
C ALA D 276 -39.15 -31.23 31.20
N ARG D 277 -38.47 -31.91 30.28
N ARG D 277 -38.46 -31.93 30.30
CA ARG D 277 -39.09 -33.06 29.62
CA ARG D 277 -39.11 -33.05 29.62
C ARG D 277 -39.50 -34.11 30.65
C ARG D 277 -39.44 -34.17 30.59
N ASP D 278 -38.67 -34.32 31.68
CA ASP D 278 -39.02 -35.29 32.72
C ASP D 278 -40.18 -34.77 33.58
N VAL D 279 -40.12 -33.52 34.02
CA VAL D 279 -41.25 -32.96 34.74
C VAL D 279 -42.51 -33.09 33.91
N TYR D 280 -42.38 -32.92 32.59
CA TYR D 280 -43.51 -33.10 31.69
C TYR D 280 -44.08 -34.51 31.81
N ASP D 281 -43.23 -35.53 31.66
CA ASP D 281 -43.76 -36.90 31.62
C ASP D 281 -44.31 -37.32 32.97
N ALA D 282 -43.78 -36.76 34.06
CA ALA D 282 -44.19 -37.19 35.39
C ALA D 282 -45.51 -36.58 35.82
N THR D 283 -45.97 -35.52 35.15
CA THR D 283 -47.18 -34.81 35.52
C THR D 283 -48.29 -34.97 34.49
N LEU D 284 -48.03 -35.80 33.48
CA LEU D 284 -48.90 -36.02 32.36
C LEU D 284 -50.28 -36.58 32.62
N GLY D 285 -50.37 -37.52 33.53
CA GLY D 285 -51.67 -38.09 33.80
C GLY D 285 -52.31 -37.54 35.07
N LEU D 286 -52.03 -36.28 35.38
CA LEU D 286 -52.54 -35.71 36.60
C LEU D 286 -53.48 -34.55 36.31
N PRO D 287 -54.58 -34.42 37.05
CA PRO D 287 -55.33 -33.17 37.06
C PRO D 287 -54.39 -32.00 37.31
N PRO D 288 -54.70 -30.82 36.79
CA PRO D 288 -53.74 -29.69 36.93
C PRO D 288 -53.42 -29.40 38.39
N ASP D 289 -54.47 -29.25 39.20
CA ASP D 289 -54.47 -29.51 40.63
C ASP D 289 -53.19 -30.22 41.10
N GLN D 290 -53.15 -31.56 41.01
CA GLN D 290 -51.97 -32.28 41.48
C GLN D 290 -50.78 -32.23 40.52
N ALA D 291 -50.96 -31.85 39.25
CA ALA D 291 -49.79 -31.63 38.40
C ALA D 291 -48.93 -30.50 38.96
N ARG D 292 -49.55 -29.35 39.27
CA ARG D 292 -48.82 -28.23 39.84
C ARG D 292 -48.09 -28.64 41.12
N GLN D 293 -48.78 -29.36 42.02
CA GLN D 293 -48.11 -29.78 43.23
C GLN D 293 -46.95 -30.72 42.92
N ARG D 294 -47.11 -31.60 41.92
CA ARG D 294 -46.03 -32.53 41.60
C ARG D 294 -44.79 -31.80 41.09
N VAL D 295 -44.99 -30.80 40.24
CA VAL D 295 -43.87 -29.99 39.77
C VAL D 295 -43.12 -29.37 40.93
N SER D 296 -43.86 -28.73 41.84
CA SER D 296 -43.26 -28.20 43.06
C SER D 296 -42.50 -29.28 43.84
N ALA D 297 -43.13 -30.43 44.07
CA ALA D 297 -42.44 -31.52 44.73
C ALA D 297 -41.14 -31.90 44.03
N LEU D 298 -41.15 -32.00 42.69
CA LEU D 298 -39.97 -32.43 41.96
C LEU D 298 -38.86 -31.39 42.05
N VAL D 299 -39.23 -30.11 41.91
CA VAL D 299 -38.29 -29.02 42.10
C VAL D 299 -37.66 -29.08 43.49
N GLN D 300 -38.50 -29.26 44.52
CA GLN D 300 -37.97 -29.37 45.87
C GLN D 300 -36.94 -30.49 45.94
N GLU D 301 -37.24 -31.65 45.36
CA GLU D 301 -36.32 -32.79 45.40
C GLU D 301 -35.00 -32.48 44.70
N ALA D 302 -35.04 -31.81 43.56
CA ALA D 302 -33.85 -31.59 42.75
C ALA D 302 -32.90 -30.54 43.34
N ALA D 303 -33.31 -29.84 44.41
CA ALA D 303 -32.50 -28.76 44.95
C ALA D 303 -31.13 -29.29 45.39
N ALA D 304 -30.07 -28.58 45.00
CA ALA D 304 -28.72 -29.08 45.26
C ALA D 304 -28.41 -29.15 46.75
N SER D 305 -28.84 -28.14 47.50
CA SER D 305 -28.93 -28.16 48.96
C SER D 305 -30.24 -27.49 49.33
N VAL D 306 -30.61 -27.55 50.60
CA VAL D 306 -31.87 -26.96 51.06
C VAL D 306 -32.19 -25.65 50.33
N PRO D 307 -33.38 -25.55 49.70
CA PRO D 307 -33.72 -24.32 48.95
C PRO D 307 -34.62 -23.33 49.69
N ASP D 308 -34.59 -22.07 49.23
CA ASP D 308 -35.58 -21.08 49.63
C ASP D 308 -36.95 -21.50 49.09
N PRO D 309 -38.00 -21.50 49.92
CA PRO D 309 -39.35 -21.76 49.38
C PRO D 309 -39.74 -20.84 48.23
N GLY D 310 -39.41 -19.55 48.32
CA GLY D 310 -39.67 -18.66 47.20
C GLY D 310 -38.98 -19.08 45.92
N MET D 311 -37.80 -19.68 46.04
CA MET D 311 -37.09 -20.15 44.86
C MET D 311 -37.79 -21.36 44.26
N VAL D 312 -38.14 -22.35 45.10
CA VAL D 312 -38.88 -23.52 44.62
C VAL D 312 -40.18 -23.09 43.92
N THR D 313 -40.85 -22.07 44.45
CA THR D 313 -42.12 -21.62 43.89
C THR D 313 -41.95 -20.96 42.52
N LEU D 314 -40.98 -20.06 42.40
CA LEU D 314 -40.63 -19.48 41.11
C LEU D 314 -40.25 -20.57 40.11
N VAL D 315 -39.27 -21.39 40.47
CA VAL D 315 -38.79 -22.41 39.55
C VAL D 315 -39.92 -23.35 39.13
N ALA D 316 -40.80 -23.70 40.08
CA ALA D 316 -41.98 -24.50 39.74
C ALA D 316 -42.82 -23.80 38.69
N ARG D 317 -43.12 -22.52 38.89
CA ARG D 317 -43.89 -21.79 37.89
C ARG D 317 -43.18 -21.80 36.54
N LEU D 318 -41.84 -21.73 36.54
CA LEU D 318 -41.11 -21.70 35.28
C LEU D 318 -41.26 -23.02 34.52
N PHE D 319 -41.16 -24.15 35.21
CA PHE D 319 -41.41 -25.44 34.59
C PHE D 319 -42.85 -25.54 34.08
N GLU D 320 -43.81 -25.05 34.86
CA GLU D 320 -45.20 -25.13 34.43
C GLU D 320 -45.42 -24.31 33.17
N HIS D 321 -44.83 -23.13 33.10
CA HIS D 321 -44.87 -22.34 31.88
C HIS D 321 -44.18 -23.06 30.73
N ASN D 322 -42.95 -23.55 30.96
CA ASN D 322 -42.18 -24.17 29.90
C ASN D 322 -42.90 -25.37 29.28
N ILE D 323 -43.73 -26.05 30.08
CA ILE D 323 -44.49 -27.18 29.57
C ILE D 323 -45.36 -26.75 28.39
N SER D 324 -45.93 -25.55 28.44
CA SER D 324 -46.71 -25.09 27.30
C SER D 324 -45.85 -24.96 26.06
N GLN D 325 -44.61 -24.50 26.22
CA GLN D 325 -43.70 -24.36 25.09
C GLN D 325 -43.24 -25.73 24.59
N ILE D 326 -43.04 -26.69 25.50
CA ILE D 326 -42.78 -28.06 25.07
C ILE D 326 -43.87 -28.54 24.12
N ASP D 327 -45.14 -28.34 24.52
CA ASP D 327 -46.25 -28.72 23.65
C ASP D 327 -46.31 -27.87 22.39
N TYR D 328 -45.96 -26.59 22.49
CA TYR D 328 -45.90 -25.71 21.32
C TYR D 328 -45.05 -26.34 20.21
N VAL D 329 -43.86 -26.82 20.56
CA VAL D 329 -42.95 -27.33 19.55
C VAL D 329 -43.45 -28.66 19.01
N ARG D 330 -44.26 -29.38 19.80
CA ARG D 330 -44.90 -30.59 19.30
CA ARG D 330 -44.88 -30.59 19.30
C ARG D 330 -46.08 -30.28 18.40
N GLN D 331 -46.84 -29.20 18.68
CA GLN D 331 -48.02 -28.90 17.86
C GLN D 331 -47.62 -28.36 16.49
N PHE D 332 -46.73 -27.37 16.48
CA PHE D 332 -46.48 -26.59 15.28
C PHE D 332 -45.17 -26.95 14.62
N HIS D 333 -44.38 -27.74 15.26
CA HIS D 333 -43.22 -28.28 14.61
C HIS D 333 -43.36 -29.79 14.72
N GLY D 334 -42.30 -30.55 14.68
CA GLY D 334 -42.49 -31.97 14.75
C GLY D 334 -41.98 -32.56 15.99
N GLY D 335 -41.90 -31.73 17.00
CA GLY D 335 -41.27 -32.09 18.22
C GLY D 335 -39.80 -31.68 18.18
N ALA D 336 -39.40 -30.98 17.13
CA ALA D 336 -38.08 -30.47 16.89
C ALA D 336 -38.15 -29.51 15.72
N TYR D 337 -37.44 -28.42 15.83
CA TYR D 337 -37.36 -27.38 14.80
C TYR D 337 -36.56 -27.87 13.61
N ASP D 338 -37.16 -27.83 12.43
CA ASP D 338 -36.47 -27.91 11.14
C ASP D 338 -35.18 -27.10 11.11
N ASP D 339 -35.32 -25.83 11.44
CA ASP D 339 -34.17 -24.92 11.49
C ASP D 339 -33.46 -25.15 12.84
N ALA D 340 -32.65 -26.20 12.88
CA ALA D 340 -31.93 -26.51 14.10
C ALA D 340 -30.81 -25.51 14.35
N GLY D 341 -30.21 -24.97 13.29
CA GLY D 341 -29.15 -23.99 13.39
C GLY D 341 -29.62 -22.58 13.12
N HIS D 342 -28.66 -21.71 12.78
CA HIS D 342 -28.92 -20.29 12.59
C HIS D 342 -29.63 -20.04 11.26
N ALA D 343 -30.79 -19.38 11.32
CA ALA D 343 -31.53 -19.00 10.11
C ALA D 343 -32.03 -17.57 10.22
N GLU D 344 -31.33 -16.73 10.98
CA GLU D 344 -31.81 -15.40 11.26
C GLU D 344 -31.91 -14.56 9.98
N ARG D 345 -32.81 -13.56 10.03
CA ARG D 345 -33.11 -12.71 8.89
C ARG D 345 -32.25 -11.45 8.83
N PHE D 346 -31.68 -11.00 9.95
CA PHE D 346 -30.76 -9.87 9.93
C PHE D 346 -29.91 -9.93 11.18
N ILE D 347 -28.84 -9.13 11.17
CA ILE D 347 -27.93 -9.04 12.31
C ILE D 347 -28.30 -7.82 13.13
N GLY D 348 -28.38 -8.00 14.44
CA GLY D 348 -28.56 -6.93 15.40
C GLY D 348 -27.27 -6.73 16.17
N VAL D 349 -26.83 -5.48 16.22
CA VAL D 349 -25.60 -5.10 16.91
C VAL D 349 -25.96 -3.95 17.84
N GLY D 350 -25.39 -3.95 19.03
CA GLY D 350 -25.63 -2.88 19.98
C GLY D 350 -25.91 -3.37 21.39
N ILE D 351 -27.04 -2.97 21.97
CA ILE D 351 -27.22 -3.26 23.39
C ILE D 351 -28.23 -4.38 23.61
N GLY D 352 -29.16 -4.56 22.70
CA GLY D 352 -30.16 -5.56 22.98
C GLY D 352 -31.52 -5.05 22.63
N PHE D 353 -32.25 -5.80 21.81
CA PHE D 353 -33.48 -5.32 21.19
C PHE D 353 -34.67 -5.62 22.10
N LYS D 354 -35.29 -4.54 22.59
CA LYS D 354 -36.45 -4.62 23.45
C LYS D 354 -37.57 -5.45 22.82
N GLU D 355 -37.76 -5.32 21.51
CA GLU D 355 -38.98 -5.79 20.84
C GLU D 355 -38.79 -7.11 20.10
N ILE D 356 -37.66 -7.79 20.30
CA ILE D 356 -37.29 -8.95 19.49
C ILE D 356 -37.46 -10.19 20.36
N HIS D 357 -38.55 -10.94 20.14
CA HIS D 357 -38.80 -12.12 20.96
C HIS D 357 -39.07 -13.37 20.14
N LEU D 358 -38.59 -13.44 18.90
CA LEU D 358 -38.86 -14.58 18.01
C LEU D 358 -37.58 -15.37 17.74
N ARG D 359 -37.68 -16.70 17.86
CA ARG D 359 -36.53 -17.57 17.61
C ARG D 359 -36.07 -17.50 16.15
N ASN D 360 -34.75 -17.51 15.92
CA ASN D 360 -34.18 -17.29 14.56
C ASN D 360 -34.72 -16.10 13.79
N LEU D 361 -34.93 -14.98 14.46
CA LEU D 361 -35.15 -13.74 13.73
C LEU D 361 -33.86 -12.94 13.57
N THR D 362 -33.10 -12.76 14.65
CA THR D 362 -32.02 -11.79 14.72
C THR D 362 -30.76 -12.46 15.24
N TYR D 363 -29.68 -12.37 14.48
CA TYR D 363 -28.37 -12.69 15.05
C TYR D 363 -27.90 -11.47 15.83
N PHE D 364 -27.81 -11.60 17.15
CA PHE D 364 -27.46 -10.46 17.99
C PHE D 364 -26.03 -10.59 18.45
N ALA D 365 -25.30 -9.47 18.39
CA ALA D 365 -23.95 -9.37 18.95
C ALA D 365 -23.86 -8.11 19.80
N TYR D 366 -23.51 -8.28 21.08
CA TYR D 366 -23.43 -7.17 22.03
C TYR D 366 -22.13 -6.40 21.83
N MET D 367 -22.24 -5.07 21.87
CA MET D 367 -21.03 -4.27 21.77
C MET D 367 -21.29 -2.80 22.08
N ASP D 368 -20.57 -2.27 23.07
CA ASP D 368 -20.42 -0.82 23.22
C ASP D 368 -19.34 -0.28 22.33
N THR D 369 -18.55 -1.14 21.70
CA THR D 369 -17.46 -0.71 20.85
C THR D 369 -17.01 -1.87 19.97
N VAL D 370 -16.94 -1.62 18.67
CA VAL D 370 -16.45 -2.61 17.72
C VAL D 370 -15.01 -3.04 17.97
N GLU D 371 -14.20 -2.24 18.64
N GLU D 371 -14.21 -2.23 18.65
CA GLU D 371 -12.91 -2.79 19.05
CA GLU D 371 -12.92 -2.71 19.13
C GLU D 371 -13.01 -3.59 20.33
C GLU D 371 -13.10 -3.99 19.92
N GLU D 372 -14.21 -4.10 20.64
CA GLU D 372 -14.38 -5.03 21.74
C GLU D 372 -15.49 -6.02 21.44
N GLY D 373 -16.38 -5.70 20.51
CA GLY D 373 -17.34 -6.63 19.99
C GLY D 373 -17.00 -7.17 18.62
N ALA D 374 -15.80 -6.90 18.11
CA ALA D 374 -15.40 -7.38 16.79
C ALA D 374 -15.65 -8.88 16.65
N ALA D 375 -14.99 -9.68 17.49
CA ALA D 375 -15.08 -11.14 17.39
C ALA D 375 -16.51 -11.63 17.17
N ASP D 376 -17.46 -11.16 18.01
CA ASP D 376 -18.84 -11.63 17.93
C ASP D 376 -19.51 -11.22 16.63
N LEU D 377 -19.16 -10.05 16.08
CA LEU D 377 -19.74 -9.62 14.82
C LEU D 377 -19.16 -10.41 13.64
N ASP D 378 -17.85 -10.65 13.68
CA ASP D 378 -17.23 -11.52 12.68
C ASP D 378 -18.01 -12.82 12.54
N VAL D 379 -18.36 -13.44 13.66
CA VAL D 379 -19.05 -14.72 13.59
C VAL D 379 -20.41 -14.55 12.91
N GLY D 380 -21.15 -13.51 13.28
CA GLY D 380 -22.44 -13.30 12.64
C GLY D 380 -22.30 -13.01 11.16
N VAL D 381 -21.32 -12.18 10.80
CA VAL D 381 -21.08 -11.90 9.39
C VAL D 381 -20.77 -13.20 8.65
N LYS D 382 -19.95 -14.06 9.25
CA LYS D 382 -19.65 -15.35 8.64
C LYS D 382 -20.91 -16.19 8.50
N ILE D 383 -21.76 -16.21 9.53
CA ILE D 383 -23.04 -16.92 9.41
C ILE D 383 -23.78 -16.40 8.19
N PHE D 384 -23.79 -15.09 7.99
CA PHE D 384 -24.59 -14.52 6.94
C PHE D 384 -23.91 -14.60 5.57
N LYS D 385 -22.57 -14.69 5.53
CA LYS D 385 -21.93 -15.00 4.26
C LYS D 385 -22.59 -16.26 3.67
N GLY D 386 -22.94 -17.21 4.53
CA GLY D 386 -23.56 -18.45 4.09
C GLY D 386 -25.08 -18.42 3.94
N LEU D 387 -25.78 -17.69 4.82
CA LEU D 387 -27.24 -17.61 4.71
C LEU D 387 -27.66 -16.72 3.55
N ASN D 388 -26.89 -15.68 3.27
CA ASN D 388 -27.33 -14.62 2.39
C ASN D 388 -26.45 -14.51 1.14
N VAL D 389 -25.14 -14.29 1.32
CA VAL D 389 -24.27 -14.07 0.16
C VAL D 389 -24.35 -15.26 -0.80
N SER D 390 -24.24 -16.48 -0.28
CA SER D 390 -24.42 -17.69 -1.09
C SER D 390 -25.60 -17.53 -2.05
N ARG D 391 -26.64 -16.83 -1.61
CA ARG D 391 -27.80 -16.56 -2.44
C ARG D 391 -27.66 -15.27 -3.24
N GLY D 392 -26.51 -14.58 -3.15
CA GLY D 392 -26.34 -13.28 -3.76
C GLY D 392 -27.02 -12.11 -3.06
N LEU D 393 -27.48 -12.29 -1.73
CA LEU D 393 -28.11 -11.22 -0.96
C LEU D 393 -27.14 -10.61 0.05
N PRO D 394 -27.29 -9.32 0.34
CA PRO D 394 -26.39 -8.67 1.29
C PRO D 394 -26.69 -9.03 2.74
N VAL D 395 -25.70 -8.73 3.60
CA VAL D 395 -25.84 -8.89 5.05
C VAL D 395 -26.47 -7.63 5.62
N PRO D 396 -27.69 -7.70 6.17
CA PRO D 396 -28.32 -6.51 6.76
C PRO D 396 -28.07 -6.39 8.26
N VAL D 397 -27.53 -5.26 8.68
CA VAL D 397 -27.19 -5.00 10.07
C VAL D 397 -28.04 -3.85 10.60
N VAL D 398 -28.72 -4.09 11.71
CA VAL D 398 -29.46 -3.05 12.40
C VAL D 398 -28.73 -2.74 13.71
N VAL D 399 -28.34 -1.48 13.90
CA VAL D 399 -27.60 -1.05 15.09
C VAL D 399 -28.60 -0.47 16.09
N ARG D 400 -28.45 -0.83 17.37
CA ARG D 400 -29.40 -0.40 18.38
C ARG D 400 -28.67 0.04 19.64
N PHE D 401 -28.93 1.27 20.08
CA PHE D 401 -28.47 1.77 21.37
C PHE D 401 -29.64 2.39 22.12
N ASP D 402 -29.81 2.00 23.38
CA ASP D 402 -30.77 2.66 24.23
C ASP D 402 -30.12 3.90 24.87
N TYR D 403 -30.98 4.83 25.28
CA TYR D 403 -30.53 6.01 25.98
C TYR D 403 -31.62 6.44 26.95
N HIS D 404 -31.22 7.19 27.97
CA HIS D 404 -32.17 7.70 28.95
C HIS D 404 -32.72 9.01 28.40
N GLY D 405 -33.96 8.94 27.89
CA GLY D 405 -34.61 10.09 27.29
C GLY D 405 -34.92 11.19 28.27
N GLN D 406 -34.29 11.13 29.44
CA GLN D 406 -34.45 12.16 30.44
C GLN D 406 -33.13 12.83 30.80
N VAL D 407 -32.05 12.47 30.13
CA VAL D 407 -30.75 13.11 30.33
C VAL D 407 -30.51 14.05 29.16
N PRO D 408 -30.26 15.34 29.39
CA PRO D 408 -30.00 16.24 28.27
C PRO D 408 -28.87 15.71 27.41
N GLY D 409 -29.11 15.65 26.10
CA GLY D 409 -28.11 15.19 25.15
C GLY D 409 -27.98 13.69 25.03
N ALA D 410 -28.76 12.92 25.78
CA ALA D 410 -28.67 11.47 25.74
C ALA D 410 -28.99 10.93 24.35
N ARG D 411 -30.11 11.37 23.77
CA ARG D 411 -30.45 10.96 22.41
C ARG D 411 -29.32 11.28 21.44
N ASP D 412 -28.80 12.51 21.50
CA ASP D 412 -27.75 12.92 20.57
C ASP D 412 -26.53 12.02 20.67
N ARG D 413 -26.14 11.66 21.89
CA ARG D 413 -24.91 10.91 22.09
C ARG D 413 -25.08 9.45 21.73
N ALA D 414 -26.33 8.98 21.66
CA ALA D 414 -26.61 7.63 21.19
C ALA D 414 -26.68 7.57 19.67
N VAL D 415 -27.21 8.61 19.08
CA VAL D 415 -27.29 8.71 17.66
C VAL D 415 -25.88 8.71 17.17
N ARG D 416 -24.97 9.35 17.90
CA ARG D 416 -23.57 9.39 17.51
C ARG D 416 -22.83 8.09 17.73
N HIS D 417 -23.21 7.34 18.74
CA HIS D 417 -22.61 6.06 19.00
C HIS D 417 -22.96 5.16 17.85
N CYS D 418 -24.17 5.29 17.35
CA CYS D 418 -24.55 4.51 16.17
C CYS D 418 -23.62 4.80 15.00
N GLN D 419 -23.24 6.06 14.83
CA GLN D 419 -22.43 6.42 13.67
C GLN D 419 -21.03 5.86 13.79
N ARG D 420 -20.39 6.00 14.95
CA ARG D 420 -19.11 5.33 15.16
C ARG D 420 -19.22 3.85 14.81
N VAL D 421 -20.26 3.20 15.30
CA VAL D 421 -20.46 1.79 14.95
C VAL D 421 -20.52 1.64 13.44
N GLN D 422 -21.37 2.41 12.77
CA GLN D 422 -21.45 2.32 11.31
C GLN D 422 -20.08 2.47 10.66
N THR D 423 -19.34 3.53 11.00
CA THR D 423 -18.01 3.74 10.44
C THR D 423 -17.10 2.53 10.67
N ALA D 424 -17.24 1.89 11.84
CA ALA D 424 -16.39 0.75 12.14
C ALA D 424 -16.75 -0.46 11.29
N ILE D 425 -18.05 -0.78 11.17
CA ILE D 425 -18.46 -1.90 10.32
C ILE D 425 -17.91 -1.73 8.90
N GLU D 426 -18.17 -0.56 8.31
CA GLU D 426 -17.76 -0.32 6.93
C GLU D 426 -16.26 -0.55 6.74
N SER D 427 -15.45 -0.14 7.72
CA SER D 427 -14.01 -0.34 7.62
C SER D 427 -13.60 -1.79 7.88
N ARG D 428 -14.40 -2.55 8.64
CA ARG D 428 -14.01 -3.91 8.97
C ARG D 428 -14.34 -4.90 7.86
N TYR D 429 -15.43 -4.66 7.12
CA TYR D 429 -15.89 -5.53 6.04
C TYR D 429 -15.91 -4.78 4.71
N PRO D 430 -14.75 -4.30 4.24
CA PRO D 430 -14.76 -3.40 3.07
C PRO D 430 -15.17 -4.08 1.78
N GLU D 431 -14.73 -5.31 1.55
CA GLU D 431 -15.09 -5.99 0.30
C GLU D 431 -16.60 -6.24 0.23
N LEU D 432 -17.19 -6.73 1.33
CA LEU D 432 -18.65 -6.86 1.35
C LEU D 432 -19.31 -5.52 1.09
N PHE D 433 -18.82 -4.46 1.74
CA PHE D 433 -19.51 -3.19 1.69
C PHE D 433 -19.51 -2.60 0.28
N GLN D 434 -18.35 -2.59 -0.37
CA GLN D 434 -18.29 -1.99 -1.70
C GLN D 434 -18.94 -2.89 -2.75
N GLN D 435 -18.93 -4.20 -2.55
CA GLN D 435 -19.70 -5.08 -3.43
C GLN D 435 -21.21 -4.98 -3.22
N GLY D 436 -21.65 -4.10 -2.32
CA GLY D 436 -23.07 -3.95 -2.06
C GLY D 436 -23.68 -5.04 -1.23
N LEU D 437 -22.86 -5.79 -0.48
CA LEU D 437 -23.29 -6.95 0.29
C LEU D 437 -23.36 -6.69 1.78
N LEU D 438 -23.31 -5.44 2.22
CA LEU D 438 -23.41 -5.14 3.63
C LEU D 438 -24.06 -3.77 3.82
N HIS D 439 -25.17 -3.73 4.55
CA HIS D 439 -25.86 -2.49 4.82
C HIS D 439 -26.20 -2.41 6.31
N ALA D 440 -26.36 -1.17 6.79
CA ALA D 440 -26.65 -0.93 8.20
C ALA D 440 -27.76 0.08 8.37
N LEU D 441 -28.65 -0.21 9.33
CA LEU D 441 -29.68 0.73 9.79
C LEU D 441 -29.36 1.16 11.22
N LEU D 442 -29.39 2.47 11.47
CA LEU D 442 -29.13 3.01 12.81
C LEU D 442 -30.43 3.31 13.53
N THR D 443 -30.59 2.75 14.75
CA THR D 443 -31.78 2.98 15.54
C THR D 443 -31.42 3.33 16.99
N VAL D 444 -32.27 4.15 17.62
CA VAL D 444 -32.14 4.44 19.05
C VAL D 444 -33.50 4.27 19.73
N ARG D 445 -33.47 3.90 21.01
CA ARG D 445 -34.70 3.74 21.77
C ARG D 445 -34.59 4.46 23.11
N ASP D 446 -35.56 5.32 23.38
CA ASP D 446 -35.64 5.98 24.68
C ASP D 446 -36.11 4.94 25.71
N GLN D 447 -35.21 4.58 26.65
CA GLN D 447 -35.55 3.49 27.56
C GLN D 447 -36.34 3.96 28.77
N ASP D 448 -36.35 5.26 29.06
CA ASP D 448 -37.19 5.81 30.11
C ASP D 448 -38.67 5.85 29.70
N ARG D 449 -39.05 5.03 28.72
CA ARG D 449 -40.36 5.17 28.10
C ARG D 449 -40.64 3.94 27.24
N HIS D 450 -41.93 3.62 27.05
CA HIS D 450 -42.33 2.54 26.13
C HIS D 450 -42.80 3.11 24.80
N THR D 451 -41.93 3.85 24.14
CA THR D 451 -42.17 4.20 22.75
C THR D 451 -41.29 3.39 21.84
N PRO D 452 -41.70 3.21 20.59
CA PRO D 452 -40.89 2.42 19.65
C PRO D 452 -39.57 3.11 19.39
N ALA D 453 -38.61 2.28 18.98
CA ALA D 453 -37.32 2.78 18.52
C ALA D 453 -37.51 3.62 17.26
N GLU D 454 -36.51 4.45 16.96
CA GLU D 454 -36.55 5.32 15.78
C GLU D 454 -35.25 5.21 14.99
N ALA D 455 -35.37 5.24 13.66
CA ALA D 455 -34.22 5.10 12.78
C ALA D 455 -33.51 6.45 12.61
N VAL D 456 -32.18 6.42 12.66
CA VAL D 456 -31.42 7.66 12.59
C VAL D 456 -30.27 7.53 11.61
N GLY D 457 -30.44 6.69 10.60
CA GLY D 457 -29.51 6.68 9.49
C GLY D 457 -29.38 5.29 8.92
N SER D 458 -28.68 5.23 7.79
CA SER D 458 -28.55 4.01 7.02
C SER D 458 -27.40 4.17 6.03
N THR D 459 -26.77 3.05 5.68
CA THR D 459 -25.83 3.06 4.55
C THR D 459 -26.51 3.22 3.19
N ILE D 460 -27.82 2.98 3.11
CA ILE D 460 -28.58 3.17 1.87
C ILE D 460 -28.86 4.67 1.72
N VAL D 461 -28.13 5.36 0.86
CA VAL D 461 -28.38 6.78 0.60
C VAL D 461 -28.79 6.96 -0.85
N PHE D 462 -29.73 7.88 -1.09
CA PHE D 462 -30.09 8.27 -2.47
C PHE D 462 -29.59 9.69 -2.72
N MET E 2 38.22 -45.08 28.29
CA MET E 2 37.95 -45.11 26.86
C MET E 2 37.53 -46.53 26.47
N HIS E 3 36.60 -46.64 25.53
CA HIS E 3 36.14 -47.94 25.13
C HIS E 3 37.26 -48.71 24.40
N PRO E 4 37.37 -50.02 24.59
CA PRO E 4 38.39 -50.78 23.84
C PRO E 4 38.27 -50.66 22.33
N LEU E 5 37.13 -50.23 21.80
CA LEU E 5 36.96 -50.07 20.37
C LEU E 5 37.09 -48.62 19.89
N THR E 6 37.37 -47.66 20.76
CA THR E 6 37.53 -46.27 20.34
C THR E 6 38.88 -45.98 19.73
N ASP E 7 38.84 -45.28 18.59
CA ASP E 7 40.00 -44.75 17.89
C ASP E 7 40.38 -43.43 18.56
N ALA E 8 41.24 -43.53 19.57
CA ALA E 8 41.65 -42.36 20.35
C ALA E 8 42.15 -41.24 19.46
N SER E 9 43.21 -41.51 18.68
CA SER E 9 43.84 -40.44 17.90
C SER E 9 42.85 -39.83 16.90
N ALA E 10 42.01 -40.67 16.28
CA ALA E 10 40.98 -40.11 15.41
C ALA E 10 40.12 -39.12 16.18
N ASN E 11 39.73 -39.48 17.41
CA ASN E 11 38.92 -38.58 18.22
C ASN E 11 39.64 -37.24 18.45
N ASP E 12 40.97 -37.27 18.65
CA ASP E 12 41.72 -36.03 18.80
C ASP E 12 41.73 -35.22 17.51
N ALA E 13 42.08 -35.86 16.38
CA ALA E 13 42.13 -35.14 15.10
C ALA E 13 40.79 -34.49 14.78
N LEU E 14 39.69 -35.23 14.95
CA LEU E 14 38.38 -34.66 14.66
C LEU E 14 38.07 -33.52 15.62
N HIS E 15 38.41 -33.68 16.90
CA HIS E 15 38.24 -32.59 17.84
C HIS E 15 39.08 -31.39 17.43
N ALA E 16 40.33 -31.62 17.04
CA ALA E 16 41.17 -30.50 16.64
C ALA E 16 40.55 -29.73 15.48
N TYR E 17 39.98 -30.45 14.51
CA TYR E 17 39.29 -29.83 13.38
C TYR E 17 38.04 -29.04 13.85
N ASP E 18 37.15 -29.66 14.62
CA ASP E 18 35.91 -28.99 15.00
C ASP E 18 36.22 -27.70 15.77
N THR E 19 37.17 -27.76 16.70
CA THR E 19 37.46 -26.57 17.47
C THR E 19 38.14 -25.49 16.62
N ALA E 20 38.96 -25.89 15.64
CA ALA E 20 39.62 -24.91 14.77
C ALA E 20 38.60 -24.12 13.94
N VAL E 21 37.71 -24.81 13.24
CA VAL E 21 36.76 -24.08 12.42
C VAL E 21 35.82 -23.25 13.31
N LYS E 22 35.40 -23.82 14.43
CA LYS E 22 34.44 -23.06 15.24
C LYS E 22 35.13 -21.85 15.86
N LEU E 23 36.43 -21.95 16.14
CA LEU E 23 37.17 -20.79 16.64
C LEU E 23 37.19 -19.67 15.58
N ALA E 24 37.53 -20.02 14.33
CA ALA E 24 37.54 -19.03 13.26
C ALA E 24 36.24 -18.24 13.23
N PHE E 25 35.11 -18.92 13.31
CA PHE E 25 33.84 -18.20 13.25
C PHE E 25 33.60 -17.37 14.50
N ASP E 26 33.96 -17.91 15.68
CA ASP E 26 33.57 -17.27 16.93
C ASP E 26 34.51 -16.13 17.32
N ARG E 27 35.73 -16.11 16.78
CA ARG E 27 36.59 -14.94 17.00
CA ARG E 27 36.64 -14.97 16.92
C ARG E 27 36.12 -13.71 16.24
N ILE E 28 35.03 -13.79 15.46
CA ILE E 28 34.61 -12.61 14.69
C ILE E 28 34.10 -11.52 15.61
N VAL E 29 33.07 -11.83 16.41
CA VAL E 29 32.43 -10.85 17.28
C VAL E 29 33.49 -10.20 18.14
N PRO E 30 34.31 -10.96 18.88
CA PRO E 30 35.35 -10.34 19.72
C PRO E 30 36.23 -9.35 18.98
N VAL E 31 36.54 -9.61 17.71
CA VAL E 31 37.34 -8.67 16.93
C VAL E 31 36.53 -7.43 16.59
N LEU E 32 35.33 -7.63 16.09
CA LEU E 32 34.48 -6.49 15.78
C LEU E 32 34.21 -5.64 17.02
N LYS E 33 34.17 -6.26 18.21
CA LYS E 33 34.00 -5.46 19.42
C LYS E 33 35.24 -4.59 19.66
N ARG E 34 36.43 -5.14 19.43
CA ARG E 34 37.66 -4.35 19.57
C ARG E 34 37.69 -3.22 18.56
N LEU E 35 37.30 -3.50 17.31
CA LEU E 35 37.34 -2.44 16.30
C LEU E 35 36.36 -1.32 16.66
N SER E 36 35.16 -1.69 17.09
CA SER E 36 34.16 -0.68 17.39
C SER E 36 34.69 0.35 18.37
N ALA E 37 35.49 -0.10 19.34
CA ALA E 37 36.06 0.81 20.33
C ALA E 37 37.04 1.81 19.74
N LEU E 38 37.59 1.51 18.56
CA LEU E 38 38.69 2.30 18.01
C LEU E 38 38.26 3.25 16.89
N GLN E 39 36.99 3.25 16.50
CA GLN E 39 36.60 3.90 15.25
C GLN E 39 36.75 5.42 15.26
N HIS E 40 37.02 6.05 16.41
CA HIS E 40 37.27 7.50 16.39
C HIS E 40 38.74 7.85 16.40
N GLU E 41 39.64 6.88 16.47
CA GLU E 41 41.07 7.19 16.52
C GLU E 41 41.60 7.54 15.13
N ASP E 42 42.69 8.33 15.10
CA ASP E 42 43.20 8.86 13.84
C ASP E 42 43.57 7.72 12.88
N ASP E 43 44.36 6.79 13.35
CA ASP E 43 44.81 5.63 12.59
C ASP E 43 43.84 4.47 12.65
N PHE E 44 42.53 4.74 12.68
CA PHE E 44 41.56 3.68 12.84
C PHE E 44 41.72 2.61 11.77
N VAL E 45 41.77 3.02 10.51
CA VAL E 45 41.78 2.08 9.40
C VAL E 45 43.02 1.18 9.51
N GLY E 46 44.18 1.80 9.71
CA GLY E 46 45.41 1.04 9.86
C GLY E 46 45.35 0.05 11.01
N ARG E 47 44.86 0.50 12.17
CA ARG E 47 44.85 -0.37 13.34
C ARG E 47 43.82 -1.48 13.20
N ALA E 48 42.73 -1.22 12.48
CA ALA E 48 41.71 -2.24 12.27
C ALA E 48 42.21 -3.31 11.31
N GLN E 49 42.76 -2.90 10.17
CA GLN E 49 43.37 -3.87 9.26
C GLN E 49 44.38 -4.74 9.98
N ALA E 50 45.25 -4.14 10.80
CA ALA E 50 46.26 -4.92 11.50
C ALA E 50 45.63 -5.86 12.54
N ILE E 51 44.58 -5.40 13.24
CA ILE E 51 43.93 -6.32 14.17
C ILE E 51 43.32 -7.50 13.41
N ALA E 52 42.64 -7.22 12.30
CA ALA E 52 41.95 -8.28 11.57
C ALA E 52 42.94 -9.30 11.00
N LEU E 53 44.06 -8.84 10.44
CA LEU E 53 45.06 -9.77 9.92
C LEU E 53 45.56 -10.72 11.00
N GLU E 54 46.03 -10.15 12.11
CA GLU E 54 46.44 -10.97 13.25
C GLU E 54 45.37 -12.01 13.58
N GLU E 55 44.14 -11.56 13.79
CA GLU E 55 43.10 -12.32 14.47
C GLU E 55 42.35 -13.26 13.54
N LEU E 56 41.89 -12.75 12.39
CA LEU E 56 41.11 -13.52 11.45
C LEU E 56 41.94 -14.00 10.26
N GLY E 57 43.13 -13.44 10.07
CA GLY E 57 44.00 -13.88 9.01
C GLY E 57 43.72 -13.27 7.66
N PHE E 58 42.72 -12.41 7.55
CA PHE E 58 42.44 -11.62 6.36
C PHE E 58 42.16 -10.18 6.75
N PRO E 59 42.18 -9.27 5.77
CA PRO E 59 41.81 -7.89 6.06
C PRO E 59 40.35 -7.63 5.69
N LEU E 60 39.85 -6.43 6.01
CA LEU E 60 38.45 -6.06 5.88
C LEU E 60 38.25 -5.20 4.66
N PRO E 61 37.03 -5.19 4.10
CA PRO E 61 36.70 -4.23 3.03
C PRO E 61 36.96 -2.81 3.50
N GLU E 62 37.84 -2.12 2.77
CA GLU E 62 38.37 -0.81 3.10
C GLU E 62 37.27 0.25 3.00
N PRO E 63 36.44 0.22 1.97
CA PRO E 63 35.31 1.17 1.92
C PRO E 63 34.54 1.22 3.22
N ILE E 64 34.26 0.08 3.85
CA ILE E 64 33.48 0.10 5.09
C ILE E 64 34.24 0.77 6.22
N LEU E 65 35.56 0.60 6.28
CA LEU E 65 36.35 1.28 7.31
C LEU E 65 36.55 2.74 6.96
N ASP E 66 36.84 3.04 5.69
CA ASP E 66 37.23 4.37 5.26
C ASP E 66 36.11 5.39 5.39
N THR E 67 34.87 4.93 5.55
CA THR E 67 33.69 5.78 5.62
C THR E 67 32.96 5.66 6.96
N ALA E 68 33.55 4.96 7.93
CA ALA E 68 32.91 4.80 9.23
C ALA E 68 32.64 6.14 9.92
N TRP E 69 33.33 7.21 9.54
CA TRP E 69 33.17 8.47 10.25
C TRP E 69 31.86 9.17 9.93
N VAL E 70 31.20 8.80 8.83
CA VAL E 70 29.93 9.42 8.44
C VAL E 70 28.77 8.79 9.20
N SER E 71 28.31 7.66 8.66
CA SER E 71 27.19 6.90 9.23
C SER E 71 27.47 6.37 10.63
N GLN E 72 28.75 6.18 10.96
CA GLN E 72 29.20 5.29 12.02
C GLN E 72 29.68 4.00 11.34
N LEU E 73 30.30 3.11 12.11
CA LEU E 73 30.91 1.92 11.54
C LEU E 73 29.86 0.86 11.32
N ASP E 74 29.74 0.37 10.08
CA ASP E 74 28.64 -0.50 9.69
C ASP E 74 28.94 -1.93 10.11
N MET E 75 28.63 -2.24 11.37
CA MET E 75 28.98 -3.53 11.92
C MET E 75 28.17 -4.66 11.30
N ARG E 76 26.88 -4.42 11.07
CA ARG E 76 26.05 -5.48 10.52
C ARG E 76 26.65 -5.99 9.21
N THR E 77 27.08 -5.07 8.34
CA THR E 77 27.65 -5.51 7.08
C THR E 77 29.02 -6.13 7.25
N LEU E 78 29.88 -5.56 8.11
CA LEU E 78 31.16 -6.22 8.38
C LEU E 78 30.95 -7.63 8.90
N TYR E 79 30.06 -7.79 9.90
CA TYR E 79 29.83 -9.12 10.46
C TYR E 79 29.45 -10.12 9.38
N ALA E 80 28.48 -9.78 8.51
CA ALA E 80 28.12 -10.70 7.44
C ALA E 80 29.33 -10.98 6.58
N TRP E 81 30.02 -9.93 6.14
CA TRP E 81 31.19 -10.09 5.28
C TRP E 81 32.23 -11.00 5.93
N CYS E 82 32.47 -10.83 7.23
CA CYS E 82 33.42 -11.69 7.93
C CYS E 82 32.94 -13.13 7.97
N VAL E 83 31.63 -13.35 8.16
CA VAL E 83 31.16 -14.72 8.17
C VAL E 83 31.36 -15.34 6.79
N PHE E 84 31.03 -14.58 5.73
CA PHE E 84 31.23 -15.10 4.37
C PHE E 84 32.70 -15.41 4.13
N GLU E 85 33.58 -14.46 4.47
CA GLU E 85 35.01 -14.68 4.24
C GLU E 85 35.52 -15.86 5.03
N THR E 86 34.98 -16.09 6.20
CA THR E 86 35.37 -17.18 7.02
C THR E 86 34.86 -18.45 6.41
N TYR E 87 33.70 -18.43 5.83
CA TYR E 87 33.20 -19.60 5.18
C TYR E 87 34.03 -19.89 3.95
N GLU E 88 34.46 -18.91 3.21
CA GLU E 88 35.24 -19.20 2.06
C GLU E 88 36.56 -19.82 2.46
N GLN E 89 37.20 -19.30 3.46
CA GLN E 89 38.50 -19.88 3.83
C GLN E 89 38.31 -21.30 4.36
N THR E 90 37.35 -21.49 5.25
CA THR E 90 36.92 -22.80 5.70
C THR E 90 36.74 -23.77 4.54
N SER E 91 35.87 -23.41 3.59
CA SER E 91 35.53 -24.33 2.53
C SER E 91 36.74 -24.61 1.65
N GLU E 92 37.49 -23.57 1.29
CA GLU E 92 38.61 -23.79 0.41
C GLU E 92 39.61 -24.76 1.04
N ALA E 93 39.81 -24.64 2.34
CA ALA E 93 40.77 -25.48 3.03
C ALA E 93 40.26 -26.91 3.19
N PHE E 94 38.96 -27.12 3.12
CA PHE E 94 38.43 -28.48 3.15
C PHE E 94 38.91 -29.26 1.93
N PHE E 95 38.77 -28.65 0.74
CA PHE E 95 39.19 -29.33 -0.47
C PHE E 95 40.70 -29.37 -0.60
N ARG E 96 41.40 -28.43 0.04
CA ARG E 96 42.85 -28.35 -0.10
C ARG E 96 43.56 -29.32 0.84
N ASP E 97 43.12 -29.42 2.09
CA ASP E 97 43.81 -30.18 3.14
C ASP E 97 43.16 -31.51 3.48
N ASP E 98 41.92 -31.73 3.07
CA ASP E 98 41.18 -32.94 3.42
C ASP E 98 41.29 -33.22 4.93
N PRO E 99 40.69 -32.39 5.78
CA PRO E 99 40.77 -32.68 7.23
C PRO E 99 40.17 -34.02 7.63
N LEU E 100 39.18 -34.53 6.89
CA LEU E 100 38.54 -35.79 7.24
C LEU E 100 39.29 -37.00 6.68
N GLN E 101 40.31 -36.80 5.85
CA GLN E 101 41.01 -37.93 5.25
C GLN E 101 40.02 -38.87 4.58
N GLY E 102 39.16 -38.30 3.75
CA GLY E 102 38.13 -39.08 3.10
C GLY E 102 37.70 -38.58 1.74
N GLN E 103 38.56 -37.84 1.06
CA GLN E 103 38.26 -37.36 -0.28
C GLN E 103 38.39 -38.48 -1.31
N PRO E 104 37.94 -38.25 -2.55
CA PRO E 104 38.08 -39.30 -3.58
C PRO E 104 39.53 -39.68 -3.72
N GLY E 105 39.78 -40.98 -3.77
CA GLY E 105 41.13 -41.50 -3.89
C GLY E 105 41.89 -41.63 -2.59
N SER E 106 41.34 -41.12 -1.48
CA SER E 106 42.03 -41.33 -0.21
C SER E 106 42.01 -42.82 0.17
N PRO E 107 43.07 -43.29 0.82
CA PRO E 107 43.07 -44.69 1.29
C PRO E 107 41.81 -45.08 2.05
N SER E 108 41.34 -44.20 2.94
CA SER E 108 40.13 -44.50 3.70
C SER E 108 38.95 -44.72 2.76
N ALA E 109 38.77 -43.81 1.81
CA ALA E 109 37.66 -43.95 0.86
C ALA E 109 37.79 -45.23 0.03
N GLU E 110 38.98 -45.50 -0.53
CA GLU E 110 39.19 -46.75 -1.28
C GLU E 110 38.91 -47.97 -0.42
N ALA E 111 39.39 -47.95 0.84
CA ALA E 111 39.13 -49.06 1.75
C ALA E 111 37.63 -49.26 1.92
N PHE E 112 36.88 -48.19 2.19
CA PHE E 112 35.47 -48.34 2.50
C PHE E 112 34.65 -48.74 1.28
N ASP E 113 34.99 -48.20 0.11
CA ASP E 113 34.33 -48.64 -1.11
C ASP E 113 34.46 -50.15 -1.29
N ARG E 114 35.66 -50.68 -1.10
CA ARG E 114 35.84 -52.13 -1.16
C ARG E 114 34.99 -52.85 -0.11
N PHE E 115 34.97 -52.34 1.13
CA PHE E 115 34.20 -52.97 2.20
C PHE E 115 32.72 -52.98 1.88
N LEU E 116 32.21 -51.87 1.33
CA LEU E 116 30.80 -51.85 0.96
C LEU E 116 30.49 -52.93 -0.07
N LEU E 117 31.38 -53.12 -1.05
CA LEU E 117 31.13 -54.15 -2.06
C LEU E 117 31.10 -55.54 -1.44
N ASP E 118 32.06 -55.85 -0.57
CA ASP E 118 32.07 -57.14 0.13
C ASP E 118 30.77 -57.37 0.90
N CYS E 119 30.19 -56.33 1.50
CA CYS E 119 28.93 -56.47 2.20
C CYS E 119 27.73 -56.60 1.26
N GLY E 120 27.92 -56.47 -0.06
CA GLY E 120 26.83 -56.61 -0.99
C GLY E 120 26.18 -55.33 -1.44
N PHE E 121 26.87 -54.19 -1.34
CA PHE E 121 26.28 -52.89 -1.66
C PHE E 121 27.20 -52.12 -2.60
N HIS E 122 26.64 -51.58 -3.67
CA HIS E 122 27.43 -50.86 -4.66
C HIS E 122 27.20 -49.36 -4.61
N LEU E 123 26.31 -48.87 -3.75
CA LEU E 123 26.22 -47.44 -3.49
C LEU E 123 25.52 -47.27 -2.14
N LEU E 124 25.98 -46.28 -1.36
CA LEU E 124 25.40 -46.01 -0.05
C LEU E 124 24.85 -44.59 -0.07
N ASP E 125 23.52 -44.45 -0.06
CA ASP E 125 22.83 -43.17 -0.20
C ASP E 125 22.11 -42.86 1.11
N ILE E 126 22.50 -41.77 1.78
CA ILE E 126 22.10 -41.46 3.15
C ILE E 126 21.29 -40.17 3.12
N THR E 127 20.07 -40.20 3.67
CA THR E 127 19.37 -38.94 3.97
C THR E 127 19.25 -38.72 5.48
N PRO E 128 20.09 -37.89 6.08
CA PRO E 128 19.79 -37.39 7.42
C PRO E 128 18.86 -36.19 7.33
N CYS E 129 18.13 -35.93 8.42
CA CYS E 129 17.44 -34.66 8.52
C CYS E 129 18.44 -33.53 8.34
N ALA E 130 18.02 -32.48 7.63
CA ALA E 130 18.86 -31.32 7.40
C ALA E 130 19.30 -30.62 8.68
N ASP E 131 18.71 -30.97 9.82
CA ASP E 131 19.02 -30.32 11.08
C ASP E 131 20.52 -30.09 11.23
N GLY E 132 20.90 -28.88 11.64
CA GLY E 132 22.31 -28.55 11.78
C GLY E 132 23.03 -29.47 12.74
N ARG E 133 22.30 -30.00 13.72
CA ARG E 133 22.89 -30.90 14.70
C ARG E 133 23.27 -32.27 14.11
N LEU E 134 22.97 -32.54 12.84
CA LEU E 134 23.38 -33.81 12.21
C LEU E 134 24.37 -33.64 11.08
N ALA E 135 24.92 -32.43 10.87
CA ALA E 135 25.83 -32.24 9.75
C ALA E 135 27.11 -33.07 9.87
N HIS E 136 27.44 -33.54 11.06
CA HIS E 136 28.66 -34.32 11.32
C HIS E 136 28.37 -35.80 11.41
N ALA E 137 27.13 -36.21 11.09
CA ALA E 137 26.73 -37.60 11.18
C ALA E 137 27.65 -38.52 10.39
N ILE E 138 27.96 -38.17 9.15
CA ILE E 138 28.80 -39.04 8.31
C ILE E 138 30.23 -39.10 8.84
N GLY E 139 30.87 -37.93 8.98
CA GLY E 139 32.30 -37.91 9.30
C GLY E 139 32.61 -38.22 10.74
N PHE E 140 31.79 -37.73 11.68
CA PHE E 140 31.98 -37.98 13.11
C PHE E 140 31.15 -39.15 13.62
N GLY E 141 29.84 -39.17 13.30
CA GLY E 141 28.94 -40.12 13.92
C GLY E 141 29.17 -41.56 13.48
N LEU E 142 29.36 -41.77 12.17
CA LEU E 142 29.57 -43.09 11.58
C LEU E 142 30.98 -43.31 11.04
N ARG E 143 31.85 -42.29 11.09
CA ARG E 143 33.28 -42.39 10.75
C ARG E 143 33.53 -42.92 9.33
N LEU E 144 32.61 -42.66 8.41
CA LEU E 144 32.73 -43.03 7.01
C LEU E 144 33.47 -41.93 6.23
N PRO E 145 34.34 -42.28 5.29
CA PRO E 145 34.88 -41.26 4.38
C PRO E 145 33.74 -40.56 3.65
N PHE E 146 33.78 -39.23 3.62
CA PHE E 146 32.66 -38.51 3.02
C PHE E 146 32.46 -38.88 1.55
N SER E 147 33.54 -39.16 0.81
CA SER E 147 33.39 -39.37 -0.62
C SER E 147 32.89 -40.77 -0.97
N SER E 148 32.81 -41.70 -0.02
CA SER E 148 32.34 -43.04 -0.28
C SER E 148 30.82 -43.17 -0.18
N VAL E 149 30.12 -42.03 -0.14
CA VAL E 149 28.75 -41.91 0.34
C VAL E 149 28.09 -40.76 -0.38
N ARG E 150 26.87 -40.98 -0.82
N ARG E 150 26.82 -40.91 -0.72
CA ARG E 150 26.00 -39.88 -1.20
CA ARG E 150 26.04 -39.81 -1.26
C ARG E 150 25.30 -39.41 0.07
C ARG E 150 25.09 -39.31 -0.17
N ARG E 151 25.38 -38.12 0.36
CA ARG E 151 24.64 -37.53 1.47
C ARG E 151 23.55 -36.64 0.89
N ARG E 152 22.29 -36.90 1.25
CA ARG E 152 21.16 -36.15 0.71
C ARG E 152 20.24 -35.67 1.84
N PRO E 153 20.58 -34.55 2.46
CA PRO E 153 19.83 -34.09 3.63
C PRO E 153 18.51 -33.42 3.28
N HIS E 154 17.52 -33.61 4.16
CA HIS E 154 16.19 -33.03 4.01
C HIS E 154 15.56 -32.78 5.38
N ALA E 155 14.80 -31.69 5.48
CA ALA E 155 14.00 -31.47 6.69
C ALA E 155 13.22 -32.75 7.00
N GLY E 156 13.39 -33.23 8.24
CA GLY E 156 12.73 -34.44 8.68
C GLY E 156 13.04 -35.66 7.85
N ALA E 157 14.20 -35.68 7.16
CA ALA E 157 14.64 -36.83 6.36
C ALA E 157 13.64 -37.18 5.23
N LEU E 158 12.84 -36.22 4.79
CA LEU E 158 11.80 -36.46 3.77
C LEU E 158 12.43 -36.24 2.40
N PHE E 159 13.16 -37.25 1.93
CA PHE E 159 13.84 -37.16 0.64
C PHE E 159 12.87 -37.40 -0.51
N ASP E 160 13.32 -37.04 -1.72
CA ASP E 160 12.49 -37.07 -2.92
C ASP E 160 12.48 -38.48 -3.48
N VAL E 161 11.37 -39.20 -3.30
CA VAL E 161 11.31 -40.60 -3.73
C VAL E 161 11.62 -40.71 -5.21
N GLU E 162 10.95 -39.89 -6.03
N GLU E 162 10.93 -39.91 -6.03
CA GLU E 162 11.09 -39.99 -7.48
CA GLU E 162 11.12 -40.02 -7.48
C GLU E 162 12.51 -39.66 -7.93
C GLU E 162 12.56 -39.73 -7.87
N ASN E 163 13.17 -38.71 -7.25
CA ASN E 163 14.53 -38.37 -7.64
C ASN E 163 15.52 -39.42 -7.19
N THR E 164 15.22 -40.13 -6.11
CA THR E 164 16.07 -41.24 -5.68
C THR E 164 15.99 -42.39 -6.67
N VAL E 165 14.79 -42.72 -7.14
CA VAL E 165 14.69 -43.72 -8.21
C VAL E 165 15.56 -43.30 -9.38
N ASN E 166 15.49 -42.01 -9.75
CA ASN E 166 16.32 -41.52 -10.83
C ASN E 166 17.80 -41.69 -10.51
N ARG E 167 18.20 -41.59 -9.22
CA ARG E 167 19.60 -41.83 -8.90
C ARG E 167 19.93 -43.30 -9.00
N TRP E 168 18.98 -44.17 -8.67
CA TRP E 168 19.19 -45.59 -8.87
C TRP E 168 19.39 -45.90 -10.36
N VAL E 169 18.53 -45.33 -11.21
CA VAL E 169 18.66 -45.53 -12.65
C VAL E 169 20.03 -45.08 -13.13
N LYS E 170 20.47 -43.90 -12.68
CA LYS E 170 21.76 -43.39 -13.10
C LYS E 170 22.89 -44.30 -12.64
N THR E 171 22.73 -44.89 -11.44
CA THR E 171 23.74 -45.79 -10.92
C THR E 171 23.83 -47.08 -11.73
N GLU E 172 22.68 -47.70 -12.01
CA GLU E 172 22.67 -48.92 -12.82
C GLU E 172 23.30 -48.64 -14.17
N HIS E 173 22.90 -47.53 -14.79
CA HIS E 173 23.41 -47.21 -16.11
C HIS E 173 24.93 -47.16 -16.10
N ARG E 174 25.52 -46.57 -15.05
CA ARG E 174 26.97 -46.51 -14.99
C ARG E 174 27.56 -47.90 -14.76
N ARG E 175 26.87 -48.76 -14.02
CA ARG E 175 27.33 -50.14 -13.94
C ARG E 175 27.30 -50.80 -15.33
N TYR E 176 26.24 -50.56 -16.10
CA TYR E 176 26.13 -51.16 -17.42
C TYR E 176 27.25 -50.69 -18.36
N ARG E 177 27.48 -49.38 -18.42
CA ARG E 177 28.36 -48.83 -19.45
C ARG E 177 29.84 -48.80 -19.04
N GLU E 178 30.15 -48.51 -17.79
CA GLU E 178 31.54 -48.47 -17.32
C GLU E 178 31.90 -49.56 -16.33
N ALA E 179 30.96 -50.46 -16.00
CA ALA E 179 31.14 -51.37 -14.87
C ALA E 179 31.64 -50.64 -13.61
N GLN E 180 31.24 -49.39 -13.44
CA GLN E 180 31.61 -48.63 -12.25
C GLN E 180 30.42 -48.45 -11.33
N PRO E 181 30.50 -48.79 -10.02
CA PRO E 181 31.63 -49.35 -9.26
C PRO E 181 31.96 -50.81 -9.52
N ASN E 182 31.05 -51.52 -10.16
CA ASN E 182 31.24 -52.95 -10.42
C ASN E 182 30.36 -53.34 -11.59
N PRO E 183 30.56 -54.54 -12.15
CA PRO E 183 29.72 -54.98 -13.27
C PRO E 183 28.24 -55.00 -12.91
N ALA E 184 27.38 -54.78 -13.91
CA ALA E 184 25.95 -54.76 -13.64
C ALA E 184 25.42 -56.10 -13.18
N HIS E 185 25.97 -57.21 -13.70
CA HIS E 185 25.45 -58.53 -13.35
C HIS E 185 25.78 -58.90 -11.91
N ALA E 186 26.77 -58.26 -11.30
CA ALA E 186 27.15 -58.63 -9.95
C ALA E 186 26.00 -58.43 -8.96
N ASP E 187 25.96 -59.33 -7.98
CA ASP E 187 24.81 -59.49 -7.08
C ASP E 187 24.85 -58.49 -5.92
N THR E 188 24.90 -57.21 -6.24
CA THR E 188 24.92 -56.17 -5.23
C THR E 188 23.64 -55.35 -5.32
N ARG E 189 23.41 -54.53 -4.28
N ARG E 189 23.40 -54.54 -4.28
CA ARG E 189 22.21 -53.74 -4.16
CA ARG E 189 22.20 -53.74 -4.18
C ARG E 189 22.56 -52.29 -3.83
C ARG E 189 22.55 -52.29 -3.83
N TYR E 190 21.74 -51.38 -4.34
CA TYR E 190 21.76 -49.99 -3.92
C TYR E 190 21.21 -49.94 -2.49
N LEU E 191 21.87 -49.21 -1.59
CA LEU E 191 21.44 -49.12 -0.21
C LEU E 191 21.02 -47.69 0.12
N LYS E 192 19.75 -47.51 0.48
CA LYS E 192 19.23 -46.22 0.92
C LYS E 192 19.03 -46.21 2.43
N VAL E 193 19.53 -45.16 3.08
CA VAL E 193 19.47 -45.01 4.53
C VAL E 193 18.71 -43.74 4.88
N ALA E 194 17.85 -43.82 5.90
CA ALA E 194 17.20 -42.63 6.45
C ALA E 194 17.66 -42.48 7.90
N LEU E 195 18.25 -41.33 8.21
CA LEU E 195 18.80 -41.04 9.54
C LEU E 195 17.93 -39.95 10.18
N TYR E 196 17.07 -40.34 11.11
CA TYR E 196 16.33 -39.38 11.92
C TYR E 196 17.08 -39.12 13.22
N HIS E 197 16.61 -38.16 14.00
CA HIS E 197 17.25 -37.82 15.27
C HIS E 197 16.17 -37.56 16.30
N PHE E 198 16.63 -37.50 17.56
CA PHE E 198 15.79 -37.27 18.74
C PHE E 198 16.70 -36.63 19.79
N SER E 199 16.10 -36.15 20.88
CA SER E 199 16.85 -35.63 22.03
C SER E 199 16.54 -36.48 23.25
N SER E 200 17.55 -37.18 23.78
CA SER E 200 17.33 -38.01 24.96
C SER E 200 17.17 -37.17 26.24
N LEU E 201 17.74 -35.95 26.26
CA LEU E 201 17.73 -35.14 27.48
C LEU E 201 16.45 -34.33 27.61
N ASP E 202 15.93 -33.82 26.49
CA ASP E 202 14.65 -33.11 26.48
C ASP E 202 13.85 -33.54 25.26
N PRO E 203 13.20 -34.71 25.32
CA PRO E 203 12.58 -35.26 24.11
C PRO E 203 11.41 -34.44 23.59
N GLN E 204 10.80 -33.61 24.45
CA GLN E 204 9.58 -32.89 24.10
C GLN E 204 9.84 -31.69 23.20
N HIS E 205 10.98 -31.01 23.35
CA HIS E 205 11.25 -29.77 22.63
C HIS E 205 12.52 -29.78 21.77
N GLU E 206 13.48 -30.66 22.04
CA GLU E 206 14.74 -30.65 21.30
C GLU E 206 14.79 -31.70 20.18
N GLY E 207 13.66 -32.32 19.85
CA GLY E 207 13.62 -33.33 18.82
C GLY E 207 13.61 -32.73 17.42
N CYS E 208 13.19 -33.54 16.46
CA CYS E 208 13.15 -33.11 15.06
C CYS E 208 11.96 -32.17 14.85
N ALA E 209 12.23 -30.88 14.73
CA ALA E 209 11.15 -29.90 14.66
C ALA E 209 10.27 -30.09 13.42
N ALA E 210 10.77 -30.72 12.36
CA ALA E 210 9.92 -30.99 11.21
C ALA E 210 8.76 -31.90 11.57
N HIS E 211 8.90 -32.71 12.62
CA HIS E 211 7.86 -33.66 13.04
C HIS E 211 7.40 -33.38 14.47
N GLY E 212 7.43 -32.11 14.89
CA GLY E 212 6.91 -31.71 16.19
C GLY E 212 7.65 -32.30 17.36
N SER E 213 8.88 -32.77 17.17
CA SER E 213 9.71 -33.37 18.22
C SER E 213 9.11 -34.68 18.74
N ASP E 214 8.23 -35.31 17.94
CA ASP E 214 7.77 -36.66 18.20
C ASP E 214 8.77 -37.64 17.59
N ASP E 215 9.38 -38.48 18.43
CA ASP E 215 10.34 -39.46 17.92
C ASP E 215 9.68 -40.46 16.99
N ALA E 216 8.46 -40.91 17.33
CA ALA E 216 7.80 -41.93 16.53
C ALA E 216 7.50 -41.41 15.14
N LEU E 217 7.03 -40.18 15.05
CA LEU E 217 6.65 -39.60 13.76
C LEU E 217 7.87 -39.44 12.86
N ALA E 218 9.00 -38.98 13.42
CA ALA E 218 10.20 -38.83 12.61
C ALA E 218 10.73 -40.20 12.15
N ALA E 219 10.68 -41.20 13.04
CA ALA E 219 11.11 -42.55 12.66
C ALA E 219 10.22 -43.12 11.56
N SER E 220 8.91 -42.93 11.70
CA SER E 220 7.97 -43.59 10.81
C SER E 220 7.87 -42.89 9.46
N CYS E 221 8.02 -41.56 9.42
CA CYS E 221 8.04 -40.89 8.12
C CYS E 221 9.30 -41.23 7.35
N GLY E 222 10.44 -41.35 8.06
CA GLY E 222 11.66 -41.77 7.41
C GLY E 222 11.52 -43.15 6.79
N LEU E 223 10.88 -44.08 7.49
CA LEU E 223 10.66 -45.40 6.96
C LEU E 223 9.66 -45.37 5.81
N SER E 224 8.61 -44.57 5.95
CA SER E 224 7.60 -44.45 4.90
C SER E 224 8.26 -44.09 3.57
N ARG E 225 9.18 -43.12 3.59
CA ARG E 225 9.94 -42.78 2.39
C ARG E 225 10.81 -43.96 1.94
N LEU E 226 11.47 -44.65 2.86
CA LEU E 226 12.33 -45.75 2.46
C LEU E 226 11.54 -46.82 1.73
N LYS E 227 10.42 -47.25 2.30
N LYS E 227 10.45 -47.29 2.35
CA LYS E 227 9.69 -48.32 1.63
CA LYS E 227 9.57 -48.26 1.72
C LYS E 227 8.95 -47.83 0.38
C LYS E 227 9.14 -47.77 0.33
N ASP E 228 8.69 -46.53 0.25
CA ASP E 228 8.14 -45.99 -1.00
C ASP E 228 9.19 -46.01 -2.10
N PHE E 229 10.43 -45.73 -1.73
CA PHE E 229 11.50 -45.81 -2.71
C PHE E 229 11.64 -47.24 -3.22
N GLN E 230 11.74 -48.21 -2.30
CA GLN E 230 11.87 -49.60 -2.70
C GLN E 230 10.69 -50.02 -3.57
N GLN E 231 9.49 -49.85 -3.06
CA GLN E 231 8.30 -50.17 -3.83
C GLN E 231 8.36 -49.54 -5.22
N ALA E 232 8.92 -48.33 -5.33
CA ALA E 232 8.95 -47.64 -6.62
C ALA E 232 9.90 -48.32 -7.59
N VAL E 233 11.09 -48.72 -7.12
CA VAL E 233 12.00 -49.47 -7.98
C VAL E 233 11.37 -50.79 -8.40
N GLU E 234 10.82 -51.54 -7.44
CA GLU E 234 10.24 -52.83 -7.75
C GLU E 234 9.09 -52.72 -8.76
N ASN E 235 8.41 -51.57 -8.79
CA ASN E 235 7.25 -51.45 -9.66
C ASN E 235 7.61 -50.90 -11.03
N SER E 236 8.76 -50.25 -11.15
CA SER E 236 9.08 -49.51 -12.35
C SER E 236 10.03 -50.24 -13.27
N PHE E 237 10.61 -51.36 -12.84
CA PHE E 237 11.55 -52.07 -13.67
C PHE E 237 11.31 -53.56 -13.56
N CYS E 238 11.74 -54.26 -14.61
CA CYS E 238 11.47 -55.68 -14.82
C CYS E 238 12.42 -56.54 -14.00
N CYS E 239 12.15 -57.85 -14.02
CA CYS E 239 13.13 -58.80 -13.53
C CYS E 239 13.36 -58.64 -12.04
N GLY E 240 14.60 -58.73 -11.58
CA GLY E 240 14.84 -58.53 -10.16
C GLY E 240 14.31 -57.19 -9.68
N ALA E 241 15.17 -56.19 -9.69
CA ALA E 241 14.78 -54.80 -9.49
C ALA E 241 14.31 -54.56 -8.06
N SER E 242 15.27 -54.37 -7.15
CA SER E 242 14.96 -53.97 -5.80
C SER E 242 16.17 -53.23 -5.23
N VAL E 243 16.06 -52.85 -3.95
CA VAL E 243 17.05 -52.05 -3.24
C VAL E 243 17.02 -52.49 -1.79
N ASP E 244 18.07 -52.15 -1.05
CA ASP E 244 18.14 -52.43 0.37
C ASP E 244 17.89 -51.15 1.16
N LEU E 245 17.40 -51.33 2.40
CA LEU E 245 16.96 -50.21 3.22
C LEU E 245 17.60 -50.26 4.61
N LEU E 246 17.79 -49.07 5.21
CA LEU E 246 18.29 -48.97 6.57
C LEU E 246 17.72 -47.71 7.23
N LEU E 247 17.00 -47.90 8.33
CA LEU E 247 16.44 -46.80 9.10
C LEU E 247 17.23 -46.70 10.39
N MET E 248 17.80 -45.52 10.64
CA MET E 248 18.65 -45.31 11.79
C MET E 248 18.24 -43.98 12.42
N GLY E 249 18.38 -43.85 13.74
CA GLY E 249 18.29 -42.55 14.39
C GLY E 249 19.56 -42.20 15.15
N ILE E 250 19.67 -40.94 15.59
CA ILE E 250 20.82 -40.50 16.36
C ILE E 250 20.35 -39.51 17.43
N ASP E 251 20.87 -39.67 18.64
CA ASP E 251 20.61 -38.76 19.74
C ASP E 251 21.50 -37.52 19.61
N THR E 252 20.88 -36.35 19.47
CA THR E 252 21.65 -35.12 19.31
C THR E 252 22.28 -34.64 20.62
N ASP E 253 21.95 -35.26 21.77
CA ASP E 253 22.60 -34.90 23.03
C ASP E 253 23.92 -35.64 23.21
N THR E 254 23.98 -36.91 22.75
CA THR E 254 25.11 -37.80 23.04
C THR E 254 25.82 -38.33 21.79
N ASP E 255 25.20 -38.21 20.60
CA ASP E 255 25.64 -38.76 19.31
C ASP E 255 25.57 -40.29 19.24
N ALA E 256 24.96 -40.96 20.22
CA ALA E 256 24.72 -42.38 20.05
C ALA E 256 23.70 -42.60 18.94
N ILE E 257 23.95 -43.59 18.09
CA ILE E 257 22.98 -43.99 17.08
C ILE E 257 22.07 -45.09 17.64
N ARG E 258 20.93 -45.29 16.99
CA ARG E 258 20.19 -46.54 17.14
C ARG E 258 19.75 -47.05 15.76
N VAL E 259 19.91 -48.35 15.56
CA VAL E 259 19.63 -49.00 14.28
C VAL E 259 18.38 -49.84 14.43
N HIS E 260 17.45 -49.68 13.50
CA HIS E 260 16.40 -50.67 13.31
C HIS E 260 16.98 -51.69 12.33
N VAL E 261 17.65 -52.72 12.86
CA VAL E 261 18.24 -53.77 12.01
C VAL E 261 17.14 -54.45 11.20
N PRO E 262 17.23 -54.48 9.87
CA PRO E 262 16.17 -55.08 9.04
C PRO E 262 16.41 -56.53 8.63
N GLY E 263 15.29 -57.20 8.33
CA GLY E 263 15.34 -58.45 7.60
C GLY E 263 15.86 -58.22 6.19
N MET E 264 16.08 -59.33 5.50
CA MET E 264 16.70 -59.24 4.18
C MET E 264 15.93 -58.32 3.24
N ASP E 265 14.59 -58.43 3.26
CA ASP E 265 13.72 -57.65 2.38
C ASP E 265 13.36 -56.29 2.96
N GLY E 266 14.10 -55.79 3.95
CA GLY E 266 13.82 -54.49 4.51
C GLY E 266 12.73 -54.47 5.57
N SER E 267 12.24 -55.63 6.00
CA SER E 267 11.30 -55.69 7.11
C SER E 267 11.89 -54.96 8.31
N THR E 268 11.28 -53.85 8.69
CA THR E 268 11.79 -53.00 9.75
C THR E 268 10.72 -52.86 10.83
N ARG E 269 11.09 -52.95 12.08
CA ARG E 269 10.18 -52.72 13.14
C ARG E 269 10.48 -51.31 13.68
N LEU E 270 9.47 -50.49 13.88
CA LEU E 270 9.63 -49.16 14.36
C LEU E 270 9.72 -49.08 15.85
N ASP E 271 9.22 -50.07 16.55
CA ASP E 271 9.24 -50.06 17.99
C ASP E 271 10.34 -50.83 18.63
N ARG E 272 11.24 -51.39 17.86
CA ARG E 272 12.33 -52.06 18.49
C ARG E 272 13.57 -51.61 17.80
N TRP E 273 14.63 -51.29 18.56
CA TRP E 273 15.88 -50.87 17.99
C TRP E 273 17.03 -51.37 18.83
N LEU E 274 18.20 -51.25 18.25
CA LEU E 274 19.44 -51.55 18.93
C LEU E 274 20.17 -50.22 19.11
N ASP E 275 20.30 -49.79 20.36
CA ASP E 275 20.93 -48.51 20.70
C ASP E 275 22.43 -48.72 20.94
N ALA E 276 23.24 -47.87 20.31
CA ALA E 276 24.70 -47.99 20.44
C ALA E 276 25.17 -47.85 21.88
N ARG E 277 24.35 -47.26 22.76
CA ARG E 277 24.74 -47.15 24.16
C ARG E 277 24.68 -48.50 24.85
N ASP E 278 23.68 -49.32 24.52
CA ASP E 278 23.66 -50.68 25.04
C ASP E 278 24.76 -51.51 24.42
N VAL E 279 25.03 -51.29 23.13
CA VAL E 279 26.20 -51.91 22.51
C VAL E 279 27.45 -51.53 23.26
N TYR E 280 27.65 -50.22 23.41
CA TYR E 280 28.80 -49.68 24.14
C TYR E 280 29.00 -50.40 25.48
N ASP E 281 27.97 -50.40 26.33
CA ASP E 281 28.09 -51.05 27.64
C ASP E 281 28.30 -52.56 27.51
N ALA E 282 27.71 -53.19 26.48
CA ALA E 282 27.79 -54.64 26.34
C ALA E 282 29.22 -55.11 26.04
N THR E 283 30.00 -54.31 25.32
CA THR E 283 31.32 -54.71 24.87
C THR E 283 32.44 -54.02 25.63
N LEU E 284 32.11 -53.24 26.65
CA LEU E 284 33.08 -52.34 27.29
C LEU E 284 34.17 -53.11 28.02
N GLY E 285 33.83 -54.24 28.63
CA GLY E 285 34.83 -55.01 29.36
C GLY E 285 35.57 -56.05 28.55
N LEU E 286 35.28 -56.17 27.27
CA LEU E 286 35.85 -57.16 26.37
C LEU E 286 37.12 -56.62 25.71
N PRO E 287 38.09 -57.47 25.44
CA PRO E 287 39.17 -57.06 24.55
C PRO E 287 38.61 -56.84 23.16
N PRO E 288 39.26 -56.05 22.35
CA PRO E 288 38.78 -55.71 21.01
C PRO E 288 38.26 -56.81 20.12
N ASP E 289 38.97 -57.90 19.96
CA ASP E 289 38.55 -58.98 19.12
C ASP E 289 37.19 -59.54 19.49
N GLN E 290 36.94 -59.69 20.77
CA GLN E 290 35.68 -60.22 21.26
C GLN E 290 34.59 -59.21 21.19
N ALA E 291 34.94 -58.00 21.55
CA ALA E 291 33.99 -56.92 21.49
C ALA E 291 33.41 -56.80 20.08
N ARG E 292 34.27 -56.92 19.05
CA ARG E 292 33.78 -56.95 17.66
C ARG E 292 32.83 -58.12 17.43
N GLN E 293 33.15 -59.28 17.98
CA GLN E 293 32.27 -60.43 17.84
C GLN E 293 30.93 -60.18 18.51
N ARG E 294 30.95 -59.56 19.71
N ARG E 294 30.95 -59.58 19.70
CA ARG E 294 29.70 -59.36 20.45
CA ARG E 294 29.72 -59.35 20.45
C ARG E 294 28.82 -58.31 19.76
C ARG E 294 28.83 -58.32 19.76
N VAL E 295 29.42 -57.27 19.19
CA VAL E 295 28.66 -56.33 18.39
C VAL E 295 27.97 -57.06 17.22
N SER E 296 28.69 -57.98 16.55
CA SER E 296 28.09 -58.77 15.48
C SER E 296 26.85 -59.52 15.96
N ALA E 297 26.98 -60.23 17.08
CA ALA E 297 25.90 -61.11 17.54
C ALA E 297 24.69 -60.30 17.98
N LEU E 298 24.96 -59.12 18.56
CA LEU E 298 23.91 -58.18 18.93
C LEU E 298 23.16 -57.68 17.70
N VAL E 299 23.87 -57.21 16.67
CA VAL E 299 23.18 -56.75 15.46
C VAL E 299 22.40 -57.91 14.84
N GLN E 300 23.00 -59.09 14.80
CA GLN E 300 22.30 -60.27 14.27
C GLN E 300 21.00 -60.50 15.03
N GLU E 301 21.06 -60.40 16.35
CA GLU E 301 19.95 -60.75 17.21
C GLU E 301 18.85 -59.70 17.22
N ALA E 302 19.19 -58.44 16.91
CA ALA E 302 18.24 -57.35 16.82
C ALA E 302 17.58 -57.23 15.44
N ALA E 303 17.86 -58.15 14.53
CA ALA E 303 17.22 -58.06 13.22
C ALA E 303 15.73 -58.33 13.37
N ALA E 304 14.95 -57.69 12.49
CA ALA E 304 13.50 -57.87 12.53
C ALA E 304 13.09 -59.27 12.03
N SER E 305 13.81 -59.80 11.05
CA SER E 305 13.72 -61.21 10.65
C SER E 305 15.10 -61.58 10.14
N VAL E 306 15.29 -62.86 9.81
CA VAL E 306 16.61 -63.33 9.38
C VAL E 306 17.23 -62.27 8.49
N PRO E 307 18.35 -61.68 8.89
CA PRO E 307 18.96 -60.59 8.12
C PRO E 307 19.89 -61.09 7.02
N ASP E 308 20.21 -60.18 6.13
CA ASP E 308 21.25 -60.41 5.15
C ASP E 308 22.62 -60.37 5.82
N PRO E 309 23.50 -61.34 5.53
CA PRO E 309 24.84 -61.33 6.16
C PRO E 309 25.62 -60.04 5.99
N GLY E 310 25.60 -59.44 4.80
CA GLY E 310 26.35 -58.22 4.58
C GLY E 310 25.76 -57.03 5.32
N MET E 311 24.44 -57.00 5.44
CA MET E 311 23.80 -55.95 6.25
C MET E 311 24.26 -56.05 7.70
N VAL E 312 24.39 -57.28 8.20
CA VAL E 312 24.82 -57.47 9.59
C VAL E 312 26.24 -56.94 9.78
N THR E 313 27.14 -57.32 8.86
CA THR E 313 28.51 -56.83 8.89
C THR E 313 28.58 -55.31 8.82
N LEU E 314 27.89 -54.71 7.85
CA LEU E 314 27.99 -53.26 7.70
C LEU E 314 27.43 -52.55 8.93
N VAL E 315 26.28 -53.02 9.44
CA VAL E 315 25.70 -52.34 10.60
C VAL E 315 26.61 -52.49 11.80
N ALA E 316 27.22 -53.67 11.96
CA ALA E 316 28.19 -53.85 13.03
C ALA E 316 29.34 -52.85 12.91
N ARG E 317 29.75 -52.52 11.69
CA ARG E 317 30.85 -51.57 11.52
C ARG E 317 30.42 -50.15 11.94
N LEU E 318 29.19 -49.77 11.62
CA LEU E 318 28.67 -48.48 12.04
C LEU E 318 28.55 -48.38 13.56
N PHE E 319 28.09 -49.46 14.21
CA PHE E 319 28.11 -49.48 15.68
C PHE E 319 29.54 -49.37 16.20
N GLU E 320 30.44 -50.22 15.69
CA GLU E 320 31.85 -50.14 16.07
C GLU E 320 32.37 -48.73 15.86
N HIS E 321 31.96 -48.09 14.76
CA HIS E 321 32.43 -46.74 14.47
C HIS E 321 31.78 -45.72 15.41
N ASN E 322 30.45 -45.82 15.61
CA ASN E 322 29.75 -44.86 16.46
C ASN E 322 30.22 -44.90 17.91
N ILE E 323 30.77 -46.04 18.37
CA ILE E 323 31.22 -46.12 19.76
C ILE E 323 32.34 -45.12 20.05
N SER E 324 33.18 -44.82 19.03
CA SER E 324 34.20 -43.78 19.16
C SER E 324 33.57 -42.40 19.35
N GLN E 325 32.50 -42.12 18.60
CA GLN E 325 31.84 -40.82 18.70
C GLN E 325 31.14 -40.65 20.04
N ILE E 326 30.61 -41.73 20.61
CA ILE E 326 30.10 -41.67 21.97
C ILE E 326 31.22 -41.25 22.93
N ASP E 327 32.39 -41.91 22.83
CA ASP E 327 33.51 -41.51 23.67
C ASP E 327 33.93 -40.08 23.38
N TYR E 328 33.83 -39.67 22.11
CA TYR E 328 34.13 -38.30 21.73
C TYR E 328 33.31 -37.31 22.54
N VAL E 329 32.01 -37.53 22.62
CA VAL E 329 31.14 -36.57 23.32
C VAL E 329 31.34 -36.63 24.83
N ARG E 330 31.72 -37.81 25.37
CA ARG E 330 32.09 -37.90 26.78
C ARG E 330 33.40 -37.17 27.06
N GLN E 331 34.34 -37.20 26.10
CA GLN E 331 35.63 -36.57 26.34
C GLN E 331 35.50 -35.06 26.33
N PHE E 332 34.94 -34.52 25.24
CA PHE E 332 35.04 -33.11 24.94
C PHE E 332 33.74 -32.34 25.17
N HIS E 333 32.68 -33.02 25.61
CA HIS E 333 31.39 -32.36 25.78
C HIS E 333 30.64 -32.94 26.97
N GLY E 334 31.38 -33.48 27.95
CA GLY E 334 30.79 -33.91 29.20
C GLY E 334 29.69 -34.94 29.06
N GLY E 335 29.58 -35.59 27.90
CA GLY E 335 28.55 -36.59 27.67
C GLY E 335 27.24 -36.01 27.19
N ALA E 336 27.19 -34.71 26.90
CA ALA E 336 26.00 -34.01 26.42
C ALA E 336 26.36 -32.60 25.96
N TYR E 337 26.28 -32.33 24.67
CA TYR E 337 26.59 -31.00 24.15
C TYR E 337 25.85 -29.91 24.92
N ASP E 338 26.55 -28.84 25.34
CA ASP E 338 25.77 -27.75 25.92
C ASP E 338 24.92 -27.03 24.88
N ASP E 339 25.38 -26.93 23.64
CA ASP E 339 24.53 -26.41 22.56
C ASP E 339 23.55 -27.49 22.10
N ALA E 340 22.70 -27.92 23.04
CA ALA E 340 21.73 -28.97 22.75
C ALA E 340 20.81 -28.59 21.60
N GLY E 341 20.57 -27.30 21.40
CA GLY E 341 19.71 -26.83 20.33
C GLY E 341 20.44 -26.10 19.22
N HIS E 342 19.81 -25.10 18.63
CA HIS E 342 20.32 -24.48 17.43
C HIS E 342 21.32 -23.39 17.80
N ALA E 343 22.53 -23.52 17.24
CA ALA E 343 23.65 -22.63 17.45
C ALA E 343 24.43 -22.47 16.15
N GLU E 344 23.74 -22.54 15.02
CA GLU E 344 24.43 -22.52 13.74
C GLU E 344 24.99 -21.12 13.47
N ARG E 345 26.05 -21.06 12.68
CA ARG E 345 26.68 -19.77 12.39
C ARG E 345 26.16 -19.12 11.13
N PHE E 346 25.55 -19.89 10.23
CA PHE E 346 24.91 -19.29 9.06
C PHE E 346 23.87 -20.25 8.50
N ILE E 347 23.01 -19.70 7.65
CA ILE E 347 22.04 -20.48 6.89
C ILE E 347 22.66 -20.89 5.57
N GLY E 348 22.48 -22.15 5.20
CA GLY E 348 22.78 -22.65 3.86
C GLY E 348 21.50 -23.07 3.16
N VAL E 349 21.36 -22.65 1.90
CA VAL E 349 20.21 -23.05 1.11
C VAL E 349 20.68 -23.58 -0.23
N GLY E 350 19.86 -24.46 -0.82
CA GLY E 350 20.08 -25.02 -2.14
C GLY E 350 20.33 -26.52 -2.13
N ILE E 351 21.47 -26.93 -2.64
CA ILE E 351 21.90 -28.31 -2.57
C ILE E 351 22.76 -28.50 -1.33
N GLY E 352 22.79 -29.73 -0.82
CA GLY E 352 23.62 -30.00 0.34
C GLY E 352 25.06 -29.55 0.11
N PHE E 353 25.70 -29.05 1.16
CA PHE E 353 27.09 -28.59 1.09
C PHE E 353 28.05 -29.78 1.18
N LYS E 354 28.79 -30.03 0.11
CA LYS E 354 29.81 -31.08 0.12
C LYS E 354 30.78 -30.94 1.28
N GLU E 355 31.15 -29.71 1.64
CA GLU E 355 32.27 -29.53 2.55
C GLU E 355 31.87 -29.30 4.00
N ILE E 356 30.59 -29.34 4.35
CA ILE E 356 30.16 -28.98 5.70
C ILE E 356 29.88 -30.26 6.50
N HIS E 357 30.72 -30.51 7.52
CA HIS E 357 30.66 -31.75 8.28
C HIS E 357 30.79 -31.53 9.78
N LEU E 358 30.40 -30.36 10.29
CA LEU E 358 30.52 -30.06 11.71
C LEU E 358 29.15 -29.77 12.32
N ARG E 359 28.98 -30.17 13.57
CA ARG E 359 27.71 -30.01 14.26
C ARG E 359 27.45 -28.54 14.59
N ASN E 360 26.19 -28.14 14.52
CA ASN E 360 25.78 -26.75 14.72
C ASN E 360 26.63 -25.71 14.03
N LEU E 361 27.06 -25.98 12.80
CA LEU E 361 27.74 -24.96 12.03
C LEU E 361 26.81 -24.28 11.02
N THR E 362 25.91 -25.04 10.41
CA THR E 362 25.12 -24.56 9.29
C THR E 362 23.68 -25.02 9.46
N TYR E 363 22.75 -24.08 9.36
CA TYR E 363 21.33 -24.42 9.24
C TYR E 363 21.05 -24.57 7.74
N PHE E 364 20.85 -25.81 7.29
CA PHE E 364 20.65 -26.11 5.88
C PHE E 364 19.17 -26.24 5.53
N ALA E 365 18.75 -25.53 4.49
CA ALA E 365 17.40 -25.64 3.96
C ALA E 365 17.50 -26.07 2.50
N TYR E 366 17.11 -27.32 2.22
CA TYR E 366 17.09 -27.79 0.85
C TYR E 366 16.00 -27.08 0.06
N MET E 367 16.34 -26.60 -1.14
CA MET E 367 15.30 -26.05 -2.00
C MET E 367 15.81 -25.91 -3.43
N ASP E 368 14.94 -26.21 -4.39
CA ASP E 368 15.21 -25.82 -5.77
C ASP E 368 14.80 -24.36 -6.02
N THR E 369 13.73 -23.91 -5.39
CA THR E 369 13.29 -22.53 -5.52
C THR E 369 12.67 -22.08 -4.21
N VAL E 370 12.73 -20.78 -3.97
CA VAL E 370 12.07 -20.24 -2.79
C VAL E 370 10.59 -20.57 -2.80
N GLU E 371 10.00 -20.69 -3.99
CA GLU E 371 8.55 -20.80 -4.06
C GLU E 371 8.13 -22.05 -3.33
N GLU E 372 9.08 -22.95 -3.15
CA GLU E 372 8.92 -24.27 -2.55
C GLU E 372 9.93 -24.40 -1.42
N GLY E 373 9.48 -24.86 -0.27
CA GLY E 373 10.43 -24.83 0.83
C GLY E 373 10.82 -23.45 1.30
N ALA E 374 10.00 -22.43 1.05
CA ALA E 374 10.08 -21.20 1.83
C ALA E 374 9.72 -21.47 3.29
N ALA E 375 8.80 -22.42 3.52
CA ALA E 375 8.52 -22.90 4.88
C ALA E 375 9.77 -23.35 5.60
N ASP E 376 10.60 -24.16 4.94
CA ASP E 376 11.82 -24.63 5.58
C ASP E 376 12.81 -23.48 5.77
N LEU E 377 12.84 -22.53 4.83
CA LEU E 377 13.72 -21.37 4.98
C LEU E 377 13.23 -20.44 6.08
N ASP E 378 11.92 -20.21 6.15
CA ASP E 378 11.36 -19.37 7.21
C ASP E 378 11.76 -19.87 8.58
N VAL E 379 11.81 -21.20 8.76
CA VAL E 379 12.20 -21.76 10.05
C VAL E 379 13.60 -21.27 10.43
N GLY E 380 14.55 -21.39 9.50
CA GLY E 380 15.89 -20.90 9.79
C GLY E 380 15.92 -19.42 10.08
N VAL E 381 15.26 -18.61 9.24
CA VAL E 381 15.24 -17.17 9.45
C VAL E 381 14.69 -16.84 10.84
N LYS E 382 13.66 -17.55 11.31
CA LYS E 382 13.15 -17.25 12.64
C LYS E 382 14.21 -17.59 13.69
N ILE E 383 14.90 -18.72 13.49
CA ILE E 383 15.94 -19.15 14.39
C ILE E 383 17.04 -18.12 14.44
N PHE E 384 17.46 -17.61 13.29
CA PHE E 384 18.55 -16.64 13.32
C PHE E 384 18.08 -15.26 13.80
N LYS E 385 16.76 -15.05 13.89
CA LYS E 385 16.29 -13.87 14.60
C LYS E 385 16.62 -13.96 16.08
N GLY E 386 16.51 -15.16 16.66
CA GLY E 386 16.95 -15.36 18.03
C GLY E 386 18.45 -15.44 18.22
N LEU E 387 19.18 -15.92 17.21
CA LEU E 387 20.62 -16.08 17.41
C LEU E 387 21.40 -14.81 17.10
N ASN E 388 20.96 -14.03 16.12
CA ASN E 388 21.76 -12.95 15.54
C ASN E 388 21.05 -11.61 15.60
N VAL E 389 19.79 -11.56 15.16
CA VAL E 389 19.11 -10.28 15.21
C VAL E 389 18.84 -9.88 16.67
N SER E 390 18.68 -10.85 17.58
CA SER E 390 18.51 -10.51 18.99
C SER E 390 19.65 -9.61 19.46
N ARG E 391 20.87 -9.92 19.04
CA ARG E 391 22.04 -9.15 19.45
C ARG E 391 22.54 -8.19 18.38
N GLY E 392 21.69 -7.83 17.40
CA GLY E 392 22.03 -6.82 16.43
C GLY E 392 22.79 -7.28 15.20
N LEU E 393 23.00 -8.58 15.03
CA LEU E 393 23.79 -9.09 13.91
C LEU E 393 22.91 -9.58 12.77
N PRO E 394 23.36 -9.43 11.53
CA PRO E 394 22.54 -9.85 10.39
C PRO E 394 22.44 -11.36 10.31
N VAL E 395 21.46 -11.82 9.53
CA VAL E 395 21.27 -13.25 9.25
C VAL E 395 22.10 -13.59 8.01
N PRO E 396 23.16 -14.38 8.12
CA PRO E 396 23.96 -14.71 6.92
C PRO E 396 23.50 -15.97 6.19
N VAL E 397 23.22 -15.84 4.89
CA VAL E 397 22.74 -16.92 4.05
C VAL E 397 23.77 -17.21 2.98
N VAL E 398 24.11 -18.49 2.82
CA VAL E 398 24.97 -18.96 1.75
C VAL E 398 24.15 -19.89 0.86
N VAL E 399 23.95 -19.47 -0.39
CA VAL E 399 23.24 -20.24 -1.39
C VAL E 399 24.24 -21.13 -2.14
N ARG E 400 23.88 -22.40 -2.35
CA ARG E 400 24.78 -23.35 -3.01
C ARG E 400 24.01 -24.17 -4.03
N PHE E 401 24.56 -24.28 -5.24
CA PHE E 401 24.03 -25.19 -6.24
C PHE E 401 25.16 -25.96 -6.88
N ASP E 402 25.00 -27.28 -6.96
CA ASP E 402 25.90 -28.13 -7.68
C ASP E 402 25.46 -28.15 -9.14
N TYR E 403 26.43 -28.21 -10.04
CA TYR E 403 26.16 -28.31 -11.48
C TYR E 403 27.15 -29.29 -12.07
N HIS E 404 26.74 -29.93 -13.17
CA HIS E 404 27.63 -30.84 -13.88
C HIS E 404 28.58 -30.05 -14.75
N GLY E 405 29.86 -30.03 -14.35
CA GLY E 405 30.85 -29.28 -15.06
C GLY E 405 31.37 -30.07 -16.25
N GLN E 406 30.45 -30.69 -16.97
CA GLN E 406 30.62 -31.30 -18.28
C GLN E 406 29.53 -30.87 -19.23
N VAL E 407 28.31 -30.70 -18.74
CA VAL E 407 27.22 -30.05 -19.47
C VAL E 407 27.69 -28.65 -19.85
N PRO E 408 27.74 -28.33 -21.14
CA PRO E 408 28.12 -26.96 -21.53
C PRO E 408 27.11 -25.98 -20.96
N GLY E 409 27.65 -24.92 -20.34
CA GLY E 409 26.82 -23.86 -19.79
C GLY E 409 26.15 -24.17 -18.47
N ALA E 410 26.38 -25.36 -17.90
CA ALA E 410 25.78 -25.69 -16.61
C ALA E 410 26.24 -24.74 -15.51
N ARG E 411 27.54 -24.41 -15.50
CA ARG E 411 28.02 -23.41 -14.54
C ARG E 411 27.23 -22.11 -14.68
N ASP E 412 27.12 -21.59 -15.91
CA ASP E 412 26.29 -20.42 -16.15
C ASP E 412 24.89 -20.60 -15.58
N ARG E 413 24.25 -21.75 -15.89
CA ARG E 413 22.90 -22.03 -15.41
CA ARG E 413 22.90 -22.01 -15.41
C ARG E 413 22.85 -22.03 -13.89
N ALA E 414 23.89 -22.56 -13.24
CA ALA E 414 23.90 -22.61 -11.79
C ALA E 414 24.02 -21.22 -11.19
N VAL E 415 24.94 -20.41 -11.71
CA VAL E 415 25.08 -19.01 -11.27
C VAL E 415 23.75 -18.29 -11.36
N ARG E 416 23.10 -18.38 -12.53
CA ARG E 416 21.81 -17.71 -12.67
C ARG E 416 20.75 -18.31 -11.75
N HIS E 417 20.88 -19.59 -11.44
CA HIS E 417 20.01 -20.18 -10.43
C HIS E 417 20.24 -19.53 -9.07
N CYS E 418 21.49 -19.24 -8.73
CA CYS E 418 21.79 -18.58 -7.46
C CYS E 418 21.16 -17.20 -7.37
N GLN E 419 21.27 -16.42 -8.45
CA GLN E 419 20.69 -15.08 -8.41
C GLN E 419 19.17 -15.15 -8.38
N ARG E 420 18.60 -16.18 -9.01
CA ARG E 420 17.17 -16.39 -8.92
C ARG E 420 16.74 -16.58 -7.47
N VAL E 421 17.54 -17.34 -6.70
CA VAL E 421 17.25 -17.51 -5.28
C VAL E 421 17.42 -16.19 -4.53
N GLN E 422 18.49 -15.46 -4.85
CA GLN E 422 18.77 -14.21 -4.14
C GLN E 422 17.62 -13.23 -4.29
N THR E 423 17.18 -13.00 -5.54
CA THR E 423 16.03 -12.13 -5.74
C THR E 423 14.86 -12.60 -4.89
N ALA E 424 14.58 -13.90 -4.90
CA ALA E 424 13.42 -14.39 -4.17
C ALA E 424 13.58 -14.18 -2.66
N ILE E 425 14.81 -14.33 -2.15
CA ILE E 425 15.01 -14.08 -0.73
C ILE E 425 14.83 -12.60 -0.40
N GLU E 426 15.47 -11.73 -1.19
CA GLU E 426 15.32 -10.29 -0.95
C GLU E 426 13.85 -9.86 -0.98
N SER E 427 13.01 -10.57 -1.74
CA SER E 427 11.58 -10.27 -1.78
C SER E 427 10.83 -10.84 -0.58
N ARG E 428 11.31 -11.95 -0.02
CA ARG E 428 10.58 -12.60 1.07
C ARG E 428 10.74 -11.87 2.38
N TYR E 429 11.92 -11.28 2.63
CA TYR E 429 12.22 -10.56 3.87
C TYR E 429 12.74 -9.16 3.55
N PRO E 430 11.88 -8.29 3.00
CA PRO E 430 12.32 -6.92 2.66
C PRO E 430 12.65 -6.06 3.87
N GLU E 431 11.94 -6.26 4.98
CA GLU E 431 12.24 -5.54 6.23
C GLU E 431 13.67 -5.80 6.69
N LEU E 432 14.04 -7.09 6.78
CA LEU E 432 15.39 -7.45 7.22
C LEU E 432 16.42 -7.03 6.19
N PHE E 433 16.12 -7.25 4.91
CA PHE E 433 17.06 -6.91 3.86
C PHE E 433 17.32 -5.40 3.81
N GLN E 434 16.27 -4.59 3.96
CA GLN E 434 16.44 -3.14 3.94
C GLN E 434 17.09 -2.64 5.22
N GLN E 435 16.78 -3.25 6.36
CA GLN E 435 17.47 -2.91 7.59
C GLN E 435 18.88 -3.51 7.66
N GLY E 436 19.34 -4.13 6.56
CA GLY E 436 20.68 -4.71 6.52
C GLY E 436 20.89 -5.86 7.48
N LEU E 437 19.81 -6.49 7.94
CA LEU E 437 19.86 -7.63 8.85
C LEU E 437 19.79 -8.97 8.12
N LEU E 438 20.08 -8.96 6.83
CA LEU E 438 20.08 -10.21 6.06
C LEU E 438 20.92 -10.03 4.81
N HIS E 439 21.83 -10.97 4.58
CA HIS E 439 22.72 -10.93 3.44
C HIS E 439 22.87 -12.33 2.86
N ALA E 440 23.18 -12.41 1.58
CA ALA E 440 23.35 -13.69 0.92
C ALA E 440 24.67 -13.73 0.16
N LEU E 441 25.33 -14.87 0.23
CA LEU E 441 26.48 -15.21 -0.61
C LEU E 441 26.06 -16.29 -1.57
N LEU E 442 26.44 -16.14 -2.84
CA LEU E 442 26.09 -17.08 -3.90
C LEU E 442 27.30 -17.95 -4.24
N THR E 443 27.19 -19.26 -4.03
CA THR E 443 28.28 -20.17 -4.32
C THR E 443 27.79 -21.28 -5.25
N VAL E 444 28.62 -21.64 -6.23
CA VAL E 444 28.37 -22.80 -7.08
C VAL E 444 29.57 -23.73 -6.98
N ARG E 445 29.33 -25.03 -7.18
CA ARG E 445 30.35 -26.06 -7.03
C ARG E 445 30.26 -27.04 -8.19
N ASP E 446 31.38 -27.24 -8.89
CA ASP E 446 31.44 -28.20 -9.99
C ASP E 446 31.50 -29.60 -9.40
N GLN E 447 30.42 -30.35 -9.60
CA GLN E 447 30.27 -31.66 -8.98
C GLN E 447 30.82 -32.78 -9.85
N ASP E 448 31.56 -32.45 -10.90
CA ASP E 448 32.19 -33.46 -11.74
C ASP E 448 33.65 -33.70 -11.38
N ARG E 449 34.25 -32.86 -10.54
CA ARG E 449 35.59 -33.09 -9.99
C ARG E 449 35.65 -32.55 -8.55
N HIS E 450 36.80 -32.76 -7.91
CA HIS E 450 36.94 -32.46 -6.47
C HIS E 450 37.73 -31.17 -6.26
N THR E 451 37.10 -30.05 -6.67
CA THR E 451 37.59 -28.70 -6.38
C THR E 451 36.64 -27.83 -5.55
N PRO E 452 37.16 -26.71 -5.03
CA PRO E 452 36.37 -25.88 -4.11
C PRO E 452 35.26 -25.15 -4.83
N ALA E 453 34.17 -24.96 -4.10
CA ALA E 453 33.07 -24.13 -4.57
C ALA E 453 33.57 -22.71 -4.83
N GLU E 454 32.69 -21.95 -5.47
CA GLU E 454 33.09 -20.75 -6.17
C GLU E 454 32.09 -19.66 -5.80
N ALA E 455 32.60 -18.53 -5.34
CA ALA E 455 31.75 -17.44 -4.90
C ALA E 455 31.41 -16.59 -6.12
N VAL E 456 30.11 -16.35 -6.35
CA VAL E 456 29.66 -15.77 -7.61
C VAL E 456 28.76 -14.56 -7.40
N GLY E 457 28.69 -14.01 -6.19
CA GLY E 457 27.96 -12.78 -5.97
C GLY E 457 27.50 -12.65 -4.54
N SER E 458 27.09 -11.43 -4.18
CA SER E 458 26.77 -11.13 -2.79
C SER E 458 25.81 -9.96 -2.69
N THR E 459 24.95 -10.00 -1.66
CA THR E 459 24.16 -8.83 -1.31
C THR E 459 25.01 -7.68 -0.79
N ILE E 460 26.21 -7.95 -0.27
CA ILE E 460 27.13 -6.89 0.10
C ILE E 460 27.76 -6.34 -1.16
N VAL E 461 27.52 -5.05 -1.43
CA VAL E 461 27.89 -4.44 -2.70
C VAL E 461 28.67 -3.16 -2.44
N PHE E 462 29.64 -2.89 -3.32
CA PHE E 462 30.45 -1.68 -3.20
C PHE E 462 30.36 -0.82 -4.47
N SER F 1 -4.87 -31.25 -58.56
CA SER F 1 -5.15 -30.43 -57.37
C SER F 1 -4.65 -31.11 -56.10
N MET F 2 -4.33 -32.40 -56.17
CA MET F 2 -3.70 -33.09 -55.06
C MET F 2 -2.36 -33.65 -55.51
N HIS F 3 -1.39 -33.57 -54.62
CA HIS F 3 -0.08 -34.09 -54.92
C HIS F 3 -0.12 -35.62 -54.96
N PRO F 4 0.66 -36.27 -55.84
CA PRO F 4 0.65 -37.74 -55.85
C PRO F 4 0.99 -38.34 -54.50
N LEU F 5 1.81 -37.69 -53.68
CA LEU F 5 2.17 -38.27 -52.41
C LEU F 5 1.13 -38.03 -51.32
N THR F 6 0.17 -37.12 -51.54
CA THR F 6 -0.77 -36.78 -50.49
C THR F 6 -1.70 -37.95 -50.17
N ASP F 7 -2.06 -38.06 -48.90
CA ASP F 7 -2.94 -39.11 -48.38
C ASP F 7 -4.30 -38.47 -48.12
N ALA F 8 -5.25 -38.68 -49.03
CA ALA F 8 -6.49 -37.93 -48.93
C ALA F 8 -7.40 -38.43 -47.81
N SER F 9 -7.35 -39.74 -47.51
CA SER F 9 -8.15 -40.26 -46.41
C SER F 9 -7.69 -39.66 -45.09
N ALA F 10 -6.39 -39.72 -44.84
CA ALA F 10 -5.82 -39.12 -43.64
C ALA F 10 -6.20 -37.66 -43.54
N ASN F 11 -6.14 -36.92 -44.65
CA ASN F 11 -6.49 -35.50 -44.59
C ASN F 11 -7.93 -35.29 -44.16
N ASP F 12 -8.85 -36.10 -44.72
CA ASP F 12 -10.27 -35.97 -44.36
C ASP F 12 -10.49 -36.30 -42.89
N ALA F 13 -9.89 -37.38 -42.40
CA ALA F 13 -10.04 -37.78 -41.00
C ALA F 13 -9.57 -36.67 -40.07
N LEU F 14 -8.35 -36.18 -40.30
CA LEU F 14 -7.80 -35.13 -39.47
C LEU F 14 -8.62 -33.85 -39.57
N HIS F 15 -9.21 -33.56 -40.74
CA HIS F 15 -10.07 -32.39 -40.81
C HIS F 15 -11.33 -32.58 -39.98
N ALA F 16 -11.89 -33.78 -40.00
CA ALA F 16 -13.11 -34.05 -39.24
C ALA F 16 -12.88 -33.89 -37.74
N TYR F 17 -11.67 -34.23 -37.27
CA TYR F 17 -11.33 -34.12 -35.86
C TYR F 17 -11.08 -32.67 -35.47
N ASP F 18 -10.20 -31.97 -36.19
CA ASP F 18 -10.02 -30.55 -35.92
C ASP F 18 -11.35 -29.82 -35.91
N THR F 19 -12.20 -30.11 -36.91
CA THR F 19 -13.47 -29.42 -37.02
C THR F 19 -14.36 -29.66 -35.80
N ALA F 20 -14.46 -30.91 -35.34
CA ALA F 20 -15.41 -31.22 -34.28
C ALA F 20 -15.00 -30.56 -32.96
N VAL F 21 -13.69 -30.53 -32.68
CA VAL F 21 -13.21 -29.98 -31.42
C VAL F 21 -13.28 -28.46 -31.42
N LYS F 22 -12.97 -27.81 -32.55
CA LYS F 22 -13.12 -26.36 -32.59
C LYS F 22 -14.60 -25.96 -32.59
N LEU F 23 -15.48 -26.81 -33.13
CA LEU F 23 -16.90 -26.48 -33.08
C LEU F 23 -17.39 -26.45 -31.65
N ALA F 24 -16.86 -27.35 -30.81
CA ALA F 24 -17.34 -27.46 -29.44
C ALA F 24 -16.98 -26.24 -28.61
N PHE F 25 -15.75 -25.72 -28.76
CA PHE F 25 -15.42 -24.46 -28.10
C PHE F 25 -16.13 -23.27 -28.72
N ASP F 26 -16.36 -23.30 -30.03
CA ASP F 26 -16.95 -22.17 -30.75
C ASP F 26 -18.45 -22.03 -30.51
N ARG F 27 -19.08 -23.07 -29.98
CA ARG F 27 -20.49 -23.02 -29.64
C ARG F 27 -20.74 -22.35 -28.30
N ILE F 28 -19.70 -22.14 -27.49
CA ILE F 28 -19.90 -21.68 -26.13
C ILE F 28 -20.49 -20.29 -26.15
N VAL F 29 -19.79 -19.33 -26.78
CA VAL F 29 -20.28 -17.96 -26.83
C VAL F 29 -21.69 -17.89 -27.40
N PRO F 30 -22.01 -18.53 -28.53
CA PRO F 30 -23.39 -18.42 -29.04
C PRO F 30 -24.42 -18.98 -28.08
N VAL F 31 -24.11 -20.07 -27.37
CA VAL F 31 -25.03 -20.56 -26.36
C VAL F 31 -25.20 -19.53 -25.25
N LEU F 32 -24.08 -19.01 -24.73
CA LEU F 32 -24.15 -18.06 -23.63
C LEU F 32 -24.92 -16.80 -24.04
N LYS F 33 -24.71 -16.30 -25.26
CA LYS F 33 -25.52 -15.16 -25.73
C LYS F 33 -27.01 -15.48 -25.69
N ARG F 34 -27.40 -16.71 -26.08
CA ARG F 34 -28.81 -17.10 -26.03
CA ARG F 34 -28.81 -17.07 -26.02
C ARG F 34 -29.31 -17.12 -24.59
N LEU F 35 -28.51 -17.64 -23.66
CA LEU F 35 -28.94 -17.63 -22.26
C LEU F 35 -29.07 -16.20 -21.73
N SER F 36 -28.12 -15.34 -22.09
CA SER F 36 -28.19 -13.97 -21.60
C SER F 36 -29.50 -13.31 -22.02
N ALA F 37 -29.97 -13.62 -23.23
CA ALA F 37 -31.21 -12.98 -23.66
C ALA F 37 -32.43 -13.58 -22.98
N LEU F 38 -32.27 -14.68 -22.24
CA LEU F 38 -33.39 -15.36 -21.61
C LEU F 38 -33.44 -15.16 -20.10
N GLN F 39 -32.52 -14.38 -19.53
CA GLN F 39 -32.29 -14.45 -18.09
C GLN F 39 -33.45 -13.91 -17.25
N HIS F 40 -34.42 -13.19 -17.84
CA HIS F 40 -35.60 -12.73 -17.12
C HIS F 40 -36.82 -13.62 -17.27
N GLU F 41 -36.76 -14.65 -18.11
CA GLU F 41 -37.93 -15.48 -18.34
C GLU F 41 -38.26 -16.26 -17.09
N ASP F 42 -39.54 -16.53 -16.87
CA ASP F 42 -39.91 -17.29 -15.68
C ASP F 42 -39.25 -18.65 -15.64
N ASP F 43 -39.18 -19.35 -16.79
CA ASP F 43 -38.64 -20.70 -16.83
C ASP F 43 -37.14 -20.72 -17.16
N PHE F 44 -36.40 -19.70 -16.72
CA PHE F 44 -35.04 -19.49 -17.22
C PHE F 44 -34.07 -20.58 -16.77
N VAL F 45 -34.13 -21.02 -15.51
CA VAL F 45 -33.18 -22.03 -15.08
C VAL F 45 -33.41 -23.34 -15.82
N GLY F 46 -34.67 -23.70 -16.03
CA GLY F 46 -34.98 -24.91 -16.78
C GLY F 46 -34.53 -24.78 -18.22
N ARG F 47 -34.95 -23.69 -18.89
CA ARG F 47 -34.57 -23.53 -20.28
CA ARG F 47 -34.57 -23.46 -20.28
C ARG F 47 -33.05 -23.47 -20.44
N ALA F 48 -32.34 -22.90 -19.46
CA ALA F 48 -30.90 -22.78 -19.61
C ALA F 48 -30.24 -24.15 -19.60
N GLN F 49 -30.66 -25.03 -18.68
CA GLN F 49 -30.12 -26.38 -18.64
C GLN F 49 -30.42 -27.12 -19.94
N ALA F 50 -31.66 -27.03 -20.43
CA ALA F 50 -32.02 -27.79 -21.63
C ALA F 50 -31.16 -27.37 -22.82
N ILE F 51 -31.05 -26.06 -23.07
CA ILE F 51 -30.18 -25.57 -24.13
C ILE F 51 -28.76 -26.07 -23.90
N ALA F 52 -28.29 -26.01 -22.64
CA ALA F 52 -26.93 -26.39 -22.32
C ALA F 52 -26.64 -27.84 -22.67
N LEU F 53 -27.62 -28.73 -22.46
CA LEU F 53 -27.41 -30.13 -22.79
C LEU F 53 -27.53 -30.38 -24.28
N GLU F 54 -28.57 -29.83 -24.92
CA GLU F 54 -28.71 -30.00 -26.36
C GLU F 54 -27.46 -29.56 -27.08
N GLU F 55 -27.02 -28.32 -26.82
CA GLU F 55 -25.97 -27.70 -27.64
C GLU F 55 -24.57 -28.07 -27.16
N LEU F 56 -24.34 -28.12 -25.84
CA LEU F 56 -22.98 -28.31 -25.32
C LEU F 56 -22.71 -29.70 -24.76
N GLY F 57 -23.71 -30.42 -24.29
CA GLY F 57 -23.50 -31.76 -23.77
C GLY F 57 -23.11 -31.87 -22.32
N PHE F 58 -23.19 -30.78 -21.55
CA PHE F 58 -23.01 -30.83 -20.11
C PHE F 58 -23.91 -29.78 -19.49
N PRO F 59 -24.20 -29.89 -18.19
CA PRO F 59 -25.02 -28.88 -17.54
C PRO F 59 -24.18 -27.74 -16.98
N LEU F 60 -24.89 -26.62 -16.68
CA LEU F 60 -24.31 -25.45 -16.03
C LEU F 60 -24.52 -25.54 -14.52
N PRO F 61 -23.65 -24.89 -13.75
CA PRO F 61 -23.80 -24.90 -12.28
C PRO F 61 -25.07 -24.18 -11.83
N GLU F 62 -25.90 -24.90 -11.07
CA GLU F 62 -27.16 -24.43 -10.54
C GLU F 62 -27.03 -23.03 -9.94
N PRO F 63 -26.13 -22.86 -8.96
CA PRO F 63 -26.13 -21.60 -8.18
C PRO F 63 -25.86 -20.38 -9.05
N ILE F 64 -25.10 -20.52 -10.14
CA ILE F 64 -24.96 -19.38 -11.05
C ILE F 64 -26.32 -18.98 -11.58
N LEU F 65 -27.05 -19.94 -12.14
CA LEU F 65 -28.35 -19.64 -12.71
C LEU F 65 -29.36 -19.28 -11.63
N ASP F 66 -29.25 -19.91 -10.46
CA ASP F 66 -30.24 -19.73 -9.40
C ASP F 66 -30.25 -18.30 -8.88
N THR F 67 -29.09 -17.67 -8.81
CA THR F 67 -28.98 -16.34 -8.24
C THR F 67 -28.93 -15.23 -9.31
N ALA F 68 -29.06 -15.57 -10.60
CA ALA F 68 -28.99 -14.56 -11.65
C ALA F 68 -29.91 -13.36 -11.39
N TRP F 69 -31.02 -13.59 -10.68
CA TRP F 69 -32.05 -12.57 -10.52
C TRP F 69 -31.58 -11.40 -9.63
N VAL F 70 -30.82 -11.67 -8.57
CA VAL F 70 -30.26 -10.58 -7.73
C VAL F 70 -28.89 -10.14 -8.18
N SER F 71 -27.94 -11.07 -8.29
CA SER F 71 -26.54 -10.71 -8.48
C SER F 71 -26.12 -10.61 -9.95
N GLN F 72 -27.07 -10.79 -10.88
CA GLN F 72 -26.84 -10.73 -12.34
C GLN F 72 -26.25 -12.04 -12.84
N LEU F 73 -26.46 -12.34 -14.11
CA LEU F 73 -25.95 -13.60 -14.64
C LEU F 73 -24.43 -13.53 -14.74
N ASP F 74 -23.76 -14.36 -13.96
CA ASP F 74 -22.30 -14.38 -13.86
C ASP F 74 -21.71 -15.09 -15.07
N MET F 75 -21.67 -14.37 -16.20
CA MET F 75 -21.10 -14.94 -17.42
C MET F 75 -19.63 -15.30 -17.26
N ARG F 76 -18.87 -14.46 -16.57
CA ARG F 76 -17.46 -14.73 -16.39
C ARG F 76 -17.24 -16.14 -15.88
N THR F 77 -17.93 -16.50 -14.80
CA THR F 77 -17.81 -17.85 -14.28
C THR F 77 -18.38 -18.86 -15.28
N LEU F 78 -19.56 -18.57 -15.82
CA LEU F 78 -20.14 -19.46 -16.82
C LEU F 78 -19.16 -19.76 -17.94
N TYR F 79 -18.53 -18.71 -18.49
CA TYR F 79 -17.64 -18.90 -19.63
C TYR F 79 -16.47 -19.80 -19.26
N ALA F 80 -15.74 -19.43 -18.20
CA ALA F 80 -14.68 -20.29 -17.71
C ALA F 80 -15.18 -21.71 -17.52
N TRP F 81 -16.30 -21.87 -16.81
CA TRP F 81 -16.85 -23.20 -16.57
C TRP F 81 -16.98 -23.99 -17.87
N CYS F 82 -17.50 -23.33 -18.91
CA CYS F 82 -17.80 -24.03 -20.16
C CYS F 82 -16.51 -24.40 -20.91
N VAL F 83 -15.51 -23.52 -20.87
CA VAL F 83 -14.21 -23.86 -21.45
C VAL F 83 -13.61 -25.06 -20.74
N PHE F 84 -13.66 -25.07 -19.41
CA PHE F 84 -13.09 -26.21 -18.67
C PHE F 84 -13.81 -27.50 -19.01
N GLU F 85 -15.17 -27.48 -18.98
CA GLU F 85 -15.93 -28.69 -19.31
C GLU F 85 -15.70 -29.11 -20.74
N THR F 86 -15.55 -28.16 -21.65
CA THR F 86 -15.26 -28.55 -23.02
C THR F 86 -13.89 -29.17 -23.10
N TYR F 87 -12.87 -28.53 -22.52
CA TYR F 87 -11.55 -29.15 -22.39
C TYR F 87 -11.67 -30.57 -21.85
N GLU F 88 -12.49 -30.75 -20.83
CA GLU F 88 -12.60 -32.06 -20.21
C GLU F 88 -13.10 -33.09 -21.20
N GLN F 89 -14.22 -32.79 -21.87
CA GLN F 89 -14.85 -33.78 -22.73
C GLN F 89 -13.93 -34.14 -23.87
N THR F 90 -13.35 -33.13 -24.53
CA THR F 90 -12.50 -33.44 -25.67
C THR F 90 -11.22 -34.15 -25.22
N SER F 91 -10.70 -33.80 -24.04
CA SER F 91 -9.55 -34.53 -23.52
C SER F 91 -9.86 -36.00 -23.31
N GLU F 92 -10.98 -36.33 -22.65
CA GLU F 92 -11.28 -37.75 -22.51
C GLU F 92 -11.68 -38.42 -23.81
N ALA F 93 -12.30 -37.71 -24.75
CA ALA F 93 -12.59 -38.35 -26.03
C ALA F 93 -11.29 -38.78 -26.71
N PHE F 94 -10.26 -37.93 -26.61
CA PHE F 94 -8.96 -38.22 -27.20
C PHE F 94 -8.40 -39.53 -26.68
N PHE F 95 -8.43 -39.73 -25.37
CA PHE F 95 -7.95 -41.00 -24.81
C PHE F 95 -8.90 -42.15 -25.14
N ARG F 96 -10.19 -41.90 -25.19
CA ARG F 96 -11.14 -43.00 -25.34
C ARG F 96 -11.26 -43.47 -26.78
N ASP F 97 -11.11 -42.56 -27.75
CA ASP F 97 -11.39 -42.86 -29.15
C ASP F 97 -10.16 -42.83 -30.05
N ASP F 98 -9.02 -42.36 -29.56
CA ASP F 98 -7.80 -42.25 -30.36
C ASP F 98 -8.03 -41.58 -31.72
N PRO F 99 -8.55 -40.35 -31.74
CA PRO F 99 -8.81 -39.68 -33.03
C PRO F 99 -7.60 -39.65 -33.97
N LEU F 100 -6.38 -39.49 -33.45
CA LEU F 100 -5.18 -39.51 -34.29
C LEU F 100 -4.75 -40.92 -34.70
N GLN F 101 -5.40 -41.96 -34.18
CA GLN F 101 -5.06 -43.34 -34.49
C GLN F 101 -3.58 -43.58 -34.27
N GLY F 102 -3.09 -43.16 -33.13
CA GLY F 102 -1.67 -43.19 -32.86
C GLY F 102 -1.31 -43.55 -31.44
N GLN F 103 -2.26 -44.10 -30.69
CA GLN F 103 -2.01 -44.42 -29.30
C GLN F 103 -1.02 -45.57 -29.17
N PRO F 104 -0.46 -45.78 -27.98
CA PRO F 104 0.42 -46.94 -27.79
C PRO F 104 -0.27 -48.21 -28.25
N GLY F 105 0.47 -49.07 -28.94
CA GLY F 105 -0.06 -50.32 -29.44
C GLY F 105 -0.82 -50.20 -30.74
N SER F 106 -1.11 -49.00 -31.20
CA SER F 106 -1.84 -48.86 -32.44
C SER F 106 -1.00 -49.40 -33.59
N PRO F 107 -1.64 -49.88 -34.65
CA PRO F 107 -0.86 -50.31 -35.83
C PRO F 107 0.07 -49.21 -36.29
N SER F 108 -0.42 -47.97 -36.27
CA SER F 108 0.37 -46.85 -36.79
C SER F 108 1.62 -46.60 -35.95
N ALA F 109 1.55 -46.83 -34.64
CA ALA F 109 2.71 -46.62 -33.78
C ALA F 109 3.70 -47.78 -33.86
N GLU F 110 3.19 -49.02 -33.96
CA GLU F 110 4.04 -50.17 -34.23
C GLU F 110 4.90 -49.95 -35.46
N ALA F 111 4.25 -49.60 -36.57
CA ALA F 111 5.00 -49.41 -37.81
C ALA F 111 6.05 -48.35 -37.64
N PHE F 112 5.70 -47.22 -37.02
CA PHE F 112 6.67 -46.15 -37.02
C PHE F 112 7.82 -46.41 -36.07
N ASP F 113 7.63 -47.20 -35.01
CA ASP F 113 8.79 -47.57 -34.22
C ASP F 113 9.72 -48.48 -35.01
N ARG F 114 9.18 -49.43 -35.79
CA ARG F 114 10.04 -50.27 -36.62
C ARG F 114 10.79 -49.43 -37.64
N PHE F 115 10.07 -48.53 -38.31
CA PHE F 115 10.72 -47.68 -39.31
C PHE F 115 11.84 -46.84 -38.68
N LEU F 116 11.58 -46.30 -37.49
CA LEU F 116 12.57 -45.51 -36.78
C LEU F 116 13.82 -46.33 -36.46
N LEU F 117 13.62 -47.50 -35.85
CA LEU F 117 14.76 -48.39 -35.62
C LEU F 117 15.49 -48.68 -36.93
N ASP F 118 14.74 -48.93 -38.02
CA ASP F 118 15.36 -49.20 -39.32
C ASP F 118 16.23 -48.06 -39.80
N CYS F 119 15.88 -46.81 -39.48
CA CYS F 119 16.72 -45.69 -39.87
C CYS F 119 17.93 -45.48 -38.93
N GLY F 120 18.12 -46.32 -37.92
CA GLY F 120 19.22 -46.14 -36.99
C GLY F 120 18.93 -45.33 -35.74
N PHE F 121 17.65 -45.08 -35.40
CA PHE F 121 17.28 -44.27 -34.23
C PHE F 121 16.41 -45.07 -33.27
N HIS F 122 16.77 -45.06 -31.99
CA HIS F 122 15.94 -45.77 -31.02
C HIS F 122 15.02 -44.85 -30.22
N LEU F 123 15.10 -43.53 -30.40
CA LEU F 123 14.17 -42.60 -29.77
C LEU F 123 14.15 -41.29 -30.55
N LEU F 124 12.95 -40.77 -30.81
CA LEU F 124 12.73 -39.49 -31.46
C LEU F 124 12.11 -38.54 -30.44
N ASP F 125 12.91 -37.59 -29.98
CA ASP F 125 12.56 -36.62 -28.93
C ASP F 125 12.53 -35.25 -29.59
N ILE F 126 11.33 -34.65 -29.68
CA ILE F 126 11.11 -33.40 -30.41
C ILE F 126 10.68 -32.30 -29.43
N THR F 127 11.34 -31.14 -29.54
CA THR F 127 10.95 -29.90 -28.87
C THR F 127 10.47 -28.89 -29.92
N PRO F 128 9.17 -28.75 -30.14
CA PRO F 128 8.68 -27.57 -30.86
C PRO F 128 8.58 -26.39 -29.91
N CYS F 129 8.54 -25.20 -30.48
CA CYS F 129 8.16 -24.05 -29.67
C CYS F 129 6.77 -24.27 -29.07
N ALA F 130 6.61 -23.84 -27.82
CA ALA F 130 5.32 -23.96 -27.14
C ALA F 130 4.20 -23.19 -27.82
N ASP F 131 4.51 -22.40 -28.84
CA ASP F 131 3.49 -21.60 -29.50
C ASP F 131 2.30 -22.47 -29.89
N GLY F 132 1.09 -21.99 -29.56
CA GLY F 132 -0.09 -22.78 -29.83
C GLY F 132 -0.36 -23.03 -31.30
N ARG F 133 0.31 -22.30 -32.18
CA ARG F 133 0.18 -22.57 -33.60
C ARG F 133 1.03 -23.75 -34.05
N LEU F 134 1.74 -24.38 -33.13
CA LEU F 134 2.53 -25.56 -33.45
C LEU F 134 2.04 -26.80 -32.73
N ALA F 135 0.97 -26.71 -31.93
CA ALA F 135 0.51 -27.87 -31.17
C ALA F 135 0.24 -29.08 -32.07
N HIS F 136 -0.10 -28.86 -33.33
CA HIS F 136 -0.43 -29.91 -34.26
C HIS F 136 0.76 -30.34 -35.12
N ALA F 137 1.97 -29.86 -34.82
CA ALA F 137 3.12 -30.16 -35.66
C ALA F 137 3.35 -31.65 -35.77
N ILE F 138 3.27 -32.38 -34.65
CA ILE F 138 3.54 -33.82 -34.68
C ILE F 138 2.42 -34.55 -35.44
N GLY F 139 1.18 -34.42 -34.97
CA GLY F 139 0.09 -35.19 -35.54
C GLY F 139 -0.34 -34.74 -36.93
N PHE F 140 -0.13 -33.46 -37.28
CA PHE F 140 -0.57 -32.93 -38.57
C PHE F 140 0.60 -32.58 -39.47
N GLY F 141 1.53 -31.74 -38.98
CA GLY F 141 2.63 -31.31 -39.82
C GLY F 141 3.57 -32.42 -40.24
N LEU F 142 3.82 -33.38 -39.34
CA LEU F 142 4.71 -34.49 -39.65
C LEU F 142 4.01 -35.84 -39.69
N ARG F 143 2.68 -35.88 -39.46
CA ARG F 143 1.89 -37.12 -39.45
C ARG F 143 2.61 -38.29 -38.77
N LEU F 144 3.31 -38.03 -37.68
CA LEU F 144 3.91 -39.01 -36.79
C LEU F 144 2.90 -39.48 -35.74
N PRO F 145 2.72 -40.80 -35.56
CA PRO F 145 1.91 -41.30 -34.43
C PRO F 145 2.39 -40.71 -33.12
N PHE F 146 1.50 -40.00 -32.41
CA PHE F 146 1.94 -39.26 -31.22
C PHE F 146 2.63 -40.18 -30.21
N SER F 147 2.15 -41.41 -30.06
CA SER F 147 2.65 -42.25 -28.98
C SER F 147 4.09 -42.68 -29.17
N SER F 148 4.63 -42.61 -30.39
CA SER F 148 5.98 -43.08 -30.64
C SER F 148 7.03 -41.97 -30.72
N VAL F 149 6.73 -40.79 -30.18
CA VAL F 149 7.68 -39.69 -30.08
C VAL F 149 7.59 -39.04 -28.71
N ARG F 150 8.70 -38.49 -28.25
N ARG F 150 8.70 -38.47 -28.26
CA ARG F 150 8.71 -37.65 -27.07
CA ARG F 150 8.72 -37.65 -27.06
C ARG F 150 8.60 -36.20 -27.53
C ARG F 150 8.61 -36.19 -27.50
N ARG F 151 7.55 -35.53 -27.06
CA ARG F 151 7.27 -34.14 -27.43
C ARG F 151 7.44 -33.26 -26.19
N ARG F 152 8.37 -32.33 -26.24
CA ARG F 152 8.76 -31.55 -25.07
C ARG F 152 8.73 -30.07 -25.43
N PRO F 153 7.55 -29.47 -25.49
CA PRO F 153 7.47 -28.06 -25.94
C PRO F 153 8.06 -27.10 -24.91
N HIS F 154 8.80 -26.11 -25.42
CA HIS F 154 9.31 -25.01 -24.62
C HIS F 154 9.22 -23.76 -25.46
N ALA F 155 9.06 -22.61 -24.79
CA ALA F 155 9.04 -21.33 -25.51
C ALA F 155 10.37 -21.14 -26.27
N GLY F 156 10.26 -20.75 -27.54
CA GLY F 156 11.45 -20.59 -28.34
C GLY F 156 12.23 -21.86 -28.58
N ALA F 157 11.66 -23.02 -28.25
CA ALA F 157 12.31 -24.32 -28.46
C ALA F 157 13.54 -24.48 -27.58
N LEU F 158 13.57 -23.75 -26.46
CA LEU F 158 14.73 -23.78 -25.55
C LEU F 158 14.50 -24.84 -24.48
N PHE F 159 14.77 -26.08 -24.85
CA PHE F 159 14.60 -27.22 -23.95
C PHE F 159 15.73 -27.28 -22.93
N ASP F 160 15.55 -28.16 -21.93
CA ASP F 160 16.42 -28.22 -20.77
C ASP F 160 17.53 -29.22 -21.08
N VAL F 161 18.75 -28.71 -21.28
CA VAL F 161 19.83 -29.56 -21.79
C VAL F 161 20.17 -30.65 -20.79
N GLU F 162 20.24 -30.32 -19.50
N GLU F 162 20.27 -30.31 -19.51
CA GLU F 162 20.59 -31.32 -18.50
CA GLU F 162 20.59 -31.31 -18.49
C GLU F 162 19.50 -32.36 -18.33
C GLU F 162 19.49 -32.37 -18.41
N ASN F 163 18.23 -31.95 -18.41
CA ASN F 163 17.16 -32.93 -18.33
C ASN F 163 17.14 -33.83 -19.56
N THR F 164 17.54 -33.30 -20.73
CA THR F 164 17.57 -34.16 -21.90
C THR F 164 18.68 -35.20 -21.76
N VAL F 165 19.84 -34.79 -21.23
CA VAL F 165 20.88 -35.77 -20.91
C VAL F 165 20.33 -36.84 -19.99
N ASN F 166 19.51 -36.44 -19.01
CA ASN F 166 18.91 -37.42 -18.12
C ASN F 166 17.92 -38.33 -18.86
N ARG F 167 17.16 -37.79 -19.82
CA ARG F 167 16.30 -38.65 -20.62
C ARG F 167 17.13 -39.69 -21.37
N TRP F 168 18.23 -39.24 -21.98
CA TRP F 168 19.10 -40.17 -22.67
C TRP F 168 19.56 -41.30 -21.75
N VAL F 169 19.92 -40.96 -20.49
CA VAL F 169 20.38 -41.98 -19.56
C VAL F 169 19.25 -42.96 -19.24
N LYS F 170 18.06 -42.43 -18.97
CA LYS F 170 16.90 -43.28 -18.71
C LYS F 170 16.68 -44.24 -19.89
N THR F 171 16.68 -43.69 -21.10
CA THR F 171 16.55 -44.48 -22.32
C THR F 171 17.60 -45.58 -22.40
N GLU F 172 18.89 -45.21 -22.23
CA GLU F 172 19.95 -46.21 -22.26
C GLU F 172 19.69 -47.30 -21.24
N HIS F 173 19.25 -46.90 -20.04
CA HIS F 173 19.04 -47.87 -18.98
C HIS F 173 17.98 -48.91 -19.38
N ARG F 174 16.87 -48.45 -19.96
N ARG F 174 16.87 -48.46 -19.98
CA ARG F 174 15.86 -49.39 -20.46
CA ARG F 174 15.86 -49.41 -20.44
C ARG F 174 16.46 -50.35 -21.46
C ARG F 174 16.45 -50.35 -21.48
N ARG F 175 17.28 -49.83 -22.39
CA ARG F 175 17.90 -50.68 -23.39
C ARG F 175 18.72 -51.78 -22.73
N TYR F 176 19.53 -51.41 -21.73
CA TYR F 176 20.39 -52.38 -21.06
C TYR F 176 19.58 -53.44 -20.33
N ARG F 177 18.55 -53.02 -19.58
CA ARG F 177 17.85 -53.92 -18.68
C ARG F 177 16.73 -54.72 -19.38
N GLU F 178 16.01 -54.10 -20.30
CA GLU F 178 14.79 -54.66 -20.87
C GLU F 178 14.86 -54.89 -22.37
N ALA F 179 15.88 -54.37 -23.05
CA ALA F 179 15.96 -54.35 -24.50
C ALA F 179 14.78 -53.58 -25.12
N GLN F 180 14.20 -52.67 -24.39
CA GLN F 180 13.23 -51.77 -25.00
C GLN F 180 13.87 -50.40 -25.18
N PRO F 181 13.70 -49.74 -26.34
CA PRO F 181 13.09 -50.19 -27.61
C PRO F 181 13.88 -51.30 -28.29
N ASN F 182 15.16 -51.43 -27.96
CA ASN F 182 16.01 -52.38 -28.64
C ASN F 182 17.15 -52.76 -27.71
N PRO F 183 17.91 -53.82 -28.04
CA PRO F 183 19.07 -54.18 -27.22
C PRO F 183 20.08 -53.04 -27.18
N ALA F 184 20.78 -52.94 -26.05
CA ALA F 184 21.69 -51.81 -25.84
C ALA F 184 22.86 -51.80 -26.81
N HIS F 185 23.30 -52.98 -27.25
N HIS F 185 23.28 -52.96 -27.30
CA HIS F 185 24.47 -53.08 -28.12
CA HIS F 185 24.47 -53.03 -28.13
C HIS F 185 24.14 -52.72 -29.57
C HIS F 185 24.13 -53.10 -29.62
N ALA F 186 22.88 -52.82 -29.96
CA ALA F 186 22.49 -52.46 -31.32
C ALA F 186 23.02 -51.07 -31.65
N ASP F 187 23.25 -50.83 -32.94
CA ASP F 187 23.97 -49.63 -33.36
C ASP F 187 22.98 -48.53 -33.78
N THR F 188 22.14 -48.12 -32.83
CA THR F 188 21.20 -47.02 -33.04
C THR F 188 21.57 -45.83 -32.15
N ARG F 189 21.07 -44.65 -32.53
CA ARG F 189 21.35 -43.42 -31.80
C ARG F 189 20.05 -42.77 -31.31
N TYR F 190 20.17 -41.99 -30.24
CA TYR F 190 19.12 -41.11 -29.76
C TYR F 190 19.06 -39.88 -30.65
N LEU F 191 17.86 -39.48 -31.07
CA LEU F 191 17.71 -38.36 -31.99
C LEU F 191 16.91 -37.23 -31.32
N LYS F 192 17.57 -36.09 -31.11
CA LYS F 192 16.91 -34.91 -30.55
C LYS F 192 16.64 -33.93 -31.68
N VAL F 193 15.38 -33.50 -31.79
CA VAL F 193 14.92 -32.59 -32.83
C VAL F 193 14.44 -31.30 -32.17
N ALA F 194 14.88 -30.16 -32.72
CA ALA F 194 14.34 -28.84 -32.36
C ALA F 194 13.53 -28.30 -33.54
N LEU F 195 12.27 -27.94 -33.29
CA LEU F 195 11.39 -27.44 -34.34
C LEU F 195 11.06 -25.98 -34.07
N TYR F 196 11.64 -25.07 -34.84
CA TYR F 196 11.31 -23.66 -34.67
C TYR F 196 10.16 -23.28 -35.62
N HIS F 197 9.76 -22.01 -35.62
CA HIS F 197 8.69 -21.63 -36.51
C HIS F 197 8.88 -20.20 -36.99
N PHE F 198 8.09 -19.84 -37.99
CA PHE F 198 8.17 -18.55 -38.67
C PHE F 198 6.88 -18.36 -39.44
N SER F 199 6.67 -17.14 -39.89
CA SER F 199 5.50 -16.78 -40.68
C SER F 199 5.97 -16.25 -42.03
N SER F 200 5.56 -16.91 -43.10
CA SER F 200 5.98 -16.41 -44.41
C SER F 200 5.18 -15.19 -44.85
N LEU F 201 3.94 -15.01 -44.37
CA LEU F 201 3.13 -13.87 -44.81
C LEU F 201 3.42 -12.59 -44.02
N ASP F 202 3.94 -12.72 -42.81
CA ASP F 202 4.37 -11.56 -42.04
C ASP F 202 5.55 -11.96 -41.17
N PRO F 203 6.75 -12.07 -41.76
CA PRO F 203 7.92 -12.50 -40.96
C PRO F 203 8.18 -11.62 -39.76
N GLN F 204 8.04 -10.30 -39.92
CA GLN F 204 8.41 -9.34 -38.90
C GLN F 204 7.58 -9.46 -37.63
N HIS F 205 6.37 -10.00 -37.71
CA HIS F 205 5.40 -9.85 -36.63
C HIS F 205 4.75 -11.15 -36.17
N GLU F 206 4.62 -12.15 -37.04
CA GLU F 206 3.92 -13.37 -36.68
C GLU F 206 4.85 -14.55 -36.44
N GLY F 207 6.17 -14.31 -36.35
CA GLY F 207 7.12 -15.35 -36.05
C GLY F 207 7.16 -15.70 -34.57
N CYS F 208 8.29 -16.22 -34.14
CA CYS F 208 8.43 -16.68 -32.76
C CYS F 208 8.64 -15.49 -31.83
N ALA F 209 7.71 -15.30 -30.87
CA ALA F 209 7.79 -14.15 -29.99
C ALA F 209 8.97 -14.26 -29.04
N ALA F 210 9.26 -15.48 -28.56
CA ALA F 210 10.39 -15.70 -27.68
C ALA F 210 11.70 -15.17 -28.28
N HIS F 211 11.80 -15.08 -29.62
CA HIS F 211 13.01 -14.63 -30.31
C HIS F 211 12.79 -13.34 -31.11
N GLY F 212 11.79 -12.54 -30.72
CA GLY F 212 11.60 -11.26 -31.38
C GLY F 212 11.09 -11.39 -32.80
N SER F 213 10.41 -12.49 -33.10
CA SER F 213 9.89 -12.76 -34.43
C SER F 213 11.02 -12.75 -35.46
N ASP F 214 12.26 -12.96 -35.00
CA ASP F 214 13.43 -13.00 -35.86
C ASP F 214 13.72 -14.46 -36.24
N ASP F 215 13.47 -14.79 -37.51
CA ASP F 215 13.60 -16.19 -37.95
C ASP F 215 15.02 -16.69 -37.75
N ALA F 216 16.01 -15.91 -38.19
CA ALA F 216 17.38 -16.39 -38.13
C ALA F 216 17.80 -16.68 -36.68
N LEU F 217 17.30 -15.88 -35.73
CA LEU F 217 17.64 -16.06 -34.32
C LEU F 217 16.88 -17.23 -33.70
N ALA F 218 15.61 -17.42 -34.05
CA ALA F 218 14.89 -18.61 -33.65
C ALA F 218 15.64 -19.88 -34.09
N ALA F 219 16.06 -19.91 -35.36
CA ALA F 219 16.77 -21.07 -35.89
C ALA F 219 18.09 -21.29 -35.16
N SER F 220 18.89 -20.22 -34.98
CA SER F 220 20.20 -20.43 -34.37
C SER F 220 20.13 -20.78 -32.88
N CYS F 221 19.11 -20.28 -32.15
CA CYS F 221 18.99 -20.64 -30.73
C CYS F 221 18.60 -22.12 -30.55
N GLY F 222 17.63 -22.60 -31.35
CA GLY F 222 17.39 -24.04 -31.40
C GLY F 222 18.63 -24.86 -31.73
N LEU F 223 19.37 -24.46 -32.79
CA LEU F 223 20.57 -25.25 -33.11
C LEU F 223 21.50 -25.28 -31.92
N SER F 224 21.70 -24.13 -31.28
CA SER F 224 22.63 -24.01 -30.16
C SER F 224 22.31 -25.01 -29.04
N ARG F 225 21.03 -25.12 -28.64
CA ARG F 225 20.64 -26.11 -27.62
C ARG F 225 20.92 -27.55 -28.07
N LEU F 226 20.66 -27.86 -29.35
CA LEU F 226 20.94 -29.20 -29.85
C LEU F 226 22.41 -29.53 -29.70
N LYS F 227 23.28 -28.60 -30.11
CA LYS F 227 24.71 -28.85 -30.03
C LYS F 227 25.15 -29.01 -28.59
N ASP F 228 24.56 -28.21 -27.68
CA ASP F 228 24.85 -28.30 -26.25
C ASP F 228 24.51 -29.68 -25.72
N PHE F 229 23.30 -30.17 -26.03
CA PHE F 229 22.90 -31.52 -25.61
C PHE F 229 23.89 -32.56 -26.13
N GLN F 230 24.20 -32.50 -27.43
CA GLN F 230 25.19 -33.41 -27.99
C GLN F 230 26.54 -33.29 -27.27
N GLN F 231 26.98 -32.06 -27.00
CA GLN F 231 28.27 -31.90 -26.31
C GLN F 231 28.19 -32.45 -24.88
N ALA F 232 27.06 -32.24 -24.21
CA ALA F 232 26.86 -32.79 -22.86
C ALA F 232 27.00 -34.31 -22.84
N VAL F 233 26.33 -34.99 -23.77
CA VAL F 233 26.38 -36.46 -23.77
C VAL F 233 27.78 -36.94 -24.06
N GLU F 234 28.44 -36.37 -25.05
CA GLU F 234 29.80 -36.79 -25.38
C GLU F 234 30.75 -36.59 -24.21
N ASN F 235 30.61 -35.48 -23.47
CA ASN F 235 31.60 -35.16 -22.43
C ASN F 235 31.29 -35.82 -21.09
N SER F 236 30.15 -36.50 -20.97
CA SER F 236 29.67 -36.99 -19.69
C SER F 236 29.76 -38.49 -19.54
N PHE F 237 30.08 -39.21 -20.60
CA PHE F 237 30.08 -40.66 -20.57
C PHE F 237 31.25 -41.19 -21.38
N CYS F 238 31.68 -42.40 -21.02
CA CYS F 238 32.85 -43.00 -21.63
C CYS F 238 32.53 -43.54 -23.03
N CYS F 239 33.57 -44.02 -23.71
CA CYS F 239 33.40 -44.91 -24.85
C CYS F 239 32.60 -44.26 -25.97
N GLY F 240 32.88 -42.98 -26.23
CA GLY F 240 32.36 -42.37 -27.44
C GLY F 240 30.85 -42.32 -27.52
N ALA F 241 30.19 -42.00 -26.41
CA ALA F 241 28.76 -41.75 -26.47
C ALA F 241 28.48 -40.64 -27.47
N SER F 242 27.38 -40.78 -28.22
CA SER F 242 26.92 -39.63 -28.97
C SER F 242 25.44 -39.78 -29.33
N VAL F 243 24.90 -38.70 -29.93
CA VAL F 243 23.49 -38.60 -30.33
C VAL F 243 23.44 -37.89 -31.65
N ASP F 244 22.29 -37.96 -32.30
CA ASP F 244 22.09 -37.22 -33.54
C ASP F 244 21.14 -36.04 -33.29
N LEU F 245 21.22 -35.06 -34.19
CA LEU F 245 20.55 -33.76 -34.08
C LEU F 245 19.72 -33.49 -35.33
N LEU F 246 18.62 -32.75 -35.17
CA LEU F 246 17.89 -32.29 -36.37
C LEU F 246 17.22 -30.96 -36.09
N LEU F 247 17.56 -29.97 -36.89
CA LEU F 247 16.94 -28.65 -36.82
C LEU F 247 15.97 -28.49 -37.98
N MET F 248 14.72 -28.19 -37.67
CA MET F 248 13.72 -27.89 -38.68
C MET F 248 12.80 -26.78 -38.18
N GLY F 249 12.15 -26.13 -39.14
CA GLY F 249 11.20 -25.09 -38.84
C GLY F 249 9.92 -25.34 -39.59
N ILE F 250 8.83 -24.78 -39.08
CA ILE F 250 7.55 -24.90 -39.76
C ILE F 250 6.96 -23.51 -39.94
N ASP F 251 6.33 -23.28 -41.09
CA ASP F 251 5.73 -22.00 -41.42
C ASP F 251 4.28 -22.01 -40.93
N THR F 252 3.95 -21.13 -39.99
CA THR F 252 2.65 -21.22 -39.34
C THR F 252 1.51 -20.70 -40.20
N ASP F 253 1.78 -20.04 -41.32
CA ASP F 253 0.74 -19.68 -42.27
C ASP F 253 0.32 -20.84 -43.16
N THR F 254 1.25 -21.75 -43.49
CA THR F 254 1.02 -22.78 -44.51
C THR F 254 1.28 -24.21 -44.06
N ASP F 255 1.83 -24.43 -42.85
CA ASP F 255 2.20 -25.74 -42.33
C ASP F 255 3.33 -26.42 -43.11
N ALA F 256 3.97 -25.73 -44.05
CA ALA F 256 5.10 -26.30 -44.79
C ALA F 256 6.35 -26.29 -43.90
N ILE F 257 6.96 -27.46 -43.70
CA ILE F 257 8.22 -27.52 -42.95
C ILE F 257 9.40 -27.14 -43.85
N ARG F 258 10.53 -26.85 -43.22
CA ARG F 258 11.78 -26.69 -43.94
C ARG F 258 12.88 -27.25 -43.04
N VAL F 259 13.80 -28.01 -43.62
CA VAL F 259 14.76 -28.79 -42.85
C VAL F 259 16.18 -28.35 -43.19
N HIS F 260 16.99 -28.13 -42.15
CA HIS F 260 18.42 -27.94 -42.31
C HIS F 260 19.01 -29.34 -42.25
N VAL F 261 19.05 -30.01 -43.40
CA VAL F 261 19.54 -31.40 -43.43
C VAL F 261 20.98 -31.42 -42.92
N PRO F 262 21.30 -32.22 -41.90
CA PRO F 262 22.65 -32.23 -41.36
C PRO F 262 23.53 -33.30 -41.97
N GLY F 263 24.85 -33.12 -41.89
CA GLY F 263 25.81 -34.18 -42.17
C GLY F 263 25.89 -35.19 -41.03
N MET F 264 26.69 -36.22 -41.27
CA MET F 264 26.82 -37.34 -40.33
C MET F 264 26.89 -36.91 -38.87
N ASP F 265 27.77 -35.96 -38.57
CA ASP F 265 28.07 -35.62 -37.19
C ASP F 265 27.21 -34.49 -36.64
N GLY F 266 26.24 -33.98 -37.40
CA GLY F 266 25.34 -32.94 -36.92
C GLY F 266 25.62 -31.56 -37.48
N SER F 267 26.73 -31.39 -38.17
CA SER F 267 27.01 -30.22 -39.00
C SER F 267 25.74 -29.73 -39.68
N THR F 268 25.38 -28.48 -39.42
CA THR F 268 24.12 -27.92 -39.87
C THR F 268 24.36 -26.50 -40.36
N ARG F 269 23.99 -26.20 -41.61
CA ARG F 269 23.99 -24.82 -42.07
C ARG F 269 22.68 -24.15 -41.67
N LEU F 270 22.80 -22.99 -41.06
CA LEU F 270 21.68 -22.22 -40.62
C LEU F 270 21.16 -21.39 -41.72
N ASP F 271 22.06 -20.90 -42.53
CA ASP F 271 21.71 -20.01 -43.59
C ASP F 271 21.05 -20.58 -44.82
N ARG F 272 20.96 -21.89 -44.91
CA ARG F 272 20.31 -22.51 -46.04
C ARG F 272 19.44 -23.65 -45.59
N TRP F 273 18.45 -24.00 -46.36
CA TRP F 273 17.60 -25.09 -45.99
C TRP F 273 16.86 -25.65 -47.13
N LEU F 274 16.19 -26.73 -46.90
CA LEU F 274 15.31 -27.39 -47.87
C LEU F 274 13.85 -27.16 -47.49
N ASP F 275 13.15 -26.34 -48.28
CA ASP F 275 11.74 -26.05 -48.06
C ASP F 275 10.81 -27.14 -48.59
N ALA F 276 9.87 -27.60 -47.77
CA ALA F 276 8.88 -28.57 -48.25
C ALA F 276 8.04 -28.04 -49.42
N ARG F 277 7.92 -26.72 -49.58
N ARG F 277 7.91 -26.72 -49.57
CA ARG F 277 7.18 -26.17 -50.72
CA ARG F 277 7.19 -26.17 -50.72
C ARG F 277 7.91 -26.45 -52.03
C ARG F 277 7.92 -26.49 -52.01
N ASP F 278 9.25 -26.37 -52.01
CA ASP F 278 10.03 -26.69 -53.20
C ASP F 278 10.07 -28.19 -53.42
N VAL F 279 10.13 -28.98 -52.34
CA VAL F 279 10.06 -30.43 -52.50
C VAL F 279 8.72 -30.82 -53.08
N TYR F 280 7.66 -30.15 -52.65
CA TYR F 280 6.34 -30.34 -53.23
C TYR F 280 6.37 -30.09 -54.74
N ASP F 281 6.84 -28.92 -55.14
CA ASP F 281 6.80 -28.56 -56.55
C ASP F 281 7.63 -29.52 -57.38
N ALA F 282 8.70 -30.06 -56.79
CA ALA F 282 9.66 -30.85 -57.55
C ALA F 282 9.22 -32.28 -57.78
N THR F 283 8.23 -32.77 -57.03
CA THR F 283 7.78 -34.14 -57.16
C THR F 283 6.37 -34.23 -57.73
N LEU F 284 5.79 -33.09 -58.11
CA LEU F 284 4.36 -32.98 -58.34
C LEU F 284 3.91 -33.76 -59.57
N GLY F 285 4.78 -33.90 -60.57
CA GLY F 285 4.34 -34.57 -61.78
C GLY F 285 4.93 -35.95 -61.90
N LEU F 286 5.06 -36.66 -60.78
CA LEU F 286 5.75 -37.94 -60.72
C LEU F 286 4.84 -38.98 -60.10
N PRO F 287 4.89 -40.23 -60.56
CA PRO F 287 4.15 -41.29 -59.87
C PRO F 287 4.66 -41.44 -58.45
N PRO F 288 3.82 -41.95 -57.54
CA PRO F 288 4.22 -42.02 -56.12
C PRO F 288 5.61 -42.61 -55.88
N ASP F 289 6.01 -43.59 -56.69
CA ASP F 289 7.25 -44.29 -56.41
C ASP F 289 8.47 -43.46 -56.77
N GLN F 290 8.45 -42.80 -57.94
CA GLN F 290 9.51 -41.87 -58.30
C GLN F 290 9.48 -40.60 -57.44
N ALA F 291 8.29 -40.13 -57.06
CA ALA F 291 8.25 -38.94 -56.21
C ALA F 291 9.03 -39.16 -54.93
N ARG F 292 8.92 -40.34 -54.33
CA ARG F 292 9.65 -40.63 -53.09
C ARG F 292 11.15 -40.63 -53.34
N GLN F 293 11.60 -41.32 -54.39
CA GLN F 293 13.03 -41.35 -54.70
C GLN F 293 13.54 -39.94 -54.95
N ARG F 294 12.76 -39.15 -55.67
CA ARG F 294 13.14 -37.75 -55.88
C ARG F 294 13.26 -37.00 -54.55
N VAL F 295 12.30 -37.19 -53.64
CA VAL F 295 12.40 -36.55 -52.33
C VAL F 295 13.72 -36.94 -51.68
N SER F 296 14.00 -38.25 -51.63
CA SER F 296 15.26 -38.72 -51.07
C SER F 296 16.47 -38.04 -51.70
N ALA F 297 16.46 -37.87 -53.03
CA ALA F 297 17.61 -37.25 -53.68
C ALA F 297 17.76 -35.79 -53.29
N LEU F 298 16.63 -35.10 -53.06
CA LEU F 298 16.67 -33.68 -52.69
C LEU F 298 17.20 -33.50 -51.26
N VAL F 299 16.69 -34.29 -50.32
CA VAL F 299 17.27 -34.32 -48.98
C VAL F 299 18.77 -34.57 -49.07
N GLN F 300 19.15 -35.59 -49.84
CA GLN F 300 20.53 -35.98 -49.97
C GLN F 300 21.39 -34.81 -50.40
N GLU F 301 21.00 -34.11 -51.48
CA GLU F 301 21.86 -33.02 -51.93
C GLU F 301 21.77 -31.80 -51.02
N ALA F 302 20.67 -31.65 -50.26
CA ALA F 302 20.54 -30.47 -49.40
C ALA F 302 21.43 -30.53 -48.14
N ALA F 303 22.15 -31.63 -47.90
CA ALA F 303 22.83 -31.79 -46.62
C ALA F 303 24.05 -30.87 -46.51
N ALA F 304 24.32 -30.42 -45.29
CA ALA F 304 25.41 -29.47 -45.05
C ALA F 304 26.75 -30.10 -45.38
N SER F 305 26.87 -31.40 -45.15
CA SER F 305 27.96 -32.23 -45.65
C SER F 305 27.37 -33.61 -45.80
N VAL F 306 28.20 -34.57 -46.24
CA VAL F 306 27.69 -35.90 -46.57
C VAL F 306 26.86 -36.42 -45.40
N PRO F 307 25.58 -36.73 -45.61
CA PRO F 307 24.71 -37.07 -44.49
C PRO F 307 24.79 -38.55 -44.10
N ASP F 308 24.16 -38.85 -42.96
CA ASP F 308 23.95 -40.23 -42.55
C ASP F 308 22.81 -40.83 -43.36
N PRO F 309 23.00 -42.02 -43.96
CA PRO F 309 21.94 -42.60 -44.80
C PRO F 309 20.61 -42.71 -44.06
N GLY F 310 20.63 -43.21 -42.81
CA GLY F 310 19.40 -43.30 -42.03
C GLY F 310 18.71 -41.96 -41.83
N MET F 311 19.48 -40.89 -41.65
CA MET F 311 18.89 -39.56 -41.46
C MET F 311 18.22 -39.09 -42.73
N VAL F 312 18.84 -39.40 -43.88
CA VAL F 312 18.24 -39.05 -45.17
C VAL F 312 16.91 -39.79 -45.34
N THR F 313 16.91 -41.09 -45.04
CA THR F 313 15.67 -41.87 -45.13
C THR F 313 14.56 -41.26 -44.28
N LEU F 314 14.86 -40.91 -43.03
CA LEU F 314 13.84 -40.35 -42.14
C LEU F 314 13.38 -38.96 -42.58
N VAL F 315 14.32 -38.07 -42.92
CA VAL F 315 13.90 -36.72 -43.31
C VAL F 315 13.01 -36.77 -44.56
N ALA F 316 13.27 -37.71 -45.49
CA ALA F 316 12.44 -37.81 -46.69
C ALA F 316 11.03 -38.29 -46.36
N ARG F 317 10.91 -39.22 -45.40
CA ARG F 317 9.57 -39.59 -44.97
C ARG F 317 8.87 -38.44 -44.25
N LEU F 318 9.61 -37.61 -43.53
CA LEU F 318 8.96 -36.46 -42.92
C LEU F 318 8.47 -35.50 -44.00
N PHE F 319 9.26 -35.34 -45.07
CA PHE F 319 8.80 -34.53 -46.20
C PHE F 319 7.59 -35.14 -46.89
N GLU F 320 7.63 -36.45 -47.11
CA GLU F 320 6.47 -37.11 -47.69
C GLU F 320 5.23 -36.83 -46.87
N HIS F 321 5.35 -36.94 -45.54
CA HIS F 321 4.23 -36.65 -44.65
C HIS F 321 3.79 -35.19 -44.78
N ASN F 322 4.74 -34.27 -44.66
CA ASN F 322 4.41 -32.86 -44.70
C ASN F 322 3.67 -32.49 -45.97
N ILE F 323 3.90 -33.20 -47.06
CA ILE F 323 3.22 -32.87 -48.30
C ILE F 323 1.71 -33.02 -48.17
N SER F 324 1.25 -33.98 -47.37
CA SER F 324 -0.19 -34.09 -47.14
C SER F 324 -0.70 -32.87 -46.37
N GLN F 325 0.04 -32.41 -45.36
CA GLN F 325 -0.41 -31.25 -44.59
C GLN F 325 -0.40 -29.99 -45.45
N ILE F 326 0.63 -29.84 -46.31
CA ILE F 326 0.61 -28.74 -47.29
C ILE F 326 -0.69 -28.77 -48.08
N ASP F 327 -1.07 -29.94 -48.60
CA ASP F 327 -2.36 -30.02 -49.30
C ASP F 327 -3.54 -29.85 -48.34
N TYR F 328 -3.40 -30.33 -47.11
CA TYR F 328 -4.43 -30.10 -46.10
C TYR F 328 -4.78 -28.61 -46.00
N VAL F 329 -3.78 -27.76 -45.77
CA VAL F 329 -4.03 -26.34 -45.60
C VAL F 329 -4.57 -25.73 -46.86
N ARG F 330 -4.14 -26.23 -48.02
CA ARG F 330 -4.55 -25.60 -49.28
C ARG F 330 -6.00 -25.90 -49.60
N GLN F 331 -6.53 -27.05 -49.17
CA GLN F 331 -7.89 -27.43 -49.51
C GLN F 331 -8.91 -27.06 -48.44
N PHE F 332 -8.52 -27.05 -47.17
CA PHE F 332 -9.45 -26.70 -46.12
C PHE F 332 -9.29 -25.28 -45.57
N HIS F 333 -8.22 -24.58 -45.95
CA HIS F 333 -7.96 -23.25 -45.39
C HIS F 333 -7.48 -22.25 -46.45
N GLY F 334 -7.91 -22.42 -47.69
CA GLY F 334 -7.51 -21.49 -48.74
C GLY F 334 -6.00 -21.37 -48.94
N GLY F 335 -5.22 -22.23 -48.31
CA GLY F 335 -3.78 -22.20 -48.46
C GLY F 335 -3.05 -21.32 -47.47
N ALA F 336 -3.77 -20.57 -46.64
CA ALA F 336 -3.19 -19.75 -45.59
C ALA F 336 -4.17 -19.71 -44.43
N TYR F 337 -3.75 -20.17 -43.26
CA TYR F 337 -4.61 -20.11 -42.10
C TYR F 337 -5.15 -18.70 -41.92
N ASP F 338 -6.46 -18.59 -41.78
CA ASP F 338 -7.03 -17.26 -41.66
C ASP F 338 -6.74 -16.66 -40.28
N ASP F 339 -6.55 -17.50 -39.27
CA ASP F 339 -6.04 -17.07 -37.96
C ASP F 339 -4.51 -17.23 -37.91
N ALA F 340 -3.81 -16.23 -38.46
CA ALA F 340 -2.35 -16.29 -38.50
C ALA F 340 -1.74 -16.10 -37.11
N GLY F 341 -2.34 -15.25 -36.28
CA GLY F 341 -1.85 -14.97 -34.95
C GLY F 341 -2.42 -15.91 -33.89
N HIS F 342 -2.45 -15.42 -32.66
CA HIS F 342 -2.90 -16.24 -31.55
C HIS F 342 -4.42 -16.19 -31.45
N ALA F 343 -5.04 -17.36 -31.30
CA ALA F 343 -6.48 -17.45 -31.09
C ALA F 343 -6.79 -18.64 -30.19
N GLU F 344 -5.93 -18.87 -29.20
CA GLU F 344 -6.07 -20.02 -28.32
C GLU F 344 -7.29 -19.87 -27.41
N ARG F 345 -7.84 -21.00 -27.01
CA ARG F 345 -9.05 -21.00 -26.21
C ARG F 345 -8.75 -21.01 -24.73
N PHE F 346 -7.62 -21.57 -24.35
CA PHE F 346 -7.24 -21.52 -22.94
C PHE F 346 -5.72 -21.55 -22.86
N ILE F 347 -5.22 -21.14 -21.71
CA ILE F 347 -3.81 -21.21 -21.41
C ILE F 347 -3.57 -22.52 -20.67
N GLY F 348 -2.52 -23.24 -21.10
CA GLY F 348 -2.07 -24.46 -20.43
C GLY F 348 -0.71 -24.22 -19.78
N VAL F 349 -0.55 -24.73 -18.57
CA VAL F 349 0.61 -24.42 -17.74
C VAL F 349 1.10 -25.71 -17.09
N GLY F 350 2.42 -25.88 -17.04
CA GLY F 350 3.00 -26.98 -16.31
C GLY F 350 3.86 -27.84 -17.22
N ILE F 351 3.50 -29.14 -17.35
CA ILE F 351 4.06 -30.09 -18.30
C ILE F 351 3.18 -30.09 -19.54
N GLY F 352 3.78 -30.35 -20.71
CA GLY F 352 3.01 -30.31 -21.95
C GLY F 352 1.83 -31.28 -21.94
N PHE F 353 0.78 -30.97 -22.69
CA PHE F 353 -0.42 -31.80 -22.58
C PHE F 353 -0.32 -32.93 -23.60
N LYS F 354 -0.28 -34.15 -23.09
CA LYS F 354 -0.29 -35.37 -23.91
C LYS F 354 -1.31 -35.31 -25.05
N GLU F 355 -2.48 -34.71 -24.79
CA GLU F 355 -3.66 -34.91 -25.62
C GLU F 355 -3.99 -33.72 -26.53
N ILE F 356 -3.23 -32.64 -26.48
CA ILE F 356 -3.52 -31.43 -27.26
C ILE F 356 -2.72 -31.47 -28.56
N HIS F 357 -3.40 -31.68 -29.71
CA HIS F 357 -2.73 -31.78 -31.01
C HIS F 357 -3.37 -30.91 -32.09
N LEU F 358 -4.10 -29.88 -31.71
CA LEU F 358 -4.78 -29.00 -32.64
C LEU F 358 -4.16 -27.61 -32.61
N ARG F 359 -4.12 -26.96 -33.78
CA ARG F 359 -3.53 -25.62 -33.92
C ARG F 359 -4.44 -24.55 -33.27
N ASN F 360 -3.84 -23.49 -32.72
CA ASN F 360 -4.58 -22.49 -31.93
C ASN F 360 -5.62 -23.04 -30.97
N LEU F 361 -5.29 -24.11 -30.25
CA LEU F 361 -6.16 -24.51 -29.16
C LEU F 361 -5.65 -24.04 -27.81
N THR F 362 -4.34 -24.14 -27.57
CA THR F 362 -3.76 -23.93 -26.24
C THR F 362 -2.51 -23.07 -26.35
N TYR F 363 -2.50 -21.91 -25.70
CA TYR F 363 -1.26 -21.22 -25.40
C TYR F 363 -0.61 -21.96 -24.23
N PHE F 364 0.52 -22.61 -24.48
CA PHE F 364 1.18 -23.43 -23.47
C PHE F 364 2.41 -22.71 -22.90
N ALA F 365 2.49 -22.68 -21.57
CA ALA F 365 3.63 -22.14 -20.83
C ALA F 365 4.23 -23.28 -20.01
N TYR F 366 5.45 -23.68 -20.34
CA TYR F 366 6.11 -24.71 -19.54
C TYR F 366 6.59 -24.13 -18.22
N MET F 367 6.46 -24.92 -17.17
CA MET F 367 7.05 -24.50 -15.90
C MET F 367 6.83 -25.52 -14.78
N ASP F 368 7.82 -25.72 -13.94
CA ASP F 368 7.57 -26.45 -12.70
C ASP F 368 7.18 -25.52 -11.54
N THR F 369 7.66 -24.28 -11.54
CA THR F 369 7.11 -23.31 -10.59
C THR F 369 6.90 -21.99 -11.30
N VAL F 370 6.01 -21.17 -10.72
CA VAL F 370 5.77 -19.84 -11.25
C VAL F 370 6.99 -18.97 -11.06
N GLU F 371 7.79 -19.22 -10.03
CA GLU F 371 9.02 -18.47 -9.85
C GLU F 371 9.91 -18.51 -11.08
N GLU F 372 9.76 -19.54 -11.92
N GLU F 372 9.78 -19.55 -11.93
CA GLU F 372 10.62 -19.73 -13.08
CA GLU F 372 10.63 -19.68 -13.10
C GLU F 372 9.89 -19.59 -14.41
C GLU F 372 9.89 -19.58 -14.42
N GLY F 373 8.58 -19.81 -14.44
CA GLY F 373 7.78 -19.66 -15.64
C GLY F 373 7.13 -18.32 -15.79
N ALA F 374 7.34 -17.43 -14.83
CA ALA F 374 6.60 -16.17 -14.75
C ALA F 374 6.60 -15.41 -16.07
N ALA F 375 7.79 -15.13 -16.60
CA ALA F 375 7.88 -14.34 -17.83
C ALA F 375 7.06 -14.97 -18.95
N ASP F 376 7.10 -16.29 -19.07
CA ASP F 376 6.35 -16.96 -20.13
CA ASP F 376 6.36 -16.99 -20.12
C ASP F 376 4.86 -16.94 -19.86
N LEU F 377 4.46 -17.09 -18.59
CA LEU F 377 3.05 -17.00 -18.26
C LEU F 377 2.53 -15.57 -18.39
N ASP F 378 3.37 -14.56 -18.09
CA ASP F 378 2.96 -13.18 -18.35
C ASP F 378 2.58 -12.98 -19.81
N VAL F 379 3.39 -13.52 -20.75
CA VAL F 379 3.13 -13.30 -22.17
C VAL F 379 1.78 -13.90 -22.55
N GLY F 380 1.52 -15.14 -22.12
CA GLY F 380 0.22 -15.74 -22.37
C GLY F 380 -0.95 -14.98 -21.75
N VAL F 381 -0.77 -14.48 -20.51
CA VAL F 381 -1.83 -13.70 -19.88
C VAL F 381 -2.08 -12.42 -20.66
N LYS F 382 -1.01 -11.76 -21.13
CA LYS F 382 -1.19 -10.56 -21.93
C LYS F 382 -2.00 -10.87 -23.19
N ILE F 383 -1.61 -11.91 -23.93
CA ILE F 383 -2.34 -12.31 -25.12
C ILE F 383 -3.82 -12.48 -24.82
N PHE F 384 -4.14 -13.07 -23.66
CA PHE F 384 -5.54 -13.33 -23.36
C PHE F 384 -6.26 -12.08 -22.86
N LYS F 385 -5.51 -11.05 -22.46
CA LYS F 385 -6.19 -9.78 -22.17
C LYS F 385 -6.79 -9.21 -23.44
N GLY F 386 -6.12 -9.41 -24.58
CA GLY F 386 -6.67 -9.03 -25.86
C GLY F 386 -7.76 -9.97 -26.33
N LEU F 387 -7.54 -11.29 -26.19
CA LEU F 387 -8.52 -12.23 -26.74
C LEU F 387 -9.79 -12.23 -25.91
N ASN F 388 -9.68 -12.18 -24.57
CA ASN F 388 -10.83 -12.45 -23.72
C ASN F 388 -11.19 -11.27 -22.84
N VAL F 389 -10.27 -10.81 -22.00
CA VAL F 389 -10.56 -9.71 -21.10
C VAL F 389 -11.13 -8.52 -21.86
N SER F 390 -10.51 -8.17 -22.99
CA SER F 390 -11.00 -7.05 -23.79
C SER F 390 -12.52 -7.09 -24.00
N ARG F 391 -13.10 -8.29 -24.09
CA ARG F 391 -14.53 -8.40 -24.37
C ARG F 391 -15.32 -8.91 -23.17
N GLY F 392 -14.73 -8.89 -21.97
CA GLY F 392 -15.47 -9.24 -20.77
C GLY F 392 -15.33 -10.68 -20.31
N LEU F 393 -14.53 -11.53 -21.02
CA LEU F 393 -14.44 -12.93 -20.64
C LEU F 393 -13.17 -13.19 -19.84
N PRO F 394 -13.17 -14.20 -18.97
CA PRO F 394 -11.98 -14.48 -18.16
C PRO F 394 -10.89 -15.18 -18.96
N VAL F 395 -9.70 -15.16 -18.36
CA VAL F 395 -8.54 -15.92 -18.79
C VAL F 395 -8.66 -17.32 -18.19
N PRO F 396 -8.89 -18.38 -19.00
CA PRO F 396 -9.00 -19.74 -18.44
C PRO F 396 -7.65 -20.42 -18.40
N VAL F 397 -7.31 -21.04 -17.29
CA VAL F 397 -6.01 -21.68 -17.14
C VAL F 397 -6.24 -23.10 -16.66
N VAL F 398 -5.64 -24.05 -17.37
CA VAL F 398 -5.62 -25.46 -16.99
C VAL F 398 -4.19 -25.80 -16.62
N VAL F 399 -3.98 -26.20 -15.40
CA VAL F 399 -2.67 -26.67 -14.96
C VAL F 399 -2.61 -28.18 -15.14
N ARG F 400 -1.47 -28.66 -15.60
CA ARG F 400 -1.27 -30.08 -15.83
C ARG F 400 0.10 -30.48 -15.31
N PHE F 401 0.17 -31.52 -14.47
CA PHE F 401 1.42 -32.19 -14.19
C PHE F 401 1.24 -33.68 -14.43
N ASP F 402 2.15 -34.26 -15.24
CA ASP F 402 2.27 -35.71 -15.36
C ASP F 402 2.92 -36.27 -14.10
N TYR F 403 2.56 -37.51 -13.76
CA TYR F 403 3.19 -38.19 -12.65
C TYR F 403 3.28 -39.68 -12.97
N HIS F 404 4.26 -40.35 -12.37
CA HIS F 404 4.52 -41.77 -12.62
C HIS F 404 3.63 -42.56 -11.69
N GLY F 405 2.53 -43.10 -12.22
CA GLY F 405 1.64 -43.88 -11.38
C GLY F 405 2.30 -45.04 -10.70
N GLN F 406 3.44 -45.50 -11.21
CA GLN F 406 4.11 -46.62 -10.55
C GLN F 406 4.85 -46.20 -9.28
N VAL F 407 4.97 -44.90 -9.01
CA VAL F 407 5.69 -44.42 -7.83
C VAL F 407 4.68 -44.11 -6.74
N PRO F 408 4.72 -44.80 -5.59
CA PRO F 408 3.70 -44.55 -4.56
C PRO F 408 3.73 -43.11 -4.09
N GLY F 409 2.53 -42.54 -3.93
CA GLY F 409 2.38 -41.17 -3.50
C GLY F 409 2.71 -40.14 -4.54
N ALA F 410 2.93 -40.54 -5.80
CA ALA F 410 3.28 -39.59 -6.85
C ALA F 410 2.08 -38.77 -7.31
N ARG F 411 0.91 -39.40 -7.43
CA ARG F 411 -0.26 -38.61 -7.79
C ARG F 411 -0.47 -37.48 -6.77
N ASP F 412 -0.39 -37.81 -5.49
CA ASP F 412 -0.58 -36.79 -4.48
C ASP F 412 0.47 -35.69 -4.60
N ARG F 413 1.69 -36.04 -4.99
CA ARG F 413 2.67 -34.98 -5.21
C ARG F 413 2.27 -34.10 -6.37
N ALA F 414 1.67 -34.69 -7.39
CA ALA F 414 1.24 -33.89 -8.54
C ALA F 414 0.10 -32.95 -8.17
N VAL F 415 -0.89 -33.47 -7.44
CA VAL F 415 -2.00 -32.64 -6.96
C VAL F 415 -1.46 -31.48 -6.14
N ARG F 416 -0.61 -31.78 -5.15
CA ARG F 416 -0.03 -30.73 -4.33
C ARG F 416 0.76 -29.73 -5.18
N HIS F 417 1.47 -30.22 -6.19
CA HIS F 417 2.12 -29.33 -7.14
C HIS F 417 1.11 -28.40 -7.83
N CYS F 418 0.01 -28.96 -8.33
CA CYS F 418 -1.01 -28.12 -8.97
C CYS F 418 -1.52 -27.06 -8.01
N GLN F 419 -1.69 -27.43 -6.74
CA GLN F 419 -2.21 -26.46 -5.78
C GLN F 419 -1.22 -25.33 -5.58
N ARG F 420 0.07 -25.67 -5.45
CA ARG F 420 1.11 -24.65 -5.35
C ARG F 420 1.05 -23.66 -6.49
N VAL F 421 0.81 -24.15 -7.72
CA VAL F 421 0.75 -23.29 -8.89
C VAL F 421 -0.47 -22.39 -8.86
N GLN F 422 -1.63 -22.96 -8.54
CA GLN F 422 -2.84 -22.15 -8.37
C GLN F 422 -2.58 -20.98 -7.45
N THR F 423 -2.06 -21.26 -6.25
CA THR F 423 -1.74 -20.21 -5.28
C THR F 423 -0.84 -19.14 -5.88
N ALA F 424 0.22 -19.58 -6.57
CA ALA F 424 1.16 -18.64 -7.18
C ALA F 424 0.48 -17.79 -8.25
N ILE F 425 -0.28 -18.42 -9.16
CA ILE F 425 -0.99 -17.66 -10.19
C ILE F 425 -1.85 -16.59 -9.54
N GLU F 426 -2.66 -17.00 -8.56
CA GLU F 426 -3.57 -16.08 -7.91
C GLU F 426 -2.83 -14.87 -7.36
N SER F 427 -1.64 -15.10 -6.79
CA SER F 427 -0.87 -13.99 -6.22
C SER F 427 -0.30 -13.07 -7.28
N ARG F 428 0.02 -13.61 -8.47
CA ARG F 428 0.69 -12.81 -9.50
C ARG F 428 -0.28 -11.96 -10.29
N TYR F 429 -1.52 -12.42 -10.45
CA TYR F 429 -2.58 -11.68 -11.14
C TYR F 429 -3.74 -11.39 -10.18
N PRO F 430 -3.48 -10.61 -9.13
CA PRO F 430 -4.50 -10.42 -8.09
C PRO F 430 -5.71 -9.61 -8.52
N GLU F 431 -5.57 -8.68 -9.48
CA GLU F 431 -6.74 -7.94 -9.97
C GLU F 431 -7.64 -8.84 -10.78
N LEU F 432 -7.09 -9.44 -11.84
CA LEU F 432 -7.85 -10.35 -12.67
C LEU F 432 -8.55 -11.40 -11.83
N PHE F 433 -7.88 -11.88 -10.77
CA PHE F 433 -8.42 -13.00 -10.02
C PHE F 433 -9.61 -12.59 -9.16
N GLN F 434 -9.53 -11.46 -8.46
CA GLN F 434 -10.64 -11.08 -7.60
C GLN F 434 -11.80 -10.49 -8.41
N GLN F 435 -11.49 -9.87 -9.54
CA GLN F 435 -12.47 -9.41 -10.52
C GLN F 435 -13.08 -10.53 -11.32
N GLY F 436 -12.76 -11.79 -11.02
CA GLY F 436 -13.34 -12.91 -11.74
C GLY F 436 -12.92 -13.01 -13.18
N LEU F 437 -11.72 -12.56 -13.52
CA LEU F 437 -11.25 -12.56 -14.90
C LEU F 437 -10.10 -13.54 -15.12
N LEU F 438 -9.89 -14.45 -14.19
CA LEU F 438 -8.88 -15.48 -14.32
C LEU F 438 -9.31 -16.64 -13.44
N HIS F 439 -9.46 -17.81 -14.05
CA HIS F 439 -9.77 -19.02 -13.33
C HIS F 439 -8.79 -20.10 -13.72
N ALA F 440 -8.67 -21.11 -12.87
CA ALA F 440 -7.73 -22.19 -13.13
C ALA F 440 -8.36 -23.53 -12.77
N LEU F 441 -8.16 -24.52 -13.66
CA LEU F 441 -8.49 -25.91 -13.42
C LEU F 441 -7.20 -26.68 -13.18
N LEU F 442 -7.21 -27.56 -12.19
CA LEU F 442 -6.05 -28.39 -11.90
C LEU F 442 -6.24 -29.80 -12.47
N THR F 443 -5.27 -30.25 -13.24
CA THR F 443 -5.31 -31.56 -13.87
C THR F 443 -3.99 -32.27 -13.66
N VAL F 444 -4.08 -33.57 -13.36
CA VAL F 444 -2.93 -34.46 -13.31
C VAL F 444 -3.18 -35.67 -14.21
N ARG F 445 -2.11 -36.35 -14.59
CA ARG F 445 -2.23 -37.44 -15.55
C ARG F 445 -1.15 -38.46 -15.28
N ASP F 446 -1.57 -39.72 -15.15
CA ASP F 446 -0.63 -40.81 -14.95
C ASP F 446 0.01 -41.15 -16.28
N GLN F 447 1.29 -40.84 -16.42
CA GLN F 447 2.03 -41.06 -17.65
C GLN F 447 2.59 -42.47 -17.74
N ASP F 448 2.37 -43.31 -16.73
CA ASP F 448 2.71 -44.71 -16.78
C ASP F 448 1.59 -45.57 -17.36
N ARG F 449 0.51 -44.95 -17.85
CA ARG F 449 -0.60 -45.65 -18.48
C ARG F 449 -1.13 -44.75 -19.59
N HIS F 450 -2.04 -45.27 -20.41
CA HIS F 450 -2.72 -44.45 -21.42
C HIS F 450 -4.17 -44.21 -20.96
N THR F 451 -4.35 -43.30 -20.02
CA THR F 451 -5.64 -43.00 -19.42
C THR F 451 -5.89 -41.50 -19.36
N PRO F 452 -7.16 -41.11 -19.28
CA PRO F 452 -7.48 -39.69 -19.28
C PRO F 452 -6.83 -39.00 -18.10
N ALA F 453 -6.61 -37.69 -18.27
CA ALA F 453 -6.19 -36.84 -17.17
C ALA F 453 -7.37 -36.64 -16.21
N GLU F 454 -7.03 -36.35 -14.95
CA GLU F 454 -8.00 -36.25 -13.88
C GLU F 454 -8.05 -34.80 -13.39
N ALA F 455 -9.27 -34.28 -13.19
CA ALA F 455 -9.43 -32.95 -12.62
C ALA F 455 -9.40 -33.03 -11.09
N VAL F 456 -8.58 -32.17 -10.46
CA VAL F 456 -8.30 -32.27 -9.04
C VAL F 456 -8.52 -30.96 -8.31
N GLY F 457 -9.05 -29.95 -8.97
CA GLY F 457 -9.33 -28.69 -8.31
C GLY F 457 -9.65 -27.61 -9.30
N SER F 458 -10.14 -26.50 -8.77
CA SER F 458 -10.73 -25.47 -9.61
C SER F 458 -10.92 -24.21 -8.79
N THR F 459 -10.66 -23.06 -9.41
CA THR F 459 -10.98 -21.83 -8.70
C THR F 459 -12.45 -21.47 -8.78
N ILE F 460 -13.27 -22.29 -9.44
CA ILE F 460 -14.72 -22.10 -9.46
C ILE F 460 -15.32 -22.96 -8.35
N VAL F 461 -15.65 -22.35 -7.21
CA VAL F 461 -16.30 -23.03 -6.11
C VAL F 461 -17.56 -22.31 -5.68
N PHE F 462 -18.39 -23.04 -4.94
CA PHE F 462 -19.72 -22.59 -4.54
C PHE F 462 -19.93 -22.85 -3.04
#